data_9O89
#
_entry.id   9O89
#
_cell.length_a   1.00
_cell.length_b   1.00
_cell.length_c   1.00
_cell.angle_alpha   90.00
_cell.angle_beta   90.00
_cell.angle_gamma   90.00
#
_symmetry.space_group_name_H-M   'P 1'
#
loop_
_entity.id
_entity.type
_entity.pdbx_description
1 polymer TRPM3
2 non-polymer (2S)-2-(3,4-dihydroquinolin-1(2H)-yl)-N-(5-methyl-1,2-oxazol-3-yl)-2-phenylacetamide
#
_entity_poly.entity_id   1
_entity_poly.type   'polypeptide(L)'
_entity_poly.pdbx_seq_one_letter_code
;MCWKGVIPGELVDPVAGREGTQRRFRAQKSWIERAFYKRECVHIIPSTKDPHRCCCGRLIGQHVGLTPSISVLQNEKNES
RLSRNDIQSEKWSISKHTQLSPTDAFGTIEFQGGGHSNKAMYVRVSFDTKPDLLLHLMTKEWQLELPKLLISVHGGLQNF
ELQPKLKQVFGKGLIKAAMTTGAWIFTGGVNTGVIRHVGDALKDHASKSRGKICTIGIAPWGIVENQEDLIGRDVVRPYQ
TMSNPMSKLTVLNSMHSHFILADNGTTGKYGAEVKLRRQLEKHISLQKINTRIGQGVPVVALIVEGGPNVISIVLEYLRD
TPPVPVVVCDGSGRASDILAFGHKYSEEGGLINESLRDQLLVTIQKTFTYTRTQAQHLFIILMECMKKKELITVFRMGSE
GHQDIDLAILTALLKGANASAPDQLSLALAWNRVDIARSQIFIYGQQWPVGSLEQAMLDALVLDRVDFVKLLIENGVSMH
RFLTISRLEELYNTRHGPSNTLYHLVRDVKKREYPGFGWIYFKGNLPPDYRISLIDIGLVIEYLMGGAYRCNYTRKRFRT
LYHNLFGPKRPKALKLLGMEDDIPLRRGRKTTKKREEEVDIDLDDPEINHFPFPFHELMVWAVLMKRQKMALFFWQHGEE
AMAKALVACKLCKAMAHEASENDMVDDISQELNHNSRDFGQLAVELLDQSYKQDEQLAMKLLTYELKNWSNATCLQLAVA
AKHRDFIAHTCSQMLLTDMWMGRLRMRKNSGLKVILGILLPPSILSLEFKNKDDMPYMTQAQEIHLQEKEPEEPEKPTKE
KDEEDMELTAMLGRNNGESSRKKDEEEVQSRHRLIPLGRKIYEFYNAPIVKFWFYTLAYIGYLMLFNYIVLVKMERWPST
QEWIVISYIFTLGIEKMREILMSEPGKLLQKVKVWLQEYWNVTDLIAILLFSVGMILRLQDQPFRSDGRVIYCVNIIYWY
IRLLDIFGVNKYLGPYVMMIGKMMIDMMYFVIIMLVVLMSFGVARQAILFPNEEPSWKLAKNIFYMPYWMIYGEVFADQI
DPPCGQNETREDGKIIQLPPCKTGAWIVPAIMACYLLVANILLVNLLIAVFNNTFFEVKSISNQVWKFQRYQLIMTFHER
PVLPPPLIIFSHMTMIFQHLCCRWRKHESDPDERDYGLKLFITDDELKKVHDFEEQCIEEYFREKDDRFNSSNDERIRVT
SERVENMSMRLEEVNEREHSMKASLQTVDIRLAQLEDLIGRMATALERLTGVERAESNKIRSRTSSDCTDAAYIVRQSSF
NSQEGNTFKLQESIDPAEHPFYSVFE
;
_entity_poly.pdbx_strand_id   A,B,C,D
#
loop_
_chem_comp.id
_chem_comp.type
_chem_comp.name
_chem_comp.formula
A1AIB non-polymer (2S)-2-(3,4-dihydroquinolin-1(2H)-yl)-N-(5-methyl-1,2-oxazol-3-yl)-2-phenylacetamide 'C21 H21 N3 O2'
#
# COMPACT_ATOMS: atom_id res chain seq x y z
N SER A 30 53.49 -9.36 -38.35
CA SER A 30 54.48 -8.98 -39.36
C SER A 30 54.01 -9.40 -40.75
N TRP A 31 53.13 -10.40 -40.80
CA TRP A 31 52.58 -10.86 -42.06
C TRP A 31 51.52 -9.92 -42.61
N ILE A 32 51.00 -9.01 -41.78
CA ILE A 32 50.02 -8.02 -42.22
C ILE A 32 50.66 -7.03 -43.19
N GLU A 33 51.90 -6.63 -42.94
CA GLU A 33 52.57 -5.68 -43.82
C GLU A 33 52.98 -6.31 -45.15
N ARG A 34 53.08 -7.64 -45.20
CA ARG A 34 53.50 -8.34 -46.41
C ARG A 34 52.33 -8.85 -47.24
N ALA A 35 51.10 -8.51 -46.87
CA ALA A 35 49.91 -8.97 -47.58
C ALA A 35 49.12 -7.83 -48.21
N PHE A 36 48.84 -6.77 -47.46
CA PHE A 36 48.06 -5.64 -47.93
C PHE A 36 48.98 -4.50 -48.33
N TYR A 37 48.48 -3.63 -49.20
CA TYR A 37 49.29 -2.59 -49.82
C TYR A 37 48.87 -1.21 -49.33
N LYS A 38 49.64 -0.23 -49.75
CA LYS A 38 49.55 1.16 -49.31
C LYS A 38 49.66 2.06 -50.53
N ARG A 39 48.91 3.16 -50.50
CA ARG A 39 48.98 4.17 -51.55
C ARG A 39 49.52 5.46 -50.96
N GLU A 40 50.63 5.95 -51.54
CA GLU A 40 51.25 7.20 -51.12
C GLU A 40 51.22 8.17 -52.29
N CYS A 41 50.93 9.43 -52.00
CA CYS A 41 50.70 10.43 -53.04
C CYS A 41 52.01 11.12 -53.40
N VAL A 42 52.39 11.06 -54.67
CA VAL A 42 53.40 11.94 -55.25
C VAL A 42 53.01 12.20 -56.71
N HIS A 43 53.05 13.48 -57.10
CA HIS A 43 52.39 13.96 -58.31
C HIS A 43 52.87 15.37 -58.64
N ILE A 44 52.24 15.96 -59.66
CA ILE A 44 52.69 17.20 -60.30
C ILE A 44 52.29 18.44 -59.48
N ILE A 45 51.49 18.25 -58.43
CA ILE A 45 50.85 19.27 -57.60
C ILE A 45 50.04 20.23 -58.48
N PRO A 46 48.84 19.86 -58.93
CA PRO A 46 47.95 20.84 -59.53
C PRO A 46 47.49 21.87 -58.50
N SER A 47 47.18 23.07 -58.98
CA SER A 47 46.76 24.13 -58.08
C SER A 47 45.25 24.15 -57.87
N THR A 48 44.47 23.98 -58.95
CA THR A 48 43.02 24.03 -59.00
C THR A 48 42.46 25.32 -58.40
N LYS A 49 41.79 25.22 -57.25
CA LYS A 49 41.19 26.40 -56.63
C LYS A 49 42.21 27.19 -55.82
N ASP A 50 42.76 26.57 -54.77
CA ASP A 50 43.78 27.20 -53.94
C ASP A 50 45.09 26.48 -54.16
N PRO A 51 46.18 27.21 -54.45
CA PRO A 51 47.46 26.55 -54.82
C PRO A 51 48.10 25.75 -53.70
N HIS A 52 47.74 25.99 -52.44
CA HIS A 52 48.25 25.15 -51.35
C HIS A 52 47.60 23.77 -51.37
N ARG A 53 46.31 23.71 -51.68
CA ARG A 53 45.60 22.44 -51.73
C ARG A 53 45.74 21.81 -53.11
N CYS A 54 46.32 20.61 -53.17
CA CYS A 54 46.56 19.93 -54.43
C CYS A 54 45.32 19.17 -54.87
N CYS A 55 45.49 18.31 -55.88
CA CYS A 55 44.40 17.43 -56.29
C CYS A 55 44.11 16.39 -55.21
N CYS A 56 45.12 15.98 -54.45
CA CYS A 56 44.93 15.06 -53.34
C CYS A 56 44.40 15.76 -52.09
N GLY A 57 44.35 17.09 -52.07
CA GLY A 57 43.78 17.83 -50.98
C GLY A 57 44.70 18.12 -49.81
N ARG A 58 45.93 17.64 -49.84
CA ARG A 58 46.88 17.91 -48.76
C ARG A 58 47.63 19.21 -49.03
N LEU A 59 48.55 19.53 -48.13
CA LEU A 59 49.41 20.69 -48.32
C LEU A 59 50.43 20.44 -49.43
N ILE A 60 50.93 21.54 -50.01
CA ILE A 60 51.84 21.43 -51.14
C ILE A 60 53.18 20.83 -50.75
N GLY A 61 53.68 21.17 -49.57
CA GLY A 61 54.93 20.64 -49.07
C GLY A 61 54.83 19.42 -48.19
N GLN A 62 53.63 18.88 -47.99
CA GLN A 62 53.41 17.75 -47.10
C GLN A 62 53.58 16.39 -47.77
N HIS A 63 53.80 16.36 -49.08
CA HIS A 63 53.96 15.09 -49.78
C HIS A 63 55.34 14.50 -49.51
N VAL A 64 55.35 13.20 -49.22
CA VAL A 64 56.55 12.39 -48.95
C VAL A 64 57.40 12.97 -47.81
N TRP A 92 44.60 6.07 -57.04
CA TRP A 92 44.60 5.92 -58.49
C TRP A 92 45.72 6.75 -59.13
N SER A 93 46.27 6.24 -60.23
CA SER A 93 47.34 6.94 -60.93
C SER A 93 46.84 8.08 -61.80
N ILE A 94 45.54 8.14 -62.08
CA ILE A 94 44.95 9.21 -62.89
C ILE A 94 44.95 10.49 -62.07
N SER A 95 45.83 11.43 -62.44
CA SER A 95 45.98 12.79 -61.92
C SER A 95 46.59 12.83 -60.51
N LYS A 96 46.77 11.66 -59.88
CA LYS A 96 47.42 11.58 -58.58
C LYS A 96 48.74 10.82 -58.61
N HIS A 97 48.99 10.01 -59.66
CA HIS A 97 50.29 9.41 -59.98
C HIS A 97 50.85 8.56 -58.84
N THR A 98 49.98 7.79 -58.19
CA THR A 98 50.36 7.07 -56.99
C THR A 98 51.25 5.87 -57.32
N GLN A 99 52.05 5.48 -56.33
CA GLN A 99 52.90 4.30 -56.41
C GLN A 99 52.56 3.37 -55.25
N LEU A 100 52.38 2.08 -55.58
CA LEU A 100 51.94 1.11 -54.60
C LEU A 100 53.12 0.67 -53.76
N SER A 101 53.13 1.05 -52.49
CA SER A 101 54.15 0.74 -51.51
C SER A 101 53.63 -0.33 -50.55
N PRO A 102 54.50 -1.01 -49.81
CA PRO A 102 54.01 -1.88 -48.72
C PRO A 102 53.35 -1.08 -47.61
N THR A 103 52.45 -1.76 -46.90
CA THR A 103 51.73 -1.14 -45.79
C THR A 103 52.68 -0.91 -44.61
N ASP A 104 52.41 0.15 -43.85
CA ASP A 104 53.32 0.59 -42.81
C ASP A 104 52.70 0.82 -41.44
N ALA A 105 51.42 1.17 -41.35
CA ALA A 105 50.79 1.48 -40.06
C ALA A 105 49.64 0.50 -39.81
N PHE A 106 49.78 -0.29 -38.74
CA PHE A 106 48.77 -1.25 -38.31
C PHE A 106 49.03 -1.59 -36.84
N GLY A 107 47.97 -1.79 -36.08
CA GLY A 107 48.13 -2.08 -34.67
C GLY A 107 46.86 -2.00 -33.85
N THR A 108 46.90 -1.30 -32.73
CA THR A 108 45.79 -1.24 -31.80
C THR A 108 45.66 0.19 -31.27
N ILE A 109 44.43 0.69 -31.19
CA ILE A 109 44.13 2.02 -30.70
C ILE A 109 43.67 1.90 -29.25
N GLU A 110 44.31 2.65 -28.35
CA GLU A 110 43.84 2.83 -26.99
C GLU A 110 43.01 4.10 -26.96
N PHE A 111 41.71 3.95 -26.76
CA PHE A 111 40.78 5.09 -26.76
C PHE A 111 40.75 5.72 -25.38
N GLN A 112 41.43 6.85 -25.22
CA GLN A 112 41.36 7.62 -24.00
C GLN A 112 40.31 8.71 -24.13
N GLY A 113 39.55 8.92 -23.05
CA GLY A 113 38.49 9.90 -23.06
C GLY A 113 37.20 9.35 -23.65
N GLY A 114 36.15 10.15 -23.54
CA GLY A 114 34.83 9.75 -24.03
C GLY A 114 34.21 8.60 -23.26
N GLY A 115 34.41 8.55 -21.96
CA GLY A 115 33.83 7.50 -21.14
C GLY A 115 34.80 6.36 -20.90
N HIS A 116 34.37 5.14 -21.21
CA HIS A 116 35.19 3.95 -20.98
C HIS A 116 36.30 3.84 -22.02
N SER A 117 37.38 3.17 -21.62
CA SER A 117 38.51 2.91 -22.51
C SER A 117 38.26 1.61 -23.27
N ASN A 118 38.42 1.66 -24.59
CA ASN A 118 38.11 0.53 -25.46
C ASN A 118 39.28 0.35 -26.42
N LYS A 119 39.73 -0.89 -26.58
CA LYS A 119 40.79 -1.24 -27.52
C LYS A 119 40.18 -1.67 -28.84
N ALA A 120 40.65 -1.08 -29.93
CA ALA A 120 40.13 -1.37 -31.26
C ALA A 120 41.28 -1.45 -32.25
N MET A 121 41.46 -2.61 -32.87
CA MET A 121 42.56 -2.82 -33.80
C MET A 121 42.29 -2.11 -35.13
N TYR A 122 43.37 -1.88 -35.89
CA TYR A 122 43.26 -1.18 -37.17
C TYR A 122 44.31 -1.72 -38.13
N VAL A 123 43.93 -1.85 -39.40
CA VAL A 123 44.86 -2.21 -40.47
C VAL A 123 44.57 -1.30 -41.66
N ARG A 124 45.60 -0.60 -42.14
CA ARG A 124 45.45 0.21 -43.35
C ARG A 124 45.46 -0.70 -44.57
N VAL A 125 44.40 -0.61 -45.37
CA VAL A 125 44.18 -1.48 -46.52
C VAL A 125 44.02 -0.61 -47.75
N SER A 126 44.74 -0.94 -48.82
CA SER A 126 44.56 -0.24 -50.08
C SER A 126 43.19 -0.55 -50.66
N PHE A 127 42.63 0.42 -51.39
CA PHE A 127 41.25 0.32 -51.85
C PHE A 127 41.06 -0.67 -53.01
N ASP A 128 42.15 -1.14 -53.62
CA ASP A 128 42.07 -2.07 -54.75
C ASP A 128 42.67 -3.42 -54.42
N THR A 129 42.52 -3.88 -53.19
CA THR A 129 43.05 -5.17 -52.77
C THR A 129 42.02 -6.28 -52.97
N LYS A 130 42.52 -7.52 -52.94
CA LYS A 130 41.65 -8.68 -53.01
C LYS A 130 40.94 -8.90 -51.66
N PRO A 131 39.66 -9.25 -51.68
CA PRO A 131 38.92 -9.38 -50.41
C PRO A 131 39.22 -10.67 -49.65
N ASP A 132 39.81 -11.68 -50.31
CA ASP A 132 40.10 -12.94 -49.62
C ASP A 132 41.22 -12.77 -48.59
N LEU A 133 42.15 -11.84 -48.83
CA LEU A 133 43.18 -11.55 -47.84
C LEU A 133 42.59 -10.83 -46.63
N LEU A 134 41.61 -9.96 -46.86
CA LEU A 134 40.88 -9.32 -45.77
C LEU A 134 40.09 -10.34 -44.97
N LEU A 135 39.50 -11.32 -45.66
CA LEU A 135 38.78 -12.39 -44.96
C LEU A 135 39.73 -13.27 -44.17
N HIS A 136 40.94 -13.51 -44.71
CA HIS A 136 41.95 -14.26 -43.97
C HIS A 136 42.40 -13.51 -42.72
N LEU A 137 42.52 -12.18 -42.83
CA LEU A 137 42.75 -11.34 -41.65
C LEU A 137 41.65 -11.50 -40.62
N MET A 138 40.39 -11.34 -41.06
CA MET A 138 39.25 -11.36 -40.14
C MET A 138 38.99 -12.74 -39.54
N THR A 139 39.47 -13.81 -40.16
CA THR A 139 39.32 -15.13 -39.57
C THR A 139 40.51 -15.50 -38.68
N LYS A 140 41.73 -15.42 -39.21
CA LYS A 140 42.90 -15.92 -38.49
C LYS A 140 43.65 -14.83 -37.73
N GLU A 141 43.93 -13.69 -38.37
CA GLU A 141 44.84 -12.73 -37.77
C GLU A 141 44.18 -11.83 -36.74
N TRP A 142 42.85 -11.85 -36.64
CA TRP A 142 42.12 -10.98 -35.75
C TRP A 142 41.26 -11.72 -34.74
N GLN A 143 41.23 -13.06 -34.80
CA GLN A 143 40.54 -13.94 -33.85
C GLN A 143 39.04 -13.64 -33.75
N LEU A 144 38.43 -13.36 -34.91
CA LEU A 144 37.00 -13.09 -34.98
C LEU A 144 36.31 -14.24 -35.68
N GLU A 145 35.31 -14.83 -35.02
CA GLU A 145 34.57 -15.95 -35.59
C GLU A 145 33.62 -15.45 -36.68
N LEU A 146 33.27 -16.37 -37.58
CA LEU A 146 32.37 -16.03 -38.68
C LEU A 146 30.96 -15.83 -38.15
N PRO A 147 30.34 -14.68 -38.39
CA PRO A 147 29.02 -14.40 -37.79
C PRO A 147 27.87 -15.02 -38.58
N LYS A 148 26.67 -14.79 -38.07
CA LYS A 148 25.45 -15.26 -38.69
C LYS A 148 24.65 -14.14 -39.34
N LEU A 149 25.10 -12.89 -39.21
CA LEU A 149 24.38 -11.76 -39.79
C LEU A 149 25.39 -10.63 -40.03
N LEU A 150 25.13 -9.84 -41.07
CA LEU A 150 25.95 -8.67 -41.41
C LEU A 150 25.02 -7.46 -41.48
N ILE A 151 24.91 -6.73 -40.38
CA ILE A 151 24.01 -5.58 -40.29
C ILE A 151 24.79 -4.37 -40.78
N SER A 152 24.59 -4.01 -42.05
CA SER A 152 25.20 -2.81 -42.59
C SER A 152 24.47 -1.57 -42.07
N VAL A 153 25.23 -0.49 -41.90
CA VAL A 153 24.72 0.73 -41.28
C VAL A 153 24.87 1.91 -42.24
N HIS A 154 24.67 1.66 -43.53
CA HIS A 154 24.74 2.71 -44.54
C HIS A 154 23.70 3.79 -44.29
N GLY A 155 24.11 5.05 -44.42
CA GLY A 155 23.21 6.14 -44.19
C GLY A 155 23.73 7.44 -44.76
N GLY A 156 23.17 8.55 -44.26
CA GLY A 156 23.62 9.85 -44.70
C GLY A 156 24.99 10.20 -44.14
N LEU A 157 25.82 10.82 -44.97
CA LEU A 157 27.19 11.14 -44.56
C LEU A 157 27.21 12.33 -43.62
N GLN A 158 26.37 13.33 -43.85
CA GLN A 158 26.33 14.51 -43.01
C GLN A 158 25.65 14.22 -41.68
N ASN A 159 25.91 15.09 -40.70
CA ASN A 159 25.35 14.93 -39.36
C ASN A 159 23.93 15.46 -39.34
N PHE A 160 23.01 14.68 -38.78
CA PHE A 160 21.60 15.04 -38.72
C PHE A 160 21.09 14.84 -37.29
N GLU A 161 19.78 14.98 -37.12
CA GLU A 161 19.14 14.80 -35.82
C GLU A 161 17.88 13.95 -36.01
N LEU A 162 17.49 13.27 -34.93
CA LEU A 162 16.32 12.40 -34.92
C LEU A 162 15.51 12.63 -33.66
N GLN A 163 14.35 12.00 -33.61
CA GLN A 163 13.57 11.93 -32.38
C GLN A 163 14.33 11.10 -31.36
N PRO A 164 14.27 11.48 -30.06
CA PRO A 164 15.09 10.78 -29.06
C PRO A 164 14.64 9.35 -28.78
N LYS A 165 13.34 9.13 -28.63
CA LYS A 165 12.85 7.78 -28.40
C LYS A 165 12.87 6.93 -29.66
N LEU A 166 12.79 7.55 -30.84
CA LEU A 166 13.03 6.82 -32.08
C LEU A 166 14.45 6.29 -32.14
N LYS A 167 15.43 7.11 -31.73
CA LYS A 167 16.81 6.66 -31.64
C LYS A 167 16.98 5.60 -30.56
N GLN A 168 16.22 5.70 -29.47
CA GLN A 168 16.29 4.70 -28.40
C GLN A 168 15.75 3.34 -28.87
N VAL A 169 14.61 3.33 -29.56
CA VAL A 169 14.06 2.10 -30.13
C VAL A 169 14.98 1.53 -31.20
N PHE A 170 15.56 2.41 -32.04
CA PHE A 170 16.53 2.00 -33.05
C PHE A 170 17.75 1.33 -32.42
N GLY A 171 18.30 1.94 -31.37
CA GLY A 171 19.46 1.37 -30.71
C GLY A 171 19.17 0.08 -29.98
N LYS A 172 18.02 0.02 -29.30
CA LYS A 172 17.64 -1.20 -28.59
C LYS A 172 17.41 -2.36 -29.54
N GLY A 173 16.74 -2.09 -30.67
CA GLY A 173 16.56 -3.14 -31.67
C GLY A 173 17.85 -3.57 -32.34
N LEU A 174 18.77 -2.61 -32.57
CA LEU A 174 20.05 -2.95 -33.18
C LEU A 174 20.90 -3.82 -32.26
N ILE A 175 20.98 -3.46 -30.98
CA ILE A 175 21.75 -4.26 -30.02
C ILE A 175 21.08 -5.62 -29.78
N LYS A 176 19.74 -5.65 -29.76
CA LYS A 176 19.02 -6.92 -29.59
C LYS A 176 19.24 -7.86 -30.77
N ALA A 177 19.21 -7.33 -31.99
CA ALA A 177 19.48 -8.15 -33.17
C ALA A 177 20.94 -8.62 -33.20
N ALA A 178 21.87 -7.74 -32.81
CA ALA A 178 23.28 -8.11 -32.79
C ALA A 178 23.59 -9.16 -31.73
N MET A 179 22.85 -9.16 -30.62
CA MET A 179 23.04 -10.23 -29.64
C MET A 179 22.32 -11.52 -30.02
N THR A 180 21.16 -11.44 -30.69
CA THR A 180 20.47 -12.67 -31.06
C THR A 180 21.16 -13.37 -32.23
N THR A 181 21.84 -12.64 -33.11
CA THR A 181 22.48 -13.27 -34.25
C THR A 181 24.00 -13.31 -34.18
N GLY A 182 24.61 -12.62 -33.23
CA GLY A 182 26.07 -12.54 -33.18
C GLY A 182 26.67 -11.79 -34.34
N ALA A 183 26.07 -10.67 -34.73
CA ALA A 183 26.34 -10.06 -36.02
C ALA A 183 27.60 -9.21 -36.02
N TRP A 184 28.14 -9.00 -37.21
CA TRP A 184 29.13 -7.96 -37.47
C TRP A 184 28.40 -6.75 -38.02
N ILE A 185 28.74 -5.56 -37.52
CA ILE A 185 28.09 -4.33 -37.93
C ILE A 185 29.07 -3.49 -38.74
N PHE A 186 28.77 -3.30 -40.01
CA PHE A 186 29.61 -2.44 -40.87
C PHE A 186 29.09 -1.01 -40.84
N THR A 187 29.37 -0.36 -39.70
CA THR A 187 29.14 1.06 -39.54
C THR A 187 30.26 1.82 -40.25
N GLY A 188 29.95 3.04 -40.72
CA GLY A 188 30.92 3.79 -41.50
C GLY A 188 32.19 4.15 -40.75
N GLY A 189 32.06 4.57 -39.50
CA GLY A 189 33.23 4.73 -38.65
C GLY A 189 33.58 6.14 -38.25
N VAL A 190 33.53 7.08 -39.20
CA VAL A 190 33.79 8.48 -38.87
C VAL A 190 32.56 9.06 -38.17
N ASN A 191 32.80 9.88 -37.15
CA ASN A 191 31.75 10.30 -36.20
C ASN A 191 30.97 11.50 -36.74
N THR A 192 30.17 11.24 -37.78
CA THR A 192 29.29 12.23 -38.39
C THR A 192 28.12 11.50 -39.03
N GLY A 193 26.92 11.69 -38.48
CA GLY A 193 25.72 11.17 -39.11
C GLY A 193 25.17 9.95 -38.39
N VAL A 194 24.84 8.91 -39.16
CA VAL A 194 24.23 7.70 -38.61
C VAL A 194 25.25 6.88 -37.82
N ILE A 195 26.54 7.14 -38.02
CA ILE A 195 27.59 6.46 -37.25
C ILE A 195 27.53 6.91 -35.79
N ARG A 196 27.24 8.19 -35.56
CA ARG A 196 27.10 8.71 -34.20
C ARG A 196 25.87 8.13 -33.52
N HIS A 197 24.82 7.78 -34.27
CA HIS A 197 23.68 7.09 -33.69
C HIS A 197 24.01 5.65 -33.35
N VAL A 198 24.91 5.02 -34.10
CA VAL A 198 25.36 3.67 -33.77
C VAL A 198 26.22 3.68 -32.52
N GLY A 199 27.08 4.70 -32.38
CA GLY A 199 27.88 4.84 -31.18
C GLY A 199 27.06 5.16 -29.95
N ASP A 200 25.98 5.92 -30.11
CA ASP A 200 25.05 6.14 -29.00
C ASP A 200 24.25 4.88 -28.70
N ALA A 201 24.04 4.02 -29.70
CA ALA A 201 23.41 2.72 -29.46
C ALA A 201 24.32 1.81 -28.65
N LEU A 202 25.63 1.88 -28.89
CA LEU A 202 26.58 1.12 -28.11
C LEU A 202 26.73 1.67 -26.70
N LYS A 203 26.37 2.93 -26.47
CA LYS A 203 26.31 3.46 -25.11
C LYS A 203 25.12 2.89 -24.36
N ASP A 204 24.04 2.55 -25.07
CA ASP A 204 22.92 1.85 -24.45
C ASP A 204 23.30 0.42 -24.06
N HIS A 205 24.16 -0.22 -24.86
CA HIS A 205 24.64 -1.56 -24.53
C HIS A 205 25.58 -1.53 -23.33
N ALA A 206 26.71 -0.83 -23.47
CA ALA A 206 27.64 -0.46 -22.41
C ALA A 206 28.20 -1.64 -21.62
N SER A 207 28.37 -2.79 -22.24
CA SER A 207 28.89 -3.96 -21.51
C SER A 207 29.74 -4.85 -22.40
N LYS A 212 31.42 -11.85 -28.94
CA LYS A 212 30.60 -10.77 -28.40
C LYS A 212 29.87 -10.20 -29.65
N ILE A 213 30.06 -8.93 -29.97
CA ILE A 213 29.60 -8.33 -31.22
C ILE A 213 30.77 -7.55 -31.80
N CYS A 214 30.98 -7.68 -33.11
CA CYS A 214 31.99 -6.87 -33.79
C CYS A 214 31.33 -5.67 -34.46
N THR A 215 32.07 -4.58 -34.53
CA THR A 215 31.58 -3.30 -35.04
C THR A 215 32.62 -2.73 -36.01
N ILE A 216 32.96 -3.56 -37.02
CA ILE A 216 34.03 -3.26 -37.97
C ILE A 216 33.65 -2.05 -38.80
N GLY A 217 34.51 -1.03 -38.81
CA GLY A 217 34.26 0.20 -39.54
C GLY A 217 35.01 0.24 -40.86
N ILE A 218 34.38 0.84 -41.86
CA ILE A 218 34.99 1.04 -43.18
C ILE A 218 34.96 2.55 -43.45
N ALA A 219 36.05 3.23 -43.08
CA ALA A 219 36.22 4.67 -43.26
C ALA A 219 37.50 4.96 -44.03
N PRO A 220 37.58 6.04 -44.78
CA PRO A 220 38.83 6.36 -45.47
C PRO A 220 39.94 6.84 -44.53
N TRP A 221 41.17 6.52 -44.91
CA TRP A 221 42.36 7.02 -44.22
C TRP A 221 42.53 8.53 -44.32
N GLY A 222 42.20 9.12 -45.46
CA GLY A 222 42.49 10.52 -45.66
C GLY A 222 41.60 11.48 -44.89
N ILE A 223 40.48 10.99 -44.34
CA ILE A 223 39.51 11.86 -43.69
C ILE A 223 39.64 11.82 -42.16
N VAL A 224 40.26 10.77 -41.60
CA VAL A 224 40.30 10.63 -40.14
C VAL A 224 41.27 11.66 -39.55
N GLU A 225 40.94 12.15 -38.36
CA GLU A 225 41.74 13.17 -37.71
C GLU A 225 42.89 12.52 -36.95
N ASN A 226 44.02 13.25 -36.88
CA ASN A 226 45.29 12.80 -36.29
C ASN A 226 45.80 11.53 -36.97
N GLN A 227 46.10 11.67 -38.26
CA GLN A 227 46.68 10.58 -39.05
C GLN A 227 48.07 10.21 -38.56
N GLU A 228 48.84 11.19 -38.06
CA GLU A 228 50.16 10.91 -37.53
C GLU A 228 50.12 10.13 -36.23
N ASP A 229 49.02 10.24 -35.46
CA ASP A 229 48.90 9.49 -34.22
C ASP A 229 48.71 7.99 -34.45
N LEU A 230 48.16 7.60 -35.60
CA LEU A 230 47.90 6.19 -35.89
C LEU A 230 49.05 5.51 -36.61
N ILE A 231 50.20 6.18 -36.75
CA ILE A 231 51.36 5.58 -37.42
C ILE A 231 52.14 4.76 -36.42
N GLY A 232 52.47 3.52 -36.80
CA GLY A 232 53.20 2.63 -35.91
C GLY A 232 52.94 1.15 -36.17
N ARG A 233 54.01 0.36 -36.13
CA ARG A 233 53.90 -1.09 -36.34
C ARG A 233 53.72 -1.80 -34.99
N ASP A 234 52.55 -2.42 -34.81
CA ASP A 234 52.17 -3.20 -33.62
C ASP A 234 52.29 -2.39 -32.33
N VAL A 235 51.97 -1.10 -32.41
CA VAL A 235 52.13 -0.17 -31.29
C VAL A 235 50.75 0.25 -30.81
N VAL A 236 50.54 0.20 -29.49
CA VAL A 236 49.29 0.65 -28.91
C VAL A 236 49.34 2.18 -28.83
N ARG A 237 48.75 2.84 -29.83
CA ARG A 237 48.84 4.28 -29.95
C ARG A 237 47.70 4.96 -29.21
N PRO A 238 47.96 6.07 -28.52
CA PRO A 238 46.87 6.85 -27.92
C PRO A 238 46.08 7.59 -28.98
N TYR A 239 44.76 7.65 -28.78
CA TYR A 239 43.87 8.38 -29.69
C TYR A 239 42.80 9.05 -28.83
N GLN A 240 42.94 10.36 -28.64
CA GLN A 240 41.99 11.14 -27.87
C GLN A 240 40.71 11.37 -28.69
N THR A 241 39.69 11.92 -28.03
CA THR A 241 38.46 12.34 -28.68
C THR A 241 38.54 13.78 -29.17
N MET A 242 39.74 14.26 -29.49
CA MET A 242 39.98 15.58 -30.08
C MET A 242 39.24 15.72 -31.41
N SER A 243 38.28 16.64 -31.45
CA SER A 243 37.50 16.92 -32.65
C SER A 243 37.36 18.44 -32.78
N ASN A 244 38.17 19.03 -33.64
CA ASN A 244 38.09 20.47 -33.87
C ASN A 244 36.81 20.80 -34.65
N PRO A 245 36.00 21.75 -34.19
CA PRO A 245 34.72 22.01 -34.85
C PRO A 245 34.85 22.68 -36.22
N MET A 246 36.01 23.28 -36.53
CA MET A 246 36.23 23.89 -37.84
C MET A 246 37.09 23.05 -38.76
N SER A 247 37.64 21.93 -38.29
CA SER A 247 38.47 21.09 -39.13
C SER A 247 37.62 20.23 -40.05
N LYS A 248 38.10 20.03 -41.27
CA LYS A 248 37.40 19.14 -42.21
C LYS A 248 37.58 17.68 -41.84
N LEU A 249 38.65 17.36 -41.11
CA LEU A 249 38.87 15.98 -40.69
C LEU A 249 37.92 15.59 -39.57
N THR A 250 37.49 14.34 -39.58
CA THR A 250 36.52 13.82 -38.63
C THR A 250 37.16 12.72 -37.80
N VAL A 251 37.06 12.84 -36.48
CA VAL A 251 37.59 11.82 -35.58
C VAL A 251 36.69 10.58 -35.66
N LEU A 252 37.30 9.41 -35.45
CA LEU A 252 36.55 8.17 -35.44
C LEU A 252 35.71 8.05 -34.17
N ASN A 253 34.64 7.27 -34.26
CA ASN A 253 33.84 6.96 -33.08
C ASN A 253 34.64 6.07 -32.15
N SER A 254 34.54 6.34 -30.85
CA SER A 254 35.37 5.67 -29.86
C SER A 254 34.89 4.27 -29.53
N MET A 255 33.71 3.86 -29.99
CA MET A 255 33.08 2.65 -29.49
C MET A 255 33.03 1.51 -30.50
N HIS A 256 33.57 1.70 -31.71
CA HIS A 256 33.80 0.57 -32.60
C HIS A 256 34.82 -0.38 -31.99
N SER A 257 34.58 -1.68 -32.14
CA SER A 257 35.50 -2.68 -31.60
C SER A 257 36.63 -3.00 -32.57
N HIS A 258 36.47 -2.67 -33.86
CA HIS A 258 37.49 -2.93 -34.87
C HIS A 258 37.45 -1.83 -35.90
N PHE A 259 38.46 -1.80 -36.76
CA PHE A 259 38.59 -0.74 -37.75
C PHE A 259 39.38 -1.22 -38.96
N ILE A 260 38.84 -0.91 -40.14
CA ILE A 260 39.54 -1.04 -41.41
C ILE A 260 39.52 0.32 -42.09
N LEU A 261 40.68 0.86 -42.41
CA LEU A 261 40.78 2.20 -42.98
C LEU A 261 41.33 2.09 -44.40
N ALA A 262 40.56 2.60 -45.36
CA ALA A 262 40.84 2.43 -46.79
C ALA A 262 41.70 3.59 -47.29
N ASP A 263 42.90 3.28 -47.76
CA ASP A 263 43.88 4.27 -48.20
C ASP A 263 43.98 4.24 -49.72
N ASN A 264 43.46 5.28 -50.37
CA ASN A 264 43.64 5.48 -51.80
C ASN A 264 44.75 6.47 -52.13
N GLY A 265 45.41 7.03 -51.11
CA GLY A 265 46.49 7.95 -51.30
C GLY A 265 46.13 9.41 -51.12
N THR A 266 44.84 9.75 -51.18
CA THR A 266 44.41 11.13 -51.08
C THR A 266 43.91 11.43 -49.67
N THR A 267 43.71 12.71 -49.39
CA THR A 267 43.26 13.18 -48.08
C THR A 267 42.01 14.03 -48.24
N GLY A 268 41.04 13.79 -47.35
CA GLY A 268 39.85 14.62 -47.29
C GLY A 268 38.84 14.38 -48.39
N LYS A 269 38.88 13.24 -49.07
CA LYS A 269 37.94 12.92 -50.13
C LYS A 269 37.27 11.59 -49.85
N TYR A 270 35.96 11.53 -50.08
CA TYR A 270 35.18 10.32 -49.90
C TYR A 270 35.30 9.42 -51.13
N GLY A 271 34.59 8.29 -51.10
CA GLY A 271 34.60 7.35 -52.19
C GLY A 271 35.74 6.35 -52.18
N ALA A 272 36.64 6.43 -51.21
CA ALA A 272 37.77 5.50 -51.11
C ALA A 272 37.40 4.18 -50.47
N GLU A 273 36.22 4.09 -49.84
CA GLU A 273 35.86 2.94 -49.04
C GLU A 273 34.68 2.14 -49.60
N VAL A 274 33.94 2.67 -50.57
CA VAL A 274 32.68 2.09 -50.98
C VAL A 274 32.90 0.77 -51.73
N LYS A 275 33.80 0.76 -52.70
CA LYS A 275 34.00 -0.42 -53.54
C LYS A 275 34.65 -1.56 -52.77
N LEU A 276 35.59 -1.22 -51.87
CA LEU A 276 36.22 -2.22 -51.02
C LEU A 276 35.19 -2.83 -50.06
N ARG A 277 34.27 -2.01 -49.55
CA ARG A 277 33.24 -2.52 -48.64
C ARG A 277 32.24 -3.41 -49.38
N ARG A 278 31.86 -3.04 -50.61
CA ARG A 278 31.00 -3.91 -51.41
C ARG A 278 31.67 -5.23 -51.77
N GLN A 279 32.94 -5.23 -52.18
CA GLN A 279 33.57 -6.50 -52.50
C GLN A 279 33.83 -7.31 -51.23
N LEU A 280 34.01 -6.66 -50.08
CA LEU A 280 34.13 -7.37 -48.81
C LEU A 280 32.81 -8.04 -48.42
N GLU A 281 31.69 -7.32 -48.55
CA GLU A 281 30.38 -7.89 -48.23
C GLU A 281 30.02 -9.03 -49.17
N LYS A 282 30.33 -8.89 -50.46
CA LYS A 282 30.07 -10.00 -51.39
C LYS A 282 30.97 -11.20 -51.10
N HIS A 283 32.24 -10.98 -50.76
CA HIS A 283 33.13 -12.08 -50.46
C HIS A 283 32.75 -12.76 -49.14
N ILE A 284 32.15 -12.02 -48.21
CA ILE A 284 31.58 -12.64 -47.02
C ILE A 284 30.33 -13.45 -47.39
N SER A 285 29.47 -12.92 -48.25
CA SER A 285 28.20 -13.57 -48.54
C SER A 285 28.37 -14.83 -49.40
N LEU A 286 29.47 -14.95 -50.14
CA LEU A 286 29.75 -16.22 -50.82
C LEU A 286 30.36 -17.28 -49.93
N GLN A 287 30.68 -16.97 -48.67
CA GLN A 287 31.17 -17.99 -47.75
C GLN A 287 30.01 -18.79 -47.16
N LYS A 288 30.11 -20.11 -47.22
CA LYS A 288 29.09 -20.96 -46.62
C LYS A 288 29.21 -20.94 -45.10
N ILE A 289 28.07 -20.76 -44.43
CA ILE A 289 28.04 -20.72 -42.97
C ILE A 289 28.12 -22.14 -42.43
N ASN A 290 28.38 -22.26 -41.11
CA ASN A 290 28.44 -23.58 -40.49
C ASN A 290 27.06 -24.22 -40.41
N THR A 291 26.02 -23.42 -40.14
CA THR A 291 24.67 -23.94 -40.07
C THR A 291 24.11 -24.21 -41.46
N ARG A 292 24.44 -23.35 -42.43
CA ARG A 292 23.98 -23.42 -43.83
C ARG A 292 22.46 -23.46 -43.94
N ILE A 293 21.78 -22.66 -43.10
CA ILE A 293 20.32 -22.62 -43.11
C ILE A 293 19.81 -21.94 -44.37
N GLY A 294 20.42 -20.82 -44.75
CA GLY A 294 20.02 -20.11 -45.95
C GLY A 294 20.97 -20.36 -47.11
N GLN A 295 21.57 -19.29 -47.62
CA GLN A 295 22.55 -19.37 -48.71
C GLN A 295 23.83 -18.71 -48.21
N GLY A 296 24.65 -19.49 -47.52
CA GLY A 296 25.87 -18.95 -46.96
C GLY A 296 25.60 -18.05 -45.76
N VAL A 297 26.46 -17.05 -45.57
CA VAL A 297 26.34 -16.11 -44.48
C VAL A 297 25.50 -14.93 -44.95
N PRO A 298 24.33 -14.70 -44.38
CA PRO A 298 23.42 -13.66 -44.89
C PRO A 298 23.79 -12.26 -44.44
N VAL A 299 23.42 -11.30 -45.28
CA VAL A 299 23.66 -9.87 -45.05
C VAL A 299 22.32 -9.15 -45.09
N VAL A 300 22.08 -8.29 -44.10
CA VAL A 300 20.93 -7.41 -44.08
C VAL A 300 21.43 -5.97 -43.95
N ALA A 301 21.18 -5.16 -44.97
CA ALA A 301 21.69 -3.80 -45.04
C ALA A 301 20.60 -2.82 -44.64
N LEU A 302 20.92 -1.93 -43.70
CA LEU A 302 19.97 -1.00 -43.14
C LEU A 302 20.30 0.41 -43.63
N ILE A 303 19.27 1.17 -43.98
CA ILE A 303 19.40 2.52 -44.51
C ILE A 303 18.65 3.48 -43.61
N VAL A 304 19.32 4.56 -43.21
CA VAL A 304 18.68 5.67 -42.51
C VAL A 304 19.05 6.95 -43.27
N GLU A 305 18.03 7.62 -43.82
CA GLU A 305 18.11 8.81 -44.68
C GLU A 305 19.00 8.49 -45.88
N GLY A 306 19.93 9.37 -46.24
CA GLY A 306 20.81 9.18 -47.37
C GLY A 306 20.44 10.08 -48.54
N GLY A 307 21.39 10.24 -49.45
CA GLY A 307 21.19 11.01 -50.65
C GLY A 307 20.88 10.13 -51.84
N PRO A 308 21.27 10.58 -53.04
CA PRO A 308 21.14 9.71 -54.22
C PRO A 308 22.11 8.54 -54.22
N ASN A 309 23.21 8.64 -53.47
CA ASN A 309 24.11 7.50 -53.29
C ASN A 309 23.43 6.37 -52.53
N VAL A 310 22.51 6.71 -51.62
CA VAL A 310 21.72 5.69 -50.93
C VAL A 310 20.81 4.97 -51.91
N ILE A 311 20.20 5.70 -52.84
CA ILE A 311 19.33 5.10 -53.85
C ILE A 311 20.14 4.19 -54.77
N SER A 312 21.34 4.64 -55.17
CA SER A 312 22.17 3.84 -56.06
C SER A 312 22.71 2.60 -55.36
N ILE A 313 23.02 2.69 -54.06
CA ILE A 313 23.49 1.48 -53.38
C ILE A 313 22.34 0.52 -53.07
N VAL A 314 21.11 1.00 -52.84
CA VAL A 314 19.98 0.08 -52.74
C VAL A 314 19.72 -0.61 -54.08
N LEU A 315 19.90 0.12 -55.19
CA LEU A 315 19.84 -0.49 -56.52
C LEU A 315 20.93 -1.54 -56.71
N GLU A 316 22.12 -1.29 -56.17
CA GLU A 316 23.18 -2.29 -56.21
C GLU A 316 22.89 -3.48 -55.30
N TYR A 317 22.20 -3.25 -54.18
CA TYR A 317 21.87 -4.32 -53.24
C TYR A 317 20.84 -5.28 -53.84
N LEU A 318 19.78 -4.72 -54.46
CA LEU A 318 18.69 -5.55 -54.95
C LEU A 318 19.06 -6.32 -56.20
N ARG A 319 19.85 -5.72 -57.09
CA ARG A 319 20.28 -6.37 -58.32
C ARG A 319 21.50 -7.26 -58.11
N ASP A 320 22.04 -7.32 -56.89
CA ASP A 320 23.16 -8.17 -56.58
C ASP A 320 22.71 -9.63 -56.63
N THR A 321 23.57 -10.50 -57.16
CA THR A 321 23.41 -11.94 -56.99
C THR A 321 24.44 -12.42 -55.98
N PRO A 322 24.04 -12.88 -54.79
CA PRO A 322 22.67 -13.09 -54.26
C PRO A 322 21.96 -11.81 -53.82
N PRO A 323 20.61 -11.81 -53.83
CA PRO A 323 19.86 -10.59 -53.49
C PRO A 323 19.81 -10.29 -52.00
N VAL A 324 20.79 -9.51 -51.52
CA VAL A 324 20.80 -9.05 -50.12
C VAL A 324 19.60 -8.14 -49.87
N PRO A 325 18.79 -8.40 -48.86
CA PRO A 325 17.61 -7.56 -48.61
C PRO A 325 17.98 -6.23 -47.96
N VAL A 326 17.04 -5.29 -48.03
CA VAL A 326 17.24 -3.92 -47.58
C VAL A 326 16.14 -3.58 -46.57
N VAL A 327 16.55 -3.12 -45.38
CA VAL A 327 15.64 -2.54 -44.41
C VAL A 327 15.78 -1.03 -44.46
N VAL A 328 14.66 -0.32 -44.56
CA VAL A 328 14.66 1.13 -44.51
C VAL A 328 13.87 1.58 -43.29
N CYS A 329 14.29 2.71 -42.72
CA CYS A 329 13.68 3.27 -41.52
C CYS A 329 13.23 4.69 -41.82
N ASP A 330 11.92 4.90 -41.86
CA ASP A 330 11.38 6.23 -42.12
C ASP A 330 11.17 6.99 -40.81
N GLY A 331 10.45 8.10 -40.89
CA GLY A 331 10.36 9.02 -39.78
C GLY A 331 11.58 9.91 -39.62
N SER A 332 12.50 9.88 -40.57
CA SER A 332 13.74 10.63 -40.49
C SER A 332 13.92 11.62 -41.62
N GLY A 333 13.45 11.31 -42.82
CA GLY A 333 13.61 12.19 -43.96
C GLY A 333 14.56 11.63 -45.01
N ARG A 334 14.86 12.51 -45.97
CA ARG A 334 15.82 12.32 -47.08
C ARG A 334 15.33 11.17 -47.96
N ALA A 335 16.21 10.24 -48.35
CA ALA A 335 15.83 9.21 -49.32
C ALA A 335 15.01 8.10 -48.68
N SER A 336 15.19 7.85 -47.38
CA SER A 336 14.48 6.75 -46.73
C SER A 336 12.99 7.05 -46.60
N ASP A 337 12.63 8.29 -46.28
CA ASP A 337 11.22 8.68 -46.20
C ASP A 337 10.57 8.64 -47.58
N ILE A 338 11.31 9.04 -48.62
CA ILE A 338 10.80 8.97 -49.99
C ILE A 338 10.60 7.52 -50.41
N LEU A 339 11.53 6.64 -50.04
CA LEU A 339 11.41 5.22 -50.36
C LEU A 339 10.21 4.60 -49.64
N ALA A 340 9.99 4.95 -48.37
CA ALA A 340 8.86 4.38 -47.63
C ALA A 340 7.53 4.94 -48.12
N PHE A 341 7.48 6.24 -48.45
CA PHE A 341 6.26 6.82 -48.97
C PHE A 341 5.93 6.29 -50.36
N GLY A 342 6.96 5.96 -51.15
CA GLY A 342 6.71 5.21 -52.38
C GLY A 342 6.22 3.81 -52.11
N HIS A 343 6.84 3.11 -51.15
CA HIS A 343 6.57 1.70 -50.90
C HIS A 343 5.18 1.48 -50.31
N LYS A 344 4.63 2.50 -49.64
CA LYS A 344 3.27 2.38 -49.15
C LYS A 344 2.24 2.49 -50.29
N TYR A 345 2.59 3.19 -51.37
CA TYR A 345 1.68 3.47 -52.47
C TYR A 345 2.30 3.10 -53.82
N SER A 346 2.86 1.89 -53.93
CA SER A 346 3.40 1.44 -55.22
C SER A 346 2.75 0.17 -55.76
N GLU A 347 2.12 -0.64 -54.89
CA GLU A 347 1.49 -1.91 -55.21
C GLU A 347 2.44 -2.88 -55.90
N GLU A 348 2.27 -3.07 -57.21
CA GLU A 348 3.13 -3.96 -57.99
C GLU A 348 4.30 -3.21 -58.62
N GLY A 349 5.02 -2.45 -57.81
CA GLY A 349 6.21 -1.74 -58.26
C GLY A 349 5.91 -0.44 -58.98
N GLY A 350 5.52 -0.54 -60.25
CA GLY A 350 5.18 0.61 -61.07
C GLY A 350 3.72 1.00 -61.03
N LEU A 351 2.92 0.40 -60.15
CA LEU A 351 1.49 0.72 -60.06
C LEU A 351 1.28 1.88 -59.09
N ILE A 352 1.74 3.05 -59.51
CA ILE A 352 1.62 4.28 -58.76
C ILE A 352 0.77 5.26 -59.57
N ASN A 353 -0.17 5.91 -58.90
CA ASN A 353 -1.06 6.86 -59.57
C ASN A 353 -0.31 8.14 -59.90
N GLU A 354 -0.94 8.97 -60.75
CA GLU A 354 -0.25 10.12 -61.33
C GLU A 354 -0.01 11.23 -60.31
N SER A 355 -0.99 11.48 -59.43
CA SER A 355 -0.84 12.53 -58.44
C SER A 355 0.21 12.17 -57.39
N LEU A 356 0.27 10.91 -57.00
CA LEU A 356 1.30 10.47 -56.05
C LEU A 356 2.69 10.51 -56.68
N ARG A 357 2.78 10.16 -57.97
CA ARG A 357 4.05 10.24 -58.68
C ARG A 357 4.52 11.69 -58.81
N ASP A 358 3.60 12.61 -59.11
CA ASP A 358 3.96 14.02 -59.19
C ASP A 358 4.32 14.59 -57.82
N GLN A 359 3.64 14.14 -56.76
CA GLN A 359 3.97 14.57 -55.41
C GLN A 359 5.36 14.07 -55.00
N LEU A 360 5.69 12.82 -55.36
CA LEU A 360 7.03 12.30 -55.09
C LEU A 360 8.09 13.05 -55.87
N LEU A 361 7.80 13.39 -57.13
CA LEU A 361 8.74 14.15 -57.96
C LEU A 361 8.97 15.54 -57.40
N VAL A 362 7.91 16.23 -56.95
CA VAL A 362 8.12 17.57 -56.43
C VAL A 362 8.72 17.56 -55.02
N THR A 363 8.51 16.50 -54.23
CA THR A 363 9.21 16.43 -52.95
C THR A 363 10.69 16.09 -53.15
N ILE A 364 11.02 15.32 -54.18
CA ILE A 364 12.42 15.12 -54.57
C ILE A 364 13.04 16.45 -55.01
N GLN A 365 12.31 17.22 -55.82
CA GLN A 365 12.85 18.45 -56.37
C GLN A 365 12.96 19.57 -55.34
N LYS A 366 12.06 19.61 -54.35
CA LYS A 366 12.02 20.74 -53.43
C LYS A 366 12.31 20.38 -51.98
N THR A 367 11.75 19.28 -51.47
CA THR A 367 11.95 18.93 -50.07
C THR A 367 13.37 18.45 -49.81
N PHE A 368 13.93 17.68 -50.74
CA PHE A 368 15.33 17.25 -50.66
C PHE A 368 16.26 18.17 -51.44
N THR A 369 15.71 19.19 -52.10
CA THR A 369 16.43 20.21 -52.89
C THR A 369 17.33 19.58 -53.97
N TYR A 370 16.86 18.49 -54.56
CA TYR A 370 17.54 17.91 -55.71
C TYR A 370 17.14 18.65 -56.99
N THR A 371 17.91 18.41 -58.05
CA THR A 371 17.65 19.07 -59.32
C THR A 371 16.44 18.43 -60.01
N ARG A 372 15.63 19.28 -60.64
CA ARG A 372 14.44 18.79 -61.35
C ARG A 372 14.78 18.11 -62.67
N THR A 373 15.95 18.39 -63.24
CA THR A 373 16.36 17.73 -64.48
C THR A 373 16.74 16.28 -64.25
N GLN A 374 17.38 15.98 -63.12
CA GLN A 374 17.73 14.62 -62.76
C GLN A 374 16.65 13.95 -61.91
N ALA A 375 15.52 14.63 -61.68
CA ALA A 375 14.44 14.05 -60.90
C ALA A 375 13.80 12.86 -61.61
N GLN A 376 13.68 12.94 -62.95
CA GLN A 376 13.15 11.82 -63.72
C GLN A 376 14.13 10.64 -63.73
N HIS A 377 15.43 10.94 -63.74
CA HIS A 377 16.44 9.88 -63.68
C HIS A 377 16.43 9.19 -62.32
N LEU A 378 16.29 9.96 -61.24
CA LEU A 378 16.15 9.36 -59.91
C LEU A 378 14.83 8.60 -59.79
N PHE A 379 13.78 9.05 -60.47
CA PHE A 379 12.51 8.34 -60.44
C PHE A 379 12.59 7.00 -61.17
N ILE A 380 13.29 6.95 -62.31
CA ILE A 380 13.37 5.67 -63.01
C ILE A 380 14.39 4.74 -62.34
N ILE A 381 15.41 5.29 -61.66
CA ILE A 381 16.28 4.46 -60.82
C ILE A 381 15.50 3.90 -59.64
N LEU A 382 14.60 4.72 -59.07
CA LEU A 382 13.70 4.25 -58.02
C LEU A 382 12.77 3.17 -58.54
N MET A 383 12.29 3.29 -59.78
CA MET A 383 11.43 2.26 -60.37
C MET A 383 12.20 0.96 -60.60
N GLU A 384 13.47 1.07 -61.01
CA GLU A 384 14.33 -0.12 -61.11
C GLU A 384 14.56 -0.76 -59.75
N CYS A 385 14.64 0.04 -58.69
CA CYS A 385 14.63 -0.50 -57.34
C CYS A 385 13.30 -1.17 -57.01
N MET A 386 12.19 -0.55 -57.42
CA MET A 386 10.85 -0.99 -57.04
C MET A 386 10.36 -2.17 -57.85
N LYS A 387 11.11 -2.60 -58.87
CA LYS A 387 10.80 -3.85 -59.55
C LYS A 387 10.97 -5.08 -58.66
N LYS A 388 11.65 -4.96 -57.52
CA LYS A 388 11.88 -6.06 -56.60
C LYS A 388 11.45 -5.72 -55.17
N LYS A 389 10.21 -5.25 -54.99
CA LYS A 389 9.69 -4.82 -53.69
C LYS A 389 9.59 -5.94 -52.66
N GLU A 390 9.69 -7.21 -53.05
CA GLU A 390 9.50 -8.32 -52.11
C GLU A 390 10.64 -8.45 -51.10
N LEU A 391 11.75 -7.73 -51.30
CA LEU A 391 12.83 -7.68 -50.33
C LEU A 391 12.87 -6.40 -49.52
N ILE A 392 12.21 -5.33 -49.98
CA ILE A 392 12.24 -4.05 -49.29
C ILE A 392 11.32 -4.13 -48.07
N THR A 393 11.91 -3.99 -46.89
CA THR A 393 11.19 -4.10 -45.64
C THR A 393 11.24 -2.74 -44.93
N VAL A 394 10.06 -2.22 -44.59
CA VAL A 394 9.95 -0.93 -43.93
C VAL A 394 9.69 -1.14 -42.45
N PHE A 395 9.91 -0.08 -41.67
CA PHE A 395 9.69 -0.11 -40.22
C PHE A 395 9.01 1.19 -39.83
N ARG A 396 7.81 1.08 -39.27
CA ARG A 396 7.02 2.23 -38.83
C ARG A 396 6.85 2.14 -37.32
N MET A 397 7.44 3.08 -36.59
CA MET A 397 7.35 3.10 -35.14
C MET A 397 5.97 3.56 -34.71
N GLY A 398 5.34 2.82 -33.80
CA GLY A 398 4.03 3.16 -33.30
C GLY A 398 3.05 2.01 -33.37
N HIS A 402 9.13 -1.33 -27.35
CA HIS A 402 7.97 -1.88 -28.02
C HIS A 402 8.07 -1.66 -29.53
N GLN A 403 7.92 -2.75 -30.29
CA GLN A 403 8.09 -2.79 -31.75
C GLN A 403 9.44 -2.20 -32.17
N ASP A 404 10.51 -2.90 -31.79
CA ASP A 404 11.86 -2.49 -32.11
C ASP A 404 12.17 -2.75 -33.59
N ILE A 405 13.35 -2.30 -34.04
CA ILE A 405 13.74 -2.56 -35.42
C ILE A 405 14.19 -3.99 -35.64
N ASP A 406 14.43 -4.75 -34.57
CA ASP A 406 14.86 -6.14 -34.71
C ASP A 406 13.77 -7.03 -35.30
N LEU A 407 12.50 -6.60 -35.20
CA LEU A 407 11.42 -7.29 -35.91
C LEU A 407 11.62 -7.22 -37.42
N ALA A 408 11.88 -6.01 -37.93
CA ALA A 408 12.13 -5.83 -39.36
C ALA A 408 13.44 -6.48 -39.78
N ILE A 409 14.44 -6.46 -38.90
CA ILE A 409 15.74 -7.06 -39.20
C ILE A 409 15.61 -8.58 -39.35
N LEU A 410 14.93 -9.24 -38.41
CA LEU A 410 14.75 -10.68 -38.50
C LEU A 410 13.78 -11.06 -39.60
N THR A 411 12.77 -10.22 -39.89
CA THR A 411 11.86 -10.50 -40.98
C THR A 411 12.58 -10.45 -42.33
N ALA A 412 13.42 -9.43 -42.54
CA ALA A 412 14.20 -9.37 -43.78
C ALA A 412 15.28 -10.44 -43.80
N LEU A 413 15.76 -10.87 -42.63
CA LEU A 413 16.68 -12.01 -42.56
C LEU A 413 16.01 -13.28 -43.05
N LEU A 414 14.75 -13.50 -42.69
CA LEU A 414 14.02 -14.66 -43.19
C LEU A 414 13.65 -14.50 -44.66
N LYS A 415 13.38 -13.28 -45.12
CA LYS A 415 13.07 -13.08 -46.53
C LYS A 415 14.28 -13.31 -47.42
N GLY A 416 15.41 -12.71 -47.09
CA GLY A 416 16.60 -12.83 -47.92
C GLY A 416 17.51 -13.98 -47.51
N ALA A 417 16.95 -15.18 -47.41
CA ALA A 417 17.73 -16.36 -47.06
C ALA A 417 17.49 -17.49 -48.04
N ASN A 418 16.31 -17.47 -48.69
CA ASN A 418 15.81 -18.50 -49.59
C ASN A 418 15.81 -19.87 -48.92
N ALA A 419 15.07 -20.00 -47.82
CA ALA A 419 15.03 -21.23 -47.04
C ALA A 419 13.58 -21.62 -46.80
N SER A 420 13.38 -22.90 -46.53
CA SER A 420 12.04 -23.42 -46.27
C SER A 420 11.54 -22.96 -44.91
N ALA A 421 10.21 -22.88 -44.78
CA ALA A 421 9.55 -22.46 -43.56
C ALA A 421 9.87 -23.29 -42.30
N PRO A 422 10.04 -24.63 -42.35
CA PRO A 422 10.59 -25.31 -41.16
C PRO A 422 11.98 -24.84 -40.73
N ASP A 423 12.84 -24.47 -41.66
CA ASP A 423 14.14 -23.92 -41.29
C ASP A 423 14.01 -22.55 -40.65
N GLN A 424 13.05 -21.73 -41.14
CA GLN A 424 12.75 -20.46 -40.49
C GLN A 424 12.21 -20.67 -39.08
N LEU A 425 11.36 -21.69 -38.90
CA LEU A 425 10.84 -22.01 -37.58
C LEU A 425 11.94 -22.49 -36.65
N SER A 426 12.89 -23.26 -37.19
CA SER A 426 14.05 -23.70 -36.41
C SER A 426 14.92 -22.52 -35.97
N LEU A 427 15.14 -21.56 -36.87
CA LEU A 427 15.89 -20.36 -36.49
C LEU A 427 15.12 -19.52 -35.47
N ALA A 428 13.79 -19.51 -35.58
CA ALA A 428 12.97 -18.78 -34.62
C ALA A 428 12.99 -19.45 -33.25
N LEU A 429 13.07 -20.79 -33.22
CA LEU A 429 13.31 -21.49 -31.97
C LEU A 429 14.70 -21.18 -31.41
N ALA A 430 15.68 -21.02 -32.31
CA ALA A 430 17.04 -20.67 -31.88
C ALA A 430 17.09 -19.28 -31.25
N TRP A 431 16.37 -18.31 -31.82
CA TRP A 431 16.39 -16.96 -31.28
C TRP A 431 15.39 -16.72 -30.16
N ASN A 432 14.47 -17.68 -29.91
CA ASN A 432 13.41 -17.57 -28.91
C ASN A 432 12.55 -16.33 -29.12
N ARG A 433 12.12 -16.12 -30.36
CA ARG A 433 11.35 -14.93 -30.72
C ARG A 433 10.04 -15.40 -31.37
N VAL A 434 8.98 -15.45 -30.56
CA VAL A 434 7.71 -16.00 -31.04
C VAL A 434 6.99 -14.98 -31.92
N ASP A 435 7.29 -13.69 -31.74
CA ASP A 435 6.62 -12.64 -32.50
C ASP A 435 7.05 -12.66 -33.96
N ILE A 436 8.31 -12.99 -34.21
CA ILE A 436 8.83 -13.08 -35.57
C ILE A 436 8.12 -14.19 -36.33
N ALA A 437 7.99 -15.35 -35.69
CA ALA A 437 7.28 -16.48 -36.28
C ALA A 437 5.80 -16.17 -36.48
N ARG A 438 5.17 -15.53 -35.49
CA ARG A 438 3.76 -15.20 -35.55
C ARG A 438 3.45 -14.20 -36.66
N SER A 439 4.36 -13.24 -36.88
CA SER A 439 4.14 -12.23 -37.89
C SER A 439 4.50 -12.72 -39.29
N GLN A 440 5.56 -13.52 -39.42
CA GLN A 440 6.06 -13.86 -40.75
C GLN A 440 5.91 -15.33 -41.11
N ILE A 441 6.37 -16.23 -40.23
CA ILE A 441 6.55 -17.63 -40.60
C ILE A 441 5.20 -18.34 -40.71
N PHE A 442 4.28 -18.03 -39.80
CA PHE A 442 2.93 -18.61 -39.81
C PHE A 442 1.98 -17.54 -40.32
N ILE A 443 1.77 -17.51 -41.64
CA ILE A 443 0.93 -16.53 -42.29
C ILE A 443 -0.06 -17.25 -43.20
N TYR A 444 -1.01 -16.48 -43.74
CA TYR A 444 -2.01 -17.05 -44.62
C TYR A 444 -1.41 -17.40 -45.97
N GLY A 445 -1.60 -18.65 -46.39
CA GLY A 445 -1.09 -19.10 -47.68
C GLY A 445 0.29 -19.70 -47.63
N GLN A 446 0.94 -19.64 -46.46
CA GLN A 446 2.28 -20.18 -46.27
C GLN A 446 2.27 -21.71 -46.39
N GLN A 447 3.05 -22.24 -47.32
CA GLN A 447 3.04 -23.67 -47.57
C GLN A 447 3.93 -24.39 -46.55
N TRP A 448 3.32 -25.29 -45.77
CA TRP A 448 4.04 -26.10 -44.80
C TRP A 448 4.12 -27.55 -45.27
N PRO A 449 5.30 -28.19 -45.17
CA PRO A 449 5.38 -29.62 -45.44
C PRO A 449 4.63 -30.43 -44.40
N VAL A 450 4.14 -31.59 -44.82
CA VAL A 450 3.41 -32.48 -43.93
C VAL A 450 4.41 -33.21 -43.03
N GLY A 451 4.19 -33.12 -41.72
CA GLY A 451 5.07 -33.74 -40.75
C GLY A 451 6.18 -32.85 -40.23
N SER A 452 6.39 -31.69 -40.85
CA SER A 452 7.39 -30.75 -40.36
C SER A 452 6.95 -30.12 -39.04
N LEU A 453 5.63 -29.90 -38.89
CA LEU A 453 5.12 -29.30 -37.67
C LEU A 453 5.24 -30.23 -36.47
N GLU A 454 5.16 -31.55 -36.69
CA GLU A 454 5.35 -32.49 -35.59
C GLU A 454 6.80 -32.48 -35.09
N GLN A 455 7.76 -32.42 -36.03
CA GLN A 455 9.16 -32.37 -35.65
C GLN A 455 9.50 -31.03 -34.99
N ALA A 456 8.89 -29.94 -35.48
CA ALA A 456 9.05 -28.63 -34.86
C ALA A 456 8.43 -28.61 -33.46
N MET A 457 7.30 -29.30 -33.28
CA MET A 457 6.70 -29.44 -31.96
C MET A 457 7.58 -30.21 -31.00
N LEU A 458 8.21 -31.29 -31.49
CA LEU A 458 9.14 -32.07 -30.68
C LEU A 458 10.34 -31.22 -30.27
N ASP A 459 10.88 -30.44 -31.21
CA ASP A 459 12.02 -29.58 -30.92
C ASP A 459 11.63 -28.44 -29.97
N ALA A 460 10.41 -27.94 -30.08
CA ALA A 460 9.97 -26.88 -29.18
C ALA A 460 9.69 -27.42 -27.78
N LEU A 461 9.23 -28.66 -27.68
CA LEU A 461 8.97 -29.25 -26.37
C LEU A 461 10.26 -29.62 -25.65
N VAL A 462 11.28 -30.11 -26.37
CA VAL A 462 12.51 -30.49 -25.69
C VAL A 462 13.29 -29.25 -25.24
N LEU A 463 13.20 -28.14 -25.98
CA LEU A 463 13.94 -26.94 -25.64
C LEU A 463 13.23 -26.07 -24.61
N ASP A 464 12.04 -26.47 -24.16
CA ASP A 464 11.18 -25.73 -23.24
C ASP A 464 10.85 -24.34 -23.78
N ARG A 465 10.17 -24.30 -24.93
CA ARG A 465 9.70 -23.05 -25.56
C ARG A 465 8.18 -23.08 -25.51
N VAL A 466 7.62 -22.57 -24.41
CA VAL A 466 6.18 -22.69 -24.16
C VAL A 466 5.38 -21.84 -25.14
N ASP A 467 5.91 -20.68 -25.51
CA ASP A 467 5.19 -19.78 -26.42
C ASP A 467 5.15 -20.32 -27.85
N PHE A 468 6.16 -21.10 -28.23
CA PHE A 468 6.15 -21.71 -29.55
C PHE A 468 5.18 -22.89 -29.60
N VAL A 469 5.06 -23.62 -28.49
CA VAL A 469 4.07 -24.68 -28.41
C VAL A 469 2.66 -24.08 -28.45
N LYS A 470 2.48 -22.91 -27.81
CA LYS A 470 1.23 -22.17 -27.94
C LYS A 470 0.94 -21.77 -29.38
N LEU A 471 1.97 -21.31 -30.10
CA LEU A 471 1.76 -20.85 -31.48
C LEU A 471 1.42 -22.00 -32.42
N LEU A 472 2.16 -23.12 -32.32
CA LEU A 472 1.83 -24.27 -33.17
C LEU A 472 0.52 -24.94 -32.79
N ILE A 473 0.13 -24.93 -31.50
CA ILE A 473 -1.20 -25.43 -31.14
C ILE A 473 -2.28 -24.51 -31.69
N GLU A 474 -2.04 -23.20 -31.66
CA GLU A 474 -2.98 -22.25 -32.23
C GLU A 474 -2.93 -22.21 -33.77
N ASN A 475 -2.00 -22.92 -34.41
CA ASN A 475 -1.99 -23.02 -35.86
C ASN A 475 -2.27 -24.43 -36.36
N GLY A 476 -2.48 -25.39 -35.47
CA GLY A 476 -2.89 -26.73 -35.84
C GLY A 476 -1.80 -27.79 -35.83
N VAL A 477 -1.74 -28.56 -34.75
CA VAL A 477 -0.86 -29.73 -34.67
C VAL A 477 -1.64 -31.02 -34.38
N SER A 478 -2.79 -30.92 -33.70
CA SER A 478 -3.60 -32.07 -33.24
C SER A 478 -2.76 -32.95 -32.32
N MET A 479 -2.58 -32.48 -31.08
CA MET A 479 -1.68 -33.11 -30.09
C MET A 479 -2.03 -34.58 -29.83
N HIS A 480 -3.30 -34.97 -30.02
CA HIS A 480 -3.68 -36.38 -29.96
C HIS A 480 -2.93 -37.22 -30.99
N ARG A 481 -2.88 -36.75 -32.23
CA ARG A 481 -2.16 -37.47 -33.28
C ARG A 481 -0.65 -37.28 -33.18
N PHE A 482 -0.18 -36.32 -32.39
CA PHE A 482 1.26 -36.09 -32.29
C PHE A 482 1.93 -37.15 -31.43
N LEU A 483 1.53 -37.28 -30.17
CA LEU A 483 2.21 -38.15 -29.21
C LEU A 483 1.99 -39.62 -29.54
N THR A 484 3.08 -40.35 -29.69
CA THR A 484 3.11 -41.79 -29.60
C THR A 484 3.90 -42.18 -28.36
N ILE A 485 4.14 -43.48 -28.22
CA ILE A 485 4.99 -44.00 -27.16
C ILE A 485 6.43 -43.52 -27.34
N SER A 486 6.91 -43.60 -28.58
CA SER A 486 8.31 -43.29 -28.89
C SER A 486 8.62 -41.81 -28.70
N ARG A 487 7.68 -40.93 -29.09
CA ARG A 487 7.93 -39.50 -28.96
C ARG A 487 7.92 -39.05 -27.51
N LEU A 488 7.04 -39.61 -26.68
CA LEU A 488 7.05 -39.27 -25.25
C LEU A 488 8.32 -39.82 -24.58
N GLU A 489 8.76 -41.01 -25.00
CA GLU A 489 10.02 -41.55 -24.49
C GLU A 489 11.20 -40.68 -24.93
N GLU A 490 11.13 -40.11 -26.12
CA GLU A 490 12.15 -39.15 -26.57
C GLU A 490 12.11 -37.87 -25.74
N LEU A 491 10.90 -37.42 -25.39
CA LEU A 491 10.74 -36.28 -24.49
C LEU A 491 11.27 -36.55 -23.09
N TYR A 492 11.25 -37.80 -22.64
CA TYR A 492 11.68 -38.12 -21.28
C TYR A 492 13.19 -38.25 -21.15
N ASN A 493 13.89 -38.63 -22.22
CA ASN A 493 15.34 -38.74 -22.19
C ASN A 493 16.04 -37.65 -22.99
N THR A 494 15.40 -36.51 -23.19
CA THR A 494 16.07 -35.39 -23.83
C THR A 494 17.05 -34.74 -22.86
N ARG A 495 18.14 -34.21 -23.41
CA ARG A 495 19.09 -33.42 -22.66
C ARG A 495 19.20 -32.00 -23.20
N HIS A 496 18.41 -31.65 -24.22
CA HIS A 496 18.47 -30.35 -24.85
C HIS A 496 17.53 -29.36 -24.17
N GLY A 497 17.64 -29.21 -22.85
CA GLY A 497 16.71 -28.39 -22.12
C GLY A 497 17.15 -28.11 -20.70
N PRO A 498 16.19 -27.71 -19.86
CA PRO A 498 16.50 -27.41 -18.45
C PRO A 498 16.86 -28.67 -17.67
N SER A 499 17.42 -28.44 -16.49
CA SER A 499 17.86 -29.51 -15.62
C SER A 499 16.67 -30.21 -14.98
N ASN A 500 16.91 -31.42 -14.47
CA ASN A 500 15.87 -32.23 -13.86
C ASN A 500 16.44 -33.12 -12.77
N THR A 501 15.57 -33.59 -11.90
CA THR A 501 15.91 -34.58 -10.89
C THR A 501 15.38 -35.96 -11.25
N LEU A 502 15.12 -36.20 -12.55
CA LEU A 502 14.51 -37.45 -12.97
C LEU A 502 15.46 -38.63 -12.85
N TYR A 503 16.75 -38.41 -13.14
CA TYR A 503 17.73 -39.49 -13.13
C TYR A 503 17.93 -40.07 -11.73
N HIS A 504 17.92 -39.21 -10.71
CA HIS A 504 18.02 -39.66 -9.33
C HIS A 504 16.83 -40.51 -8.94
N LEU A 505 15.63 -40.10 -9.36
CA LEU A 505 14.40 -40.84 -9.06
C LEU A 505 14.40 -42.20 -9.75
N VAL A 506 14.81 -42.25 -11.02
CA VAL A 506 14.86 -43.52 -11.74
C VAL A 506 15.91 -44.45 -11.14
N ARG A 507 17.06 -43.89 -10.71
CA ARG A 507 18.07 -44.70 -10.04
C ARG A 507 17.53 -45.28 -8.74
N ASP A 508 16.79 -44.47 -7.97
CA ASP A 508 16.23 -44.94 -6.71
C ASP A 508 15.18 -46.02 -6.92
N VAL A 509 14.31 -45.88 -7.94
CA VAL A 509 13.25 -46.86 -8.11
C VAL A 509 13.79 -48.15 -8.72
N LYS A 510 14.84 -48.06 -9.55
CA LYS A 510 15.45 -49.29 -10.06
C LYS A 510 16.32 -49.96 -9.00
N LYS A 511 16.83 -49.18 -8.05
CA LYS A 511 17.51 -49.78 -6.89
C LYS A 511 16.52 -50.48 -5.97
N ARG A 512 15.35 -49.87 -5.77
CA ARG A 512 14.32 -50.49 -4.94
C ARG A 512 13.67 -51.68 -5.63
N GLU A 513 13.65 -51.69 -6.96
CA GLU A 513 13.08 -52.82 -7.70
C GLU A 513 14.01 -54.03 -7.64
N TYR A 514 15.31 -53.78 -7.51
CA TYR A 514 16.29 -54.86 -7.42
C TYR A 514 16.26 -55.53 -6.05
N LEU A 526 23.23 -48.06 -11.96
CA LEU A 526 22.54 -47.73 -13.20
C LEU A 526 23.54 -47.32 -14.27
N PRO A 527 23.45 -47.93 -15.45
CA PRO A 527 24.30 -47.53 -16.58
C PRO A 527 24.07 -46.07 -16.96
N PRO A 528 25.12 -45.30 -17.34
CA PRO A 528 24.97 -43.84 -17.60
C PRO A 528 24.26 -43.61 -18.93
N ASP A 529 23.87 -44.69 -19.61
CA ASP A 529 23.19 -44.57 -20.92
C ASP A 529 21.84 -45.30 -20.85
N TYR A 530 21.25 -45.36 -19.65
CA TYR A 530 19.97 -46.11 -19.48
C TYR A 530 18.81 -45.32 -20.11
N ARG A 531 18.42 -45.69 -21.33
CA ARG A 531 17.25 -45.08 -21.94
C ARG A 531 16.05 -45.42 -21.07
N ILE A 532 15.57 -44.44 -20.32
CA ILE A 532 14.55 -44.68 -19.30
C ILE A 532 13.21 -44.96 -19.97
N SER A 533 12.65 -46.12 -19.68
CA SER A 533 11.39 -46.56 -20.26
C SER A 533 10.22 -45.85 -19.59
N LEU A 534 9.07 -45.85 -20.27
CA LEU A 534 7.86 -45.28 -19.67
C LEU A 534 7.37 -46.11 -18.50
N ILE A 535 7.71 -47.41 -18.49
CA ILE A 535 7.41 -48.28 -17.35
C ILE A 535 8.18 -47.79 -16.12
N ASP A 536 9.46 -47.44 -16.31
CA ASP A 536 10.26 -46.89 -15.23
C ASP A 536 9.71 -45.55 -14.74
N ILE A 537 9.24 -44.72 -15.67
CA ILE A 537 8.55 -43.48 -15.32
C ILE A 537 7.32 -43.77 -14.48
N GLY A 538 6.55 -44.80 -14.85
CA GLY A 538 5.40 -45.20 -14.05
C GLY A 538 5.76 -45.65 -12.64
N LEU A 539 6.89 -46.34 -12.52
CA LEU A 539 7.40 -46.70 -11.18
C LEU A 539 7.78 -45.47 -10.37
N VAL A 540 8.32 -44.45 -11.04
CA VAL A 540 8.58 -43.16 -10.37
C VAL A 540 7.27 -42.52 -9.90
N ILE A 541 6.20 -42.63 -10.72
CA ILE A 541 4.90 -42.07 -10.31
C ILE A 541 4.33 -42.83 -9.12
N GLU A 542 4.46 -44.17 -9.09
CA GLU A 542 4.02 -44.91 -7.91
C GLU A 542 4.85 -44.59 -6.68
N TYR A 543 6.15 -44.38 -6.84
CA TYR A 543 6.99 -44.10 -5.68
C TYR A 543 6.69 -42.71 -5.13
N LEU A 544 6.55 -41.71 -6.01
CA LEU A 544 6.31 -40.35 -5.54
C LEU A 544 4.88 -40.19 -5.04
N MET A 545 3.90 -40.73 -5.78
CA MET A 545 2.49 -40.55 -5.43
C MET A 545 2.16 -41.27 -4.13
N GLY A 546 2.67 -42.48 -3.97
CA GLY A 546 2.56 -43.21 -2.73
C GLY A 546 1.20 -43.87 -2.55
N GLY A 547 1.06 -44.56 -1.43
CA GLY A 547 -0.16 -45.24 -1.05
C GLY A 547 -0.59 -46.34 -2.00
N ALA A 548 -1.72 -46.12 -2.68
CA ALA A 548 -2.32 -47.12 -3.54
C ALA A 548 -2.37 -46.73 -5.00
N TYR A 549 -1.64 -45.68 -5.40
CA TYR A 549 -1.68 -45.22 -6.78
C TYR A 549 -0.96 -46.23 -7.67
N ARG A 550 -1.68 -46.83 -8.61
CA ARG A 550 -1.10 -47.69 -9.65
C ARG A 550 -1.28 -46.98 -10.98
N CYS A 551 -0.18 -46.54 -11.57
CA CYS A 551 -0.22 -45.78 -12.81
C CYS A 551 -0.59 -46.70 -13.98
N ASN A 552 -1.17 -46.10 -15.03
CA ASN A 552 -1.61 -46.83 -16.21
C ASN A 552 -0.41 -47.43 -16.95
N TYR A 553 0.77 -46.80 -16.81
CA TYR A 553 2.00 -47.33 -17.38
C TYR A 553 2.35 -48.70 -16.79
N THR A 554 2.23 -48.82 -15.47
CA THR A 554 2.64 -50.05 -14.80
C THR A 554 1.58 -51.13 -14.89
N ARG A 555 0.38 -50.79 -15.36
CA ARG A 555 -0.66 -51.79 -15.58
C ARG A 555 -0.26 -52.72 -16.72
N LYS A 556 -0.79 -53.94 -16.68
CA LYS A 556 -0.28 -55.04 -17.50
C LYS A 556 -0.49 -54.80 -18.99
N ARG A 557 -1.58 -54.13 -19.35
CA ARG A 557 -1.90 -53.84 -20.75
C ARG A 557 -0.84 -52.98 -21.42
N PHE A 558 -0.39 -51.93 -20.73
CA PHE A 558 0.62 -51.06 -21.30
C PHE A 558 1.97 -51.77 -21.32
N ARG A 559 2.19 -52.70 -20.38
CA ARG A 559 3.37 -53.56 -20.43
C ARG A 559 3.38 -54.46 -21.66
N THR A 560 2.23 -55.04 -22.02
CA THR A 560 2.21 -55.88 -23.23
C THR A 560 2.30 -55.05 -24.50
N LEU A 561 1.80 -53.80 -24.47
CA LEU A 561 2.03 -52.92 -25.62
C LEU A 561 3.49 -52.49 -25.72
N TYR A 562 4.15 -52.25 -24.58
CA TYR A 562 5.52 -51.77 -24.60
C TYR A 562 6.50 -52.89 -24.92
N HIS A 563 6.18 -54.12 -24.52
CA HIS A 563 7.07 -55.25 -24.72
C HIS A 563 6.85 -55.96 -26.06
N ASN A 564 5.89 -55.49 -26.86
CA ASN A 564 5.65 -56.05 -28.19
C ASN A 564 5.75 -55.01 -29.29
N LEU A 565 6.11 -53.76 -28.95
CA LEU A 565 6.26 -52.72 -29.95
C LEU A 565 7.50 -51.88 -29.67
N PHE A 566 8.26 -52.26 -28.64
CA PHE A 566 9.47 -51.54 -28.27
C PHE A 566 10.45 -52.48 -27.57
N GLU A 607 -4.00 -46.90 -34.21
CA GLU A 607 -4.18 -45.85 -33.22
C GLU A 607 -3.98 -46.39 -31.81
N ILE A 608 -3.18 -47.45 -31.70
CA ILE A 608 -2.89 -48.07 -30.41
C ILE A 608 -1.78 -47.34 -29.67
N ASN A 609 -0.76 -46.89 -30.41
CA ASN A 609 0.34 -46.16 -29.79
C ASN A 609 -0.01 -44.73 -29.41
N HIS A 610 -1.12 -44.20 -29.92
CA HIS A 610 -1.57 -42.87 -29.53
C HIS A 610 -2.16 -42.89 -28.12
N PHE A 611 -2.17 -41.72 -27.50
CA PHE A 611 -2.72 -41.67 -26.14
C PHE A 611 -4.10 -41.02 -26.17
N PRO A 612 -5.06 -41.61 -25.43
CA PRO A 612 -6.45 -41.16 -25.50
C PRO A 612 -6.66 -39.74 -24.99
N PHE A 613 -5.93 -39.36 -23.93
CA PHE A 613 -6.02 -38.02 -23.37
C PHE A 613 -4.60 -37.46 -23.18
N PRO A 614 -3.97 -36.96 -24.24
CA PRO A 614 -2.50 -36.72 -24.20
C PRO A 614 -2.02 -35.68 -23.21
N PHE A 615 -2.89 -34.73 -22.84
CA PHE A 615 -2.47 -33.60 -22.01
C PHE A 615 -2.17 -34.04 -20.58
N HIS A 616 -2.73 -35.17 -20.16
CA HIS A 616 -2.42 -35.75 -18.85
C HIS A 616 -0.98 -36.27 -18.81
N GLU A 617 -0.56 -36.98 -19.86
CA GLU A 617 0.82 -37.44 -19.93
C GLU A 617 1.78 -36.27 -20.11
N LEU A 618 1.32 -35.20 -20.79
CA LEU A 618 2.14 -33.99 -20.88
C LEU A 618 2.27 -33.27 -19.55
N MET A 619 1.20 -33.27 -18.74
CA MET A 619 1.31 -32.86 -17.34
C MET A 619 2.37 -33.66 -16.59
N VAL A 620 2.32 -34.98 -16.73
CA VAL A 620 3.25 -35.84 -15.99
C VAL A 620 4.69 -35.57 -16.42
N TRP A 621 4.90 -35.44 -17.73
CA TRP A 621 6.21 -35.13 -18.30
C TRP A 621 6.73 -33.77 -17.87
N ALA A 622 5.86 -32.76 -17.81
CA ALA A 622 6.28 -31.42 -17.45
C ALA A 622 6.57 -31.31 -15.95
N VAL A 623 5.79 -31.99 -15.12
CA VAL A 623 6.01 -31.94 -13.67
C VAL A 623 7.27 -32.71 -13.29
N LEU A 624 7.49 -33.89 -13.90
CA LEU A 624 8.64 -34.70 -13.51
C LEU A 624 9.96 -34.07 -13.94
N MET A 625 9.95 -33.28 -15.01
CA MET A 625 11.17 -32.65 -15.49
C MET A 625 11.24 -31.15 -15.18
N LYS A 626 10.56 -30.68 -14.13
CA LYS A 626 10.66 -29.36 -13.51
C LYS A 626 10.07 -28.23 -14.37
N ARG A 627 9.68 -28.53 -15.62
CA ARG A 627 9.30 -27.52 -16.62
C ARG A 627 7.92 -26.94 -16.28
N GLN A 628 7.94 -25.75 -15.68
CA GLN A 628 6.79 -25.28 -14.93
C GLN A 628 5.80 -24.50 -15.81
N LYS A 629 6.29 -23.54 -16.59
CA LYS A 629 5.40 -22.76 -17.47
C LYS A 629 4.75 -23.66 -18.52
N MET A 630 5.50 -24.67 -18.98
CA MET A 630 4.95 -25.69 -19.86
C MET A 630 3.85 -26.47 -19.15
N ALA A 631 4.00 -26.72 -17.84
CA ALA A 631 2.99 -27.43 -17.07
C ALA A 631 1.72 -26.59 -16.90
N LEU A 632 1.87 -25.29 -16.65
CA LEU A 632 0.72 -24.37 -16.60
C LEU A 632 -0.03 -24.31 -17.92
N PHE A 633 0.73 -24.24 -19.03
CA PHE A 633 0.12 -24.28 -20.36
C PHE A 633 -0.64 -25.58 -20.59
N PHE A 634 -0.05 -26.71 -20.18
CA PHE A 634 -0.72 -27.97 -20.38
C PHE A 634 -1.86 -28.15 -19.38
N TRP A 635 -1.86 -27.37 -18.31
CA TRP A 635 -2.95 -27.44 -17.34
C TRP A 635 -4.18 -26.73 -17.89
N GLN A 636 -3.96 -25.61 -18.60
CA GLN A 636 -5.07 -24.87 -19.21
C GLN A 636 -5.79 -25.73 -20.25
N HIS A 637 -5.04 -26.41 -21.11
CA HIS A 637 -5.62 -27.17 -22.21
C HIS A 637 -5.70 -28.64 -21.84
N GLY A 638 -6.91 -29.14 -21.71
CA GLY A 638 -7.13 -30.55 -21.43
C GLY A 638 -8.19 -30.73 -20.38
N GLU A 639 -8.63 -31.98 -20.24
CA GLU A 639 -9.69 -32.36 -19.32
C GLU A 639 -9.11 -32.78 -17.97
N GLU A 640 -9.99 -32.89 -16.98
CA GLU A 640 -9.70 -33.42 -15.63
C GLU A 640 -8.58 -32.65 -14.95
N ALA A 641 -8.69 -31.32 -15.01
CA ALA A 641 -7.61 -30.44 -14.57
C ALA A 641 -7.49 -30.37 -13.05
N MET A 642 -8.59 -30.65 -12.32
CA MET A 642 -8.49 -30.72 -10.86
C MET A 642 -7.63 -31.90 -10.43
N ALA A 643 -7.84 -33.06 -11.06
CA ALA A 643 -7.04 -34.24 -10.78
C ALA A 643 -5.59 -34.02 -11.16
N LYS A 644 -5.36 -33.37 -12.30
CA LYS A 644 -4.01 -33.03 -12.76
C LYS A 644 -3.33 -32.07 -11.79
N ALA A 645 -4.07 -31.09 -11.28
CA ALA A 645 -3.51 -30.12 -10.33
C ALA A 645 -3.12 -30.78 -9.02
N LEU A 646 -3.98 -31.65 -8.49
CA LEU A 646 -3.68 -32.31 -7.23
C LEU A 646 -2.56 -33.34 -7.37
N VAL A 647 -2.53 -34.08 -8.49
CA VAL A 647 -1.44 -35.02 -8.75
C VAL A 647 -0.12 -34.28 -8.94
N ALA A 648 -0.18 -33.13 -9.62
CA ALA A 648 1.02 -32.30 -9.80
C ALA A 648 1.52 -31.74 -8.48
N CYS A 649 0.60 -31.36 -7.59
CA CYS A 649 0.97 -30.91 -6.26
C CYS A 649 1.64 -32.01 -5.44
N LYS A 650 1.07 -33.22 -5.47
CA LYS A 650 1.66 -34.34 -4.73
C LYS A 650 3.01 -34.74 -5.31
N LEU A 651 3.11 -34.77 -6.64
CA LEU A 651 4.36 -35.11 -7.30
C LEU A 651 5.45 -34.08 -7.01
N CYS A 652 5.09 -32.80 -7.00
CA CYS A 652 6.08 -31.76 -6.75
C CYS A 652 6.53 -31.77 -5.29
N LYS A 653 5.59 -31.98 -4.35
CA LYS A 653 5.99 -32.09 -2.94
C LYS A 653 6.85 -33.33 -2.70
N ALA A 654 6.52 -34.44 -3.35
CA ALA A 654 7.28 -35.66 -3.14
C ALA A 654 8.67 -35.58 -3.78
N MET A 655 8.77 -34.91 -4.94
CA MET A 655 10.09 -34.65 -5.51
C MET A 655 10.90 -33.68 -4.65
N ALA A 656 10.24 -32.73 -4.00
CA ALA A 656 10.93 -31.86 -3.04
C ALA A 656 11.44 -32.65 -1.85
N HIS A 657 10.64 -33.59 -1.35
CA HIS A 657 11.05 -34.42 -0.22
C HIS A 657 12.17 -35.37 -0.61
N GLU A 658 12.14 -35.88 -1.84
CA GLU A 658 13.21 -36.76 -2.31
C GLU A 658 14.50 -35.97 -2.56
N ALA A 659 14.37 -34.72 -3.01
CA ALA A 659 15.54 -33.87 -3.19
C ALA A 659 16.13 -33.48 -1.84
N SER A 660 15.29 -33.17 -0.86
CA SER A 660 15.78 -32.82 0.46
C SER A 660 16.31 -34.04 1.20
N GLU A 661 15.85 -35.24 0.82
CA GLU A 661 16.42 -36.47 1.37
C GLU A 661 17.86 -36.65 0.91
N ASN A 662 18.13 -36.38 -0.38
CA ASN A 662 19.46 -36.48 -0.96
C ASN A 662 20.31 -35.23 -0.71
N ASP A 663 19.75 -34.25 0.00
CA ASP A 663 20.33 -32.94 0.28
C ASP A 663 20.81 -32.22 -0.96
N MET A 664 20.00 -32.20 -2.01
CA MET A 664 20.27 -31.37 -3.16
C MET A 664 20.10 -29.89 -2.81
N VAL A 665 20.51 -29.03 -3.74
CA VAL A 665 20.58 -27.59 -3.59
C VAL A 665 19.23 -27.00 -3.19
N ASP A 666 19.25 -25.96 -2.36
CA ASP A 666 18.05 -25.38 -1.76
C ASP A 666 17.14 -24.78 -2.82
N ASP A 667 17.71 -24.33 -3.94
CA ASP A 667 16.92 -23.84 -5.06
C ASP A 667 16.04 -24.93 -5.64
N ILE A 668 16.55 -26.17 -5.73
CA ILE A 668 15.81 -27.29 -6.28
C ILE A 668 14.59 -27.63 -5.44
N SER A 669 14.81 -27.86 -4.14
CA SER A 669 13.71 -28.27 -3.26
C SER A 669 12.74 -27.11 -3.01
N GLN A 670 13.28 -25.90 -2.88
CA GLN A 670 12.43 -24.73 -2.67
C GLN A 670 11.58 -24.43 -3.90
N GLU A 671 12.15 -24.65 -5.10
CA GLU A 671 11.39 -24.50 -6.34
C GLU A 671 10.31 -25.56 -6.46
N LEU A 672 10.61 -26.80 -6.03
CA LEU A 672 9.61 -27.85 -6.11
C LEU A 672 8.46 -27.63 -5.12
N ASN A 673 8.77 -27.18 -3.90
CA ASN A 673 7.70 -26.80 -2.97
C ASN A 673 6.93 -25.58 -3.44
N HIS A 674 7.61 -24.65 -4.13
CA HIS A 674 6.91 -23.51 -4.71
C HIS A 674 5.96 -23.96 -5.81
N ASN A 675 6.39 -24.92 -6.62
CA ASN A 675 5.56 -25.46 -7.69
C ASN A 675 4.35 -26.21 -7.14
N SER A 676 4.56 -26.96 -6.04
CA SER A 676 3.43 -27.66 -5.42
C SER A 676 2.44 -26.67 -4.81
N ARG A 677 2.93 -25.59 -4.20
CA ARG A 677 2.01 -24.59 -3.66
C ARG A 677 1.25 -23.87 -4.77
N ASP A 678 1.90 -23.56 -5.90
CA ASP A 678 1.19 -22.94 -7.02
C ASP A 678 0.11 -23.85 -7.60
N PHE A 679 0.46 -25.12 -7.85
CA PHE A 679 -0.52 -26.06 -8.41
C PHE A 679 -1.68 -26.33 -7.45
N GLY A 680 -1.38 -26.40 -6.15
CA GLY A 680 -2.44 -26.53 -5.17
C GLY A 680 -3.33 -25.30 -5.10
N GLN A 681 -2.74 -24.12 -5.29
CA GLN A 681 -3.54 -22.89 -5.30
C GLN A 681 -4.44 -22.82 -6.53
N LEU A 682 -3.95 -23.33 -7.68
CA LEU A 682 -4.80 -23.51 -8.85
C LEU A 682 -5.98 -24.42 -8.55
N ALA A 683 -5.71 -25.55 -7.87
CA ALA A 683 -6.77 -26.50 -7.51
C ALA A 683 -7.81 -25.85 -6.58
N VAL A 684 -7.33 -25.07 -5.60
CA VAL A 684 -8.23 -24.40 -4.66
C VAL A 684 -9.11 -23.36 -5.38
N GLU A 685 -8.51 -22.52 -6.23
CA GLU A 685 -9.28 -21.46 -6.87
C GLU A 685 -10.28 -22.02 -7.89
N LEU A 686 -9.89 -23.09 -8.58
CA LEU A 686 -10.83 -23.77 -9.47
C LEU A 686 -11.95 -24.44 -8.68
N LEU A 687 -11.65 -24.96 -7.48
CA LEU A 687 -12.68 -25.49 -6.60
C LEU A 687 -13.64 -24.39 -6.13
N ASP A 688 -13.11 -23.22 -5.79
CA ASP A 688 -13.93 -22.08 -5.39
C ASP A 688 -14.89 -21.67 -6.49
N GLN A 689 -14.41 -21.60 -7.72
CA GLN A 689 -15.30 -21.13 -8.78
C GLN A 689 -16.29 -22.22 -9.21
N SER A 690 -15.88 -23.49 -9.09
CA SER A 690 -16.82 -24.59 -9.29
C SER A 690 -17.91 -24.58 -8.22
N TYR A 691 -17.56 -24.18 -7.00
CA TYR A 691 -18.56 -23.98 -5.95
C TYR A 691 -19.49 -22.82 -6.28
N LYS A 692 -18.94 -21.72 -6.79
CA LYS A 692 -19.75 -20.53 -7.06
C LYS A 692 -20.74 -20.75 -8.20
N GLN A 693 -20.32 -21.45 -9.26
CA GLN A 693 -21.21 -21.61 -10.41
C GLN A 693 -22.35 -22.58 -10.15
N ASP A 694 -22.05 -23.85 -9.91
CA ASP A 694 -23.07 -24.87 -9.67
C ASP A 694 -22.52 -25.82 -8.60
N GLU A 695 -23.23 -25.87 -7.46
CA GLU A 695 -22.74 -26.63 -6.31
C GLU A 695 -22.86 -28.13 -6.53
N GLN A 696 -23.96 -28.58 -7.15
CA GLN A 696 -24.20 -30.01 -7.31
C GLN A 696 -23.20 -30.64 -8.28
N LEU A 697 -22.94 -29.96 -9.39
CA LEU A 697 -21.90 -30.42 -10.30
C LEU A 697 -20.50 -30.26 -9.71
N ALA A 698 -20.32 -29.36 -8.73
CA ALA A 698 -19.06 -29.31 -8.00
C ALA A 698 -18.88 -30.55 -7.13
N MET A 699 -19.96 -31.00 -6.48
CA MET A 699 -19.93 -32.25 -5.71
C MET A 699 -19.61 -33.44 -6.62
N LYS A 700 -20.25 -33.46 -7.80
CA LYS A 700 -19.98 -34.52 -8.78
C LYS A 700 -18.54 -34.46 -9.28
N LEU A 701 -18.02 -33.23 -9.47
CA LEU A 701 -16.65 -33.04 -9.91
C LEU A 701 -15.63 -33.52 -8.87
N LEU A 702 -15.92 -33.31 -7.59
CA LEU A 702 -15.02 -33.82 -6.57
C LEU A 702 -15.22 -35.30 -6.27
N THR A 703 -16.30 -35.93 -6.73
CA THR A 703 -16.48 -37.33 -6.35
C THR A 703 -16.54 -38.34 -7.49
N TYR A 704 -16.27 -37.96 -8.75
CA TYR A 704 -16.44 -38.99 -9.76
C TYR A 704 -15.18 -39.85 -9.81
N GLU A 705 -15.27 -41.00 -10.47
CA GLU A 705 -14.21 -42.00 -10.43
C GLU A 705 -13.25 -41.70 -11.59
N LEU A 706 -12.09 -41.15 -11.24
CA LEU A 706 -11.04 -40.78 -12.18
C LEU A 706 -10.36 -42.01 -12.76
N LYS A 707 -10.80 -42.45 -13.94
CA LYS A 707 -10.32 -43.71 -14.51
C LYS A 707 -8.84 -43.65 -14.88
N ASN A 708 -8.36 -42.47 -15.31
CA ASN A 708 -6.95 -42.34 -15.65
C ASN A 708 -6.06 -42.27 -14.41
N TRP A 709 -6.52 -41.59 -13.36
CA TRP A 709 -5.73 -41.38 -12.16
C TRP A 709 -6.06 -42.41 -11.07
N SER A 710 -5.87 -43.69 -11.45
CA SER A 710 -5.83 -44.85 -10.54
C SER A 710 -7.14 -44.99 -9.75
N ASN A 711 -8.26 -44.73 -10.45
CA ASN A 711 -9.63 -44.99 -10.01
C ASN A 711 -10.00 -44.29 -8.69
N ALA A 712 -9.33 -43.20 -8.36
CA ALA A 712 -9.57 -42.48 -7.13
C ALA A 712 -10.50 -41.29 -7.41
N THR A 713 -10.64 -40.41 -6.42
CA THR A 713 -11.38 -39.17 -6.59
C THR A 713 -10.44 -38.01 -6.33
N CYS A 714 -10.97 -36.80 -6.49
CA CYS A 714 -10.18 -35.60 -6.20
C CYS A 714 -9.90 -35.46 -4.71
N LEU A 715 -10.84 -35.90 -3.86
CA LEU A 715 -10.65 -35.83 -2.42
C LEU A 715 -9.53 -36.74 -1.96
N GLN A 716 -9.45 -37.95 -2.52
CA GLN A 716 -8.38 -38.87 -2.16
C GLN A 716 -7.02 -38.35 -2.59
N LEU A 717 -6.96 -37.73 -3.78
CA LEU A 717 -5.70 -37.16 -4.26
C LEU A 717 -5.29 -35.96 -3.42
N ALA A 718 -6.26 -35.18 -2.96
CA ALA A 718 -5.94 -34.00 -2.14
C ALA A 718 -5.48 -34.40 -0.75
N VAL A 719 -6.14 -35.40 -0.15
CA VAL A 719 -5.77 -35.86 1.19
C VAL A 719 -4.43 -36.60 1.16
N ALA A 720 -4.16 -37.29 0.05
CA ALA A 720 -2.83 -37.82 -0.20
C ALA A 720 -1.80 -36.69 -0.28
N ALA A 721 -2.19 -35.57 -0.88
CA ALA A 721 -1.32 -34.40 -1.01
C ALA A 721 -1.20 -33.58 0.26
N LYS A 722 -1.95 -33.93 1.31
CA LYS A 722 -1.95 -33.24 2.62
C LYS A 722 -2.24 -31.75 2.46
N HIS A 723 -3.20 -31.44 1.58
CA HIS A 723 -3.48 -30.08 1.14
C HIS A 723 -4.64 -29.53 1.96
N ARG A 724 -4.29 -28.80 3.03
CA ARG A 724 -5.24 -28.42 4.07
C ARG A 724 -6.37 -27.54 3.54
N ASP A 725 -6.03 -26.54 2.75
CA ASP A 725 -7.03 -25.55 2.34
C ASP A 725 -7.97 -26.05 1.24
N PHE A 726 -7.64 -27.18 0.61
CA PHE A 726 -8.56 -27.77 -0.36
C PHE A 726 -9.74 -28.40 0.36
N ILE A 727 -9.47 -29.24 1.35
CA ILE A 727 -10.53 -29.91 2.10
C ILE A 727 -11.22 -28.92 3.04
N ALA A 728 -10.50 -27.92 3.53
CA ALA A 728 -11.11 -26.95 4.44
C ALA A 728 -12.06 -25.98 3.73
N HIS A 729 -12.12 -26.03 2.40
CA HIS A 729 -13.12 -25.26 1.66
C HIS A 729 -14.52 -25.79 1.94
N THR A 730 -15.50 -24.88 1.85
CA THR A 730 -16.88 -25.15 2.24
C THR A 730 -17.57 -26.23 1.41
N CYS A 731 -17.18 -26.38 0.15
CA CYS A 731 -17.78 -27.39 -0.72
C CYS A 731 -17.49 -28.81 -0.24
N SER A 732 -16.21 -29.11 -0.04
CA SER A 732 -15.84 -30.46 0.35
C SER A 732 -16.13 -30.73 1.82
N GLN A 733 -16.04 -29.70 2.67
CA GLN A 733 -16.57 -29.79 4.03
C GLN A 733 -18.06 -30.07 4.07
N MET A 734 -18.82 -29.46 3.18
CA MET A 734 -20.26 -29.70 3.07
C MET A 734 -20.52 -31.12 2.65
N LEU A 735 -19.73 -31.62 1.69
CA LEU A 735 -19.90 -32.98 1.20
C LEU A 735 -19.52 -34.01 2.28
N LEU A 736 -18.46 -33.72 3.04
CA LEU A 736 -18.07 -34.58 4.16
C LEU A 736 -19.11 -34.57 5.27
N THR A 737 -19.73 -33.42 5.53
CA THR A 737 -20.81 -33.36 6.52
C THR A 737 -22.03 -34.15 6.05
N ASP A 738 -22.33 -34.09 4.75
CA ASP A 738 -23.43 -34.87 4.19
C ASP A 738 -23.14 -36.37 4.20
N MET A 739 -21.87 -36.75 4.17
CA MET A 739 -21.51 -38.16 4.31
C MET A 739 -21.52 -38.62 5.77
N TRP A 740 -20.99 -37.78 6.66
CA TRP A 740 -21.06 -37.97 8.11
C TRP A 740 -22.48 -38.21 8.61
N MET A 741 -23.44 -37.45 8.10
CA MET A 741 -24.81 -37.64 8.55
C MET A 741 -25.51 -38.77 7.82
N GLY A 742 -24.91 -39.33 6.77
CA GLY A 742 -25.49 -40.40 5.99
C GLY A 742 -26.84 -40.08 5.38
N ARG A 743 -27.82 -40.94 5.61
CA ARG A 743 -29.18 -40.70 5.16
C ARG A 743 -29.99 -39.89 6.16
N LEU A 744 -29.46 -39.63 7.36
CA LEU A 744 -30.16 -38.88 8.37
C LEU A 744 -30.15 -37.39 8.02
N ARG A 745 -31.21 -36.70 8.41
CA ARG A 745 -31.33 -35.27 8.12
C ARG A 745 -31.42 -34.47 9.42
N MET A 746 -31.22 -35.09 10.58
CA MET A 746 -31.23 -34.40 11.87
C MET A 746 -29.90 -33.73 12.15
N ARG A 747 -29.51 -32.79 11.29
CA ARG A 747 -28.26 -32.06 11.40
C ARG A 747 -28.32 -30.93 12.42
N LYS A 748 -29.50 -30.61 12.94
CA LYS A 748 -29.64 -29.48 13.86
C LYS A 748 -29.35 -29.92 15.29
N ASN A 749 -28.17 -29.53 15.78
CA ASN A 749 -27.62 -29.84 17.10
C ASN A 749 -27.64 -31.35 17.30
N SER A 750 -26.86 -32.07 16.49
CA SER A 750 -26.83 -33.52 16.54
C SER A 750 -25.90 -34.00 17.65
N GLY A 751 -25.57 -35.29 17.64
CA GLY A 751 -24.78 -35.84 18.70
C GLY A 751 -25.63 -36.34 19.85
N LEU A 752 -26.28 -35.42 20.57
CA LEU A 752 -27.16 -35.81 21.67
C LEU A 752 -28.37 -36.58 21.17
N LYS A 753 -28.99 -36.12 20.09
CA LYS A 753 -30.10 -36.85 19.47
C LYS A 753 -29.63 -38.20 18.93
N VAL A 754 -28.38 -38.27 18.48
CA VAL A 754 -27.80 -39.54 18.04
C VAL A 754 -27.69 -40.51 19.22
N ILE A 755 -27.18 -40.03 20.35
CA ILE A 755 -27.02 -40.86 21.55
C ILE A 755 -28.37 -41.33 22.10
N LEU A 756 -29.39 -40.46 22.05
CA LEU A 756 -30.74 -40.91 22.40
C LEU A 756 -31.29 -41.88 21.36
N GLY A 757 -30.82 -41.80 20.12
CA GLY A 757 -31.14 -42.82 19.14
C GLY A 757 -30.56 -44.18 19.47
N ILE A 758 -29.31 -44.24 19.94
CA ILE A 758 -28.78 -45.52 20.40
C ILE A 758 -29.46 -45.99 21.68
N LEU A 759 -29.44 -45.19 22.75
CA LEU A 759 -29.88 -45.61 24.07
C LEU A 759 -31.38 -45.85 24.14
N LEU A 760 -32.15 -45.22 23.25
CA LEU A 760 -33.58 -45.48 23.08
C LEU A 760 -33.83 -45.86 21.63
N PRO A 761 -33.94 -47.17 21.34
CA PRO A 761 -34.30 -47.62 19.97
C PRO A 761 -35.68 -47.13 19.50
N PRO A 762 -36.73 -46.95 20.38
CA PRO A 762 -37.93 -46.24 19.88
C PRO A 762 -37.73 -44.79 19.44
N SER A 763 -36.66 -44.13 19.90
CA SER A 763 -36.43 -42.73 19.54
C SER A 763 -35.98 -42.56 18.08
N ILE A 764 -35.62 -43.66 17.41
CA ILE A 764 -35.20 -43.60 16.02
C ILE A 764 -36.37 -43.19 15.12
N LEU A 765 -37.58 -43.63 15.48
CA LEU A 765 -38.78 -43.39 14.66
C LEU A 765 -39.19 -41.93 14.59
N SER A 766 -38.73 -41.09 15.52
CA SER A 766 -39.07 -39.68 15.54
C SER A 766 -38.06 -38.82 14.81
N LEU A 767 -37.10 -39.43 14.12
CA LEU A 767 -36.04 -38.69 13.43
C LEU A 767 -36.40 -38.49 11.97
N GLU A 768 -35.94 -37.37 11.41
CA GLU A 768 -36.21 -37.02 10.01
C GLU A 768 -35.10 -37.60 9.15
N PHE A 769 -35.48 -38.43 8.17
CA PHE A 769 -34.53 -39.04 7.26
C PHE A 769 -34.65 -38.39 5.88
N LYS A 770 -33.94 -38.92 4.88
CA LYS A 770 -33.93 -38.38 3.54
C LYS A 770 -34.39 -39.44 2.56
N ASN A 771 -35.32 -39.07 1.68
CA ASN A 771 -35.80 -39.96 0.63
C ASN A 771 -34.83 -39.89 -0.55
N LYS A 772 -34.22 -41.02 -0.90
CA LYS A 772 -33.26 -41.06 -2.00
C LYS A 772 -33.95 -41.02 -3.35
N LEU A 834 -43.81 -52.31 7.97
CA LEU A 834 -42.66 -53.16 8.30
C LEU A 834 -41.44 -52.79 7.47
N ILE A 835 -41.64 -52.68 6.17
CA ILE A 835 -40.59 -52.26 5.23
C ILE A 835 -40.06 -50.85 5.49
N PRO A 836 -40.88 -49.79 5.69
CA PRO A 836 -40.25 -48.48 5.98
C PRO A 836 -39.60 -48.40 7.34
N LEU A 837 -40.11 -49.14 8.34
CA LEU A 837 -39.46 -49.20 9.64
C LEU A 837 -38.11 -49.90 9.55
N GLY A 838 -38.04 -50.99 8.80
CA GLY A 838 -36.78 -51.68 8.60
C GLY A 838 -35.77 -50.85 7.82
N ARG A 839 -36.26 -50.12 6.81
CA ARG A 839 -35.41 -49.19 6.07
C ARG A 839 -34.91 -48.07 6.97
N LYS A 840 -35.76 -47.61 7.90
CA LYS A 840 -35.37 -46.57 8.85
C LYS A 840 -34.29 -47.04 9.80
N ILE A 841 -34.43 -48.26 10.33
CA ILE A 841 -33.42 -48.81 11.23
C ILE A 841 -32.11 -49.06 10.48
N TYR A 842 -32.20 -49.57 9.25
CA TYR A 842 -31.01 -49.81 8.45
C TYR A 842 -30.32 -48.51 8.05
N GLU A 843 -31.10 -47.45 7.83
CA GLU A 843 -30.52 -46.16 7.51
C GLU A 843 -29.85 -45.53 8.73
N PHE A 844 -30.46 -45.68 9.91
CA PHE A 844 -29.91 -45.03 11.09
C PHE A 844 -28.70 -45.79 11.64
N TYR A 845 -28.71 -47.13 11.59
CA TYR A 845 -27.56 -47.93 12.04
C TYR A 845 -26.52 -48.14 10.95
N ASN A 846 -26.50 -47.29 9.92
CA ASN A 846 -25.41 -47.27 8.96
C ASN A 846 -24.84 -45.88 8.74
N ALA A 847 -25.33 -44.87 9.46
CA ALA A 847 -24.77 -43.53 9.38
C ALA A 847 -23.43 -43.49 10.10
N PRO A 848 -22.40 -42.82 9.54
CA PRO A 848 -21.11 -42.72 10.23
C PRO A 848 -21.14 -42.02 11.59
N ILE A 849 -22.03 -41.05 11.79
CA ILE A 849 -22.15 -40.41 13.10
C ILE A 849 -22.64 -41.42 14.15
N VAL A 850 -23.55 -42.31 13.75
CA VAL A 850 -24.10 -43.29 14.67
C VAL A 850 -23.06 -44.37 14.95
N LYS A 851 -22.31 -44.76 13.91
CA LYS A 851 -21.21 -45.69 14.05
C LYS A 851 -20.12 -45.15 14.97
N PHE A 852 -19.81 -43.85 14.84
CA PHE A 852 -18.90 -43.13 15.73
C PHE A 852 -19.35 -43.21 17.18
N TRP A 853 -20.54 -42.67 17.48
CA TRP A 853 -21.00 -42.57 18.86
C TRP A 853 -21.26 -43.94 19.46
N PHE A 854 -21.55 -44.92 18.61
CA PHE A 854 -21.96 -46.25 19.07
C PHE A 854 -20.73 -47.10 19.38
N TYR A 855 -19.69 -46.98 18.55
CA TYR A 855 -18.36 -47.48 18.93
C TYR A 855 -17.82 -46.77 20.17
N THR A 856 -18.08 -45.46 20.30
CA THR A 856 -17.56 -44.72 21.46
C THR A 856 -18.24 -45.14 22.76
N LEU A 857 -19.55 -45.39 22.73
CA LEU A 857 -20.24 -45.86 23.93
C LEU A 857 -19.77 -47.26 24.34
N ALA A 858 -19.59 -48.15 23.36
CA ALA A 858 -19.03 -49.47 23.69
C ALA A 858 -17.57 -49.35 24.12
N TYR A 859 -16.87 -48.33 23.64
CA TYR A 859 -15.47 -48.14 24.00
C TYR A 859 -15.35 -47.63 25.43
N ILE A 860 -16.30 -46.77 25.84
CA ILE A 860 -16.40 -46.35 27.23
C ILE A 860 -16.74 -47.54 28.12
N GLY A 861 -17.59 -48.44 27.62
CA GLY A 861 -17.84 -49.72 28.29
C GLY A 861 -16.60 -50.56 28.49
N TYR A 862 -15.79 -50.69 27.43
CA TYR A 862 -14.44 -51.25 27.53
C TYR A 862 -13.60 -50.59 28.60
N LEU A 863 -13.59 -49.26 28.65
CA LEU A 863 -12.70 -48.57 29.59
C LEU A 863 -13.13 -48.79 31.04
N MET A 864 -14.44 -48.77 31.29
CA MET A 864 -14.95 -49.00 32.64
C MET A 864 -14.75 -50.44 33.09
N LEU A 865 -15.04 -51.41 32.21
CA LEU A 865 -14.80 -52.81 32.57
C LEU A 865 -13.31 -53.12 32.71
N PHE A 866 -12.46 -52.44 31.93
CA PHE A 866 -11.04 -52.74 32.00
C PHE A 866 -10.44 -52.12 33.26
N ASN A 867 -11.01 -50.99 33.70
CA ASN A 867 -10.73 -50.46 35.03
C ASN A 867 -11.12 -51.45 36.11
N TYR A 868 -12.28 -52.09 35.94
CA TYR A 868 -12.74 -53.04 36.95
C TYR A 868 -11.85 -54.28 36.98
N ILE A 869 -11.31 -54.69 35.83
CA ILE A 869 -10.45 -55.89 35.83
C ILE A 869 -9.03 -55.56 36.30
N VAL A 870 -8.59 -54.30 36.25
CA VAL A 870 -7.27 -53.95 36.74
C VAL A 870 -7.30 -53.54 38.21
N LEU A 871 -8.47 -53.15 38.74
CA LEU A 871 -8.54 -52.69 40.11
C LEU A 871 -9.12 -53.69 41.10
N VAL A 872 -9.38 -54.94 40.69
CA VAL A 872 -10.04 -55.95 41.54
C VAL A 872 -9.14 -57.19 41.52
N LYS A 873 -9.22 -58.00 42.60
CA LYS A 873 -8.55 -59.29 42.74
C LYS A 873 -8.72 -60.17 41.49
N MET A 874 -7.65 -60.91 41.15
CA MET A 874 -7.70 -61.89 40.08
C MET A 874 -7.65 -63.30 40.65
N GLU A 875 -8.08 -64.28 39.86
CA GLU A 875 -8.16 -65.67 40.29
C GLU A 875 -7.60 -66.58 39.21
N ARG A 876 -7.59 -67.90 39.48
CA ARG A 876 -7.11 -68.92 38.54
C ARG A 876 -7.79 -68.82 37.19
N TRP A 877 -9.11 -68.79 37.19
CA TRP A 877 -9.82 -68.67 35.94
C TRP A 877 -10.39 -67.28 35.78
N PRO A 878 -10.46 -66.78 34.53
CA PRO A 878 -10.92 -65.42 34.28
C PRO A 878 -12.34 -65.15 34.75
N SER A 879 -12.55 -63.93 35.24
CA SER A 879 -13.87 -63.46 35.62
C SER A 879 -14.68 -63.11 34.37
N THR A 880 -15.95 -62.74 34.59
CA THR A 880 -16.85 -62.43 33.49
C THR A 880 -16.40 -61.17 32.75
N GLN A 881 -16.04 -60.12 33.50
CA GLN A 881 -15.56 -58.88 32.92
C GLN A 881 -14.24 -59.09 32.18
N GLU A 882 -13.40 -60.00 32.71
CA GLU A 882 -12.16 -60.38 32.05
C GLU A 882 -12.44 -61.00 30.68
N TRP A 883 -13.42 -61.90 30.62
CA TRP A 883 -13.77 -62.55 29.36
C TRP A 883 -14.35 -61.56 28.36
N ILE A 884 -15.15 -60.60 28.84
CA ILE A 884 -15.69 -59.57 27.96
C ILE A 884 -14.56 -58.69 27.39
N VAL A 885 -13.59 -58.33 28.24
CA VAL A 885 -12.45 -57.52 27.79
C VAL A 885 -11.62 -58.29 26.76
N ILE A 886 -11.42 -59.59 27.00
CA ILE A 886 -10.68 -60.44 26.08
C ILE A 886 -11.41 -60.53 24.74
N SER A 887 -12.75 -60.59 24.77
CA SER A 887 -13.49 -60.66 23.51
C SER A 887 -13.45 -59.34 22.75
N TYR A 888 -13.50 -58.19 23.47
CA TYR A 888 -13.19 -56.89 22.84
C TYR A 888 -11.86 -56.91 22.09
N ILE A 889 -10.80 -57.39 22.74
CA ILE A 889 -9.46 -57.37 22.13
C ILE A 889 -9.39 -58.30 20.92
N PHE A 890 -9.95 -59.51 21.04
CA PHE A 890 -9.86 -60.47 19.94
C PHE A 890 -10.69 -60.04 18.73
N THR A 891 -11.90 -59.51 18.95
CA THR A 891 -12.66 -58.99 17.82
C THR A 891 -12.01 -57.75 17.22
N LEU A 892 -11.32 -56.94 18.03
CA LEU A 892 -10.52 -55.85 17.47
C LEU A 892 -9.42 -56.37 16.57
N GLY A 893 -8.77 -57.47 16.98
CA GLY A 893 -7.74 -58.08 16.14
C GLY A 893 -8.28 -58.62 14.83
N ILE A 894 -9.44 -59.27 14.88
CA ILE A 894 -10.11 -59.75 13.66
C ILE A 894 -10.50 -58.57 12.76
N GLU A 895 -10.91 -57.45 13.37
CA GLU A 895 -11.33 -56.31 12.57
C GLU A 895 -10.14 -55.62 11.89
N LYS A 896 -9.01 -55.50 12.61
CA LYS A 896 -7.77 -55.00 12.00
C LYS A 896 -7.28 -55.94 10.91
N MET A 897 -7.50 -57.25 11.09
CA MET A 897 -7.20 -58.22 10.03
C MET A 897 -8.07 -57.97 8.81
N ARG A 898 -9.35 -57.60 9.01
CA ARG A 898 -10.23 -57.33 7.88
C ARG A 898 -9.72 -56.09 7.16
N GLU A 899 -9.30 -55.08 7.94
CA GLU A 899 -8.76 -53.83 7.39
C GLU A 899 -7.51 -54.09 6.55
N ILE A 900 -6.67 -55.02 7.00
CA ILE A 900 -5.48 -55.43 6.24
C ILE A 900 -5.89 -56.11 4.95
N LEU A 901 -6.80 -57.09 5.03
CA LEU A 901 -7.10 -57.92 3.86
C LEU A 901 -8.04 -57.22 2.86
N MET A 902 -8.65 -56.11 3.25
CA MET A 902 -9.58 -55.42 2.34
C MET A 902 -9.12 -54.02 1.95
N SER A 903 -7.81 -53.78 1.88
CA SER A 903 -7.32 -52.49 1.40
C SER A 903 -7.08 -52.54 -0.11
N GLU A 904 -6.76 -51.39 -0.69
CA GLU A 904 -6.76 -51.17 -2.14
C GLU A 904 -5.59 -51.78 -2.93
N PRO A 905 -4.28 -51.76 -2.46
CA PRO A 905 -3.22 -52.45 -3.23
C PRO A 905 -3.44 -53.95 -3.43
N GLY A 906 -3.06 -54.45 -4.61
CA GLY A 906 -3.32 -55.84 -4.96
C GLY A 906 -2.43 -56.84 -4.27
N LYS A 907 -1.19 -56.47 -3.94
CA LYS A 907 -0.27 -57.38 -3.26
C LYS A 907 -0.58 -57.37 -1.77
N LEU A 908 -0.55 -58.56 -1.15
CA LEU A 908 -0.85 -58.67 0.27
C LEU A 908 0.22 -58.01 1.14
N LEU A 909 1.49 -58.14 0.73
CA LEU A 909 2.57 -57.47 1.45
C LEU A 909 2.44 -55.95 1.31
N GLN A 910 1.95 -55.48 0.17
CA GLN A 910 1.65 -54.06 0.01
C GLN A 910 0.52 -53.63 0.94
N LYS A 911 -0.47 -54.52 1.13
CA LYS A 911 -1.58 -54.24 2.05
C LYS A 911 -1.08 -54.06 3.48
N VAL A 912 -0.21 -54.98 3.93
CA VAL A 912 0.35 -54.87 5.28
C VAL A 912 1.25 -53.64 5.40
N LYS A 913 2.02 -53.33 4.34
CA LYS A 913 2.91 -52.17 4.37
C LYS A 913 2.15 -50.86 4.47
N VAL A 914 1.09 -50.70 3.65
CA VAL A 914 0.28 -49.49 3.67
C VAL A 914 -0.49 -49.39 5.00
N TRP A 915 -0.92 -50.53 5.54
CA TRP A 915 -1.61 -50.50 6.83
C TRP A 915 -0.65 -50.16 7.97
N LEU A 916 0.63 -50.51 7.82
CA LEU A 916 1.63 -50.15 8.81
C LEU A 916 2.27 -48.79 8.53
N GLN A 917 1.88 -48.08 7.46
CA GLN A 917 2.31 -46.69 7.32
C GLN A 917 1.74 -45.81 8.42
N GLU A 918 0.48 -46.05 8.82
CA GLU A 918 -0.14 -45.26 9.87
C GLU A 918 0.45 -45.64 11.23
N TYR A 919 0.80 -44.62 12.03
CA TYR A 919 1.43 -44.86 13.33
C TYR A 919 0.45 -45.48 14.32
N TRP A 920 -0.81 -45.02 14.27
CA TRP A 920 -1.82 -45.47 15.22
C TRP A 920 -2.15 -46.94 15.01
N ASN A 921 -2.12 -47.40 13.76
CA ASN A 921 -2.34 -48.81 13.46
C ASN A 921 -1.20 -49.68 14.00
N VAL A 922 0.04 -49.19 13.90
CA VAL A 922 1.20 -49.92 14.41
C VAL A 922 1.14 -50.04 15.91
N THR A 923 0.81 -48.93 16.60
CA THR A 923 0.70 -48.98 18.06
C THR A 923 -0.52 -49.76 18.52
N ASP A 924 -1.60 -49.79 17.72
CA ASP A 924 -2.73 -50.68 17.98
C ASP A 924 -2.32 -52.15 17.91
N LEU A 925 -1.57 -52.52 16.87
CA LEU A 925 -1.10 -53.89 16.73
C LEU A 925 -0.15 -54.27 17.86
N ILE A 926 0.70 -53.31 18.27
CA ILE A 926 1.60 -53.50 19.40
C ILE A 926 0.80 -53.75 20.67
N ALA A 927 -0.26 -52.97 20.89
CA ALA A 927 -1.12 -53.16 22.07
C ALA A 927 -1.81 -54.51 22.06
N ILE A 928 -2.25 -54.98 20.89
CA ILE A 928 -2.90 -56.29 20.80
C ILE A 928 -1.91 -57.40 21.12
N LEU A 929 -0.67 -57.32 20.61
CA LEU A 929 0.33 -58.34 20.93
C LEU A 929 0.76 -58.33 22.40
N LEU A 930 0.96 -57.15 22.99
CA LEU A 930 1.26 -57.13 24.43
C LEU A 930 0.08 -57.59 25.29
N PHE A 931 -1.16 -57.31 24.89
CA PHE A 931 -2.27 -57.73 25.73
C PHE A 931 -2.51 -59.24 25.57
N SER A 932 -2.19 -59.79 24.39
CA SER A 932 -2.29 -61.24 24.21
C SER A 932 -1.18 -61.96 24.98
N VAL A 933 0.02 -61.38 24.99
CA VAL A 933 1.11 -61.89 25.85
C VAL A 933 0.69 -61.82 27.31
N GLY A 934 0.00 -60.74 27.68
CA GLY A 934 -0.66 -60.60 28.96
C GLY A 934 -1.65 -61.69 29.30
N MET A 935 -2.52 -62.10 28.37
CA MET A 935 -3.51 -63.12 28.72
C MET A 935 -2.86 -64.51 28.80
N ILE A 936 -1.83 -64.77 27.97
CA ILE A 936 -1.11 -66.04 28.09
C ILE A 936 -0.39 -66.13 29.43
N LEU A 937 0.25 -65.04 29.86
CA LEU A 937 0.89 -65.06 31.18
C LEU A 937 -0.15 -65.07 32.30
N ARG A 938 -1.30 -64.43 32.08
CA ARG A 938 -2.36 -64.33 33.06
C ARG A 938 -3.12 -65.63 33.26
N LEU A 939 -3.12 -66.53 32.26
CA LEU A 939 -3.77 -67.83 32.42
C LEU A 939 -2.92 -68.86 33.14
N GLN A 940 -1.63 -68.60 33.34
CA GLN A 940 -0.77 -69.46 34.15
C GLN A 940 -0.75 -68.94 35.59
N ASP A 941 -0.45 -69.83 36.54
CA ASP A 941 -0.33 -69.45 37.95
C ASP A 941 0.89 -68.60 38.27
N GLN A 942 1.05 -68.27 39.56
CA GLN A 942 2.12 -67.43 40.09
C GLN A 942 3.51 -67.95 39.73
N PRO A 943 4.44 -67.05 39.38
CA PRO A 943 4.33 -65.58 39.31
C PRO A 943 3.94 -65.01 37.93
N PHE A 944 3.41 -65.84 37.02
CA PHE A 944 3.10 -65.37 35.68
C PHE A 944 1.84 -64.51 35.66
N ARG A 945 0.89 -64.81 36.55
CA ARG A 945 -0.31 -63.98 36.68
C ARG A 945 0.03 -62.59 37.20
N SER A 946 1.09 -62.49 38.02
CA SER A 946 1.45 -61.21 38.62
C SER A 946 1.97 -60.23 37.59
N ASP A 947 2.91 -60.65 36.73
CA ASP A 947 3.41 -59.73 35.73
C ASP A 947 2.50 -59.68 34.51
N GLY A 948 1.60 -60.67 34.35
CA GLY A 948 0.55 -60.52 33.36
C GLY A 948 -0.40 -59.38 33.69
N ARG A 949 -0.75 -59.26 34.98
CA ARG A 949 -1.51 -58.11 35.47
C ARG A 949 -0.73 -56.81 35.28
N VAL A 950 0.61 -56.87 35.41
CA VAL A 950 1.46 -55.71 35.17
C VAL A 950 1.40 -55.28 33.70
N ILE A 951 1.44 -56.24 32.78
CA ILE A 951 1.36 -55.92 31.35
C ILE A 951 0.00 -55.34 31.00
N TYR A 952 -1.07 -55.84 31.65
CA TYR A 952 -2.40 -55.23 31.53
C TYR A 952 -2.38 -53.78 31.99
N CYS A 953 -1.71 -53.54 33.13
CA CYS A 953 -1.60 -52.23 33.74
C CYS A 953 -0.66 -51.31 32.97
N VAL A 954 0.17 -51.84 32.10
CA VAL A 954 0.90 -51.04 31.11
C VAL A 954 -0.01 -50.69 29.93
N ASN A 955 -0.84 -51.65 29.50
CA ASN A 955 -1.78 -51.45 28.40
C ASN A 955 -2.82 -50.37 28.66
N ILE A 956 -3.18 -50.14 29.94
CA ILE A 956 -4.23 -49.16 30.26
C ILE A 956 -3.83 -47.74 29.84
N ILE A 957 -2.51 -47.46 29.87
CA ILE A 957 -1.91 -46.19 29.45
C ILE A 957 -2.30 -45.91 28.01
N TYR A 958 -1.97 -46.85 27.12
CA TYR A 958 -2.22 -46.66 25.70
C TYR A 958 -3.72 -46.72 25.40
N TRP A 959 -4.47 -47.53 26.15
CA TRP A 959 -5.90 -47.56 25.89
C TRP A 959 -6.64 -46.33 26.41
N TYR A 960 -5.97 -45.46 27.17
CA TYR A 960 -6.47 -44.09 27.24
C TYR A 960 -5.86 -43.11 26.22
N ILE A 961 -4.59 -43.27 25.83
CA ILE A 961 -3.98 -42.36 24.84
C ILE A 961 -4.58 -42.54 23.45
N ARG A 962 -5.22 -43.69 23.23
CA ARG A 962 -5.99 -43.98 22.02
C ARG A 962 -7.14 -43.00 21.81
N LEU A 963 -7.61 -42.34 22.86
CA LEU A 963 -8.63 -41.30 22.79
C LEU A 963 -8.20 -40.01 22.09
N LEU A 964 -6.92 -39.79 21.80
CA LEU A 964 -6.52 -38.50 21.23
C LEU A 964 -6.92 -38.38 19.76
N ASP A 965 -6.84 -39.54 19.13
CA ASP A 965 -7.30 -39.62 17.73
C ASP A 965 -8.72 -39.09 17.72
N ILE A 966 -9.60 -39.77 18.45
CA ILE A 966 -11.02 -39.34 18.41
C ILE A 966 -11.05 -37.88 18.86
N PHE A 967 -10.29 -37.52 19.88
CA PHE A 967 -10.38 -36.13 20.42
C PHE A 967 -10.06 -35.18 19.31
N GLY A 968 -9.61 -35.72 18.18
CA GLY A 968 -9.37 -34.86 17.03
C GLY A 968 -10.56 -34.51 16.14
N VAL A 969 -11.78 -34.84 16.54
CA VAL A 969 -12.98 -34.43 15.79
C VAL A 969 -13.57 -33.14 16.35
N ASN A 970 -13.36 -32.87 17.64
CA ASN A 970 -13.94 -31.70 18.26
C ASN A 970 -13.17 -30.45 17.86
N LYS A 971 -13.88 -29.33 17.70
CA LYS A 971 -13.30 -28.10 17.20
C LYS A 971 -12.28 -27.49 18.15
N TYR A 972 -12.33 -27.85 19.43
CA TYR A 972 -11.42 -27.29 20.42
C TYR A 972 -10.41 -28.31 20.94
N LEU A 973 -10.76 -29.60 20.93
CA LEU A 973 -9.87 -30.64 21.45
C LEU A 973 -8.74 -30.94 20.47
N GLY A 974 -9.03 -30.91 19.17
CA GLY A 974 -8.09 -31.24 18.12
C GLY A 974 -6.82 -30.40 18.02
N PRO A 975 -6.92 -29.03 18.03
CA PRO A 975 -5.70 -28.22 18.12
C PRO A 975 -4.88 -28.47 19.37
N TYR A 976 -5.54 -28.76 20.49
CA TYR A 976 -4.82 -29.12 21.72
C TYR A 976 -4.03 -30.42 21.52
N VAL A 977 -4.67 -31.42 20.89
CA VAL A 977 -4.03 -32.70 20.63
C VAL A 977 -2.82 -32.52 19.70
N MET A 978 -2.95 -31.64 18.72
CA MET A 978 -1.81 -31.34 17.85
C MET A 978 -0.72 -30.58 18.60
N MET A 979 -1.08 -29.84 19.65
CA MET A 979 -0.06 -29.23 20.50
C MET A 979 0.71 -30.28 21.31
N ILE A 980 0.03 -31.33 21.81
CA ILE A 980 0.77 -32.48 22.37
C ILE A 980 1.69 -33.07 21.30
N GLY A 981 1.17 -33.19 20.07
CA GLY A 981 1.92 -33.70 18.94
C GLY A 981 3.22 -32.99 18.61
N LYS A 982 3.21 -31.65 18.59
CA LYS A 982 4.45 -30.90 18.36
C LYS A 982 5.31 -30.81 19.62
N MET A 983 4.64 -30.72 20.78
CA MET A 983 5.35 -30.56 22.05
C MET A 983 6.13 -31.81 22.42
N MET A 984 5.77 -32.96 21.84
CA MET A 984 6.52 -34.18 22.10
C MET A 984 7.94 -34.12 21.51
N ILE A 985 8.07 -33.66 20.26
CA ILE A 985 9.39 -33.52 19.64
C ILE A 985 10.19 -32.40 20.30
N ASP A 986 9.50 -31.27 20.59
CA ASP A 986 10.17 -30.17 21.29
C ASP A 986 10.64 -30.60 22.68
N MET A 987 9.82 -31.38 23.37
CA MET A 987 10.18 -31.91 24.68
C MET A 987 11.31 -32.92 24.58
N MET A 988 11.37 -33.70 23.49
CA MET A 988 12.45 -34.68 23.32
C MET A 988 13.82 -34.00 23.20
N TYR A 989 13.89 -32.95 22.38
CA TYR A 989 15.13 -32.19 22.29
C TYR A 989 15.44 -31.48 23.62
N PHE A 990 14.40 -31.06 24.33
CA PHE A 990 14.62 -30.47 25.64
C PHE A 990 15.07 -31.51 26.67
N VAL A 991 14.64 -32.77 26.52
CA VAL A 991 15.14 -33.86 27.37
C VAL A 991 16.62 -34.11 27.10
N ILE A 992 17.05 -33.95 25.84
CA ILE A 992 18.49 -34.02 25.54
C ILE A 992 19.25 -32.94 26.32
N ILE A 993 18.74 -31.71 26.30
CA ILE A 993 19.37 -30.62 27.06
C ILE A 993 19.29 -30.88 28.57
N MET A 994 18.15 -31.43 29.02
CA MET A 994 17.95 -31.75 30.43
C MET A 994 18.95 -32.79 30.91
N LEU A 995 19.21 -33.82 30.11
CA LEU A 995 20.21 -34.81 30.49
C LEU A 995 21.60 -34.19 30.57
N VAL A 996 21.95 -33.34 29.58
CA VAL A 996 23.29 -32.73 29.57
C VAL A 996 23.52 -31.83 30.80
N VAL A 997 22.48 -31.12 31.26
CA VAL A 997 22.69 -30.22 32.39
C VAL A 997 22.44 -30.92 33.74
N LEU A 998 21.27 -31.53 33.88
CA LEU A 998 20.88 -32.16 35.14
C LEU A 998 21.75 -33.35 35.48
N MET A 999 22.29 -34.05 34.47
CA MET A 999 23.10 -35.22 34.74
C MET A 999 24.48 -34.79 35.22
N SER A 1000 24.99 -33.65 34.74
CA SER A 1000 26.25 -33.12 35.28
C SER A 1000 26.06 -32.72 36.73
N PHE A 1001 24.93 -32.09 37.05
CA PHE A 1001 24.67 -31.75 38.46
C PHE A 1001 24.48 -33.00 39.32
N GLY A 1002 23.81 -34.02 38.79
CA GLY A 1002 23.58 -35.25 39.53
C GLY A 1002 24.85 -36.02 39.85
N VAL A 1003 25.72 -36.16 38.84
CA VAL A 1003 27.00 -36.83 39.03
C VAL A 1003 27.90 -36.01 39.94
N ALA A 1004 27.85 -34.68 39.81
CA ALA A 1004 28.62 -33.80 40.69
C ALA A 1004 28.18 -33.91 42.14
N ARG A 1005 26.86 -33.96 42.35
CA ARG A 1005 26.32 -34.10 43.72
C ARG A 1005 26.86 -35.41 44.32
N GLN A 1006 26.64 -36.54 43.63
CA GLN A 1006 27.06 -37.86 44.16
C GLN A 1006 28.58 -37.85 44.41
N ALA A 1007 29.35 -37.27 43.48
CA ALA A 1007 30.82 -37.21 43.62
C ALA A 1007 31.18 -36.41 44.87
N ILE A 1008 30.46 -35.31 45.12
CA ILE A 1008 30.71 -34.47 46.33
C ILE A 1008 29.99 -35.10 47.53
N LEU A 1009 29.10 -36.07 47.28
CA LEU A 1009 28.33 -36.72 48.37
C LEU A 1009 28.91 -38.12 48.65
N PHE A 1010 28.06 -39.08 49.00
CA PHE A 1010 28.50 -40.47 49.32
C PHE A 1010 29.77 -40.81 48.56
N PRO A 1011 30.96 -40.83 49.21
CA PRO A 1011 32.21 -41.23 48.55
C PRO A 1011 32.60 -42.69 48.73
N ASN A 1012 31.78 -43.49 49.39
CA ASN A 1012 32.14 -44.82 49.83
C ASN A 1012 31.04 -45.76 49.35
N GLU A 1013 30.72 -45.67 48.07
CA GLU A 1013 29.81 -46.60 47.41
C GLU A 1013 30.59 -47.36 46.34
N GLU A 1014 30.66 -48.69 46.52
CA GLU A 1014 31.38 -49.58 45.62
C GLU A 1014 30.63 -49.71 44.30
N PRO A 1015 31.28 -50.27 43.22
CA PRO A 1015 30.56 -50.49 41.95
C PRO A 1015 29.25 -51.26 42.02
N SER A 1016 28.16 -50.57 41.67
CA SER A 1016 26.82 -51.15 41.63
C SER A 1016 26.00 -50.39 40.61
N TRP A 1017 24.96 -51.02 40.09
CA TRP A 1017 24.07 -50.37 39.14
C TRP A 1017 23.06 -49.46 39.82
N LYS A 1018 23.03 -49.45 41.16
CA LYS A 1018 22.13 -48.55 41.88
C LYS A 1018 22.69 -47.13 41.94
N LEU A 1019 23.98 -46.96 41.59
CA LEU A 1019 24.55 -45.62 41.50
C LEU A 1019 23.89 -44.81 40.38
N ALA A 1020 23.62 -45.47 39.25
CA ALA A 1020 22.88 -44.84 38.17
C ALA A 1020 21.47 -44.46 38.60
N LYS A 1021 20.87 -45.27 39.48
CA LYS A 1021 19.58 -44.90 40.05
C LYS A 1021 19.71 -43.71 41.00
N ASN A 1022 20.82 -43.65 41.74
CA ASN A 1022 21.01 -42.55 42.68
C ASN A 1022 21.31 -41.24 41.97
N ILE A 1023 21.81 -41.29 40.73
CA ILE A 1023 22.15 -40.03 40.05
C ILE A 1023 21.01 -39.44 39.23
N PHE A 1024 19.83 -40.07 39.16
CA PHE A 1024 18.65 -39.33 38.71
C PHE A 1024 17.41 -39.73 39.52
N TYR A 1025 17.60 -40.26 40.72
CA TYR A 1025 16.45 -40.50 41.58
C TYR A 1025 16.43 -39.51 42.74
N MET A 1026 17.52 -39.49 43.51
CA MET A 1026 17.72 -38.46 44.52
C MET A 1026 17.75 -37.02 43.97
N PRO A 1027 18.45 -36.68 42.83
CA PRO A 1027 18.39 -35.28 42.39
C PRO A 1027 17.07 -34.93 41.73
N TYR A 1028 16.28 -35.95 41.37
CA TYR A 1028 14.90 -35.71 40.98
C TYR A 1028 14.04 -35.26 42.16
N TRP A 1029 14.43 -35.63 43.38
CA TRP A 1029 13.80 -35.15 44.60
C TRP A 1029 14.78 -34.33 45.45
N MET A 1030 15.68 -33.60 44.77
CA MET A 1030 16.64 -32.74 45.46
C MET A 1030 15.98 -31.53 46.11
N ILE A 1031 14.72 -31.24 45.78
CA ILE A 1031 13.97 -30.19 46.47
C ILE A 1031 13.77 -30.54 47.94
N TYR A 1032 13.67 -31.84 48.23
CA TYR A 1032 13.64 -32.29 49.62
C TYR A 1032 14.96 -31.99 50.34
N GLY A 1033 16.07 -32.00 49.60
CA GLY A 1033 17.35 -31.66 50.17
C GLY A 1033 17.55 -30.16 50.30
N GLU A 1034 18.74 -29.79 50.74
CA GLU A 1034 19.11 -28.38 50.86
C GLU A 1034 19.56 -27.81 49.52
N THR A 1063 37.97 -25.27 55.73
CA THR A 1063 38.42 -24.88 54.37
C THR A 1063 37.22 -24.45 53.56
N GLY A 1064 37.41 -24.09 52.28
CA GLY A 1064 36.24 -23.79 51.42
C GLY A 1064 35.15 -24.74 51.84
N ALA A 1065 35.44 -26.04 51.81
CA ALA A 1065 34.48 -27.01 52.38
C ALA A 1065 33.10 -26.79 51.77
N TRP A 1066 32.22 -26.08 52.48
CA TRP A 1066 30.83 -25.84 52.01
C TRP A 1066 30.84 -25.06 50.69
N ILE A 1067 31.97 -24.46 50.33
CA ILE A 1067 32.05 -23.63 49.09
C ILE A 1067 31.76 -24.51 47.88
N VAL A 1068 32.32 -25.72 47.83
CA VAL A 1068 32.14 -26.60 46.62
C VAL A 1068 30.64 -26.92 46.43
N PRO A 1069 29.91 -27.47 47.44
CA PRO A 1069 28.44 -27.70 47.31
C PRO A 1069 27.71 -26.40 47.05
N ALA A 1070 28.17 -25.29 47.65
CA ALA A 1070 27.56 -23.97 47.38
C ALA A 1070 27.54 -23.73 45.86
N ILE A 1071 28.70 -23.85 45.21
CA ILE A 1071 28.76 -23.69 43.75
C ILE A 1071 27.79 -24.64 43.07
N MET A 1072 27.77 -25.91 43.54
CA MET A 1072 26.85 -26.90 42.98
C MET A 1072 25.39 -26.53 43.22
N ALA A 1073 25.08 -26.00 44.40
CA ALA A 1073 23.69 -25.64 44.72
C ALA A 1073 23.22 -24.43 43.91
N CYS A 1074 24.05 -23.37 43.84
CA CYS A 1074 23.63 -22.19 43.10
C CYS A 1074 23.58 -22.49 41.60
N TYR A 1075 24.46 -23.39 41.14
CA TYR A 1075 24.41 -23.85 39.76
C TYR A 1075 23.12 -24.62 39.49
N LEU A 1076 22.68 -25.43 40.45
CA LEU A 1076 21.42 -26.15 40.32
C LEU A 1076 20.23 -25.21 40.22
N LEU A 1077 20.20 -24.18 41.06
CA LEU A 1077 19.11 -23.21 41.02
C LEU A 1077 19.09 -22.42 39.71
N VAL A 1078 20.26 -21.92 39.26
CA VAL A 1078 20.27 -21.12 38.03
C VAL A 1078 19.98 -22.01 36.82
N ALA A 1079 20.42 -23.28 36.88
CA ALA A 1079 20.14 -24.22 35.80
C ALA A 1079 18.65 -24.56 35.72
N ASN A 1080 18.02 -24.75 36.88
CA ASN A 1080 16.58 -25.01 36.92
C ASN A 1080 15.80 -23.82 36.37
N ILE A 1081 16.24 -22.60 36.73
CA ILE A 1081 15.61 -21.38 36.21
C ILE A 1081 15.72 -21.30 34.69
N LEU A 1082 16.95 -21.52 34.17
CA LEU A 1082 17.20 -21.46 32.73
C LEU A 1082 16.38 -22.48 31.95
N LEU A 1083 16.44 -23.76 32.35
CA LEU A 1083 15.75 -24.80 31.60
C LEU A 1083 14.22 -24.69 31.72
N VAL A 1084 13.68 -24.41 32.92
CA VAL A 1084 12.23 -24.31 33.05
C VAL A 1084 11.69 -23.12 32.24
N ASN A 1085 12.37 -21.98 32.30
CA ASN A 1085 11.88 -20.82 31.54
C ASN A 1085 12.12 -20.98 30.03
N LEU A 1086 13.22 -21.63 29.65
CA LEU A 1086 13.43 -22.07 28.27
C LEU A 1086 12.28 -22.92 27.77
N LEU A 1087 11.84 -23.86 28.60
CA LEU A 1087 10.79 -24.79 28.22
C LEU A 1087 9.44 -24.10 28.07
N ILE A 1088 9.13 -23.17 28.98
CA ILE A 1088 7.89 -22.39 28.85
C ILE A 1088 7.94 -21.49 27.61
N ALA A 1089 9.11 -20.91 27.31
CA ALA A 1089 9.25 -20.10 26.10
C ALA A 1089 9.06 -20.93 24.83
N VAL A 1090 9.61 -22.14 24.82
CA VAL A 1090 9.45 -23.06 23.69
C VAL A 1090 8.00 -23.45 23.50
N PHE A 1091 7.32 -23.82 24.59
CA PHE A 1091 5.95 -24.30 24.49
C PHE A 1091 4.99 -23.14 24.19
N ASN A 1092 5.36 -21.92 24.58
CA ASN A 1092 4.57 -20.76 24.24
C ASN A 1092 4.74 -20.35 22.77
N ASN A 1093 5.95 -20.52 22.23
CA ASN A 1093 6.18 -20.20 20.82
C ASN A 1093 5.49 -21.23 19.93
N THR A 1094 5.46 -22.50 20.39
CA THR A 1094 4.86 -23.60 19.64
C THR A 1094 3.35 -23.38 19.42
N PHE A 1095 2.71 -22.66 20.35
CA PHE A 1095 1.28 -22.35 20.25
C PHE A 1095 0.95 -21.51 19.01
N PHE A 1096 1.91 -20.70 18.55
CA PHE A 1096 1.65 -19.75 17.48
C PHE A 1096 1.38 -20.45 16.14
N GLU A 1097 2.24 -21.40 15.76
CA GLU A 1097 2.09 -22.08 14.47
C GLU A 1097 0.85 -22.96 14.45
N VAL A 1098 0.56 -23.65 15.55
CA VAL A 1098 -0.64 -24.48 15.64
C VAL A 1098 -1.89 -23.62 15.67
N LYS A 1099 -1.85 -22.48 16.34
CA LYS A 1099 -3.01 -21.59 16.40
C LYS A 1099 -3.29 -20.92 15.05
N SER A 1100 -2.24 -20.63 14.29
CA SER A 1100 -2.42 -20.04 12.96
C SER A 1100 -3.12 -21.02 12.01
N ILE A 1101 -2.89 -22.32 12.20
CA ILE A 1101 -3.46 -23.31 11.30
C ILE A 1101 -4.81 -23.80 11.82
N SER A 1102 -4.75 -24.52 12.96
CA SER A 1102 -5.96 -25.01 13.67
C SER A 1102 -7.04 -25.59 12.77
N ASN A 1103 -8.15 -24.86 12.61
CA ASN A 1103 -9.32 -25.37 11.91
C ASN A 1103 -8.99 -26.02 10.56
N GLN A 1104 -7.85 -25.66 9.96
CA GLN A 1104 -7.40 -26.32 8.74
C GLN A 1104 -7.05 -27.78 9.02
N VAL A 1105 -6.31 -28.02 10.11
CA VAL A 1105 -5.99 -29.36 10.60
C VAL A 1105 -7.26 -30.10 10.97
N TRP A 1106 -8.19 -29.41 11.65
CA TRP A 1106 -9.45 -30.05 12.05
C TRP A 1106 -10.24 -30.54 10.83
N LYS A 1107 -10.40 -29.67 9.84
CA LYS A 1107 -11.17 -30.03 8.65
C LYS A 1107 -10.43 -31.04 7.80
N PHE A 1108 -9.09 -31.09 7.90
CA PHE A 1108 -8.34 -32.12 7.20
C PHE A 1108 -8.51 -33.50 7.85
N GLN A 1109 -8.42 -33.57 9.18
CA GLN A 1109 -8.60 -34.85 9.86
C GLN A 1109 -10.06 -35.31 9.84
N ARG A 1110 -10.99 -34.39 9.55
CA ARG A 1110 -12.38 -34.80 9.41
C ARG A 1110 -12.59 -35.79 8.27
N TYR A 1111 -11.85 -35.65 7.15
CA TYR A 1111 -11.94 -36.63 6.06
C TYR A 1111 -11.53 -38.01 6.54
N GLN A 1112 -10.42 -38.09 7.28
CA GLN A 1112 -9.93 -39.36 7.79
C GLN A 1112 -10.94 -40.00 8.72
N LEU A 1113 -11.51 -39.21 9.63
CA LEU A 1113 -12.48 -39.75 10.59
C LEU A 1113 -13.77 -40.21 9.92
N ILE A 1114 -14.29 -39.44 8.96
CA ILE A 1114 -15.50 -39.80 8.24
C ILE A 1114 -15.29 -41.03 7.36
N MET A 1115 -14.14 -41.14 6.69
CA MET A 1115 -13.86 -42.31 5.86
C MET A 1115 -13.64 -43.57 6.68
N THR A 1116 -12.91 -43.47 7.80
CA THR A 1116 -12.78 -44.58 8.73
C THR A 1116 -14.13 -45.05 9.27
N PHE A 1117 -14.93 -44.13 9.79
CA PHE A 1117 -16.18 -44.57 10.44
C PHE A 1117 -17.27 -44.89 9.42
N HIS A 1118 -17.06 -44.55 8.15
CA HIS A 1118 -17.87 -45.16 7.10
C HIS A 1118 -17.42 -46.58 6.80
N GLU A 1119 -16.10 -46.82 6.81
CA GLU A 1119 -15.57 -48.13 6.48
C GLU A 1119 -15.88 -49.19 7.54
N ARG A 1120 -16.24 -48.79 8.77
CA ARG A 1120 -16.38 -49.75 9.86
C ARG A 1120 -17.78 -50.39 9.80
N PRO A 1121 -17.99 -51.59 10.39
CA PRO A 1121 -19.32 -52.21 10.34
C PRO A 1121 -20.34 -51.56 11.25
N VAL A 1122 -21.55 -52.12 11.24
CA VAL A 1122 -22.69 -51.48 11.89
C VAL A 1122 -22.68 -51.75 13.39
N LEU A 1123 -21.91 -52.75 13.82
CA LEU A 1123 -21.97 -53.25 15.18
C LEU A 1123 -20.74 -52.86 16.00
N PRO A 1124 -20.85 -52.76 17.33
CA PRO A 1124 -19.78 -52.18 18.15
C PRO A 1124 -18.62 -53.15 18.23
N PRO A 1125 -17.44 -52.76 18.73
CA PRO A 1125 -16.32 -53.73 18.93
C PRO A 1125 -16.67 -55.00 19.72
N PRO A 1126 -17.48 -54.98 20.81
CA PRO A 1126 -17.83 -56.28 21.41
C PRO A 1126 -18.74 -57.16 20.55
N LEU A 1127 -19.29 -56.60 19.46
CA LEU A 1127 -20.26 -57.37 18.64
C LEU A 1127 -19.93 -57.33 17.14
N ILE A 1128 -18.71 -56.98 16.74
CA ILE A 1128 -18.36 -57.02 15.29
C ILE A 1128 -18.43 -58.48 14.81
N ILE A 1129 -18.30 -59.44 15.73
CA ILE A 1129 -18.27 -60.85 15.35
C ILE A 1129 -19.57 -61.29 14.66
N PHE A 1130 -20.70 -60.70 15.05
CA PHE A 1130 -21.95 -60.93 14.35
C PHE A 1130 -21.90 -60.34 12.93
N SER A 1131 -21.34 -59.13 12.80
CA SER A 1131 -21.23 -58.51 11.49
C SER A 1131 -20.23 -59.24 10.59
N HIS A 1132 -19.14 -59.76 11.18
CA HIS A 1132 -18.26 -60.67 10.43
C HIS A 1132 -19.00 -61.91 9.97
N MET A 1133 -19.85 -62.49 10.83
CA MET A 1133 -20.57 -63.68 10.42
C MET A 1133 -21.55 -63.38 9.28
N THR A 1134 -22.20 -62.22 9.32
CA THR A 1134 -23.10 -61.85 8.23
C THR A 1134 -22.34 -61.53 6.95
N MET A 1135 -21.17 -60.90 7.04
CA MET A 1135 -20.38 -60.63 5.84
C MET A 1135 -19.80 -61.90 5.23
N ILE A 1136 -19.35 -62.85 6.06
CA ILE A 1136 -18.88 -64.14 5.56
C ILE A 1136 -20.00 -64.92 4.89
N PHE A 1137 -21.19 -64.93 5.51
CA PHE A 1137 -22.37 -65.52 4.87
C PHE A 1137 -22.70 -64.81 3.57
N GLN A 1138 -22.48 -63.49 3.51
CA GLN A 1138 -22.76 -62.72 2.31
C GLN A 1138 -21.82 -63.09 1.15
N HIS A 1139 -20.50 -63.10 1.37
CA HIS A 1139 -19.68 -63.36 0.20
C HIS A 1139 -19.62 -64.85 -0.12
N LEU A 1140 -19.96 -65.71 0.85
CA LEU A 1140 -20.11 -67.12 0.50
C LEU A 1140 -21.48 -67.45 -0.08
N CYS A 1141 -22.46 -66.54 -0.08
CA CYS A 1141 -23.64 -66.76 -0.91
C CYS A 1141 -23.59 -66.00 -2.22
N CYS A 1142 -22.66 -65.06 -2.39
CA CYS A 1142 -22.45 -64.46 -3.71
C CYS A 1142 -21.35 -65.13 -4.53
N ARG A 1143 -20.10 -65.18 -4.04
CA ARG A 1143 -19.00 -65.75 -4.79
C ARG A 1143 -19.11 -67.27 -4.93
N TRP A 1144 -19.35 -67.96 -3.80
CA TRP A 1144 -19.47 -69.42 -3.85
C TRP A 1144 -20.80 -69.87 -4.45
N ARG A 1145 -21.84 -69.06 -4.34
CA ARG A 1145 -23.14 -69.40 -4.89
C ARG A 1145 -23.61 -68.31 -5.86
N GLY A 1157 -17.71 -45.29 -0.88
CA GLY A 1157 -18.72 -44.42 -0.29
C GLY A 1157 -18.82 -43.08 -0.98
N LEU A 1158 -17.75 -42.29 -0.91
CA LEU A 1158 -17.69 -40.98 -1.56
C LEU A 1158 -17.06 -41.10 -2.94
N LYS A 1159 -17.63 -42.00 -3.75
CA LYS A 1159 -17.13 -42.27 -5.10
C LYS A 1159 -18.35 -42.57 -5.98
N LEU A 1160 -18.88 -41.52 -6.61
CA LEU A 1160 -20.04 -41.61 -7.48
C LEU A 1160 -19.58 -42.01 -8.89
N PHE A 1161 -19.77 -43.29 -9.21
CA PHE A 1161 -19.49 -43.80 -10.55
C PHE A 1161 -20.46 -43.21 -11.55
N ILE A 1162 -19.94 -42.43 -12.48
CA ILE A 1162 -20.75 -41.63 -13.39
C ILE A 1162 -20.79 -42.29 -14.77
N THR A 1163 -21.97 -42.28 -15.38
CA THR A 1163 -22.10 -42.67 -16.78
C THR A 1163 -21.49 -41.60 -17.67
N ASP A 1164 -21.24 -41.98 -18.93
CA ASP A 1164 -20.35 -41.22 -19.81
C ASP A 1164 -20.93 -39.85 -20.19
N ASP A 1165 -22.26 -39.78 -20.36
CA ASP A 1165 -22.91 -38.53 -20.73
C ASP A 1165 -22.79 -37.49 -19.62
N GLU A 1166 -23.14 -37.89 -18.40
CA GLU A 1166 -23.00 -36.97 -17.23
C GLU A 1166 -21.51 -36.56 -17.12
N LEU A 1167 -20.61 -37.53 -17.20
CA LEU A 1167 -19.16 -37.24 -17.13
C LEU A 1167 -18.81 -36.17 -18.17
N LYS A 1168 -19.42 -36.23 -19.35
CA LYS A 1168 -19.17 -35.25 -20.39
C LYS A 1168 -19.69 -33.87 -19.98
N LYS A 1169 -20.85 -33.83 -19.32
CA LYS A 1169 -21.32 -32.58 -18.70
C LYS A 1169 -20.36 -32.09 -17.62
N VAL A 1170 -19.79 -33.03 -16.84
CA VAL A 1170 -18.82 -32.66 -15.80
C VAL A 1170 -17.57 -32.02 -16.42
N HIS A 1171 -17.07 -32.59 -17.53
CA HIS A 1171 -15.94 -31.96 -18.23
C HIS A 1171 -16.31 -30.60 -18.83
N ASP A 1172 -17.51 -30.46 -19.39
CA ASP A 1172 -17.88 -29.18 -19.99
C ASP A 1172 -18.04 -28.08 -18.94
N PHE A 1173 -18.63 -28.43 -17.78
CA PHE A 1173 -18.66 -27.52 -16.63
C PHE A 1173 -17.26 -27.13 -16.19
N GLU A 1174 -16.34 -28.10 -16.13
CA GLU A 1174 -15.00 -27.81 -15.63
C GLU A 1174 -14.22 -26.93 -16.61
N GLU A 1175 -14.41 -27.16 -17.92
CA GLU A 1175 -13.84 -26.28 -18.94
C GLU A 1175 -14.35 -24.85 -18.83
N GLN A 1176 -15.65 -24.70 -18.55
CA GLN A 1176 -16.22 -23.37 -18.35
C GLN A 1176 -15.62 -22.68 -17.13
N CYS A 1177 -15.39 -23.45 -16.04
CA CYS A 1177 -14.76 -22.87 -14.85
C CYS A 1177 -13.30 -22.47 -15.12
N ILE A 1178 -12.56 -23.27 -15.90
CA ILE A 1178 -11.17 -22.93 -16.25
C ILE A 1178 -11.12 -21.65 -17.06
N GLU A 1179 -12.01 -21.53 -18.07
CA GLU A 1179 -12.06 -20.33 -18.88
C GLU A 1179 -12.45 -19.10 -18.07
N GLU A 1180 -13.38 -19.26 -17.12
CA GLU A 1180 -13.82 -18.10 -16.36
C GLU A 1180 -12.73 -17.71 -15.37
N TYR A 1181 -12.00 -18.69 -14.83
CA TYR A 1181 -10.88 -18.41 -13.94
C TYR A 1181 -9.79 -17.63 -14.65
N PHE A 1182 -9.46 -18.02 -15.88
CA PHE A 1182 -8.39 -17.32 -16.58
C PHE A 1182 -8.83 -15.94 -17.05
N ARG A 1183 -10.10 -15.78 -17.45
CA ARG A 1183 -10.54 -14.45 -17.88
C ARG A 1183 -10.66 -13.52 -16.67
N GLU A 1184 -10.97 -14.10 -15.49
CA GLU A 1184 -11.06 -13.32 -14.26
C GLU A 1184 -9.67 -12.91 -13.79
N LYS A 1185 -8.68 -13.79 -13.93
CA LYS A 1185 -7.30 -13.44 -13.61
C LYS A 1185 -6.80 -12.34 -14.55
N ASP A 1186 -7.16 -12.41 -15.83
CA ASP A 1186 -6.79 -11.35 -16.78
C ASP A 1186 -7.45 -10.03 -16.43
N ASP A 1187 -8.73 -10.04 -16.06
CA ASP A 1187 -9.41 -8.81 -15.67
C ASP A 1187 -8.84 -8.23 -14.37
N ARG A 1188 -8.51 -9.10 -13.41
CA ARG A 1188 -7.93 -8.64 -12.15
C ARG A 1188 -6.51 -8.10 -12.34
N PHE A 1189 -5.74 -8.65 -13.29
CA PHE A 1189 -4.44 -8.10 -13.62
C PHE A 1189 -4.55 -6.78 -14.38
N ASN A 1190 -5.53 -6.64 -15.27
CA ASN A 1190 -5.66 -5.42 -16.07
C ASN A 1190 -6.39 -4.31 -15.33
N SER A 1191 -6.92 -4.58 -14.14
CA SER A 1191 -7.61 -3.55 -13.37
C SER A 1191 -6.89 -3.22 -12.07
N SER A 1192 -5.74 -3.86 -11.82
CA SER A 1192 -4.92 -3.53 -10.66
C SER A 1192 -4.17 -2.25 -10.96
N ASN A 1193 -3.64 -1.63 -9.90
CA ASN A 1193 -3.02 -0.31 -9.98
C ASN A 1193 -1.76 -0.28 -10.84
N ASP A 1194 -0.84 -1.23 -10.65
CA ASP A 1194 0.47 -1.14 -11.30
C ASP A 1194 0.40 -1.38 -12.82
N GLU A 1195 -0.50 -2.26 -13.27
CA GLU A 1195 -0.66 -2.49 -14.69
C GLU A 1195 -1.55 -1.43 -15.34
N ARG A 1196 -2.16 -0.56 -14.55
CA ARG A 1196 -2.79 0.65 -15.07
C ARG A 1196 -1.79 1.78 -15.22
N ILE A 1197 -0.93 1.96 -14.22
CA ILE A 1197 0.10 3.01 -14.25
C ILE A 1197 1.11 2.75 -15.36
N ARG A 1198 1.46 1.48 -15.58
CA ARG A 1198 2.41 1.13 -16.63
C ARG A 1198 1.92 1.53 -18.02
N VAL A 1199 0.70 1.11 -18.36
CA VAL A 1199 0.18 1.39 -19.69
C VAL A 1199 -0.20 2.85 -19.82
N THR A 1200 -0.55 3.50 -18.69
CA THR A 1200 -0.79 4.94 -18.69
C THR A 1200 0.48 5.72 -19.01
N SER A 1201 1.60 5.37 -18.39
CA SER A 1201 2.85 6.10 -18.62
C SER A 1201 3.38 5.87 -20.04
N GLU A 1202 3.22 4.63 -20.55
CA GLU A 1202 3.58 4.35 -21.94
C GLU A 1202 2.73 5.17 -22.92
N ARG A 1203 1.41 5.23 -22.65
CA ARG A 1203 0.53 6.04 -23.49
C ARG A 1203 0.87 7.52 -23.43
N VAL A 1204 1.20 8.04 -22.23
CA VAL A 1204 1.52 9.46 -22.08
C VAL A 1204 2.83 9.82 -22.80
N GLU A 1205 3.80 8.90 -22.81
CA GLU A 1205 4.98 9.09 -23.67
C GLU A 1205 4.63 9.15 -25.15
N ASN A 1206 3.73 8.26 -25.60
CA ASN A 1206 3.26 8.31 -26.98
C ASN A 1206 2.57 9.64 -27.29
N MET A 1207 1.75 10.11 -26.33
CA MET A 1207 1.02 11.36 -26.49
C MET A 1207 1.97 12.54 -26.54
N SER A 1208 3.04 12.50 -25.74
CA SER A 1208 4.00 13.60 -25.68
C SER A 1208 4.81 13.70 -26.97
N MET A 1209 5.28 12.56 -27.49
CA MET A 1209 5.98 12.55 -28.76
C MET A 1209 5.09 13.05 -29.89
N ARG A 1210 3.82 12.61 -29.88
CA ARG A 1210 2.92 13.00 -30.95
C ARG A 1210 2.50 14.46 -30.85
N LEU A 1211 2.38 15.00 -29.63
CA LEU A 1211 2.04 16.40 -29.47
C LEU A 1211 3.22 17.30 -29.87
N GLU A 1212 4.45 16.85 -29.61
CA GLU A 1212 5.62 17.57 -30.10
C GLU A 1212 5.68 17.56 -31.63
N GLU A 1213 5.30 16.43 -32.24
CA GLU A 1213 5.22 16.34 -33.69
C GLU A 1213 4.17 17.30 -34.27
N VAL A 1214 2.99 17.36 -33.62
CA VAL A 1214 1.94 18.29 -34.03
C VAL A 1214 2.41 19.73 -33.89
N ASN A 1215 3.16 20.02 -32.81
CA ASN A 1215 3.72 21.35 -32.59
C ASN A 1215 4.65 21.77 -33.72
N GLU A 1216 5.54 20.86 -34.13
CA GLU A 1216 6.47 21.15 -35.23
C GLU A 1216 5.74 21.35 -36.55
N ARG A 1217 4.87 20.40 -36.92
CA ARG A 1217 4.28 20.43 -38.25
C ARG A 1217 3.22 21.53 -38.37
N GLU A 1218 2.51 21.83 -37.29
CA GLU A 1218 1.55 22.91 -37.34
C GLU A 1218 2.23 24.26 -37.19
N HIS A 1219 3.47 24.30 -36.69
CA HIS A 1219 4.19 25.57 -36.70
C HIS A 1219 4.62 25.89 -38.12
N SER A 1220 5.06 24.86 -38.85
CA SER A 1220 5.29 25.00 -40.29
C SER A 1220 4.01 25.40 -41.02
N MET A 1221 2.88 24.79 -40.64
CA MET A 1221 1.60 25.08 -41.27
C MET A 1221 1.14 26.51 -40.99
N LYS A 1222 1.31 26.98 -39.75
CA LYS A 1222 0.91 28.34 -39.39
C LYS A 1222 1.78 29.38 -40.09
N ALA A 1223 3.09 29.12 -40.16
CA ALA A 1223 3.99 30.01 -40.88
C ALA A 1223 3.66 30.07 -42.37
N SER A 1224 3.37 28.90 -42.95
CA SER A 1224 3.01 28.82 -44.37
C SER A 1224 1.69 29.52 -44.66
N LEU A 1225 0.71 29.35 -43.77
CA LEU A 1225 -0.60 29.98 -43.93
C LEU A 1225 -0.48 31.50 -43.80
N GLN A 1226 0.30 31.98 -42.84
CA GLN A 1226 0.51 33.41 -42.66
C GLN A 1226 1.23 34.02 -43.86
N THR A 1227 2.26 33.33 -44.37
CA THR A 1227 3.01 33.84 -45.52
C THR A 1227 2.16 33.84 -46.79
N VAL A 1228 1.35 32.78 -46.99
CA VAL A 1228 0.50 32.69 -48.17
C VAL A 1228 -0.63 33.71 -48.12
N ASP A 1229 -1.17 33.96 -46.91
CA ASP A 1229 -2.23 34.96 -46.78
C ASP A 1229 -1.67 36.37 -46.92
N ILE A 1230 -0.43 36.59 -46.48
CA ILE A 1230 0.21 37.89 -46.66
C ILE A 1230 0.50 38.13 -48.13
N ARG A 1231 0.98 37.10 -48.83
CA ARG A 1231 1.25 37.21 -50.27
C ARG A 1231 0.03 36.85 -51.12
N LEU A 1232 -1.10 37.49 -50.87
CA LEU A 1232 -2.32 37.26 -51.63
C LEU A 1232 -3.26 38.46 -51.55
N SER B 30 25.60 61.00 8.05
CA SER B 30 25.87 62.38 7.65
C SER B 30 26.93 62.42 6.55
N TRP B 31 27.70 61.34 6.43
CA TRP B 31 28.73 61.27 5.40
C TRP B 31 28.13 61.09 4.02
N ILE B 32 26.95 60.48 3.92
CA ILE B 32 26.30 60.27 2.64
C ILE B 32 25.81 61.60 2.06
N GLU B 33 25.28 62.48 2.91
CA GLU B 33 24.75 63.76 2.45
C GLU B 33 25.85 64.70 1.98
N ARG B 34 27.06 64.53 2.49
CA ARG B 34 28.20 65.34 2.08
C ARG B 34 29.00 64.70 0.95
N ALA B 35 28.52 63.60 0.39
CA ALA B 35 29.24 62.86 -0.64
C ALA B 35 28.58 62.98 -2.01
N PHE B 36 27.32 62.57 -2.13
CA PHE B 36 26.61 62.61 -3.40
C PHE B 36 25.99 63.98 -3.63
N TYR B 37 25.06 64.04 -4.59
CA TYR B 37 24.46 65.31 -4.99
C TYR B 37 22.99 65.09 -5.31
N LYS B 38 22.31 66.21 -5.53
CA LYS B 38 20.87 66.27 -5.72
C LYS B 38 20.57 67.34 -6.76
N ARG B 39 19.58 67.06 -7.61
CA ARG B 39 19.15 68.00 -8.63
C ARG B 39 17.72 68.44 -8.36
N GLU B 40 17.51 69.74 -8.31
CA GLU B 40 16.19 70.33 -8.10
C GLU B 40 15.85 71.19 -9.32
N CYS B 41 14.58 71.18 -9.69
CA CYS B 41 14.14 71.84 -10.93
C CYS B 41 13.66 73.26 -10.62
N VAL B 42 14.41 74.25 -11.10
CA VAL B 42 13.93 75.62 -11.22
C VAL B 42 14.31 76.13 -12.60
N HIS B 43 13.34 76.73 -13.30
CA HIS B 43 13.42 76.95 -14.74
C HIS B 43 12.30 77.88 -15.18
N ILE B 44 12.18 78.07 -16.51
CA ILE B 44 11.35 79.10 -17.11
C ILE B 44 9.89 78.66 -17.22
N ILE B 45 9.61 77.38 -16.92
CA ILE B 45 8.33 76.69 -17.10
C ILE B 45 7.87 76.82 -18.55
N PRO B 46 8.44 76.04 -19.49
CA PRO B 46 7.83 75.96 -20.82
C PRO B 46 6.45 75.33 -20.75
N SER B 47 5.53 75.86 -21.56
CA SER B 47 4.17 75.32 -21.58
C SER B 47 4.08 73.99 -22.31
N THR B 48 4.77 73.88 -23.45
CA THR B 48 4.76 72.74 -24.37
C THR B 48 3.35 72.33 -24.79
N LYS B 49 2.90 71.14 -24.37
CA LYS B 49 1.57 70.66 -24.75
C LYS B 49 0.49 71.21 -23.82
N ASP B 50 0.58 70.86 -22.54
CA ASP B 50 -0.36 71.35 -21.54
C ASP B 50 0.37 72.31 -20.62
N PRO B 51 -0.14 73.54 -20.41
CA PRO B 51 0.62 74.55 -19.66
C PRO B 51 0.85 74.22 -18.19
N HIS B 52 0.06 73.31 -17.60
CA HIS B 52 0.32 72.89 -16.23
C HIS B 52 1.57 72.02 -16.15
N ARG B 53 1.77 71.14 -17.13
CA ARG B 53 2.94 70.27 -17.16
C ARG B 53 4.09 70.95 -17.87
N CYS B 54 5.19 71.15 -17.15
CA CYS B 54 6.34 71.85 -17.69
C CYS B 54 7.21 70.91 -18.51
N CYS B 55 8.42 71.36 -18.84
CA CYS B 55 9.38 70.48 -19.50
C CYS B 55 9.86 69.37 -18.57
N CYS B 56 9.92 69.66 -17.27
CA CYS B 56 10.26 68.64 -16.28
C CYS B 56 9.09 67.73 -15.96
N GLY B 57 7.88 68.05 -16.41
CA GLY B 57 6.73 67.20 -16.22
C GLY B 57 5.98 67.37 -14.91
N ARG B 58 6.47 68.21 -14.00
CA ARG B 58 5.80 68.42 -12.74
C ARG B 58 4.72 69.49 -12.88
N LEU B 59 4.01 69.75 -11.78
CA LEU B 59 3.02 70.81 -11.76
C LEU B 59 3.69 72.18 -11.80
N ILE B 60 2.94 73.18 -12.29
CA ILE B 60 3.50 74.51 -12.51
C ILE B 60 3.83 75.20 -11.19
N GLY B 61 3.06 74.95 -10.13
CA GLY B 61 3.29 75.53 -8.84
C GLY B 61 4.00 74.64 -7.83
N GLN B 62 4.43 73.44 -8.25
CA GLN B 62 5.04 72.49 -7.32
C GLN B 62 6.55 72.62 -7.22
N HIS B 63 7.18 73.46 -8.04
CA HIS B 63 8.63 73.63 -7.98
C HIS B 63 9.02 74.46 -6.77
N VAL B 64 10.06 74.01 -6.06
CA VAL B 64 10.65 74.66 -4.88
C VAL B 64 9.63 74.91 -3.77
N TRP B 92 19.97 68.07 -15.85
CA TRP B 92 20.73 68.84 -16.82
C TRP B 92 20.28 70.29 -16.86
N SER B 93 21.22 71.19 -17.15
CA SER B 93 20.90 72.61 -17.23
C SER B 93 20.26 73.01 -18.56
N ILE B 94 20.33 72.14 -19.56
CA ILE B 94 19.73 72.42 -20.87
C ILE B 94 18.22 72.28 -20.74
N SER B 95 17.51 73.42 -20.79
CA SER B 95 16.06 73.61 -20.80
C SER B 95 15.41 73.31 -19.44
N LYS B 96 16.18 72.80 -18.49
CA LYS B 96 15.69 72.56 -17.14
C LYS B 96 16.40 73.40 -16.09
N HIS B 97 17.58 73.94 -16.39
CA HIS B 97 18.25 75.01 -15.63
C HIS B 97 18.51 74.61 -14.18
N THR B 98 18.95 73.37 -13.97
CA THR B 98 19.06 72.82 -12.63
C THR B 98 20.21 73.46 -11.85
N GLN B 99 20.06 73.47 -10.53
CA GLN B 99 21.08 73.96 -9.61
C GLN B 99 21.53 72.80 -8.74
N LEU B 100 22.84 72.68 -8.55
CA LEU B 100 23.41 71.49 -7.92
C LEU B 100 23.35 71.67 -6.40
N SER B 101 22.44 70.93 -5.76
CA SER B 101 22.16 71.00 -4.34
C SER B 101 22.70 69.75 -3.63
N PRO B 102 22.96 69.82 -2.32
CA PRO B 102 23.31 68.59 -1.60
C PRO B 102 22.13 67.66 -1.42
N THR B 103 22.43 66.38 -1.23
CA THR B 103 21.40 65.36 -1.07
C THR B 103 20.70 65.49 0.27
N ASP B 104 19.41 65.14 0.29
CA ASP B 104 18.60 65.35 1.49
C ASP B 104 17.77 64.14 1.92
N ALA B 105 17.40 63.22 1.04
CA ALA B 105 16.54 62.10 1.40
C ALA B 105 17.30 60.79 1.19
N PHE B 106 17.61 60.12 2.30
CA PHE B 106 18.28 58.83 2.30
C PHE B 106 17.99 58.14 3.62
N GLY B 107 17.89 56.82 3.59
CA GLY B 107 17.58 56.08 4.81
C GLY B 107 17.15 54.65 4.59
N THR B 108 16.02 54.27 5.19
CA THR B 108 15.54 52.89 5.15
C THR B 108 14.03 52.92 4.90
N ILE B 109 13.57 52.00 4.04
CA ILE B 109 12.15 51.86 3.72
C ILE B 109 11.60 50.65 4.46
N GLU B 110 10.53 50.85 5.21
CA GLU B 110 9.76 49.76 5.79
C GLU B 110 8.60 49.44 4.85
N PHE B 111 8.66 48.27 4.22
CA PHE B 111 7.66 47.86 3.23
C PHE B 111 6.48 47.22 3.95
N GLN B 112 5.44 48.00 4.21
CA GLN B 112 4.19 47.47 4.74
C GLN B 112 3.30 47.04 3.58
N GLY B 113 2.59 45.92 3.78
CA GLY B 113 1.75 45.37 2.74
C GLY B 113 2.53 44.48 1.78
N GLY B 114 1.77 43.80 0.92
CA GLY B 114 2.36 42.89 -0.05
C GLY B 114 3.00 41.66 0.56
N GLY B 115 2.42 41.12 1.62
CA GLY B 115 2.93 39.91 2.24
C GLY B 115 3.92 40.23 3.36
N HIS B 116 5.15 39.72 3.22
CA HIS B 116 6.17 39.88 4.26
C HIS B 116 6.73 41.29 4.26
N SER B 117 7.11 41.75 5.45
CA SER B 117 7.74 43.05 5.61
C SER B 117 9.23 42.94 5.35
N ASN B 118 9.75 43.84 4.50
CA ASN B 118 11.14 43.80 4.09
C ASN B 118 11.73 45.20 4.24
N LYS B 119 12.89 45.29 4.87
CA LYS B 119 13.60 46.55 5.02
C LYS B 119 14.60 46.69 3.88
N ALA B 120 14.55 47.84 3.19
CA ALA B 120 15.40 48.09 2.03
C ALA B 120 15.92 49.51 2.11
N MET B 121 17.24 49.67 2.22
CA MET B 121 17.85 50.99 2.29
C MET B 121 17.80 51.67 0.93
N TYR B 122 17.82 53.01 0.96
CA TYR B 122 17.71 53.80 -0.25
C TYR B 122 18.58 55.04 -0.12
N VAL B 123 19.25 55.40 -1.21
CA VAL B 123 20.03 56.64 -1.30
C VAL B 123 19.72 57.31 -2.62
N ARG B 124 19.31 58.58 -2.57
CA ARG B 124 19.16 59.38 -3.78
C ARG B 124 20.53 59.83 -4.25
N VAL B 125 20.88 59.45 -5.49
CA VAL B 125 22.18 59.74 -6.08
C VAL B 125 21.94 60.52 -7.37
N SER B 126 22.67 61.61 -7.56
CA SER B 126 22.59 62.36 -8.81
C SER B 126 23.17 61.54 -9.96
N PHE B 127 22.62 61.77 -11.16
CA PHE B 127 22.96 60.95 -12.31
C PHE B 127 24.35 61.23 -12.89
N ASP B 128 25.00 62.31 -12.47
CA ASP B 128 26.32 62.67 -12.98
C ASP B 128 27.39 62.60 -11.88
N THR B 129 27.34 61.58 -11.04
CA THR B 129 28.30 61.42 -9.95
C THR B 129 29.38 60.41 -10.32
N LYS B 130 30.50 60.47 -9.59
CA LYS B 130 31.60 59.54 -9.78
C LYS B 130 31.23 58.17 -9.22
N PRO B 131 31.53 57.09 -9.95
CA PRO B 131 31.08 55.75 -9.50
C PRO B 131 31.89 55.19 -8.35
N ASP B 132 33.11 55.68 -8.12
CA ASP B 132 33.94 55.17 -7.02
C ASP B 132 33.36 55.54 -5.66
N LEU B 133 32.65 56.66 -5.57
CA LEU B 133 32.06 57.06 -4.30
C LEU B 133 30.81 56.23 -3.99
N LEU B 134 30.05 55.85 -5.03
CA LEU B 134 28.97 54.89 -4.85
C LEU B 134 29.52 53.50 -4.50
N LEU B 135 30.68 53.15 -5.05
CA LEU B 135 31.36 51.92 -4.67
C LEU B 135 31.75 51.95 -3.19
N HIS B 136 32.26 53.09 -2.72
CA HIS B 136 32.62 53.23 -1.31
C HIS B 136 31.40 53.17 -0.41
N LEU B 137 30.27 53.74 -0.88
CA LEU B 137 28.98 53.57 -0.21
C LEU B 137 28.64 52.10 -0.05
N MET B 138 28.59 51.36 -1.17
CA MET B 138 28.14 49.97 -1.17
C MET B 138 29.11 49.04 -0.45
N THR B 139 30.39 49.41 -0.32
CA THR B 139 31.32 48.57 0.43
C THR B 139 31.31 48.89 1.93
N LYS B 140 31.53 50.16 2.28
CA LYS B 140 31.72 50.52 3.68
C LYS B 140 30.42 50.92 4.38
N GLU B 141 29.65 51.82 3.77
CA GLU B 141 28.51 52.40 4.49
C GLU B 141 27.26 51.54 4.42
N TRP B 142 27.29 50.45 3.65
CA TRP B 142 26.13 49.58 3.46
C TRP B 142 26.36 48.16 3.96
N GLN B 143 27.59 47.81 4.36
CA GLN B 143 27.97 46.49 4.90
C GLN B 143 27.65 45.36 3.92
N LEU B 144 27.87 45.61 2.64
CA LEU B 144 27.63 44.63 1.59
C LEU B 144 28.97 44.17 1.03
N GLU B 145 29.21 42.86 1.08
CA GLU B 145 30.47 42.31 0.59
C GLU B 145 30.51 42.32 -0.93
N LEU B 146 31.73 42.32 -1.46
CA LEU B 146 31.93 42.34 -2.91
C LEU B 146 31.52 40.99 -3.50
N PRO B 147 30.59 40.96 -4.45
CA PRO B 147 30.05 39.69 -4.93
C PRO B 147 30.98 39.05 -5.97
N LYS B 148 30.58 37.88 -6.42
CA LYS B 148 31.28 37.15 -7.47
C LYS B 148 30.58 37.22 -8.82
N LEU B 149 29.42 37.88 -8.89
CA LEU B 149 28.64 37.94 -10.11
C LEU B 149 27.71 39.16 -10.05
N LEU B 150 27.41 39.70 -11.22
CA LEU B 150 26.46 40.81 -11.37
C LEU B 150 25.43 40.38 -12.42
N ILE B 151 24.29 39.87 -11.98
CA ILE B 151 23.25 39.42 -12.89
C ILE B 151 22.34 40.62 -13.15
N SER B 152 22.62 41.34 -14.23
CA SER B 152 21.77 42.45 -14.63
C SER B 152 20.44 41.92 -15.18
N VAL B 153 19.39 42.71 -14.97
CA VAL B 153 18.03 42.28 -15.28
C VAL B 153 17.37 43.22 -16.29
N HIS B 154 18.17 43.74 -17.23
CA HIS B 154 17.67 44.64 -18.27
C HIS B 154 16.60 43.97 -19.12
N GLY B 155 15.57 44.72 -19.46
CA GLY B 155 14.49 44.19 -20.26
C GLY B 155 13.54 45.27 -20.73
N GLY B 156 12.34 44.83 -21.12
CA GLY B 156 11.33 45.76 -21.58
C GLY B 156 10.76 46.59 -20.44
N LEU B 157 10.57 47.89 -20.71
CA LEU B 157 10.08 48.80 -19.69
C LEU B 157 8.59 48.61 -19.42
N GLN B 158 7.80 48.39 -20.47
CA GLN B 158 6.36 48.21 -20.30
C GLN B 158 6.05 46.84 -19.71
N ASN B 159 4.84 46.72 -19.16
CA ASN B 159 4.43 45.48 -18.52
C ASN B 159 3.94 44.50 -19.58
N PHE B 160 4.40 43.25 -19.50
CA PHE B 160 4.05 42.22 -20.47
C PHE B 160 3.62 40.96 -19.72
N GLU B 161 3.44 39.88 -20.48
CA GLU B 161 3.03 38.59 -19.92
C GLU B 161 3.89 37.49 -20.52
N LEU B 162 4.00 36.38 -19.78
CA LEU B 162 4.80 35.23 -20.18
C LEU B 162 4.06 33.94 -19.86
N GLN B 163 4.65 32.84 -20.30
CA GLN B 163 4.16 31.53 -19.90
C GLN B 163 4.42 31.30 -18.42
N PRO B 164 3.53 30.58 -17.72
CA PRO B 164 3.73 30.35 -16.27
C PRO B 164 4.92 29.46 -15.98
N LYS B 165 5.08 28.37 -16.74
CA LYS B 165 6.23 27.49 -16.56
C LYS B 165 7.53 28.14 -16.98
N LEU B 166 7.51 29.00 -18.00
CA LEU B 166 8.70 29.73 -18.41
C LEU B 166 9.13 30.71 -17.32
N LYS B 167 8.17 31.41 -16.72
CA LYS B 167 8.48 32.30 -15.60
C LYS B 167 8.97 31.52 -14.39
N GLN B 168 8.42 30.32 -14.16
CA GLN B 168 8.84 29.50 -13.04
C GLN B 168 10.28 29.00 -13.22
N VAL B 169 10.63 28.51 -14.41
CA VAL B 169 11.99 28.03 -14.63
C VAL B 169 12.98 29.20 -14.67
N PHE B 170 12.53 30.37 -15.16
CA PHE B 170 13.32 31.59 -15.11
C PHE B 170 13.63 31.99 -13.67
N GLY B 171 12.61 32.00 -12.82
CA GLY B 171 12.81 32.38 -11.43
C GLY B 171 13.66 31.38 -10.66
N LYS B 172 13.45 30.08 -10.90
CA LYS B 172 14.23 29.05 -10.23
C LYS B 172 15.70 29.11 -10.62
N GLY B 173 15.99 29.26 -11.91
CA GLY B 173 17.37 29.40 -12.34
C GLY B 173 18.01 30.69 -11.87
N LEU B 174 17.24 31.77 -11.81
CA LEU B 174 17.75 33.05 -11.34
C LEU B 174 18.14 32.98 -9.86
N ILE B 175 17.26 32.43 -9.02
CA ILE B 175 17.59 32.36 -7.60
C ILE B 175 18.67 31.30 -7.35
N LYS B 176 18.73 30.25 -8.17
CA LYS B 176 19.78 29.26 -8.02
C LYS B 176 21.15 29.84 -8.34
N ALA B 177 21.26 30.60 -9.43
CA ALA B 177 22.50 31.28 -9.75
C ALA B 177 22.86 32.33 -8.70
N ALA B 178 21.85 33.03 -8.17
CA ALA B 178 22.07 34.06 -7.16
C ALA B 178 22.61 33.47 -5.85
N MET B 179 22.11 32.31 -5.43
CA MET B 179 22.68 31.69 -4.23
C MET B 179 23.99 30.97 -4.50
N THR B 180 24.23 30.44 -5.71
CA THR B 180 25.50 29.76 -5.93
C THR B 180 26.65 30.75 -6.08
N THR B 181 26.42 31.91 -6.68
CA THR B 181 27.50 32.86 -6.89
C THR B 181 27.51 34.04 -5.91
N GLY B 182 26.47 34.18 -5.08
CA GLY B 182 26.35 35.32 -4.20
C GLY B 182 26.20 36.63 -4.93
N ALA B 183 25.40 36.65 -5.99
CA ALA B 183 25.40 37.74 -6.96
C ALA B 183 24.64 38.96 -6.46
N TRP B 184 24.96 40.09 -7.06
CA TRP B 184 24.13 41.30 -6.98
C TRP B 184 23.26 41.36 -8.23
N ILE B 185 21.97 41.56 -8.04
CA ILE B 185 21.01 41.60 -9.14
C ILE B 185 20.61 43.05 -9.37
N PHE B 186 20.99 43.59 -10.52
CA PHE B 186 20.65 44.98 -10.85
C PHE B 186 19.35 45.03 -11.66
N THR B 187 18.27 44.75 -10.94
CA THR B 187 16.92 44.87 -11.45
C THR B 187 16.56 46.36 -11.53
N GLY B 188 15.65 46.70 -12.47
CA GLY B 188 15.29 48.09 -12.69
C GLY B 188 14.65 48.77 -11.48
N GLY B 189 13.74 48.07 -10.81
CA GLY B 189 13.22 48.56 -9.55
C GLY B 189 11.77 48.97 -9.53
N VAL B 190 11.32 49.69 -10.57
CA VAL B 190 9.91 50.08 -10.65
C VAL B 190 9.10 48.89 -11.12
N ASN B 191 7.90 48.72 -10.57
CA ASN B 191 7.11 47.49 -10.71
C ASN B 191 6.29 47.51 -11.99
N THR B 192 6.99 47.41 -13.13
CA THR B 192 6.38 47.32 -14.44
C THR B 192 7.34 46.58 -15.36
N GLY B 193 6.94 45.40 -15.81
CA GLY B 193 7.69 44.67 -16.83
C GLY B 193 8.49 43.52 -16.26
N VAL B 194 9.77 43.44 -16.65
CA VAL B 194 10.63 42.33 -16.24
C VAL B 194 11.02 42.43 -14.77
N ILE B 195 10.84 43.60 -14.16
CA ILE B 195 11.09 43.78 -12.74
C ILE B 195 10.04 43.02 -11.94
N ARG B 196 8.79 43.01 -12.41
CA ARG B 196 7.73 42.25 -11.75
C ARG B 196 7.95 40.75 -11.85
N HIS B 197 8.64 40.29 -12.90
CA HIS B 197 9.03 38.88 -12.99
C HIS B 197 10.18 38.56 -12.05
N VAL B 198 11.04 39.54 -11.75
CA VAL B 198 12.08 39.35 -10.75
C VAL B 198 11.46 39.28 -9.36
N GLY B 199 10.42 40.08 -9.11
CA GLY B 199 9.67 39.97 -7.87
C GLY B 199 8.93 38.65 -7.74
N ASP B 200 8.48 38.09 -8.87
CA ASP B 200 7.92 36.74 -8.85
C ASP B 200 8.99 35.69 -8.59
N ALA B 201 10.24 35.95 -8.97
CA ALA B 201 11.33 35.04 -8.66
C ALA B 201 11.64 35.05 -7.17
N LEU B 202 11.63 36.24 -6.55
CA LEU B 202 11.93 36.34 -5.13
C LEU B 202 10.79 35.86 -4.24
N LYS B 203 9.57 35.79 -4.79
CA LYS B 203 8.48 35.15 -4.06
C LYS B 203 8.66 33.64 -4.02
N ASP B 204 9.24 33.07 -5.08
CA ASP B 204 9.58 31.65 -5.08
C ASP B 204 10.73 31.35 -4.11
N HIS B 205 11.65 32.30 -3.94
CA HIS B 205 12.76 32.12 -3.01
C HIS B 205 12.28 32.20 -1.56
N ALA B 206 11.72 33.36 -1.17
CA ALA B 206 10.92 33.59 0.03
C ALA B 206 11.68 33.33 1.33
N SER B 207 13.00 33.47 1.34
CA SER B 207 13.77 33.31 2.58
C SER B 207 15.04 34.16 2.54
N LYS B 212 23.98 37.18 1.77
CA LYS B 212 22.74 36.53 1.36
C LYS B 212 22.73 36.73 -0.17
N ILE B 213 21.73 37.43 -0.72
CA ILE B 213 21.70 37.89 -2.10
C ILE B 213 21.27 39.35 -2.07
N CYS B 214 21.92 40.18 -2.87
CA CYS B 214 21.50 41.57 -2.99
C CYS B 214 20.70 41.78 -4.27
N THR B 215 19.75 42.71 -4.20
CA THR B 215 18.81 42.97 -5.29
C THR B 215 18.73 44.49 -5.51
N ILE B 216 19.91 45.08 -5.72
CA ILE B 216 20.04 46.53 -5.80
C ILE B 216 19.32 47.04 -7.05
N GLY B 217 18.40 47.99 -6.85
CA GLY B 217 17.63 48.56 -7.94
C GLY B 217 18.21 49.90 -8.40
N ILE B 218 18.10 50.15 -9.71
CA ILE B 218 18.51 51.42 -10.29
C ILE B 218 17.27 51.99 -10.98
N ALA B 219 16.50 52.80 -10.25
CA ALA B 219 15.27 53.39 -10.74
C ALA B 219 15.32 54.91 -10.61
N PRO B 220 14.65 55.65 -11.49
CA PRO B 220 14.65 57.12 -11.36
C PRO B 220 13.82 57.59 -10.19
N TRP B 221 14.25 58.73 -9.62
CA TRP B 221 13.47 59.39 -8.56
C TRP B 221 12.20 60.01 -9.09
N GLY B 222 12.21 60.49 -10.34
CA GLY B 222 11.05 61.18 -10.86
C GLY B 222 9.84 60.30 -11.14
N ILE B 223 10.04 58.99 -11.26
CA ILE B 223 8.96 58.09 -11.67
C ILE B 223 8.36 57.35 -10.48
N VAL B 224 9.04 57.30 -9.33
CA VAL B 224 8.53 56.56 -8.19
C VAL B 224 7.31 57.27 -7.58
N GLU B 225 6.30 56.48 -7.24
CA GLU B 225 5.09 56.98 -6.62
C GLU B 225 5.35 57.26 -5.15
N ASN B 226 4.67 58.31 -4.63
CA ASN B 226 4.80 58.80 -3.26
C ASN B 226 6.25 59.24 -2.98
N GLN B 227 6.66 60.26 -3.72
CA GLN B 227 7.99 60.84 -3.55
C GLN B 227 8.13 61.54 -2.20
N GLU B 228 7.03 62.12 -1.68
CA GLU B 228 7.07 62.78 -0.38
C GLU B 228 7.16 61.78 0.77
N ASP B 229 6.78 60.53 0.55
CA ASP B 229 6.88 59.52 1.61
C ASP B 229 8.32 59.14 1.90
N LEU B 230 9.19 59.20 0.89
CA LEU B 230 10.58 58.80 1.06
C LEU B 230 11.50 59.97 1.40
N ILE B 231 10.96 61.11 1.81
CA ILE B 231 11.77 62.23 2.24
C ILE B 231 12.08 62.08 3.72
N GLY B 232 13.35 62.22 4.09
CA GLY B 232 13.77 62.05 5.47
C GLY B 232 15.19 61.57 5.65
N ARG B 233 15.92 62.20 6.58
CA ARG B 233 17.30 61.82 6.86
C ARG B 233 17.34 60.73 7.92
N ASP B 234 17.82 59.54 7.53
CA ASP B 234 18.03 58.37 8.41
C ASP B 234 16.75 57.95 9.13
N VAL B 235 15.60 58.10 8.46
CA VAL B 235 14.30 57.82 9.05
C VAL B 235 13.71 56.60 8.36
N VAL B 236 13.20 55.66 9.15
CA VAL B 236 12.54 54.48 8.61
C VAL B 236 11.14 54.90 8.18
N ARG B 237 10.97 55.18 6.89
CA ARG B 237 9.73 55.72 6.39
C ARG B 237 8.79 54.61 5.96
N PRO B 238 7.49 54.74 6.23
CA PRO B 238 6.53 53.75 5.73
C PRO B 238 6.30 53.91 4.23
N TYR B 239 6.24 52.79 3.52
CA TYR B 239 5.99 52.79 2.07
C TYR B 239 5.02 51.66 1.77
N GLN B 240 3.77 52.02 1.53
CA GLN B 240 2.74 51.04 1.21
C GLN B 240 2.90 50.58 -0.24
N THR B 241 2.15 49.52 -0.60
CA THR B 241 2.07 49.04 -1.97
C THR B 241 0.96 49.73 -2.76
N MET B 242 0.65 50.98 -2.41
CA MET B 242 -0.37 51.78 -3.08
C MET B 242 0.06 52.05 -4.52
N SER B 243 -0.70 51.52 -5.48
CA SER B 243 -0.43 51.71 -6.90
C SER B 243 -1.74 52.06 -7.61
N ASN B 244 -1.90 53.34 -7.92
CA ASN B 244 -3.10 53.77 -8.65
C ASN B 244 -3.03 53.29 -10.10
N PRO B 245 -4.10 52.68 -10.63
CA PRO B 245 -4.03 52.15 -12.00
C PRO B 245 -4.00 53.21 -13.08
N MET B 246 -4.37 54.45 -12.78
CA MET B 246 -4.36 55.53 -13.76
C MET B 246 -3.22 56.50 -13.57
N SER B 247 -2.44 56.35 -12.50
CA SER B 247 -1.32 57.25 -12.25
C SER B 247 -0.14 56.90 -13.14
N LYS B 248 0.58 57.93 -13.61
CA LYS B 248 1.77 57.70 -14.41
C LYS B 248 2.93 57.21 -13.56
N LEU B 249 2.94 57.55 -12.27
CA LEU B 249 3.98 57.09 -11.37
C LEU B 249 3.83 55.61 -11.06
N THR B 250 4.96 54.94 -10.89
CA THR B 250 4.99 53.50 -10.62
C THR B 250 5.63 53.25 -9.27
N VAL B 251 4.95 52.46 -8.43
CA VAL B 251 5.48 52.11 -7.12
C VAL B 251 6.62 51.10 -7.31
N LEU B 252 7.57 51.12 -6.39
CA LEU B 252 8.68 50.17 -6.42
C LEU B 252 8.20 48.78 -6.01
N ASN B 253 8.94 47.77 -6.46
CA ASN B 253 8.72 46.41 -5.98
C ASN B 253 9.15 46.33 -4.51
N SER B 254 8.35 45.63 -3.70
CA SER B 254 8.53 45.66 -2.26
C SER B 254 9.56 44.67 -1.75
N MET B 255 10.22 43.90 -2.63
CA MET B 255 11.16 42.88 -2.17
C MET B 255 12.55 42.99 -2.78
N HIS B 256 12.91 44.14 -3.34
CA HIS B 256 14.33 44.45 -3.49
C HIS B 256 14.95 44.64 -2.11
N SER B 257 16.20 44.20 -1.99
CA SER B 257 16.92 44.36 -0.73
C SER B 257 17.55 45.74 -0.58
N HIS B 258 17.80 46.43 -1.68
CA HIS B 258 18.41 47.75 -1.66
C HIS B 258 17.85 48.57 -2.81
N PHE B 259 18.18 49.87 -2.79
CA PHE B 259 17.66 50.79 -3.81
C PHE B 259 18.62 51.95 -4.00
N ILE B 260 18.78 52.34 -5.27
CA ILE B 260 19.46 53.56 -5.68
C ILE B 260 18.49 54.35 -6.55
N LEU B 261 18.26 55.60 -6.19
CA LEU B 261 17.28 56.44 -6.88
C LEU B 261 18.02 57.55 -7.64
N ALA B 262 18.07 57.42 -8.96
CA ALA B 262 18.81 58.35 -9.81
C ALA B 262 17.97 59.61 -10.03
N ASP B 263 18.46 60.74 -9.53
CA ASP B 263 17.75 62.01 -9.56
C ASP B 263 18.45 62.95 -10.54
N ASN B 264 17.79 63.24 -11.67
CA ASN B 264 18.26 64.24 -12.60
C ASN B 264 17.49 65.56 -12.48
N GLY B 265 16.53 65.64 -11.56
CA GLY B 265 15.75 66.83 -11.34
C GLY B 265 14.38 66.84 -11.95
N THR B 266 14.09 65.95 -12.90
CA THR B 266 12.80 65.93 -13.58
C THR B 266 11.91 64.84 -12.99
N THR B 267 10.63 64.89 -13.36
CA THR B 267 9.64 63.93 -12.89
C THR B 267 8.98 63.23 -14.07
N GLY B 268 8.85 61.91 -13.96
CA GLY B 268 8.10 61.15 -14.95
C GLY B 268 8.79 60.92 -16.26
N LYS B 269 10.12 61.05 -16.32
CA LYS B 269 10.87 60.83 -17.55
C LYS B 269 11.95 59.79 -17.30
N TYR B 270 12.10 58.87 -18.26
CA TYR B 270 13.12 57.83 -18.19
C TYR B 270 14.47 58.39 -18.67
N GLY B 271 15.48 57.52 -18.69
CA GLY B 271 16.81 57.90 -19.13
C GLY B 271 17.69 58.51 -18.07
N ALA B 272 17.17 58.71 -16.85
CA ALA B 272 17.95 59.29 -15.77
C ALA B 272 18.86 58.29 -15.08
N GLU B 273 18.66 56.99 -15.33
CA GLU B 273 19.36 55.95 -14.60
C GLU B 273 20.31 55.12 -15.44
N VAL B 274 20.25 55.24 -16.77
CA VAL B 274 20.99 54.32 -17.66
C VAL B 274 22.49 54.56 -17.59
N LYS B 275 22.91 55.83 -17.69
CA LYS B 275 24.34 56.14 -17.75
C LYS B 275 25.02 55.90 -16.39
N LEU B 276 24.32 56.22 -15.30
CA LEU B 276 24.85 55.95 -13.96
C LEU B 276 24.99 54.45 -13.72
N ARG B 277 24.02 53.67 -14.20
CA ARG B 277 24.08 52.21 -14.04
C ARG B 277 25.21 51.61 -14.87
N ARG B 278 25.40 52.10 -16.11
CA ARG B 278 26.54 51.66 -16.91
C ARG B 278 27.89 52.01 -16.28
N GLN B 279 28.06 53.24 -15.78
CA GLN B 279 29.35 53.57 -15.17
C GLN B 279 29.56 52.85 -13.85
N LEU B 280 28.47 52.52 -13.14
CA LEU B 280 28.58 51.71 -11.93
C LEU B 280 28.99 50.28 -12.26
N GLU B 281 28.40 49.68 -13.29
CA GLU B 281 28.78 48.32 -13.69
C GLU B 281 30.22 48.26 -14.19
N LYS B 282 30.64 49.27 -14.97
CA LYS B 282 32.03 49.33 -15.42
C LYS B 282 32.99 49.48 -14.25
N HIS B 283 32.66 50.34 -13.28
CA HIS B 283 33.58 50.56 -12.16
C HIS B 283 33.60 49.37 -11.21
N ILE B 284 32.51 48.61 -11.12
CA ILE B 284 32.54 47.37 -10.35
C ILE B 284 33.39 46.33 -11.08
N SER B 285 33.23 46.23 -12.41
CA SER B 285 33.97 45.22 -13.16
C SER B 285 35.46 45.55 -13.29
N LEU B 286 35.88 46.79 -13.05
CA LEU B 286 37.31 47.06 -12.97
C LEU B 286 37.93 46.65 -11.64
N GLN B 287 37.13 46.35 -10.61
CA GLN B 287 37.66 45.94 -9.32
C GLN B 287 38.15 44.50 -9.38
N LYS B 288 39.35 44.27 -8.87
CA LYS B 288 39.88 42.91 -8.81
C LYS B 288 39.20 42.13 -7.70
N ILE B 289 38.76 40.90 -8.03
CA ILE B 289 38.06 40.05 -7.08
C ILE B 289 39.07 39.43 -6.13
N ASN B 290 38.57 38.85 -5.03
CA ASN B 290 39.45 38.20 -4.06
C ASN B 290 40.03 36.91 -4.62
N THR B 291 39.22 36.14 -5.35
CA THR B 291 39.72 34.91 -5.97
C THR B 291 40.58 35.21 -7.20
N ARG B 292 40.19 36.24 -7.96
CA ARG B 292 40.87 36.68 -9.19
C ARG B 292 41.03 35.56 -10.21
N ILE B 293 39.99 34.73 -10.34
CA ILE B 293 40.03 33.62 -11.28
C ILE B 293 39.97 34.12 -12.72
N GLY B 294 39.06 35.06 -12.99
CA GLY B 294 38.93 35.62 -14.33
C GLY B 294 39.61 36.96 -14.47
N GLN B 295 38.84 37.99 -14.82
CA GLN B 295 39.34 39.36 -14.95
C GLN B 295 38.52 40.23 -14.00
N GLY B 296 38.95 40.29 -12.74
CA GLY B 296 38.22 41.07 -11.76
C GLY B 296 36.90 40.43 -11.38
N VAL B 297 35.94 41.28 -11.02
CA VAL B 297 34.60 40.85 -10.66
C VAL B 297 33.77 40.78 -11.93
N PRO B 298 33.29 39.60 -12.33
CA PRO B 298 32.62 39.45 -13.62
C PRO B 298 31.16 39.88 -13.60
N VAL B 299 30.67 40.26 -14.79
CA VAL B 299 29.31 40.71 -14.99
C VAL B 299 28.67 39.84 -16.07
N VAL B 300 27.46 39.36 -15.81
CA VAL B 300 26.64 38.69 -16.81
C VAL B 300 25.29 39.39 -16.90
N ALA B 301 25.02 40.02 -18.04
CA ALA B 301 23.83 40.84 -18.23
C ALA B 301 22.77 40.01 -18.95
N LEU B 302 21.55 40.00 -18.41
CA LEU B 302 20.47 39.17 -18.93
C LEU B 302 19.42 40.09 -19.57
N ILE B 303 18.89 39.66 -20.70
CA ILE B 303 17.90 40.42 -21.48
C ILE B 303 16.65 39.57 -21.64
N VAL B 304 15.49 40.15 -21.32
CA VAL B 304 14.19 39.55 -21.63
C VAL B 304 13.38 40.59 -22.38
N GLU B 305 13.03 40.28 -23.62
CA GLU B 305 12.33 41.15 -24.59
C GLU B 305 13.15 42.44 -24.76
N GLY B 306 12.51 43.61 -24.73
CA GLY B 306 13.18 44.87 -24.90
C GLY B 306 12.87 45.50 -26.24
N GLY B 307 13.11 46.81 -26.31
CA GLY B 307 12.92 47.56 -27.54
C GLY B 307 14.22 47.72 -28.31
N PRO B 308 14.33 48.82 -29.06
CA PRO B 308 15.62 49.12 -29.71
C PRO B 308 16.69 49.55 -28.74
N ASN B 309 16.31 50.06 -27.56
CA ASN B 309 17.28 50.35 -26.51
C ASN B 309 17.94 49.08 -25.99
N VAL B 310 17.24 47.95 -26.04
CA VAL B 310 17.85 46.67 -25.69
C VAL B 310 18.95 46.30 -26.68
N ILE B 311 18.69 46.53 -27.98
CA ILE B 311 19.69 46.26 -29.00
C ILE B 311 20.89 47.19 -28.84
N SER B 312 20.61 48.46 -28.50
CA SER B 312 21.68 49.43 -28.27
C SER B 312 22.53 49.07 -27.05
N ILE B 313 21.90 48.60 -25.97
CA ILE B 313 22.71 48.26 -24.81
C ILE B 313 23.43 46.93 -24.98
N VAL B 314 22.90 45.98 -25.78
CA VAL B 314 23.70 44.79 -26.11
C VAL B 314 24.90 45.17 -26.97
N LEU B 315 24.72 46.15 -27.87
CA LEU B 315 25.85 46.68 -28.64
C LEU B 315 26.88 47.34 -27.72
N GLU B 316 26.41 48.03 -26.68
CA GLU B 316 27.34 48.60 -25.70
C GLU B 316 28.01 47.54 -24.85
N TYR B 317 27.31 46.44 -24.55
CA TYR B 317 27.86 45.36 -23.75
C TYR B 317 28.97 44.61 -24.48
N LEU B 318 28.75 44.32 -25.77
CA LEU B 318 29.71 43.52 -26.52
C LEU B 318 30.94 44.33 -26.90
N ARG B 319 30.78 45.61 -27.24
CA ARG B 319 31.91 46.48 -27.59
C ARG B 319 32.62 47.05 -26.38
N ASP B 320 32.16 46.72 -25.17
CA ASP B 320 32.80 47.14 -23.93
C ASP B 320 34.16 46.46 -23.82
N THR B 321 35.13 47.19 -23.29
CA THR B 321 36.37 46.59 -22.81
C THR B 321 36.36 46.62 -21.29
N PRO B 322 36.21 45.49 -20.59
CA PRO B 322 36.13 44.09 -21.06
C PRO B 322 34.77 43.71 -21.66
N PRO B 323 34.76 42.73 -22.58
CA PRO B 323 33.51 42.34 -23.26
C PRO B 323 32.58 41.48 -22.40
N VAL B 324 31.71 42.14 -21.64
CA VAL B 324 30.74 41.47 -20.76
C VAL B 324 29.77 40.63 -21.60
N PRO B 325 29.59 39.36 -21.28
CA PRO B 325 28.69 38.51 -22.07
C PRO B 325 27.22 38.85 -21.83
N VAL B 326 26.39 38.42 -22.78
CA VAL B 326 24.96 38.69 -22.76
C VAL B 326 24.21 37.37 -22.84
N VAL B 327 23.32 37.13 -21.88
CA VAL B 327 22.38 36.00 -21.94
C VAL B 327 21.03 36.54 -22.40
N VAL B 328 20.46 35.92 -23.42
CA VAL B 328 19.13 36.28 -23.92
C VAL B 328 18.20 35.11 -23.72
N CYS B 329 16.93 35.40 -23.48
CA CYS B 329 15.90 34.39 -23.21
C CYS B 329 14.77 34.59 -24.22
N ASP B 330 14.62 33.64 -25.13
CA ASP B 330 13.55 33.72 -26.11
C ASP B 330 12.28 33.03 -25.59
N GLY B 331 11.33 32.81 -26.49
CA GLY B 331 10.00 32.39 -26.10
C GLY B 331 9.15 33.49 -25.53
N SER B 332 9.59 34.74 -25.61
CA SER B 332 8.90 35.88 -25.05
C SER B 332 8.49 36.92 -26.07
N GLY B 333 9.30 37.14 -27.11
CA GLY B 333 9.02 38.16 -28.10
C GLY B 333 9.96 39.34 -28.04
N ARG B 334 9.61 40.35 -28.82
CA ARG B 334 10.26 41.68 -28.93
C ARG B 334 11.69 41.47 -29.44
N ALA B 335 12.69 42.13 -28.85
CA ALA B 335 14.04 42.09 -29.39
C ALA B 335 14.76 40.79 -29.08
N SER B 336 14.40 40.12 -27.98
CA SER B 336 15.11 38.90 -27.58
C SER B 336 14.80 37.74 -28.53
N ASP B 337 13.54 37.63 -28.97
CA ASP B 337 13.17 36.60 -29.93
C ASP B 337 13.82 36.84 -31.29
N ILE B 338 13.92 38.11 -31.69
CA ILE B 338 14.59 38.46 -32.94
C ILE B 338 16.08 38.14 -32.85
N LEU B 339 16.70 38.42 -31.70
CA LEU B 339 18.11 38.11 -31.49
C LEU B 339 18.36 36.61 -31.51
N ALA B 340 17.49 35.82 -30.89
CA ALA B 340 17.66 34.38 -30.87
C ALA B 340 17.39 33.76 -32.24
N PHE B 341 16.38 34.27 -32.97
CA PHE B 341 16.09 33.79 -34.31
C PHE B 341 17.22 34.13 -35.29
N GLY B 342 17.86 35.28 -35.10
CA GLY B 342 19.07 35.57 -35.85
C GLY B 342 20.21 34.65 -35.46
N HIS B 343 20.39 34.41 -34.15
CA HIS B 343 21.54 33.67 -33.65
C HIS B 343 21.48 32.20 -34.02
N LYS B 344 20.27 31.66 -34.23
CA LYS B 344 20.17 30.29 -34.71
C LYS B 344 20.58 30.18 -36.18
N TYR B 345 20.40 31.25 -36.96
CA TYR B 345 20.69 31.22 -38.38
C TYR B 345 21.64 32.33 -38.83
N SER B 346 22.76 32.52 -38.12
CA SER B 346 23.72 33.54 -38.51
C SER B 346 25.07 32.99 -38.94
N GLU B 347 25.43 31.77 -38.51
CA GLU B 347 26.71 31.11 -38.74
C GLU B 347 27.89 31.98 -38.30
N GLU B 348 28.61 32.58 -39.25
CA GLU B 348 29.74 33.45 -38.93
C GLU B 348 29.32 34.91 -38.84
N GLY B 349 28.27 35.18 -38.07
CA GLY B 349 27.82 36.54 -37.84
C GLY B 349 26.95 37.10 -38.95
N GLY B 350 27.58 37.49 -40.05
CA GLY B 350 26.90 38.03 -41.22
C GLY B 350 26.52 37.01 -42.27
N LEU B 351 26.71 35.72 -41.99
CA LEU B 351 26.39 34.67 -42.95
C LEU B 351 24.92 34.27 -42.82
N ILE B 352 24.06 35.17 -43.26
CA ILE B 352 22.62 34.97 -43.23
C ILE B 352 22.11 35.02 -44.67
N ASN B 353 21.25 34.06 -45.02
CA ASN B 353 20.70 33.98 -46.36
C ASN B 353 19.68 35.10 -46.59
N GLU B 354 19.30 35.27 -47.85
CA GLU B 354 18.49 36.42 -48.25
C GLU B 354 17.05 36.32 -47.74
N SER B 355 16.46 35.12 -47.81
CA SER B 355 15.08 34.96 -47.38
C SER B 355 14.93 35.10 -45.87
N LEU B 356 15.91 34.59 -45.12
CA LEU B 356 15.88 34.75 -43.66
C LEU B 356 16.11 36.20 -43.25
N ARG B 357 16.98 36.91 -43.98
CA ARG B 357 17.20 38.33 -43.71
C ARG B 357 15.96 39.16 -44.02
N ASP B 358 15.27 38.85 -45.12
CA ASP B 358 14.03 39.54 -45.45
C ASP B 358 12.92 39.21 -44.45
N GLN B 359 12.88 37.97 -43.97
CA GLN B 359 11.91 37.57 -42.95
C GLN B 359 12.17 38.30 -41.63
N LEU B 360 13.45 38.42 -41.24
CA LEU B 360 13.80 39.17 -40.04
C LEU B 360 13.46 40.64 -40.17
N LEU B 361 13.72 41.23 -41.35
CA LEU B 361 13.39 42.63 -41.59
C LEU B 361 11.89 42.87 -41.57
N VAL B 362 11.10 41.96 -42.14
CA VAL B 362 9.66 42.18 -42.16
C VAL B 362 9.03 41.88 -40.80
N THR B 363 9.64 40.99 -39.99
CA THR B 363 9.12 40.81 -38.63
C THR B 363 9.50 41.99 -37.73
N ILE B 364 10.66 42.61 -37.99
CA ILE B 364 10.99 43.87 -37.31
C ILE B 364 10.00 44.96 -37.69
N GLN B 365 9.68 45.06 -38.99
CA GLN B 365 8.82 46.14 -39.46
C GLN B 365 7.36 45.94 -39.08
N LYS B 366 6.89 44.70 -38.96
CA LYS B 366 5.48 44.45 -38.73
C LYS B 366 5.16 43.79 -37.40
N THR B 367 5.89 42.75 -37.01
CA THR B 367 5.58 42.05 -35.76
C THR B 367 5.94 42.90 -34.55
N PHE B 368 7.06 43.61 -34.60
CA PHE B 368 7.44 44.54 -33.55
C PHE B 368 6.96 45.96 -33.84
N THR B 369 6.28 46.16 -34.97
CA THR B 369 5.68 47.43 -35.41
C THR B 369 6.69 48.59 -35.45
N TYR B 370 7.94 48.26 -35.80
CA TYR B 370 8.95 49.28 -35.96
C TYR B 370 8.82 49.94 -37.34
N THR B 371 9.51 51.07 -37.50
CA THR B 371 9.51 51.76 -38.78
C THR B 371 10.39 51.04 -39.79
N ARG B 372 9.94 51.01 -41.04
CA ARG B 372 10.68 50.35 -42.09
C ARG B 372 11.90 51.15 -42.55
N THR B 373 11.91 52.46 -42.31
CA THR B 373 13.07 53.26 -42.69
C THR B 373 14.24 53.01 -41.74
N GLN B 374 13.97 52.77 -40.47
CA GLN B 374 15.00 52.44 -39.49
C GLN B 374 15.21 50.94 -39.35
N ALA B 375 14.51 50.12 -40.14
CA ALA B 375 14.68 48.68 -40.09
C ALA B 375 16.08 48.27 -40.56
N GLN B 376 16.58 48.92 -41.62
CA GLN B 376 17.92 48.63 -42.09
C GLN B 376 18.98 49.12 -41.11
N HIS B 377 18.72 50.24 -40.44
CA HIS B 377 19.63 50.74 -39.41
C HIS B 377 19.69 49.79 -38.21
N LEU B 378 18.54 49.26 -37.80
CA LEU B 378 18.53 48.29 -36.71
C LEU B 378 19.15 46.97 -37.17
N PHE B 379 19.04 46.64 -38.47
CA PHE B 379 19.68 45.44 -39.00
C PHE B 379 21.19 45.56 -38.99
N ILE B 380 21.73 46.73 -39.36
CA ILE B 380 23.19 46.85 -39.35
C ILE B 380 23.72 47.04 -37.94
N ILE B 381 22.93 47.60 -37.02
CA ILE B 381 23.30 47.60 -35.60
C ILE B 381 23.30 46.18 -35.05
N LEU B 382 22.33 45.36 -35.48
CA LEU B 382 22.29 43.95 -35.12
C LEU B 382 23.49 43.20 -35.71
N MET B 383 23.93 43.57 -36.91
CA MET B 383 25.11 42.94 -37.49
C MET B 383 26.39 43.34 -36.75
N GLU B 384 26.46 44.59 -36.29
CA GLU B 384 27.58 45.01 -35.44
C GLU B 384 27.58 44.27 -34.10
N CYS B 385 26.39 43.97 -33.58
CA CYS B 385 26.29 43.05 -32.44
C CYS B 385 26.73 41.64 -32.84
N MET B 386 26.37 41.22 -34.05
CA MET B 386 26.48 39.84 -34.48
C MET B 386 27.90 39.47 -34.87
N LYS B 387 28.78 40.46 -35.02
CA LYS B 387 30.19 40.17 -35.27
C LYS B 387 30.90 39.49 -34.09
N LYS B 388 30.29 39.46 -32.90
CA LYS B 388 30.91 38.89 -31.71
C LYS B 388 30.02 37.83 -31.06
N LYS B 389 29.57 36.83 -31.83
CA LYS B 389 28.65 35.80 -31.36
C LYS B 389 29.23 34.88 -30.28
N GLU B 390 30.53 34.93 -30.01
CA GLU B 390 31.16 34.01 -29.06
C GLU B 390 30.73 34.27 -27.62
N LEU B 391 30.12 35.43 -27.33
CA LEU B 391 29.66 35.75 -25.99
C LEU B 391 28.15 35.78 -25.84
N ILE B 392 27.41 35.85 -26.95
CA ILE B 392 25.95 35.83 -26.89
C ILE B 392 25.50 34.40 -26.63
N THR B 393 24.81 34.18 -25.52
CA THR B 393 24.37 32.86 -25.10
C THR B 393 22.85 32.84 -25.00
N VAL B 394 22.24 31.85 -25.65
CA VAL B 394 20.79 31.73 -25.70
C VAL B 394 20.34 30.65 -24.73
N PHE B 395 19.03 30.64 -24.45
CA PHE B 395 18.43 29.65 -23.56
C PHE B 395 17.11 29.21 -24.19
N ARG B 396 16.98 27.93 -24.48
CA ARG B 396 15.77 27.36 -25.07
C ARG B 396 15.20 26.34 -24.08
N MET B 397 14.02 26.63 -23.54
CA MET B 397 13.40 25.74 -22.58
C MET B 397 12.75 24.56 -23.32
N GLY B 398 13.08 23.35 -22.88
CA GLY B 398 12.54 22.15 -23.48
C GLY B 398 13.59 21.08 -23.71
N HIS B 402 13.93 21.58 -14.54
CA HIS B 402 14.79 20.93 -15.52
C HIS B 402 15.22 21.92 -16.60
N GLN B 403 16.54 21.93 -16.87
CA GLN B 403 17.20 22.88 -17.77
C GLN B 403 16.87 24.33 -17.40
N ASP B 404 17.36 24.73 -16.22
CA ASP B 404 17.15 26.08 -15.71
C ASP B 404 18.00 27.08 -16.49
N ILE B 405 17.75 28.37 -16.25
CA ILE B 405 18.56 29.40 -16.91
C ILE B 405 19.94 29.54 -16.30
N ASP B 406 20.17 28.96 -15.12
CA ASP B 406 21.48 29.06 -14.48
C ASP B 406 22.56 28.29 -15.23
N LEU B 407 22.16 27.32 -16.06
CA LEU B 407 23.10 26.68 -16.99
C LEU B 407 23.69 27.69 -17.96
N ALA B 408 22.82 28.49 -18.60
CA ALA B 408 23.28 29.51 -19.52
C ALA B 408 24.02 30.63 -18.78
N ILE B 409 23.59 30.94 -17.55
CA ILE B 409 24.23 31.98 -16.76
C ILE B 409 25.66 31.59 -16.40
N LEU B 410 25.87 30.37 -15.90
CA LEU B 410 27.21 29.93 -15.55
C LEU B 410 28.06 29.66 -16.79
N THR B 411 27.46 29.20 -17.89
CA THR B 411 28.21 29.01 -19.13
C THR B 411 28.71 30.35 -19.68
N ALA B 412 27.86 31.37 -19.70
CA ALA B 412 28.30 32.69 -20.13
C ALA B 412 29.25 33.33 -19.13
N LEU B 413 29.12 32.97 -17.85
CA LEU B 413 30.08 33.39 -16.84
C LEU B 413 31.48 32.84 -17.14
N LEU B 414 31.56 31.59 -17.55
CA LEU B 414 32.86 31.01 -17.89
C LEU B 414 33.34 31.49 -19.26
N LYS B 415 32.43 31.85 -20.16
CA LYS B 415 32.84 32.45 -21.44
C LYS B 415 33.44 33.84 -21.24
N GLY B 416 32.72 34.72 -20.55
CA GLY B 416 33.16 36.08 -20.36
C GLY B 416 34.02 36.29 -19.13
N ALA B 417 35.10 35.51 -19.03
CA ALA B 417 36.03 35.64 -17.93
C ALA B 417 37.49 35.69 -18.35
N ASN B 418 37.84 35.18 -19.54
CA ASN B 418 39.22 35.12 -20.05
C ASN B 418 40.15 34.39 -19.09
N ALA B 419 39.67 33.30 -18.51
CA ALA B 419 40.39 32.54 -17.50
C ALA B 419 40.94 31.25 -18.11
N SER B 420 41.75 30.55 -17.34
CA SER B 420 42.31 29.27 -17.73
C SER B 420 41.40 28.14 -17.24
N ALA B 421 41.58 26.97 -17.82
CA ALA B 421 40.77 25.80 -17.48
C ALA B 421 40.98 25.25 -16.07
N PRO B 422 42.23 25.28 -15.45
CA PRO B 422 42.33 24.97 -14.01
C PRO B 422 41.47 25.83 -13.11
N ASP B 423 41.47 27.15 -13.33
CA ASP B 423 40.65 28.04 -12.51
C ASP B 423 39.17 27.85 -12.78
N GLN B 424 38.81 27.58 -14.03
CA GLN B 424 37.42 27.32 -14.39
C GLN B 424 36.90 26.04 -13.73
N LEU B 425 37.71 24.99 -13.74
CA LEU B 425 37.32 23.73 -13.10
C LEU B 425 37.31 23.88 -11.58
N SER B 426 38.19 24.73 -11.04
CA SER B 426 38.16 25.03 -9.61
C SER B 426 36.88 25.75 -9.20
N LEU B 427 36.43 26.71 -10.03
CA LEU B 427 35.14 27.36 -9.77
C LEU B 427 33.98 26.38 -9.92
N ALA B 428 34.10 25.42 -10.86
CA ALA B 428 33.09 24.38 -11.00
C ALA B 428 33.02 23.48 -9.76
N LEU B 429 34.18 23.15 -9.19
CA LEU B 429 34.23 22.41 -7.93
C LEU B 429 33.62 23.23 -6.79
N ALA B 430 33.87 24.54 -6.81
CA ALA B 430 33.29 25.43 -5.79
C ALA B 430 31.77 25.47 -5.88
N TRP B 431 31.23 25.53 -7.11
CA TRP B 431 29.77 25.61 -7.27
C TRP B 431 29.08 24.26 -7.13
N ASN B 432 29.83 23.15 -7.20
CA ASN B 432 29.28 21.77 -7.25
C ASN B 432 28.27 21.62 -8.38
N ARG B 433 28.66 22.03 -9.58
CA ARG B 433 27.80 22.00 -10.76
C ARG B 433 28.57 21.25 -11.85
N VAL B 434 28.36 19.94 -11.93
CA VAL B 434 29.13 19.10 -12.83
C VAL B 434 28.66 19.29 -14.28
N ASP B 435 27.40 19.69 -14.45
CA ASP B 435 26.83 19.92 -15.77
C ASP B 435 27.49 21.09 -16.49
N ILE B 436 27.85 22.13 -15.74
CA ILE B 436 28.49 23.31 -16.32
C ILE B 436 29.87 22.96 -16.84
N ALA B 437 30.64 22.20 -16.05
CA ALA B 437 31.96 21.75 -16.48
C ALA B 437 31.85 20.81 -17.67
N ARG B 438 30.86 19.91 -17.64
CA ARG B 438 30.60 18.99 -18.74
C ARG B 438 30.27 19.73 -20.03
N SER B 439 29.47 20.79 -19.93
CA SER B 439 29.04 21.51 -21.12
C SER B 439 30.15 22.39 -21.68
N GLN B 440 30.89 23.09 -20.82
CA GLN B 440 31.77 24.14 -21.30
C GLN B 440 33.25 23.84 -21.05
N ILE B 441 33.62 23.43 -19.82
CA ILE B 441 35.03 23.40 -19.45
C ILE B 441 35.78 22.29 -20.17
N PHE B 442 35.16 21.11 -20.26
CA PHE B 442 35.72 20.02 -21.05
C PHE B 442 35.17 20.09 -22.47
N ILE B 443 35.65 21.09 -23.21
CA ILE B 443 35.33 21.28 -24.61
C ILE B 443 36.50 20.78 -25.44
N TYR B 444 36.22 20.40 -26.69
CA TYR B 444 37.27 19.98 -27.60
C TYR B 444 38.15 21.15 -28.00
N GLY B 445 39.46 21.02 -27.73
CA GLY B 445 40.42 22.07 -27.98
C GLY B 445 40.92 22.75 -26.72
N GLN B 446 40.28 22.49 -25.58
CA GLN B 446 40.71 23.05 -24.31
C GLN B 446 42.03 22.43 -23.85
N GLN B 447 43.09 23.24 -23.86
CA GLN B 447 44.44 22.75 -23.60
C GLN B 447 44.67 22.73 -22.09
N TRP B 448 44.51 21.55 -21.50
CA TRP B 448 44.83 21.34 -20.10
C TRP B 448 46.35 21.29 -19.91
N PRO B 449 46.90 22.03 -18.96
CA PRO B 449 48.35 21.96 -18.70
C PRO B 449 48.74 20.64 -18.05
N VAL B 450 50.06 20.47 -17.90
CA VAL B 450 50.60 19.24 -17.33
C VAL B 450 50.40 19.24 -15.83
N GLY B 451 49.69 18.23 -15.32
CA GLY B 451 49.47 18.06 -13.91
C GLY B 451 48.28 18.82 -13.35
N SER B 452 47.61 19.62 -14.18
CA SER B 452 46.44 20.37 -13.72
C SER B 452 45.26 19.43 -13.46
N LEU B 453 45.05 18.46 -14.35
CA LEU B 453 43.91 17.55 -14.22
C LEU B 453 44.09 16.55 -13.08
N GLU B 454 45.32 16.11 -12.83
CA GLU B 454 45.58 15.23 -11.69
C GLU B 454 45.40 15.96 -10.37
N GLN B 455 45.88 17.20 -10.29
CA GLN B 455 45.68 18.01 -9.09
C GLN B 455 44.21 18.37 -8.91
N ALA B 456 43.48 18.54 -10.02
CA ALA B 456 42.04 18.74 -9.95
C ALA B 456 41.32 17.50 -9.45
N MET B 457 41.80 16.31 -9.84
CA MET B 457 41.28 15.07 -9.29
C MET B 457 41.54 14.95 -7.79
N LEU B 458 42.74 15.36 -7.35
CA LEU B 458 43.04 15.38 -5.92
C LEU B 458 42.11 16.33 -5.17
N ASP B 459 41.86 17.51 -5.75
CA ASP B 459 40.95 18.48 -5.13
C ASP B 459 39.52 17.97 -5.10
N ALA B 460 39.09 17.28 -6.16
CA ALA B 460 37.73 16.75 -6.20
C ALA B 460 37.55 15.59 -5.23
N LEU B 461 38.59 14.78 -5.05
CA LEU B 461 38.50 13.65 -4.13
C LEU B 461 38.51 14.12 -2.67
N VAL B 462 39.31 15.14 -2.33
CA VAL B 462 39.31 15.57 -0.93
C VAL B 462 38.04 16.34 -0.56
N LEU B 463 37.35 16.93 -1.54
CA LEU B 463 36.12 17.68 -1.26
C LEU B 463 34.85 16.86 -1.45
N ASP B 464 34.98 15.54 -1.70
CA ASP B 464 33.86 14.60 -1.84
C ASP B 464 32.90 15.01 -2.96
N ARG B 465 33.46 15.34 -4.13
CA ARG B 465 32.69 15.71 -5.31
C ARG B 465 32.71 14.51 -6.26
N VAL B 466 31.79 13.57 -6.04
CA VAL B 466 31.89 12.25 -6.68
C VAL B 466 31.56 12.33 -8.17
N ASP B 467 30.64 13.24 -8.55
CA ASP B 467 30.30 13.39 -9.96
C ASP B 467 31.43 14.04 -10.73
N PHE B 468 32.16 14.96 -10.10
CA PHE B 468 33.35 15.52 -10.73
C PHE B 468 34.45 14.48 -10.88
N VAL B 469 34.56 13.56 -9.93
CA VAL B 469 35.51 12.46 -10.04
C VAL B 469 35.12 11.54 -11.19
N LYS B 470 33.81 11.31 -11.38
CA LYS B 470 33.32 10.56 -12.53
C LYS B 470 33.66 11.26 -13.85
N LEU B 471 33.50 12.58 -13.90
CA LEU B 471 33.84 13.32 -15.11
C LEU B 471 35.33 13.28 -15.41
N LEU B 472 36.16 13.41 -14.36
CA LEU B 472 37.61 13.39 -14.55
C LEU B 472 38.16 12.00 -14.88
N ILE B 473 37.56 10.93 -14.38
CA ILE B 473 37.95 9.58 -14.80
C ILE B 473 37.39 9.26 -16.20
N GLU B 474 36.29 9.92 -16.60
CA GLU B 474 35.82 9.77 -17.96
C GLU B 474 36.68 10.54 -18.95
N ASN B 475 37.32 11.62 -18.52
CA ASN B 475 38.13 12.44 -19.41
C ASN B 475 39.61 12.09 -19.36
N GLY B 476 39.96 10.88 -18.92
CA GLY B 476 41.33 10.41 -19.01
C GLY B 476 42.30 11.01 -18.01
N VAL B 477 42.08 10.72 -16.73
CA VAL B 477 43.02 11.12 -15.69
C VAL B 477 44.05 10.01 -15.44
N SER B 478 43.76 8.77 -15.86
CA SER B 478 44.61 7.58 -15.69
C SER B 478 44.87 7.35 -14.19
N MET B 479 43.84 6.87 -13.50
CA MET B 479 43.86 6.68 -12.04
C MET B 479 45.03 5.82 -11.56
N HIS B 480 45.45 4.85 -12.38
CA HIS B 480 46.63 4.04 -12.05
C HIS B 480 47.90 4.88 -11.99
N ARG B 481 48.07 5.81 -12.92
CA ARG B 481 49.19 6.75 -12.87
C ARG B 481 48.99 7.86 -11.86
N PHE B 482 47.77 8.07 -11.39
CA PHE B 482 47.50 9.14 -10.43
C PHE B 482 47.92 8.74 -9.02
N LEU B 483 47.38 7.64 -8.52
CA LEU B 483 47.48 7.30 -7.11
C LEU B 483 48.88 6.82 -6.76
N THR B 484 49.58 7.62 -5.95
CA THR B 484 50.89 7.26 -5.44
C THR B 484 50.84 7.23 -3.93
N ILE B 485 52.00 7.00 -3.32
CA ILE B 485 52.15 6.96 -1.87
C ILE B 485 51.87 8.33 -1.27
N SER B 486 52.50 9.37 -1.82
CA SER B 486 52.39 10.71 -1.27
C SER B 486 51.01 11.30 -1.49
N ARG B 487 50.41 11.01 -2.66
CA ARG B 487 49.08 11.55 -2.95
C ARG B 487 48.01 10.87 -2.11
N LEU B 488 48.13 9.57 -1.86
CA LEU B 488 47.20 8.90 -0.95
C LEU B 488 47.41 9.38 0.49
N GLU B 489 48.66 9.67 0.86
CA GLU B 489 48.92 10.30 2.16
C GLU B 489 48.23 11.65 2.27
N GLU B 490 48.31 12.46 1.21
CA GLU B 490 47.65 13.77 1.19
C GLU B 490 46.13 13.62 1.24
N LEU B 491 45.60 12.55 0.64
CA LEU B 491 44.18 12.25 0.79
C LEU B 491 43.82 11.79 2.20
N TYR B 492 44.76 11.21 2.94
CA TYR B 492 44.48 10.76 4.30
C TYR B 492 44.57 11.86 5.35
N ASN B 493 45.43 12.87 5.15
CA ASN B 493 45.53 13.94 6.14
C ASN B 493 44.59 15.11 5.88
N THR B 494 43.74 15.04 4.87
CA THR B 494 42.97 16.22 4.49
C THR B 494 41.84 16.50 5.49
N ARG B 495 41.49 17.78 5.58
CA ARG B 495 40.37 18.24 6.38
C ARG B 495 39.39 19.06 5.57
N HIS B 496 39.52 19.08 4.24
CA HIS B 496 38.68 19.88 3.37
C HIS B 496 37.47 19.06 2.89
N GLY B 497 36.78 18.44 3.84
CA GLY B 497 35.72 17.53 3.51
C GLY B 497 34.86 17.14 4.69
N PRO B 498 34.10 16.06 4.54
CA PRO B 498 33.26 15.57 5.65
C PRO B 498 34.07 15.08 6.83
N SER B 499 33.45 15.11 8.01
CA SER B 499 34.10 14.70 9.24
C SER B 499 34.33 13.19 9.26
N ASN B 500 35.41 12.80 9.94
CA ASN B 500 35.80 11.40 10.04
C ASN B 500 36.13 11.05 11.48
N THR B 501 36.16 9.75 11.76
CA THR B 501 36.61 9.22 13.03
C THR B 501 38.03 8.66 12.96
N LEU B 502 38.82 9.12 12.00
CA LEU B 502 40.15 8.53 11.78
C LEU B 502 41.13 8.91 12.87
N TYR B 503 41.04 10.14 13.38
CA TYR B 503 42.01 10.66 14.36
C TYR B 503 42.00 9.86 15.66
N HIS B 504 40.80 9.50 16.13
CA HIS B 504 40.65 8.67 17.32
C HIS B 504 41.26 7.29 17.09
N LEU B 505 41.06 6.73 15.89
CA LEU B 505 41.58 5.41 15.57
C LEU B 505 43.10 5.40 15.51
N VAL B 506 43.70 6.42 14.88
CA VAL B 506 45.16 6.51 14.82
C VAL B 506 45.75 6.73 16.21
N ARG B 507 45.09 7.55 17.04
CA ARG B 507 45.56 7.77 18.40
C ARG B 507 45.51 6.48 19.21
N ASP B 508 44.43 5.70 19.05
CA ASP B 508 44.29 4.44 19.76
C ASP B 508 45.31 3.39 19.31
N VAL B 509 45.59 3.33 18.00
CA VAL B 509 46.55 2.30 17.56
C VAL B 509 47.98 2.70 17.88
N LYS B 510 48.29 4.00 17.92
CA LYS B 510 49.62 4.41 18.39
C LYS B 510 49.75 4.24 19.89
N LYS B 511 48.64 4.37 20.63
CA LYS B 511 48.66 4.08 22.06
C LYS B 511 48.88 2.59 22.32
N ARG B 512 48.20 1.75 21.53
CA ARG B 512 48.33 0.29 21.71
C ARG B 512 49.66 -0.24 21.19
N GLU B 513 50.24 0.43 20.20
CA GLU B 513 51.54 -0.01 19.66
C GLU B 513 52.66 0.25 20.67
N TYR B 514 52.61 1.40 21.35
CA TYR B 514 53.61 1.75 22.33
C TYR B 514 53.06 1.61 23.75
N LEU B 526 49.59 12.08 21.35
CA LEU B 526 49.82 12.26 19.92
C LEU B 526 49.84 13.75 19.59
N PRO B 527 50.90 14.21 18.92
CA PRO B 527 50.98 15.62 18.50
C PRO B 527 49.88 15.98 17.52
N PRO B 528 49.38 17.22 17.56
CA PRO B 528 48.32 17.63 16.62
C PRO B 528 48.79 17.80 15.19
N ASP B 529 50.09 17.92 14.95
CA ASP B 529 50.64 18.00 13.61
C ASP B 529 51.08 16.65 13.06
N TYR B 530 50.51 15.56 13.57
CA TYR B 530 50.86 14.22 13.11
C TYR B 530 50.39 14.01 11.68
N ARG B 531 51.35 13.93 10.75
CA ARG B 531 51.08 13.48 9.39
C ARG B 531 50.94 11.96 9.43
N ILE B 532 49.68 11.51 9.47
CA ILE B 532 49.31 10.12 9.57
C ILE B 532 49.86 9.31 8.39
N SER B 533 50.77 8.39 8.68
CA SER B 533 51.43 7.61 7.64
C SER B 533 50.53 6.50 7.15
N LEU B 534 50.85 5.97 5.96
CA LEU B 534 50.13 4.82 5.43
C LEU B 534 50.39 3.57 6.27
N ILE B 535 51.53 3.52 6.95
CA ILE B 535 51.82 2.44 7.90
C ILE B 535 50.83 2.49 9.06
N ASP B 536 50.58 3.69 9.58
CA ASP B 536 49.60 3.86 10.66
C ASP B 536 48.20 3.51 10.20
N ILE B 537 47.85 3.87 8.96
CA ILE B 537 46.59 3.45 8.35
C ILE B 537 46.51 1.92 8.30
N GLY B 538 47.63 1.26 7.95
CA GLY B 538 47.66 -0.19 7.95
C GLY B 538 47.44 -0.80 9.32
N LEU B 539 47.99 -0.17 10.36
CA LEU B 539 47.70 -0.61 11.72
C LEU B 539 46.23 -0.44 12.08
N VAL B 540 45.60 0.64 11.58
CA VAL B 540 44.15 0.81 11.77
C VAL B 540 43.37 -0.30 11.07
N ILE B 541 43.84 -0.73 9.89
CA ILE B 541 43.19 -1.85 9.18
C ILE B 541 43.35 -3.15 9.96
N GLU B 542 44.54 -3.38 10.54
CA GLU B 542 44.71 -4.57 11.38
C GLU B 542 43.83 -4.52 12.62
N TYR B 543 43.69 -3.34 13.24
CA TYR B 543 42.95 -3.26 14.49
C TYR B 543 41.45 -3.42 14.23
N LEU B 544 40.92 -2.73 13.20
CA LEU B 544 39.49 -2.84 12.92
C LEU B 544 39.15 -4.17 12.28
N MET B 545 39.96 -4.61 11.32
CA MET B 545 39.62 -5.80 10.54
C MET B 545 39.71 -7.05 11.40
N GLY B 546 40.70 -7.11 12.29
CA GLY B 546 40.74 -8.11 13.34
C GLY B 546 41.23 -9.46 12.85
N GLY B 547 41.52 -10.32 13.84
CA GLY B 547 41.93 -11.68 13.53
C GLY B 547 43.35 -11.72 13.02
N ALA B 548 43.54 -12.41 11.89
CA ALA B 548 44.86 -12.64 11.33
C ALA B 548 45.18 -11.74 10.15
N TYR B 549 44.37 -10.71 9.91
CA TYR B 549 44.58 -9.83 8.78
C TYR B 549 45.82 -8.98 9.04
N ARG B 550 46.81 -9.08 8.16
CA ARG B 550 48.00 -8.24 8.18
C ARG B 550 48.05 -7.51 6.84
N CYS B 551 47.89 -6.18 6.89
CA CYS B 551 47.75 -5.37 5.69
C CYS B 551 49.05 -5.31 4.91
N ASN B 552 48.92 -5.11 3.59
CA ASN B 552 50.06 -4.94 2.69
C ASN B 552 50.88 -3.70 3.06
N TYR B 553 50.25 -2.69 3.68
CA TYR B 553 50.98 -1.55 4.22
C TYR B 553 51.97 -1.98 5.29
N THR B 554 51.53 -2.83 6.22
CA THR B 554 52.37 -3.22 7.35
C THR B 554 53.35 -4.32 7.01
N ARG B 555 53.30 -4.88 5.80
CA ARG B 555 54.29 -5.88 5.39
C ARG B 555 55.66 -5.23 5.21
N LYS B 556 56.69 -6.07 5.14
CA LYS B 556 58.08 -5.61 5.14
C LYS B 556 58.42 -4.79 3.90
N ARG B 557 57.94 -5.23 2.73
CA ARG B 557 58.27 -4.60 1.45
C ARG B 557 57.83 -3.15 1.37
N PHE B 558 56.55 -2.89 1.68
CA PHE B 558 56.05 -1.51 1.65
C PHE B 558 56.67 -0.69 2.77
N ARG B 559 57.06 -1.34 3.87
CA ARG B 559 57.71 -0.61 4.96
C ARG B 559 59.10 -0.12 4.57
N THR B 560 59.88 -0.94 3.84
CA THR B 560 61.16 -0.47 3.36
C THR B 560 61.02 0.48 2.17
N LEU B 561 59.91 0.37 1.42
CA LEU B 561 59.65 1.41 0.42
C LEU B 561 59.30 2.75 1.08
N TYR B 562 58.59 2.72 2.20
CA TYR B 562 58.28 3.95 2.92
C TYR B 562 59.52 4.51 3.60
N HIS B 563 60.41 3.63 4.08
CA HIS B 563 61.62 4.05 4.75
C HIS B 563 62.70 4.52 3.79
N ASN B 564 62.53 4.32 2.49
CA ASN B 564 63.51 4.75 1.50
C ASN B 564 62.96 5.79 0.52
N LEU B 565 61.70 6.21 0.69
CA LEU B 565 61.13 7.24 -0.17
C LEU B 565 60.46 8.34 0.64
N PHE B 566 60.71 8.39 1.94
CA PHE B 566 60.14 9.41 2.81
C PHE B 566 61.07 9.71 3.98
N GLU B 607 57.55 2.50 -11.55
CA GLU B 607 56.24 2.42 -10.90
C GLU B 607 56.36 1.81 -9.50
N ILE B 608 57.49 2.08 -8.84
CA ILE B 608 57.70 1.60 -7.48
C ILE B 608 56.79 2.31 -6.49
N ASN B 609 56.48 3.59 -6.73
CA ASN B 609 55.59 4.34 -5.85
C ASN B 609 54.12 4.32 -6.28
N HIS B 610 53.81 3.80 -7.46
CA HIS B 610 52.44 3.62 -7.88
C HIS B 610 51.83 2.41 -7.19
N PHE B 611 50.50 2.39 -7.14
CA PHE B 611 49.78 1.29 -6.54
C PHE B 611 49.15 0.44 -7.63
N PRO B 612 49.56 -0.82 -7.78
CA PRO B 612 49.08 -1.64 -8.91
C PRO B 612 47.58 -1.90 -8.96
N PHE B 613 46.89 -1.82 -7.83
CA PHE B 613 45.45 -2.08 -7.78
C PHE B 613 44.74 -0.91 -7.12
N PRO B 614 44.70 0.29 -7.74
CA PRO B 614 44.47 1.54 -6.98
C PRO B 614 43.08 1.69 -6.35
N PHE B 615 42.05 1.09 -6.95
CA PHE B 615 40.69 1.31 -6.50
C PHE B 615 40.43 0.66 -5.14
N HIS B 616 41.22 -0.37 -4.82
CA HIS B 616 41.17 -1.00 -3.50
C HIS B 616 41.56 -0.03 -2.40
N GLU B 617 42.72 0.62 -2.57
CA GLU B 617 43.20 1.58 -1.58
C GLU B 617 42.31 2.82 -1.56
N LEU B 618 41.72 3.17 -2.70
CA LEU B 618 40.79 4.30 -2.72
C LEU B 618 39.50 3.98 -1.98
N MET B 619 39.03 2.73 -2.07
CA MET B 619 37.92 2.29 -1.21
C MET B 619 38.30 2.37 0.26
N VAL B 620 39.51 1.93 0.60
CA VAL B 620 39.96 1.93 2.00
C VAL B 620 39.99 3.37 2.54
N TRP B 621 40.48 4.31 1.72
CA TRP B 621 40.46 5.73 2.06
C TRP B 621 39.04 6.26 2.23
N ALA B 622 38.12 5.87 1.34
CA ALA B 622 36.76 6.38 1.40
C ALA B 622 35.99 5.82 2.60
N VAL B 623 36.17 4.53 2.90
CA VAL B 623 35.51 3.90 4.02
C VAL B 623 36.05 4.41 5.35
N LEU B 624 37.38 4.57 5.44
CA LEU B 624 37.98 4.98 6.71
C LEU B 624 37.63 6.43 7.07
N MET B 625 37.27 7.25 6.08
CA MET B 625 36.93 8.63 6.33
C MET B 625 35.45 8.96 6.06
N LYS B 626 34.56 7.97 6.17
CA LYS B 626 33.09 8.07 6.20
C LYS B 626 32.48 8.41 4.82
N ARG B 627 33.31 8.71 3.82
CA ARG B 627 32.85 9.07 2.49
C ARG B 627 32.18 7.89 1.80
N GLN B 628 30.85 7.94 1.67
CA GLN B 628 30.07 6.75 1.36
C GLN B 628 29.78 6.62 -0.14
N LYS B 629 29.28 7.69 -0.77
CA LYS B 629 29.01 7.67 -2.20
C LYS B 629 30.29 7.53 -3.01
N MET B 630 31.38 8.12 -2.51
CA MET B 630 32.70 7.93 -3.10
C MET B 630 33.12 6.46 -3.00
N ALA B 631 32.81 5.82 -1.88
CA ALA B 631 33.12 4.41 -1.71
C ALA B 631 32.30 3.54 -2.66
N LEU B 632 31.03 3.92 -2.90
CA LEU B 632 30.19 3.16 -3.82
C LEU B 632 30.66 3.30 -5.27
N PHE B 633 31.06 4.52 -5.66
CA PHE B 633 31.66 4.74 -6.97
C PHE B 633 32.96 3.95 -7.12
N PHE B 634 33.76 3.92 -6.05
CA PHE B 634 34.99 3.14 -6.09
C PHE B 634 34.73 1.65 -6.03
N TRP B 635 33.55 1.24 -5.57
CA TRP B 635 33.15 -0.16 -5.62
C TRP B 635 32.83 -0.58 -7.05
N GLN B 636 32.07 0.25 -7.75
CA GLN B 636 31.67 -0.08 -9.12
C GLN B 636 32.88 -0.13 -10.05
N HIS B 637 33.78 0.84 -9.93
CA HIS B 637 34.98 0.86 -10.76
C HIS B 637 36.08 0.09 -10.06
N GLY B 638 36.36 -1.12 -10.55
CA GLY B 638 37.45 -1.93 -10.02
C GLY B 638 37.16 -3.41 -9.97
N GLU B 639 38.18 -4.20 -9.62
CA GLU B 639 38.08 -5.64 -9.55
C GLU B 639 38.21 -6.08 -8.09
N GLU B 640 37.98 -7.38 -7.84
CA GLU B 640 37.95 -8.01 -6.51
C GLU B 640 36.94 -7.32 -5.60
N ALA B 641 35.80 -6.97 -6.20
CA ALA B 641 34.79 -6.12 -5.56
C ALA B 641 33.99 -6.83 -4.49
N MET B 642 33.85 -8.15 -4.55
CA MET B 642 33.18 -8.87 -3.47
C MET B 642 34.01 -8.85 -2.20
N ALA B 643 35.31 -9.07 -2.33
CA ALA B 643 36.24 -8.95 -1.20
C ALA B 643 36.26 -7.52 -0.68
N LYS B 644 36.23 -6.55 -1.59
CA LYS B 644 36.17 -5.14 -1.22
C LYS B 644 34.91 -4.83 -0.41
N ALA B 645 33.77 -5.39 -0.83
CA ALA B 645 32.51 -5.17 -0.14
C ALA B 645 32.51 -5.80 1.25
N LEU B 646 33.07 -7.01 1.38
CA LEU B 646 33.09 -7.68 2.67
C LEU B 646 34.06 -7.00 3.65
N VAL B 647 35.23 -6.56 3.16
CA VAL B 647 36.16 -5.82 4.01
C VAL B 647 35.56 -4.47 4.40
N ALA B 648 34.82 -3.83 3.49
CA ALA B 648 34.13 -2.58 3.81
C ALA B 648 33.06 -2.78 4.87
N CYS B 649 32.34 -3.91 4.78
CA CYS B 649 31.36 -4.29 5.79
C CYS B 649 31.99 -4.46 7.16
N LYS B 650 33.11 -5.20 7.23
CA LYS B 650 33.78 -5.42 8.51
C LYS B 650 34.35 -4.12 9.06
N LEU B 651 34.94 -3.29 8.18
CA LEU B 651 35.50 -2.01 8.62
C LEU B 651 34.44 -1.06 9.14
N CYS B 652 33.29 -0.97 8.47
CA CYS B 652 32.23 -0.07 8.93
C CYS B 652 31.62 -0.58 10.24
N LYS B 653 31.42 -1.90 10.38
CA LYS B 653 30.90 -2.41 11.65
C LYS B 653 31.89 -2.20 12.79
N ALA B 654 33.18 -2.42 12.51
CA ALA B 654 34.21 -2.25 13.53
C ALA B 654 34.38 -0.78 13.89
N MET B 655 34.24 0.13 12.92
CA MET B 655 34.27 1.56 13.24
C MET B 655 33.05 1.97 14.04
N ALA B 656 31.90 1.34 13.77
CA ALA B 656 30.71 1.61 14.56
C ALA B 656 30.89 1.17 16.01
N HIS B 657 31.43 -0.04 16.21
CA HIS B 657 31.68 -0.55 17.56
C HIS B 657 32.76 0.25 18.27
N GLU B 658 33.78 0.70 17.52
CA GLU B 658 34.88 1.46 18.11
C GLU B 658 34.43 2.86 18.48
N ALA B 659 33.54 3.45 17.66
CA ALA B 659 33.01 4.78 17.97
C ALA B 659 32.00 4.72 19.12
N SER B 660 31.23 3.63 19.20
CA SER B 660 30.31 3.46 20.33
C SER B 660 31.08 3.11 21.60
N GLU B 661 32.29 2.57 21.45
CA GLU B 661 33.16 2.31 22.61
C GLU B 661 33.63 3.62 23.24
N ASN B 662 33.93 4.62 22.41
CA ASN B 662 34.36 5.92 22.91
C ASN B 662 33.18 6.83 23.22
N ASP B 663 31.96 6.32 23.03
CA ASP B 663 30.70 7.05 23.17
C ASP B 663 30.67 8.35 22.38
N MET B 664 30.90 8.26 21.08
CA MET B 664 30.59 9.35 20.17
C MET B 664 29.08 9.45 19.97
N VAL B 665 28.67 10.49 19.25
CA VAL B 665 27.27 10.77 18.93
C VAL B 665 26.65 9.58 18.20
N ASP B 666 25.40 9.25 18.56
CA ASP B 666 24.77 8.02 18.07
C ASP B 666 24.48 8.06 16.57
N ASP B 667 24.43 9.26 15.99
CA ASP B 667 24.30 9.40 14.54
C ASP B 667 25.51 8.81 13.81
N ILE B 668 26.70 9.00 14.38
CA ILE B 668 27.94 8.49 13.78
C ILE B 668 27.93 6.97 13.74
N SER B 669 27.65 6.34 14.88
CA SER B 669 27.63 4.89 15.01
C SER B 669 26.50 4.27 14.20
N GLN B 670 25.31 4.88 14.23
CA GLN B 670 24.18 4.34 13.49
C GLN B 670 24.41 4.49 11.98
N GLU B 671 25.07 5.58 11.56
CA GLU B 671 25.44 5.75 10.17
C GLU B 671 26.46 4.70 9.74
N LEU B 672 27.41 4.37 10.61
CA LEU B 672 28.41 3.36 10.27
C LEU B 672 27.79 1.96 10.19
N ASN B 673 26.85 1.65 11.10
CA ASN B 673 26.11 0.39 10.99
C ASN B 673 25.24 0.34 9.73
N HIS B 674 24.66 1.49 9.35
CA HIS B 674 23.88 1.53 8.12
C HIS B 674 24.77 1.32 6.90
N ASN B 675 25.98 1.88 6.93
CA ASN B 675 26.94 1.66 5.84
C ASN B 675 27.39 0.20 5.77
N SER B 676 27.64 -0.42 6.92
CA SER B 676 28.04 -1.83 6.93
C SER B 676 26.93 -2.73 6.40
N ARG B 677 25.68 -2.43 6.78
CA ARG B 677 24.54 -3.16 6.22
C ARG B 677 24.40 -2.92 4.72
N ASP B 678 24.73 -1.70 4.25
CA ASP B 678 24.68 -1.41 2.82
C ASP B 678 25.68 -2.24 2.04
N PHE B 679 26.97 -2.20 2.43
CA PHE B 679 27.99 -2.98 1.72
C PHE B 679 27.76 -4.48 1.84
N GLY B 680 27.24 -4.93 2.99
CA GLY B 680 26.85 -6.32 3.14
C GLY B 680 25.76 -6.74 2.19
N GLN B 681 24.74 -5.89 2.02
CA GLN B 681 23.63 -6.25 1.14
C GLN B 681 24.06 -6.19 -0.32
N LEU B 682 24.99 -5.28 -0.67
CA LEU B 682 25.58 -5.29 -2.00
C LEU B 682 26.36 -6.58 -2.26
N ALA B 683 27.11 -7.05 -1.25
CA ALA B 683 27.85 -8.30 -1.38
C ALA B 683 26.91 -9.48 -1.57
N VAL B 684 25.80 -9.50 -0.82
CA VAL B 684 24.81 -10.58 -0.96
C VAL B 684 24.15 -10.58 -2.33
N GLU B 685 23.76 -9.40 -2.84
CA GLU B 685 23.11 -9.33 -4.14
C GLU B 685 24.10 -9.61 -5.28
N LEU B 686 25.38 -9.25 -5.07
CA LEU B 686 26.43 -9.66 -6.00
C LEU B 686 26.60 -11.17 -6.03
N LEU B 687 26.54 -11.81 -4.85
CA LEU B 687 26.56 -13.26 -4.76
C LEU B 687 25.38 -13.90 -5.48
N ASP B 688 24.19 -13.30 -5.34
CA ASP B 688 23.01 -13.81 -6.02
C ASP B 688 23.15 -13.71 -7.54
N GLN B 689 23.68 -12.58 -8.04
CA GLN B 689 23.89 -12.42 -9.48
C GLN B 689 24.93 -13.40 -10.02
N SER B 690 26.03 -13.61 -9.27
CA SER B 690 27.04 -14.57 -9.70
C SER B 690 26.50 -16.00 -9.66
N TYR B 691 25.61 -16.31 -8.71
CA TYR B 691 25.02 -17.64 -8.68
C TYR B 691 24.03 -17.84 -9.82
N LYS B 692 23.31 -16.79 -10.22
CA LYS B 692 22.41 -16.90 -11.36
C LYS B 692 23.18 -17.09 -12.67
N GLN B 693 24.27 -16.36 -12.86
CA GLN B 693 24.96 -16.40 -14.16
C GLN B 693 25.75 -17.68 -14.33
N ASP B 694 26.68 -17.97 -13.41
CA ASP B 694 27.45 -19.21 -13.53
C ASP B 694 27.85 -19.67 -12.12
N GLU B 695 27.37 -20.86 -11.75
CA GLU B 695 27.58 -21.42 -10.41
C GLU B 695 29.03 -21.80 -10.13
N GLN B 696 29.68 -22.46 -11.10
CA GLN B 696 31.05 -22.95 -10.89
C GLN B 696 32.04 -21.81 -10.73
N LEU B 697 31.94 -20.80 -11.60
CA LEU B 697 32.78 -19.61 -11.42
C LEU B 697 32.39 -18.80 -10.19
N ALA B 698 31.18 -18.97 -9.67
CA ALA B 698 30.86 -18.39 -8.36
C ALA B 698 31.60 -19.13 -7.25
N MET B 699 31.75 -20.45 -7.36
CA MET B 699 32.62 -21.17 -6.42
C MET B 699 34.06 -20.68 -6.49
N LYS B 700 34.58 -20.50 -7.71
CA LYS B 700 35.92 -19.92 -7.87
C LYS B 700 36.00 -18.48 -7.34
N LEU B 701 34.89 -17.73 -7.41
CA LEU B 701 34.85 -16.38 -6.86
C LEU B 701 34.95 -16.39 -5.34
N LEU B 702 34.17 -17.25 -4.68
CA LEU B 702 34.21 -17.23 -3.22
C LEU B 702 35.41 -17.97 -2.63
N THR B 703 36.10 -18.83 -3.38
CA THR B 703 37.24 -19.54 -2.80
C THR B 703 38.49 -19.43 -3.68
N TYR B 704 38.87 -18.21 -4.06
CA TYR B 704 40.22 -18.00 -4.60
C TYR B 704 41.00 -17.14 -3.63
N GLU B 705 42.33 -17.19 -3.76
CA GLU B 705 43.22 -16.53 -2.81
C GLU B 705 43.29 -15.04 -3.15
N LEU B 706 42.77 -14.22 -2.24
CA LEU B 706 42.84 -12.77 -2.36
C LEU B 706 44.20 -12.26 -1.91
N LYS B 707 45.11 -12.06 -2.86
CA LYS B 707 46.49 -11.72 -2.53
C LYS B 707 46.61 -10.32 -1.92
N ASN B 708 45.70 -9.42 -2.28
CA ASN B 708 45.72 -8.07 -1.75
C ASN B 708 44.93 -7.91 -0.45
N TRP B 709 44.27 -8.97 0.04
CA TRP B 709 43.49 -8.92 1.27
C TRP B 709 43.99 -9.94 2.27
N SER B 710 45.31 -9.98 2.44
CA SER B 710 46.03 -10.78 3.46
C SER B 710 45.73 -12.28 3.28
N ASN B 711 45.75 -12.70 2.01
CA ASN B 711 45.72 -14.10 1.57
C ASN B 711 44.53 -14.91 2.08
N ALA B 712 43.37 -14.27 2.22
CA ALA B 712 42.17 -14.95 2.68
C ALA B 712 41.23 -15.20 1.50
N THR B 713 40.06 -15.75 1.80
CA THR B 713 38.99 -15.91 0.82
C THR B 713 37.81 -15.05 1.26
N CYS B 714 36.80 -14.99 0.39
CA CYS B 714 35.62 -14.19 0.70
C CYS B 714 34.82 -14.78 1.85
N LEU B 715 34.84 -16.11 2.00
CA LEU B 715 34.15 -16.76 3.11
C LEU B 715 34.79 -16.38 4.45
N GLN B 716 36.13 -16.36 4.51
CA GLN B 716 36.81 -15.97 5.74
C GLN B 716 36.56 -14.50 6.07
N LEU B 717 36.55 -13.65 5.04
CA LEU B 717 36.32 -12.22 5.25
C LEU B 717 34.90 -11.96 5.72
N ALA B 718 33.94 -12.74 5.22
CA ALA B 718 32.54 -12.53 5.59
C ALA B 718 32.22 -13.13 6.96
N VAL B 719 32.83 -14.27 7.31
CA VAL B 719 32.65 -14.84 8.64
C VAL B 719 33.35 -13.97 9.68
N ALA B 720 34.46 -13.32 9.28
CA ALA B 720 35.05 -12.27 10.10
C ALA B 720 34.04 -11.13 10.31
N ALA B 721 33.29 -10.80 9.27
CA ALA B 721 32.26 -9.77 9.34
C ALA B 721 30.98 -10.23 10.02
N LYS B 722 30.91 -11.52 10.42
CA LYS B 722 29.71 -12.14 11.01
C LYS B 722 28.48 -11.95 10.12
N HIS B 723 28.70 -12.10 8.82
CA HIS B 723 27.76 -11.69 7.79
C HIS B 723 26.87 -12.89 7.51
N ARG B 724 25.76 -12.98 8.25
CA ARG B 724 25.06 -14.24 8.44
C ARG B 724 24.05 -14.56 7.34
N ASP B 725 23.95 -13.70 6.34
CA ASP B 725 23.18 -14.05 5.14
C ASP B 725 24.03 -14.17 3.89
N PHE B 726 25.30 -13.76 3.92
CA PHE B 726 26.23 -14.17 2.87
C PHE B 726 26.49 -15.66 2.95
N ILE B 727 26.86 -16.16 4.14
CA ILE B 727 26.87 -17.60 4.35
C ILE B 727 25.52 -17.93 4.96
N ALA B 728 24.48 -17.89 4.12
CA ALA B 728 23.21 -18.57 4.35
C ALA B 728 22.67 -18.94 2.98
N HIS B 729 23.46 -18.60 1.96
CA HIS B 729 23.01 -18.61 0.57
C HIS B 729 23.36 -19.97 -0.01
N THR B 730 22.65 -20.36 -1.09
CA THR B 730 22.74 -21.70 -1.66
C THR B 730 24.15 -22.05 -2.13
N CYS B 731 24.87 -21.08 -2.71
CA CYS B 731 26.26 -21.28 -3.14
C CYS B 731 27.17 -21.64 -1.99
N SER B 732 27.17 -20.81 -0.94
CA SER B 732 28.06 -21.01 0.20
C SER B 732 27.69 -22.28 0.97
N GLN B 733 26.40 -22.53 1.15
CA GLN B 733 25.95 -23.73 1.87
C GLN B 733 26.26 -25.01 1.09
N MET B 734 26.10 -24.99 -0.24
CA MET B 734 26.41 -26.18 -1.01
C MET B 734 27.91 -26.41 -1.08
N LEU B 735 28.70 -25.33 -1.00
CA LEU B 735 30.16 -25.47 -0.93
C LEU B 735 30.59 -26.04 0.42
N LEU B 736 29.96 -25.58 1.49
CA LEU B 736 30.28 -26.09 2.83
C LEU B 736 29.82 -27.54 3.02
N THR B 737 28.67 -27.91 2.45
CA THR B 737 28.33 -29.32 2.58
C THR B 737 29.10 -30.19 1.58
N ASP B 738 29.68 -29.66 0.50
CA ASP B 738 30.63 -30.41 -0.30
C ASP B 738 31.96 -30.58 0.41
N MET B 739 32.36 -29.63 1.25
CA MET B 739 33.52 -29.77 2.11
C MET B 739 33.28 -30.76 3.23
N TRP B 740 32.10 -30.67 3.87
CA TRP B 740 31.62 -31.56 4.93
C TRP B 740 31.59 -33.03 4.56
N MET B 741 31.03 -33.37 3.41
CA MET B 741 31.02 -34.77 3.00
C MET B 741 32.38 -35.19 2.44
N GLY B 742 33.20 -34.21 2.06
CA GLY B 742 34.51 -34.54 1.52
C GLY B 742 34.44 -35.12 0.14
N ARG B 743 35.00 -36.32 -0.03
CA ARG B 743 34.98 -37.06 -1.28
C ARG B 743 33.97 -38.21 -1.24
N LEU B 744 32.83 -38.02 -0.56
CA LEU B 744 31.88 -39.09 -0.25
C LEU B 744 30.51 -38.68 -0.79
N ARG B 745 29.94 -39.51 -1.67
CA ARG B 745 28.69 -39.14 -2.33
C ARG B 745 27.47 -39.43 -1.46
N MET B 746 27.59 -40.37 -0.53
CA MET B 746 26.45 -40.83 0.26
C MET B 746 25.95 -39.74 1.20
N ARG B 747 24.85 -39.09 0.81
CA ARG B 747 24.34 -37.92 1.48
C ARG B 747 22.87 -38.04 1.83
N LYS B 748 22.22 -39.13 1.42
CA LYS B 748 20.89 -39.45 1.89
C LYS B 748 20.97 -40.35 3.10
N ASN B 749 20.32 -39.92 4.18
CA ASN B 749 20.38 -40.55 5.51
C ASN B 749 21.85 -40.69 5.94
N SER B 750 22.55 -39.55 5.93
CA SER B 750 23.93 -39.51 6.36
C SER B 750 23.98 -39.46 7.88
N GLY B 751 25.17 -39.60 8.45
CA GLY B 751 25.29 -39.69 9.89
C GLY B 751 25.23 -41.11 10.39
N LEU B 752 24.09 -41.79 10.17
CA LEU B 752 23.95 -43.19 10.53
C LEU B 752 24.92 -44.07 9.75
N LYS B 753 25.04 -43.82 8.44
CA LYS B 753 26.02 -44.53 7.63
C LYS B 753 27.45 -44.21 8.06
N VAL B 754 27.68 -42.99 8.55
CA VAL B 754 29.00 -42.61 9.07
C VAL B 754 29.33 -43.40 10.33
N ILE B 755 28.35 -43.52 11.24
CA ILE B 755 28.57 -44.25 12.49
C ILE B 755 28.77 -45.74 12.23
N LEU B 756 28.01 -46.30 11.29
CA LEU B 756 28.25 -47.69 10.89
C LEU B 756 29.56 -47.84 10.13
N GLY B 757 30.04 -46.77 9.48
CA GLY B 757 31.37 -46.80 8.92
C GLY B 757 32.45 -46.86 9.99
N ILE B 758 32.26 -46.11 11.08
CA ILE B 758 33.20 -46.17 12.21
C ILE B 758 33.17 -47.53 12.88
N LEU B 759 31.98 -47.94 13.36
CA LEU B 759 31.88 -49.12 14.20
C LEU B 759 32.12 -50.40 13.38
N LEU B 760 31.81 -50.36 12.10
CA LEU B 760 32.13 -51.48 11.20
C LEU B 760 33.08 -50.98 10.11
N PRO B 761 34.38 -51.25 10.24
CA PRO B 761 35.35 -50.91 9.18
C PRO B 761 35.06 -51.58 7.83
N PRO B 762 34.55 -52.87 7.73
CA PRO B 762 34.15 -53.35 6.39
C PRO B 762 32.94 -52.65 5.77
N SER B 763 32.19 -51.86 6.54
CA SER B 763 31.06 -51.12 5.96
C SER B 763 31.51 -49.98 5.06
N ILE B 764 32.79 -49.57 5.16
CA ILE B 764 33.31 -48.46 4.35
C ILE B 764 33.34 -48.84 2.87
N LEU B 765 33.62 -50.11 2.56
CA LEU B 765 33.81 -50.56 1.18
C LEU B 765 32.52 -50.53 0.36
N SER B 766 31.36 -50.43 1.01
CA SER B 766 30.07 -50.37 0.33
C SER B 766 29.48 -48.96 0.32
N LEU B 767 30.33 -47.94 0.17
CA LEU B 767 29.89 -46.55 0.18
C LEU B 767 30.27 -45.87 -1.13
N GLU B 768 29.47 -44.89 -1.52
CA GLU B 768 29.72 -44.16 -2.75
C GLU B 768 30.77 -43.07 -2.54
N PHE B 769 31.65 -42.91 -3.54
CA PHE B 769 32.77 -41.99 -3.45
C PHE B 769 32.92 -41.23 -4.76
N LYS B 770 33.29 -39.95 -4.66
CA LYS B 770 33.52 -39.14 -5.84
C LYS B 770 34.85 -39.50 -6.50
N ASN B 771 34.89 -39.40 -7.82
CA ASN B 771 36.12 -39.57 -8.57
C ASN B 771 36.93 -38.28 -8.55
N LYS B 772 38.20 -38.40 -8.92
CA LYS B 772 39.10 -37.24 -8.94
C LYS B 772 38.80 -36.34 -10.14
N LEU B 834 44.54 -53.50 -3.68
CA LEU B 834 44.88 -53.10 -2.32
C LEU B 834 44.99 -51.59 -2.20
N ILE B 835 45.63 -50.96 -3.18
CA ILE B 835 45.79 -49.51 -3.22
C ILE B 835 44.46 -48.75 -3.39
N PRO B 836 43.48 -49.14 -4.31
CA PRO B 836 42.21 -48.41 -4.32
C PRO B 836 41.39 -48.55 -3.05
N LEU B 837 41.42 -49.74 -2.44
CA LEU B 837 40.72 -49.95 -1.18
C LEU B 837 41.33 -49.12 -0.05
N GLY B 838 42.66 -49.08 0.02
CA GLY B 838 43.38 -48.25 0.97
C GLY B 838 43.10 -46.78 0.79
N ARG B 839 43.02 -46.34 -0.48
CA ARG B 839 42.62 -44.98 -0.80
C ARG B 839 41.19 -44.70 -0.38
N LYS B 840 40.30 -45.70 -0.47
CA LYS B 840 38.93 -45.53 -0.02
C LYS B 840 38.85 -45.34 1.50
N ILE B 841 39.61 -46.14 2.26
CA ILE B 841 39.65 -45.95 3.72
C ILE B 841 40.28 -44.61 4.08
N TYR B 842 41.31 -44.21 3.32
CA TYR B 842 41.96 -42.92 3.57
C TYR B 842 41.02 -41.74 3.26
N GLU B 843 40.22 -41.87 2.21
CA GLU B 843 39.26 -40.81 1.87
C GLU B 843 38.11 -40.79 2.86
N PHE B 844 37.77 -41.95 3.43
CA PHE B 844 36.69 -41.99 4.41
C PHE B 844 37.14 -41.41 5.74
N TYR B 845 38.37 -41.73 6.17
CA TYR B 845 38.85 -41.23 7.45
C TYR B 845 39.42 -39.82 7.43
N ASN B 846 39.45 -39.14 6.28
CA ASN B 846 39.80 -37.73 6.22
C ASN B 846 38.62 -36.84 5.84
N ALA B 847 37.41 -37.39 5.85
CA ALA B 847 36.20 -36.59 5.64
C ALA B 847 35.81 -35.90 6.94
N PRO B 848 35.45 -34.61 6.92
CA PRO B 848 35.10 -33.88 8.16
C PRO B 848 33.91 -34.44 8.93
N ILE B 849 32.93 -35.02 8.24
CA ILE B 849 31.80 -35.67 8.93
C ILE B 849 32.27 -36.88 9.74
N VAL B 850 33.24 -37.62 9.20
CA VAL B 850 33.74 -38.81 9.88
C VAL B 850 34.58 -38.41 11.08
N LYS B 851 35.40 -37.35 10.91
CA LYS B 851 36.17 -36.79 12.00
C LYS B 851 35.28 -36.27 13.12
N PHE B 852 34.17 -35.61 12.73
CA PHE B 852 33.18 -35.13 13.70
C PHE B 852 32.58 -36.26 14.52
N TRP B 853 31.94 -37.23 13.85
CA TRP B 853 31.25 -38.31 14.56
C TRP B 853 32.23 -39.19 15.33
N PHE B 854 33.46 -39.30 14.82
CA PHE B 854 34.46 -40.20 15.36
C PHE B 854 35.08 -39.61 16.63
N TYR B 855 35.35 -38.30 16.61
CA TYR B 855 35.66 -37.55 17.83
C TYR B 855 34.50 -37.56 18.82
N THR B 856 33.26 -37.46 18.34
CA THR B 856 32.11 -37.44 19.25
C THR B 856 31.92 -38.78 19.97
N LEU B 857 32.10 -39.90 19.27
CA LEU B 857 32.02 -41.21 19.91
C LEU B 857 33.14 -41.40 20.94
N ALA B 858 34.35 -40.96 20.61
CA ALA B 858 35.42 -41.01 21.61
C ALA B 858 35.15 -40.08 22.80
N TYR B 859 34.43 -38.99 22.55
CA TYR B 859 34.09 -38.04 23.61
C TYR B 859 33.03 -38.61 24.54
N ILE B 860 32.05 -39.32 23.98
CA ILE B 860 31.06 -40.03 24.79
C ILE B 860 31.74 -41.12 25.62
N GLY B 861 32.74 -41.80 25.03
CA GLY B 861 33.58 -42.73 25.76
C GLY B 861 34.30 -42.09 26.94
N TYR B 862 34.89 -40.90 26.70
CA TYR B 862 35.45 -40.09 27.77
C TYR B 862 34.45 -39.82 28.89
N LEU B 863 33.24 -39.42 28.53
CA LEU B 863 32.28 -38.99 29.55
C LEU B 863 31.82 -40.17 30.40
N MET B 864 31.61 -41.33 29.77
CA MET B 864 31.24 -42.54 30.51
C MET B 864 32.38 -43.01 31.42
N LEU B 865 33.62 -43.01 30.90
CA LEU B 865 34.76 -43.45 31.69
C LEU B 865 35.02 -42.51 32.86
N PHE B 866 34.82 -41.21 32.65
CA PHE B 866 35.13 -40.24 33.68
C PHE B 866 34.05 -40.25 34.75
N ASN B 867 32.79 -40.50 34.34
CA ASN B 867 31.71 -40.84 35.27
C ASN B 867 32.06 -42.03 36.14
N TYR B 868 32.61 -43.07 35.52
CA TYR B 868 32.96 -44.27 36.27
C TYR B 868 34.05 -43.97 37.29
N ILE B 869 35.05 -43.16 36.92
CA ILE B 869 36.14 -42.95 37.87
C ILE B 869 35.77 -41.92 38.93
N VAL B 870 34.71 -41.13 38.74
CA VAL B 870 34.29 -40.20 39.79
C VAL B 870 33.26 -40.83 40.73
N LEU B 871 32.44 -41.77 40.25
CA LEU B 871 31.48 -42.42 41.14
C LEU B 871 32.14 -43.51 41.96
N VAL B 872 33.04 -44.27 41.36
CA VAL B 872 33.81 -45.33 42.02
C VAL B 872 35.04 -44.65 42.65
N LYS B 873 35.77 -45.35 43.53
CA LYS B 873 36.82 -44.78 44.37
C LYS B 873 38.05 -44.39 43.55
N MET B 874 39.07 -43.95 44.28
CA MET B 874 40.45 -43.91 43.87
C MET B 874 41.30 -44.63 44.91
N GLU B 875 42.56 -44.85 44.57
CA GLU B 875 43.46 -45.67 45.38
C GLU B 875 44.74 -44.87 45.55
N ARG B 876 45.81 -45.53 46.01
CA ARG B 876 47.10 -44.84 46.13
C ARG B 876 47.61 -44.46 44.75
N TRP B 877 47.49 -45.36 43.79
CA TRP B 877 47.76 -45.12 42.38
C TRP B 877 46.46 -45.08 41.59
N PRO B 878 46.41 -44.36 40.47
CA PRO B 878 45.18 -44.30 39.67
C PRO B 878 44.79 -45.65 39.07
N SER B 879 43.49 -45.83 38.90
CA SER B 879 42.97 -46.99 38.18
C SER B 879 43.25 -46.83 36.69
N THR B 880 43.08 -47.95 35.97
CA THR B 880 43.47 -48.01 34.55
C THR B 880 42.64 -47.06 33.70
N GLN B 881 41.34 -47.01 33.96
CA GLN B 881 40.48 -46.12 33.18
C GLN B 881 40.69 -44.65 33.56
N GLU B 882 41.12 -44.40 34.80
CA GLU B 882 41.57 -43.06 35.16
C GLU B 882 42.83 -42.67 34.40
N TRP B 883 43.75 -43.63 34.18
CA TRP B 883 44.92 -43.38 33.35
C TRP B 883 44.53 -43.09 31.91
N ILE B 884 43.47 -43.74 31.42
CA ILE B 884 42.92 -43.42 30.11
C ILE B 884 42.41 -41.97 30.07
N VAL B 885 41.73 -41.55 31.14
CA VAL B 885 41.25 -40.16 31.24
C VAL B 885 42.42 -39.16 31.25
N ILE B 886 43.48 -39.49 31.98
CA ILE B 886 44.67 -38.64 32.03
C ILE B 886 45.32 -38.54 30.65
N SER B 887 45.35 -39.64 29.89
CA SER B 887 45.93 -39.59 28.56
C SER B 887 45.06 -38.79 27.59
N TYR B 888 43.73 -38.89 27.73
CA TYR B 888 42.80 -37.98 27.03
C TYR B 888 43.14 -36.51 27.26
N ILE B 889 43.29 -36.10 28.52
CA ILE B 889 43.52 -34.68 28.82
C ILE B 889 44.90 -34.24 28.36
N PHE B 890 45.91 -35.10 28.54
CA PHE B 890 47.28 -34.73 28.17
C PHE B 890 47.43 -34.55 26.66
N THR B 891 46.93 -35.50 25.88
CA THR B 891 46.98 -35.34 24.43
C THR B 891 46.03 -34.26 23.92
N LEU B 892 44.94 -33.97 24.65
CA LEU B 892 44.14 -32.80 24.34
C LEU B 892 44.93 -31.52 24.52
N GLY B 893 45.74 -31.45 25.59
CA GLY B 893 46.60 -30.30 25.79
C GLY B 893 47.63 -30.15 24.70
N ILE B 894 48.18 -31.27 24.22
CA ILE B 894 49.12 -31.24 23.10
C ILE B 894 48.43 -30.77 21.81
N GLU B 895 47.18 -31.19 21.60
CA GLU B 895 46.42 -30.75 20.44
C GLU B 895 46.10 -29.25 20.47
N LYS B 896 45.71 -28.74 21.64
CA LYS B 896 45.56 -27.30 21.85
C LYS B 896 46.89 -26.57 21.67
N MET B 897 48.00 -27.23 22.02
CA MET B 897 49.33 -26.65 21.82
C MET B 897 49.64 -26.49 20.32
N ARG B 898 49.30 -27.48 19.50
CA ARG B 898 49.58 -27.24 18.08
C ARG B 898 48.51 -26.32 17.48
N GLU B 899 47.35 -26.21 18.11
CA GLU B 899 46.39 -25.19 17.70
C GLU B 899 46.98 -23.81 17.93
N ILE B 900 47.72 -23.63 19.03
CA ILE B 900 48.53 -22.42 19.20
C ILE B 900 49.56 -22.31 18.10
N LEU B 901 50.32 -23.37 17.85
CA LEU B 901 51.54 -23.29 17.06
C LEU B 901 51.34 -23.54 15.57
N MET B 902 50.10 -23.49 15.07
CA MET B 902 49.89 -23.64 13.63
C MET B 902 48.81 -22.64 13.18
N SER B 903 48.78 -21.47 13.82
CA SER B 903 47.81 -20.46 13.43
C SER B 903 48.41 -19.54 12.36
N GLU B 904 47.56 -18.63 11.86
CA GLU B 904 47.96 -17.78 10.74
C GLU B 904 48.93 -16.65 11.08
N PRO B 905 48.82 -15.93 12.22
CA PRO B 905 49.89 -14.98 12.57
C PRO B 905 51.22 -15.68 12.84
N GLY B 906 52.31 -14.95 12.61
CA GLY B 906 53.64 -15.50 12.73
C GLY B 906 54.41 -15.12 13.99
N LYS B 907 53.99 -14.09 14.71
CA LYS B 907 54.57 -13.72 15.99
C LYS B 907 53.82 -14.49 17.07
N LEU B 908 54.56 -15.14 17.98
CA LEU B 908 54.01 -16.13 18.90
C LEU B 908 52.96 -15.57 19.85
N LEU B 909 53.17 -14.34 20.32
CA LEU B 909 52.20 -13.68 21.20
C LEU B 909 50.89 -13.42 20.47
N GLN B 910 50.97 -13.06 19.18
CA GLN B 910 49.77 -12.91 18.36
C GLN B 910 49.06 -14.24 18.15
N LYS B 911 49.83 -15.33 17.97
CA LYS B 911 49.26 -16.67 17.87
C LYS B 911 48.48 -17.03 19.14
N VAL B 912 49.08 -16.76 20.31
CA VAL B 912 48.45 -17.05 21.59
C VAL B 912 47.20 -16.18 21.79
N LYS B 913 47.28 -14.90 21.39
CA LYS B 913 46.15 -13.99 21.59
C LYS B 913 44.96 -14.34 20.71
N VAL B 914 45.21 -14.58 19.42
CA VAL B 914 44.14 -14.96 18.48
C VAL B 914 43.56 -16.32 18.85
N TRP B 915 44.42 -17.22 19.34
CA TRP B 915 43.96 -18.51 19.85
C TRP B 915 43.13 -18.35 21.13
N LEU B 916 43.38 -17.28 21.89
CA LEU B 916 42.63 -17.02 23.11
C LEU B 916 41.51 -16.00 22.94
N GLN B 917 41.16 -15.64 21.70
CA GLN B 917 39.98 -14.82 21.48
C GLN B 917 38.68 -15.61 21.36
N GLU B 918 38.71 -16.95 21.47
CA GLU B 918 37.51 -17.78 21.40
C GLU B 918 37.24 -18.31 22.81
N TYR B 919 36.06 -17.99 23.36
CA TYR B 919 35.68 -18.22 24.75
C TYR B 919 35.76 -19.68 25.18
N TRP B 920 35.23 -20.58 24.35
CA TRP B 920 35.27 -22.01 24.62
C TRP B 920 36.71 -22.52 24.64
N ASN B 921 37.57 -21.94 23.82
CA ASN B 921 38.97 -22.35 23.77
C ASN B 921 39.71 -21.85 25.02
N VAL B 922 39.33 -20.66 25.52
CA VAL B 922 39.87 -20.14 26.78
C VAL B 922 39.51 -21.06 27.94
N THR B 923 38.22 -21.43 28.03
CA THR B 923 37.79 -22.31 29.11
C THR B 923 38.34 -23.73 28.94
N ASP B 924 38.66 -24.14 27.71
CA ASP B 924 39.36 -25.39 27.48
C ASP B 924 40.75 -25.36 28.10
N LEU B 925 41.48 -24.26 27.89
CA LEU B 925 42.80 -24.09 28.52
C LEU B 925 42.70 -24.06 30.05
N ILE B 926 41.68 -23.36 30.57
CA ILE B 926 41.47 -23.26 32.02
C ILE B 926 41.18 -24.64 32.64
N ALA B 927 40.35 -25.43 31.96
CA ALA B 927 39.99 -26.75 32.44
C ALA B 927 41.17 -27.72 32.40
N ILE B 928 42.00 -27.65 31.34
CA ILE B 928 43.18 -28.52 31.27
C ILE B 928 44.12 -28.16 32.41
N LEU B 929 44.21 -26.88 32.76
CA LEU B 929 45.08 -26.52 33.88
C LEU B 929 44.54 -26.95 35.23
N LEU B 930 43.21 -26.85 35.46
CA LEU B 930 42.74 -27.39 36.73
C LEU B 930 42.80 -28.89 36.79
N PHE B 931 42.63 -29.59 35.66
CA PHE B 931 42.66 -31.04 35.70
C PHE B 931 44.09 -31.50 35.96
N SER B 932 45.08 -30.79 35.41
CA SER B 932 46.48 -31.08 35.75
C SER B 932 46.74 -30.81 37.22
N VAL B 933 46.21 -29.70 37.75
CA VAL B 933 46.37 -29.38 39.17
C VAL B 933 45.73 -30.45 40.05
N GLY B 934 44.55 -30.92 39.65
CA GLY B 934 43.86 -32.02 40.30
C GLY B 934 44.62 -33.31 40.22
N MET B 935 45.37 -33.51 39.13
CA MET B 935 46.25 -34.67 39.02
C MET B 935 47.38 -34.61 40.05
N ILE B 936 48.04 -33.45 40.17
CA ILE B 936 49.13 -33.32 41.15
C ILE B 936 48.59 -33.42 42.58
N LEU B 937 47.39 -32.90 42.82
CA LEU B 937 46.77 -33.09 44.14
C LEU B 937 46.35 -34.54 44.36
N ARG B 938 45.91 -35.23 43.31
CA ARG B 938 45.51 -36.63 43.44
C ARG B 938 46.69 -37.55 43.70
N LEU B 939 47.87 -37.26 43.14
CA LEU B 939 48.99 -38.17 43.32
C LEU B 939 49.58 -38.05 44.73
N GLN B 940 49.42 -36.88 45.36
CA GLN B 940 49.92 -36.71 46.72
C GLN B 940 48.93 -37.28 47.74
N ASP B 941 49.47 -37.83 48.83
CA ASP B 941 48.71 -38.61 49.80
C ASP B 941 47.73 -37.74 50.60
N GLN B 942 46.95 -38.41 51.45
CA GLN B 942 45.84 -37.79 52.18
C GLN B 942 46.35 -36.69 53.12
N PRO B 943 45.65 -35.55 53.23
CA PRO B 943 44.31 -35.22 52.71
C PRO B 943 44.27 -34.60 51.31
N PHE B 944 45.09 -35.03 50.35
CA PHE B 944 45.09 -34.40 49.03
C PHE B 944 44.26 -35.17 48.01
N ARG B 945 44.06 -36.49 48.23
CA ARG B 945 43.10 -37.29 47.47
C ARG B 945 41.70 -36.70 47.43
N SER B 946 41.23 -36.17 48.57
CA SER B 946 39.91 -35.58 48.65
C SER B 946 39.81 -34.32 47.78
N ASP B 947 40.83 -33.46 47.83
CA ASP B 947 40.81 -32.24 47.03
C ASP B 947 40.95 -32.54 45.54
N GLY B 948 41.73 -33.58 45.21
CA GLY B 948 41.78 -34.03 43.82
C GLY B 948 40.44 -34.56 43.33
N ARG B 949 39.71 -35.24 44.21
CA ARG B 949 38.38 -35.72 43.86
C ARG B 949 37.40 -34.55 43.71
N VAL B 950 37.59 -33.48 44.50
CA VAL B 950 36.79 -32.27 44.33
C VAL B 950 37.04 -31.63 42.97
N ILE B 951 38.31 -31.57 42.56
CA ILE B 951 38.66 -30.95 41.28
C ILE B 951 38.12 -31.79 40.11
N TYR B 952 38.25 -33.11 40.23
CA TYR B 952 37.62 -33.98 39.23
C TYR B 952 36.07 -33.98 39.28
N CYS B 953 35.48 -33.52 40.39
CA CYS B 953 34.04 -33.32 40.49
C CYS B 953 33.59 -32.04 39.79
N VAL B 954 34.43 -31.02 39.73
CA VAL B 954 34.14 -29.81 38.98
C VAL B 954 34.38 -30.00 37.48
N ASN B 955 35.34 -30.87 37.14
CA ASN B 955 35.62 -31.18 35.75
C ASN B 955 34.46 -31.85 35.00
N ILE B 956 33.64 -32.66 35.66
CA ILE B 956 32.49 -33.25 34.95
C ILE B 956 31.42 -32.21 34.66
N ILE B 957 31.30 -31.19 35.52
CA ILE B 957 30.43 -30.04 35.24
C ILE B 957 30.87 -29.34 33.96
N TYR B 958 32.18 -29.05 33.86
CA TYR B 958 32.63 -28.34 32.66
C TYR B 958 32.57 -29.25 31.42
N TRP B 959 32.92 -30.54 31.57
CA TRP B 959 32.99 -31.41 30.41
C TRP B 959 31.64 -31.98 30.02
N TYR B 960 30.56 -31.69 30.73
CA TYR B 960 29.24 -31.74 30.08
C TYR B 960 28.77 -30.41 29.52
N ILE B 961 29.14 -29.27 30.10
CA ILE B 961 28.73 -28.00 29.48
C ILE B 961 29.54 -27.69 28.21
N ARG B 962 30.62 -28.41 27.95
CA ARG B 962 31.36 -28.25 26.69
C ARG B 962 30.53 -28.72 25.48
N LEU B 963 29.53 -29.59 25.72
CA LEU B 963 28.71 -30.18 24.65
C LEU B 963 27.82 -29.17 23.92
N LEU B 964 27.65 -27.96 24.47
CA LEU B 964 26.67 -27.03 23.90
C LEU B 964 27.15 -26.48 22.55
N ASP B 965 28.47 -26.41 22.45
CA ASP B 965 29.07 -25.99 21.18
C ASP B 965 28.63 -27.02 20.14
N ILE B 966 29.09 -28.25 20.29
CA ILE B 966 28.77 -29.25 19.26
C ILE B 966 27.25 -29.25 19.03
N PHE B 967 26.46 -29.12 20.09
CA PHE B 967 24.99 -29.20 19.90
C PHE B 967 24.56 -28.12 18.95
N GLY B 968 25.14 -26.93 19.06
CA GLY B 968 24.76 -25.82 18.20
C GLY B 968 24.78 -26.08 16.70
N VAL B 969 24.80 -27.33 16.28
CA VAL B 969 24.87 -27.73 14.87
C VAL B 969 23.54 -28.33 14.43
N ASN B 970 22.94 -29.16 15.29
CA ASN B 970 21.62 -29.74 15.05
C ASN B 970 20.58 -28.64 14.87
N LYS B 971 19.58 -28.88 14.01
CA LYS B 971 18.68 -27.81 13.57
C LYS B 971 17.74 -27.37 14.69
N TYR B 972 17.65 -28.15 15.77
CA TYR B 972 16.66 -27.87 16.80
C TYR B 972 17.32 -27.50 18.12
N LEU B 973 18.57 -27.92 18.34
CA LEU B 973 19.24 -27.68 19.61
C LEU B 973 20.00 -26.35 19.61
N GLY B 974 20.43 -25.91 18.44
CA GLY B 974 21.15 -24.66 18.26
C GLY B 974 20.47 -23.39 18.76
N PRO B 975 19.22 -23.13 18.34
CA PRO B 975 18.47 -22.00 18.94
C PRO B 975 18.26 -22.12 20.45
N TYR B 976 18.15 -23.35 20.97
CA TYR B 976 18.03 -23.57 22.41
C TYR B 976 19.30 -23.10 23.12
N VAL B 977 20.45 -23.49 22.57
CA VAL B 977 21.75 -23.09 23.13
C VAL B 977 21.93 -21.58 23.05
N MET B 978 21.47 -20.97 21.95
CA MET B 978 21.60 -19.52 21.79
C MET B 978 20.68 -18.78 22.77
N MET B 979 19.50 -19.36 23.06
CA MET B 979 18.64 -18.82 24.10
C MET B 979 19.31 -18.90 25.48
N ILE B 980 19.99 -20.01 25.77
CA ILE B 980 20.75 -20.11 27.02
C ILE B 980 21.85 -19.05 27.07
N GLY B 981 22.49 -18.79 25.94
CA GLY B 981 23.48 -17.74 25.81
C GLY B 981 22.99 -16.34 26.13
N LYS B 982 21.83 -15.95 25.59
CA LYS B 982 21.28 -14.63 25.91
C LYS B 982 20.64 -14.61 27.31
N MET B 983 20.16 -15.77 27.76
CA MET B 983 19.55 -15.88 29.07
C MET B 983 20.59 -15.75 30.18
N MET B 984 21.87 -15.99 29.86
CA MET B 984 22.96 -15.61 30.76
C MET B 984 22.90 -14.15 31.15
N ILE B 985 22.83 -13.25 30.16
CA ILE B 985 22.84 -11.81 30.42
C ILE B 985 21.54 -11.37 31.11
N ASP B 986 20.41 -11.84 30.58
CA ASP B 986 19.11 -11.44 31.14
C ASP B 986 18.92 -11.95 32.57
N MET B 987 19.28 -13.22 32.81
CA MET B 987 19.20 -13.77 34.15
C MET B 987 20.21 -13.13 35.08
N MET B 988 21.36 -12.66 34.55
CA MET B 988 22.33 -11.96 35.38
C MET B 988 21.77 -10.67 35.96
N TYR B 989 21.18 -9.83 35.11
CA TYR B 989 20.54 -8.61 35.60
C TYR B 989 19.35 -8.94 36.53
N PHE B 990 18.66 -10.05 36.27
CA PHE B 990 17.64 -10.47 37.22
C PHE B 990 18.25 -10.90 38.55
N VAL B 991 19.47 -11.45 38.55
CA VAL B 991 20.15 -11.79 39.79
C VAL B 991 20.44 -10.54 40.62
N ILE B 992 20.88 -9.44 40.00
CA ILE B 992 21.01 -8.18 40.76
C ILE B 992 19.68 -7.75 41.37
N ILE B 993 18.59 -7.77 40.58
CA ILE B 993 17.28 -7.38 41.11
C ILE B 993 16.82 -8.35 42.22
N MET B 994 17.10 -9.64 42.03
CA MET B 994 16.65 -10.68 42.93
C MET B 994 17.38 -10.64 44.27
N LEU B 995 18.68 -10.36 44.26
CA LEU B 995 19.38 -10.16 45.53
C LEU B 995 18.88 -8.92 46.25
N VAL B 996 18.65 -7.82 45.52
CA VAL B 996 18.20 -6.58 46.17
C VAL B 996 16.82 -6.75 46.82
N VAL B 997 15.98 -7.63 46.28
CA VAL B 997 14.70 -7.88 46.95
C VAL B 997 14.80 -8.99 48.00
N LEU B 998 15.30 -10.16 47.60
CA LEU B 998 15.24 -11.34 48.45
C LEU B 998 16.18 -11.25 49.64
N MET B 999 17.35 -10.62 49.46
CA MET B 999 18.31 -10.44 50.54
C MET B 999 17.75 -9.51 51.61
N SER B 1000 16.96 -8.52 51.20
CA SER B 1000 16.33 -7.65 52.18
C SER B 1000 15.26 -8.40 52.96
N PHE B 1001 14.49 -9.27 52.29
CA PHE B 1001 13.54 -10.07 53.06
C PHE B 1001 14.25 -11.08 53.96
N GLY B 1002 15.39 -11.60 53.52
CA GLY B 1002 16.17 -12.53 54.32
C GLY B 1002 16.75 -11.91 55.58
N VAL B 1003 17.34 -10.72 55.46
CA VAL B 1003 17.86 -10.03 56.64
C VAL B 1003 16.71 -9.55 57.51
N ALA B 1004 15.55 -9.27 56.89
CA ALA B 1004 14.36 -8.90 57.66
C ALA B 1004 13.85 -10.06 58.50
N ARG B 1005 13.84 -11.26 57.92
CA ARG B 1005 13.37 -12.44 58.64
C ARG B 1005 14.34 -12.82 59.74
N GLN B 1006 15.64 -12.69 59.44
CA GLN B 1006 16.68 -13.05 60.43
C GLN B 1006 16.79 -11.94 61.49
N ALA B 1007 16.15 -10.79 61.25
CA ALA B 1007 16.15 -9.70 62.26
C ALA B 1007 14.88 -9.82 63.11
N ILE B 1008 13.74 -10.12 62.47
CA ILE B 1008 12.48 -10.31 63.23
C ILE B 1008 12.67 -11.48 64.21
N LEU B 1009 13.24 -12.59 63.72
CA LEU B 1009 13.54 -13.74 64.61
C LEU B 1009 15.02 -13.70 64.99
N PHE B 1010 15.56 -14.83 65.45
CA PHE B 1010 16.98 -14.88 65.90
C PHE B 1010 17.36 -13.57 66.58
N PRO B 1011 16.79 -13.29 67.77
CA PRO B 1011 17.08 -12.02 68.52
C PRO B 1011 18.24 -12.21 69.48
N ASN B 1012 19.00 -13.30 69.32
CA ASN B 1012 20.17 -13.57 70.20
C ASN B 1012 21.30 -14.15 69.34
N GLU B 1013 21.72 -13.45 68.30
CA GLU B 1013 22.78 -13.94 67.43
C GLU B 1013 24.02 -13.04 67.55
N GLU B 1014 25.12 -13.65 67.95
CA GLU B 1014 26.40 -12.96 68.11
C GLU B 1014 27.15 -12.98 66.77
N PRO B 1015 28.29 -12.21 66.65
CA PRO B 1015 29.08 -12.23 65.40
C PRO B 1015 29.57 -13.60 64.92
N SER B 1016 29.18 -13.96 63.70
CA SER B 1016 29.58 -15.21 63.08
C SER B 1016 29.43 -15.06 61.58
N TRP B 1017 30.24 -15.79 60.81
CA TRP B 1017 30.06 -15.83 59.36
C TRP B 1017 28.86 -16.67 58.94
N LYS B 1018 28.30 -17.44 59.86
CA LYS B 1018 27.15 -18.29 59.53
C LYS B 1018 25.88 -17.48 59.35
N LEU B 1019 25.87 -16.22 59.79
CA LEU B 1019 24.73 -15.33 59.60
C LEU B 1019 24.46 -15.06 58.12
N ALA B 1020 25.52 -14.86 57.34
CA ALA B 1020 25.39 -14.67 55.89
C ALA B 1020 24.82 -15.91 55.23
N LYS B 1021 25.31 -17.09 55.66
CA LYS B 1021 24.80 -18.36 55.17
C LYS B 1021 23.32 -18.54 55.50
N ASN B 1022 22.92 -18.11 56.70
CA ASN B 1022 21.50 -18.11 57.07
C ASN B 1022 20.69 -17.21 56.15
N ILE B 1023 21.11 -15.94 56.01
CA ILE B 1023 20.26 -14.96 55.32
C ILE B 1023 20.20 -15.20 53.82
N PHE B 1024 21.14 -15.98 53.25
CA PHE B 1024 20.95 -16.30 51.83
C PHE B 1024 20.31 -17.67 51.65
N TYR B 1025 20.71 -18.69 52.42
CA TYR B 1025 20.23 -20.05 52.12
C TYR B 1025 18.88 -20.31 52.78
N MET B 1026 18.74 -19.98 54.06
CA MET B 1026 17.56 -20.29 54.87
C MET B 1026 16.21 -19.75 54.37
N PRO B 1027 16.08 -18.51 53.82
CA PRO B 1027 14.78 -18.16 53.24
C PRO B 1027 14.42 -18.96 51.99
N TYR B 1028 15.42 -19.46 51.26
CA TYR B 1028 15.14 -20.29 50.10
C TYR B 1028 14.64 -21.68 50.49
N TRP B 1029 15.12 -22.20 51.62
CA TRP B 1029 14.74 -23.52 52.10
C TRP B 1029 13.71 -23.46 53.23
N MET B 1030 13.21 -22.27 53.53
CA MET B 1030 12.26 -22.06 54.62
C MET B 1030 10.85 -21.79 54.10
N ILE B 1031 10.53 -22.21 52.88
CA ILE B 1031 9.18 -22.00 52.34
C ILE B 1031 8.21 -23.08 52.80
N TYR B 1032 8.70 -24.08 53.55
CA TYR B 1032 7.84 -25.12 54.09
C TYR B 1032 6.91 -24.56 55.15
N GLY B 1033 7.40 -23.63 55.96
CA GLY B 1033 6.60 -23.02 57.00
C GLY B 1033 6.60 -21.50 56.89
N GLU B 1034 5.50 -20.90 57.33
CA GLU B 1034 5.35 -19.45 57.27
C GLU B 1034 6.10 -18.77 58.40
N THR B 1063 0.42 -7.43 70.23
CA THR B 1063 -0.12 -6.82 69.02
C THR B 1063 0.89 -6.96 67.89
N GLY B 1064 2.16 -6.76 68.21
CA GLY B 1064 3.22 -6.89 67.21
C GLY B 1064 3.77 -8.30 67.12
N ALA B 1065 3.22 -9.23 67.90
CA ALA B 1065 3.70 -10.61 67.96
C ALA B 1065 3.55 -11.33 66.62
N TRP B 1066 2.41 -11.16 65.96
CA TRP B 1066 2.15 -11.81 64.69
C TRP B 1066 2.18 -10.84 63.50
N ILE B 1067 1.96 -9.55 63.76
CA ILE B 1067 1.63 -8.54 62.74
C ILE B 1067 2.73 -8.40 61.69
N VAL B 1068 3.93 -8.00 62.12
CA VAL B 1068 5.02 -7.77 61.17
C VAL B 1068 5.60 -9.06 60.56
N PRO B 1069 5.54 -10.31 61.21
CA PRO B 1069 5.78 -11.52 60.41
C PRO B 1069 4.84 -11.68 59.24
N ALA B 1070 3.55 -11.34 59.43
CA ALA B 1070 2.56 -11.46 58.36
C ALA B 1070 2.85 -10.46 57.25
N ILE B 1071 3.28 -9.24 57.61
CA ILE B 1071 3.64 -8.22 56.63
C ILE B 1071 4.84 -8.69 55.81
N MET B 1072 5.85 -9.24 56.49
CA MET B 1072 7.04 -9.74 55.80
C MET B 1072 6.72 -10.92 54.89
N ALA B 1073 5.85 -11.83 55.35
CA ALA B 1073 5.49 -13.00 54.55
C ALA B 1073 4.68 -12.63 53.33
N CYS B 1074 3.71 -11.71 53.50
CA CYS B 1074 2.92 -11.23 52.37
C CYS B 1074 3.78 -10.50 51.35
N TYR B 1075 4.73 -9.69 51.85
CA TYR B 1075 5.68 -9.00 50.98
C TYR B 1075 6.56 -9.99 50.21
N LEU B 1076 7.05 -11.02 50.89
CA LEU B 1076 7.87 -12.04 50.23
C LEU B 1076 7.09 -12.78 49.16
N LEU B 1077 5.82 -13.08 49.47
CA LEU B 1077 4.94 -13.77 48.51
C LEU B 1077 4.73 -12.94 47.26
N VAL B 1078 4.33 -11.66 47.42
CA VAL B 1078 4.02 -10.83 46.26
C VAL B 1078 5.28 -10.52 45.46
N ALA B 1079 6.42 -10.32 46.15
CA ALA B 1079 7.67 -10.06 45.47
C ALA B 1079 8.15 -11.29 44.69
N ASN B 1080 7.97 -12.48 45.27
CA ASN B 1080 8.32 -13.73 44.61
C ASN B 1080 7.49 -13.90 43.33
N ILE B 1081 6.20 -13.56 43.42
CA ILE B 1081 5.32 -13.69 42.23
C ILE B 1081 5.75 -12.74 41.12
N LEU B 1082 5.93 -11.45 41.41
CA LEU B 1082 6.32 -10.51 40.36
C LEU B 1082 7.71 -10.80 39.78
N LEU B 1083 8.65 -11.29 40.60
CA LEU B 1083 9.95 -11.66 40.06
C LEU B 1083 9.89 -12.91 39.16
N VAL B 1084 9.09 -13.92 39.55
CA VAL B 1084 8.96 -15.11 38.71
C VAL B 1084 8.30 -14.78 37.37
N ASN B 1085 7.22 -14.00 37.39
CA ASN B 1085 6.59 -13.65 36.11
C ASN B 1085 7.41 -12.63 35.31
N LEU B 1086 8.30 -11.88 35.98
CA LEU B 1086 9.29 -11.09 35.26
C LEU B 1086 10.22 -11.99 34.45
N LEU B 1087 10.70 -13.08 35.08
CA LEU B 1087 11.47 -14.10 34.36
C LEU B 1087 10.68 -14.70 33.20
N ILE B 1088 9.39 -14.99 33.44
CA ILE B 1088 8.52 -15.56 32.40
C ILE B 1088 8.47 -14.66 31.18
N ALA B 1089 8.08 -13.39 31.37
CA ALA B 1089 7.87 -12.48 30.23
C ALA B 1089 9.17 -12.17 29.50
N VAL B 1090 10.25 -11.88 30.25
CA VAL B 1090 11.53 -11.54 29.65
C VAL B 1090 12.09 -12.73 28.87
N PHE B 1091 11.82 -13.95 29.34
CA PHE B 1091 12.30 -15.11 28.62
C PHE B 1091 11.34 -15.56 27.51
N ASN B 1092 10.08 -15.08 27.53
CA ASN B 1092 9.25 -15.25 26.33
C ASN B 1092 9.71 -14.35 25.20
N ASN B 1093 10.25 -13.16 25.51
CA ASN B 1093 10.71 -12.27 24.44
C ASN B 1093 11.94 -12.86 23.76
N THR B 1094 12.85 -13.45 24.54
CA THR B 1094 14.17 -13.85 24.07
C THR B 1094 14.08 -14.96 23.02
N PHE B 1095 13.12 -15.88 23.17
CA PHE B 1095 12.97 -16.97 22.21
C PHE B 1095 12.42 -16.48 20.87
N PHE B 1096 11.68 -15.37 20.87
CA PHE B 1096 11.12 -14.84 19.63
C PHE B 1096 12.20 -14.34 18.68
N GLU B 1097 13.17 -13.57 19.21
CA GLU B 1097 14.25 -13.03 18.40
C GLU B 1097 15.15 -14.13 17.84
N VAL B 1098 15.49 -15.10 18.70
CA VAL B 1098 16.41 -16.14 18.27
C VAL B 1098 15.71 -17.12 17.32
N LYS B 1099 14.39 -17.28 17.48
CA LYS B 1099 13.62 -18.06 16.52
C LYS B 1099 13.53 -17.34 15.18
N SER B 1100 13.49 -16.00 15.22
CA SER B 1100 13.54 -15.21 13.98
C SER B 1100 14.88 -15.37 13.27
N ILE B 1101 15.96 -15.52 14.03
CA ILE B 1101 17.27 -15.60 13.36
C ILE B 1101 17.87 -17.00 13.32
N SER B 1102 17.07 -18.02 13.67
CA SER B 1102 17.49 -19.42 13.87
C SER B 1102 18.32 -20.06 12.76
N ASN B 1103 17.72 -20.21 11.58
CA ASN B 1103 18.42 -20.88 10.48
C ASN B 1103 19.63 -20.10 9.98
N GLN B 1104 19.61 -18.77 10.12
CA GLN B 1104 20.76 -17.95 9.75
C GLN B 1104 21.91 -18.20 10.71
N VAL B 1105 21.60 -18.31 12.00
CA VAL B 1105 22.61 -18.66 13.01
C VAL B 1105 23.19 -20.05 12.75
N TRP B 1106 22.33 -21.00 12.40
CA TRP B 1106 22.80 -22.37 12.11
C TRP B 1106 23.72 -22.40 10.89
N LYS B 1107 23.32 -21.70 9.82
CA LYS B 1107 24.14 -21.67 8.61
C LYS B 1107 25.41 -20.85 8.81
N PHE B 1108 25.45 -19.99 9.84
CA PHE B 1108 26.68 -19.28 10.14
C PHE B 1108 27.64 -20.15 10.95
N GLN B 1109 27.12 -20.91 11.93
CA GLN B 1109 28.01 -21.78 12.72
C GLN B 1109 28.47 -23.01 11.94
N ARG B 1110 27.78 -23.32 10.83
CA ARG B 1110 28.20 -24.43 9.98
C ARG B 1110 29.60 -24.22 9.42
N TYR B 1111 29.92 -23.01 8.95
CA TYR B 1111 31.27 -22.69 8.46
C TYR B 1111 32.31 -22.91 9.55
N GLN B 1112 32.00 -22.48 10.77
CA GLN B 1112 32.90 -22.62 11.90
C GLN B 1112 33.26 -24.07 12.15
N LEU B 1113 32.26 -24.95 12.29
CA LEU B 1113 32.60 -26.32 12.68
C LEU B 1113 33.10 -27.16 11.50
N ILE B 1114 32.71 -26.83 10.26
CA ILE B 1114 33.31 -27.51 9.11
C ILE B 1114 34.78 -27.12 8.97
N MET B 1115 35.14 -25.85 9.27
CA MET B 1115 36.55 -25.50 9.29
C MET B 1115 37.32 -26.18 10.42
N THR B 1116 36.70 -26.25 11.61
CA THR B 1116 37.33 -26.87 12.77
C THR B 1116 37.62 -28.35 12.55
N PHE B 1117 36.63 -29.14 12.16
CA PHE B 1117 36.86 -30.57 12.02
C PHE B 1117 37.47 -30.96 10.68
N HIS B 1118 37.70 -30.01 9.77
CA HIS B 1118 38.68 -30.22 8.73
C HIS B 1118 40.10 -30.00 9.23
N GLU B 1119 40.29 -29.05 10.14
CA GLU B 1119 41.60 -28.82 10.75
C GLU B 1119 42.05 -29.94 11.68
N ARG B 1120 41.14 -30.81 12.11
CA ARG B 1120 41.50 -31.84 13.08
C ARG B 1120 42.16 -33.03 12.36
N PRO B 1121 43.00 -33.80 13.05
CA PRO B 1121 43.59 -35.00 12.44
C PRO B 1121 42.59 -36.15 12.35
N VAL B 1122 43.09 -37.29 11.87
CA VAL B 1122 42.24 -38.46 11.62
C VAL B 1122 41.81 -39.09 12.94
N LEU B 1123 42.77 -39.44 13.78
CA LEU B 1123 42.51 -40.23 14.98
C LEU B 1123 41.90 -39.37 16.08
N PRO B 1124 41.13 -39.96 17.01
CA PRO B 1124 40.43 -39.18 18.02
C PRO B 1124 41.42 -38.68 19.06
N PRO B 1125 41.02 -37.80 19.98
CA PRO B 1125 41.93 -37.38 21.09
C PRO B 1125 42.51 -38.52 21.93
N PRO B 1126 41.80 -39.63 22.24
CA PRO B 1126 42.53 -40.72 22.94
C PRO B 1126 43.61 -41.40 22.12
N LEU B 1127 43.56 -41.29 20.79
CA LEU B 1127 44.54 -41.91 19.92
C LEU B 1127 45.34 -40.91 19.10
N ILE B 1128 45.36 -39.63 19.49
CA ILE B 1128 45.81 -38.57 18.59
C ILE B 1128 47.34 -38.49 18.67
N ILE B 1129 47.92 -39.17 19.65
CA ILE B 1129 49.38 -39.22 19.78
C ILE B 1129 50.02 -39.96 18.59
N PHE B 1130 49.31 -40.94 18.04
CA PHE B 1130 49.80 -41.64 16.85
C PHE B 1130 49.79 -40.72 15.63
N SER B 1131 48.70 -39.98 15.44
CA SER B 1131 48.65 -39.01 14.35
C SER B 1131 49.63 -37.86 14.56
N HIS B 1132 49.88 -37.53 15.82
CA HIS B 1132 50.87 -36.51 16.15
C HIS B 1132 52.26 -36.94 15.74
N MET B 1133 52.60 -38.20 16.02
CA MET B 1133 53.89 -38.74 15.58
C MET B 1133 53.93 -38.90 14.06
N THR B 1134 52.77 -39.12 13.42
CA THR B 1134 52.71 -39.16 11.97
C THR B 1134 53.03 -37.80 11.36
N MET B 1135 52.44 -36.72 11.90
CA MET B 1135 52.75 -35.37 11.42
C MET B 1135 54.17 -34.96 11.72
N ILE B 1136 54.70 -35.37 12.88
CA ILE B 1136 56.10 -35.09 13.21
C ILE B 1136 57.04 -35.81 12.25
N PHE B 1137 56.75 -37.08 11.95
CA PHE B 1137 57.59 -37.86 11.03
C PHE B 1137 57.52 -37.29 9.61
N GLN B 1138 56.33 -36.86 9.19
CA GLN B 1138 56.16 -36.25 7.87
C GLN B 1138 56.91 -34.93 7.76
N HIS B 1139 56.77 -34.07 8.77
CA HIS B 1139 57.41 -32.76 8.71
C HIS B 1139 58.93 -32.88 8.86
N LEU B 1140 59.41 -33.88 9.59
CA LEU B 1140 60.84 -34.07 9.71
C LEU B 1140 61.44 -34.93 8.60
N CYS B 1141 60.64 -35.56 7.74
CA CYS B 1141 61.21 -36.11 6.52
C CYS B 1141 61.05 -35.16 5.33
N CYS B 1142 60.28 -34.08 5.48
CA CYS B 1142 60.30 -33.00 4.49
C CYS B 1142 61.12 -31.78 4.92
N ARG B 1143 61.57 -31.71 6.17
CA ARG B 1143 62.40 -30.58 6.60
C ARG B 1143 63.88 -30.91 6.50
N TRP B 1144 64.33 -31.91 7.26
CA TRP B 1144 65.75 -32.26 7.26
C TRP B 1144 66.10 -33.11 6.04
N ARG B 1145 65.27 -34.09 5.72
CA ARG B 1145 65.51 -34.96 4.58
C ARG B 1145 64.57 -34.61 3.44
N GLY B 1157 42.35 -25.98 2.92
CA GLY B 1157 40.92 -26.19 3.04
C GLY B 1157 40.17 -25.93 1.74
N LEU B 1158 39.27 -24.96 1.78
CA LEU B 1158 38.54 -24.53 0.59
C LEU B 1158 39.37 -23.62 -0.30
N LYS B 1159 40.53 -23.18 0.15
CA LYS B 1159 41.31 -22.15 -0.51
C LYS B 1159 41.93 -22.72 -1.78
N LEU B 1160 41.30 -22.44 -2.92
CA LEU B 1160 41.76 -22.93 -4.22
C LEU B 1160 42.76 -21.94 -4.78
N PHE B 1161 44.02 -22.35 -4.81
CA PHE B 1161 45.09 -21.51 -5.36
C PHE B 1161 44.93 -21.41 -6.88
N ILE B 1162 44.58 -20.22 -7.35
CA ILE B 1162 44.18 -20.00 -8.74
C ILE B 1162 45.33 -19.34 -9.49
N THR B 1163 45.60 -19.86 -10.68
CA THR B 1163 46.59 -19.25 -11.57
C THR B 1163 46.03 -17.95 -12.14
N ASP B 1164 46.94 -17.12 -12.68
CA ASP B 1164 46.59 -15.81 -13.22
C ASP B 1164 45.64 -15.88 -14.40
N ASP B 1165 45.81 -16.89 -15.25
CA ASP B 1165 44.97 -17.04 -16.44
C ASP B 1165 43.52 -17.34 -16.06
N GLU B 1166 43.33 -18.19 -15.05
CA GLU B 1166 41.99 -18.43 -14.52
C GLU B 1166 41.48 -17.20 -13.79
N LEU B 1167 42.38 -16.46 -13.14
CA LEU B 1167 42.03 -15.27 -12.37
C LEU B 1167 41.49 -14.18 -13.28
N LYS B 1168 42.01 -14.09 -14.51
CA LYS B 1168 41.51 -13.14 -15.48
C LYS B 1168 40.05 -13.43 -15.85
N LYS B 1169 39.72 -14.71 -16.04
CA LYS B 1169 38.34 -15.08 -16.36
C LYS B 1169 37.41 -14.86 -15.18
N VAL B 1170 37.87 -15.12 -13.96
CA VAL B 1170 37.05 -14.83 -12.77
C VAL B 1170 36.82 -13.33 -12.63
N HIS B 1171 37.86 -12.52 -12.90
CA HIS B 1171 37.73 -11.07 -12.84
C HIS B 1171 36.74 -10.55 -13.87
N ASP B 1172 36.82 -11.06 -15.10
CA ASP B 1172 35.91 -10.63 -16.16
C ASP B 1172 34.46 -11.06 -15.86
N PHE B 1173 34.28 -12.29 -15.36
CA PHE B 1173 32.99 -12.75 -14.85
C PHE B 1173 32.41 -11.82 -13.79
N GLU B 1174 33.26 -11.37 -12.87
CA GLU B 1174 32.78 -10.49 -11.81
C GLU B 1174 32.39 -9.12 -12.37
N GLU B 1175 33.14 -8.66 -13.38
CA GLU B 1175 32.77 -7.43 -14.08
C GLU B 1175 31.40 -7.51 -14.76
N GLN B 1176 31.13 -8.63 -15.44
CA GLN B 1176 29.81 -8.80 -16.06
C GLN B 1176 28.69 -8.84 -15.02
N CYS B 1177 28.89 -9.53 -13.88
CA CYS B 1177 27.78 -9.63 -12.94
C CYS B 1177 27.56 -8.29 -12.21
N ILE B 1178 28.61 -7.48 -12.02
CA ILE B 1178 28.43 -6.12 -11.51
C ILE B 1178 27.63 -5.26 -12.49
N GLU B 1179 27.96 -5.34 -13.79
CA GLU B 1179 27.24 -4.55 -14.79
C GLU B 1179 25.76 -4.96 -14.88
N GLU B 1180 25.50 -6.27 -14.85
CA GLU B 1180 24.11 -6.75 -14.84
C GLU B 1180 23.37 -6.32 -13.58
N TYR B 1181 24.05 -6.31 -12.43
CA TYR B 1181 23.40 -5.92 -11.19
C TYR B 1181 23.03 -4.44 -11.18
N PHE B 1182 23.93 -3.58 -11.70
CA PHE B 1182 23.62 -2.15 -11.80
C PHE B 1182 22.51 -1.86 -12.81
N ARG B 1183 22.54 -2.52 -13.98
CA ARG B 1183 21.46 -2.28 -14.94
C ARG B 1183 20.15 -2.88 -14.44
N GLU B 1184 20.23 -3.91 -13.58
CA GLU B 1184 19.04 -4.53 -13.05
C GLU B 1184 18.37 -3.65 -12.00
N LYS B 1185 19.18 -2.95 -11.17
CA LYS B 1185 18.56 -2.01 -10.25
C LYS B 1185 18.06 -0.77 -10.98
N ASP B 1186 18.70 -0.42 -12.10
CA ASP B 1186 18.19 0.67 -12.93
C ASP B 1186 16.83 0.33 -13.53
N ASP B 1187 16.67 -0.91 -14.00
CA ASP B 1187 15.36 -1.36 -14.48
C ASP B 1187 14.33 -1.43 -13.36
N ARG B 1188 14.72 -1.86 -12.16
CA ARG B 1188 13.76 -1.85 -11.05
C ARG B 1188 13.36 -0.44 -10.64
N PHE B 1189 14.29 0.50 -10.64
CA PHE B 1189 13.94 1.88 -10.29
C PHE B 1189 13.10 2.52 -11.38
N ASN B 1190 13.30 2.13 -12.63
CA ASN B 1190 12.51 2.68 -13.71
C ASN B 1190 11.30 1.80 -14.05
N SER B 1191 10.85 0.98 -13.11
CA SER B 1191 9.61 0.23 -13.28
C SER B 1191 8.82 0.20 -11.98
N SER B 1192 9.37 0.84 -10.94
CA SER B 1192 8.65 1.01 -9.69
C SER B 1192 7.55 2.05 -9.89
N ASN B 1193 6.47 1.90 -9.13
CA ASN B 1193 5.29 2.75 -9.29
C ASN B 1193 5.58 4.22 -8.97
N ASP B 1194 6.51 4.47 -8.05
CA ASP B 1194 6.83 5.84 -7.61
C ASP B 1194 7.42 6.67 -8.74
N GLU B 1195 8.43 6.13 -9.42
CA GLU B 1195 9.06 6.84 -10.52
C GLU B 1195 8.12 6.96 -11.71
N ARG B 1196 7.23 5.97 -11.90
CA ARG B 1196 6.21 6.07 -12.94
C ARG B 1196 5.23 7.20 -12.69
N ILE B 1197 4.77 7.37 -11.43
CA ILE B 1197 3.93 8.50 -11.07
C ILE B 1197 4.67 9.82 -11.31
N ARG B 1198 5.96 9.86 -10.95
CA ARG B 1198 6.77 11.07 -11.14
C ARG B 1198 6.90 11.44 -12.62
N VAL B 1199 7.25 10.47 -13.46
CA VAL B 1199 7.44 10.79 -14.88
C VAL B 1199 6.11 11.12 -15.54
N THR B 1200 5.03 10.45 -15.15
CA THR B 1200 3.70 10.78 -15.70
C THR B 1200 3.30 12.20 -15.35
N SER B 1201 3.58 12.63 -14.11
CA SER B 1201 3.32 13.99 -13.68
C SER B 1201 4.10 15.03 -14.50
N GLU B 1202 5.40 14.77 -14.72
CA GLU B 1202 6.23 15.74 -15.45
C GLU B 1202 5.85 15.81 -16.93
N ARG B 1203 5.51 14.67 -17.52
CA ARG B 1203 5.09 14.63 -18.92
C ARG B 1203 3.76 15.35 -19.11
N VAL B 1204 2.84 15.21 -18.14
CA VAL B 1204 1.58 15.95 -18.19
C VAL B 1204 1.82 17.46 -18.01
N GLU B 1205 2.80 17.86 -17.16
CA GLU B 1205 3.25 19.26 -17.06
C GLU B 1205 3.62 19.85 -18.42
N ASN B 1206 4.62 19.23 -19.05
CA ASN B 1206 5.14 19.73 -20.32
C ASN B 1206 4.07 19.74 -21.41
N MET B 1207 3.29 18.66 -21.49
CA MET B 1207 2.27 18.58 -22.53
C MET B 1207 1.10 19.52 -22.27
N SER B 1208 0.82 19.86 -21.00
CA SER B 1208 -0.30 20.77 -20.75
C SER B 1208 0.06 22.19 -21.14
N MET B 1209 1.31 22.59 -20.89
CA MET B 1209 1.78 23.88 -21.40
C MET B 1209 1.81 23.87 -22.93
N ARG B 1210 2.21 22.74 -23.52
CA ARG B 1210 2.15 22.57 -24.98
C ARG B 1210 0.73 22.69 -25.52
N LEU B 1211 -0.24 22.08 -24.85
CA LEU B 1211 -1.62 22.06 -25.35
C LEU B 1211 -2.28 23.44 -25.23
N GLU B 1212 -1.96 24.19 -24.16
CA GLU B 1212 -2.42 25.56 -24.05
C GLU B 1212 -1.84 26.43 -25.16
N GLU B 1213 -0.56 26.21 -25.47
CA GLU B 1213 0.07 26.89 -26.61
C GLU B 1213 -0.64 26.55 -27.91
N VAL B 1214 -0.94 25.26 -28.12
CA VAL B 1214 -1.64 24.77 -29.31
C VAL B 1214 -3.03 25.41 -29.45
N ASN B 1215 -3.72 25.61 -28.32
CA ASN B 1215 -5.01 26.31 -28.36
C ASN B 1215 -4.88 27.75 -28.82
N GLU B 1216 -3.86 28.45 -28.30
CA GLU B 1216 -3.63 29.85 -28.72
C GLU B 1216 -3.26 29.86 -30.21
N ARG B 1217 -2.37 28.95 -30.62
CA ARG B 1217 -1.96 28.85 -32.04
C ARG B 1217 -3.22 28.54 -32.88
N GLU B 1218 -4.04 27.61 -32.42
CA GLU B 1218 -5.27 27.22 -33.17
C GLU B 1218 -6.12 28.49 -33.42
N HIS B 1219 -6.40 29.25 -32.36
CA HIS B 1219 -7.25 30.44 -32.52
C HIS B 1219 -6.64 31.40 -33.53
N SER B 1220 -5.32 31.59 -33.47
CA SER B 1220 -4.63 32.48 -34.42
C SER B 1220 -4.74 31.97 -35.85
N MET B 1221 -4.57 30.66 -36.05
CA MET B 1221 -4.66 30.08 -37.39
C MET B 1221 -6.08 30.12 -37.93
N LYS B 1222 -7.07 29.90 -37.06
CA LYS B 1222 -8.48 30.00 -37.48
C LYS B 1222 -8.83 31.43 -37.89
N ALA B 1223 -8.34 32.42 -37.12
CA ALA B 1223 -8.57 33.82 -37.46
C ALA B 1223 -7.88 34.20 -38.77
N SER B 1224 -6.66 33.69 -38.98
CA SER B 1224 -5.92 33.96 -40.21
C SER B 1224 -6.61 33.33 -41.43
N LEU B 1225 -7.13 32.11 -41.26
CA LEU B 1225 -7.84 31.45 -42.34
C LEU B 1225 -9.15 32.16 -42.67
N GLN B 1226 -9.85 32.63 -41.64
CA GLN B 1226 -11.08 33.40 -41.87
C GLN B 1226 -10.79 34.72 -42.57
N THR B 1227 -9.70 35.40 -42.19
CA THR B 1227 -9.34 36.66 -42.83
C THR B 1227 -8.89 36.44 -44.27
N VAL B 1228 -8.20 35.33 -44.54
CA VAL B 1228 -7.77 35.00 -45.90
C VAL B 1228 -8.97 34.66 -46.77
N ASP B 1229 -9.96 33.96 -46.20
CA ASP B 1229 -11.19 33.66 -46.92
C ASP B 1229 -12.01 34.92 -47.17
N ILE B 1230 -11.97 35.87 -46.24
CA ILE B 1230 -12.65 37.14 -46.42
C ILE B 1230 -11.99 37.95 -47.53
N ARG B 1231 -10.66 37.96 -47.55
CA ARG B 1231 -9.91 38.66 -48.59
C ARG B 1231 -9.66 37.76 -49.80
N LEU B 1232 -10.71 37.18 -50.36
CA LEU B 1232 -10.59 36.31 -51.52
C LEU B 1232 -11.91 36.28 -52.30
N SER C 30 -57.46 32.71 0.84
CA SER C 30 -58.67 33.30 0.28
C SER C 30 -58.47 34.78 -0.02
N TRP C 31 -57.45 35.37 0.60
CA TRP C 31 -57.12 36.77 0.34
C TRP C 31 -56.47 36.97 -1.02
N ILE C 32 -55.92 35.91 -1.61
CA ILE C 32 -55.34 35.97 -2.95
C ILE C 32 -56.40 36.17 -4.02
N GLU C 33 -57.65 35.77 -3.74
CA GLU C 33 -58.75 35.98 -4.67
C GLU C 33 -59.06 37.45 -4.88
N ARG C 34 -59.06 38.23 -3.80
CA ARG C 34 -59.41 39.65 -3.86
C ARG C 34 -58.17 40.53 -4.00
N ALA C 35 -57.02 39.96 -4.34
CA ALA C 35 -55.79 40.72 -4.44
C ALA C 35 -55.29 40.85 -5.88
N PHE C 36 -55.03 39.74 -6.56
CA PHE C 36 -54.48 39.80 -7.90
C PHE C 36 -55.60 39.58 -8.93
N TYR C 37 -55.35 40.01 -10.16
CA TYR C 37 -56.37 40.06 -11.19
C TYR C 37 -56.01 39.09 -12.32
N LYS C 38 -56.94 38.99 -13.26
CA LYS C 38 -56.87 38.03 -14.36
C LYS C 38 -57.33 38.73 -15.63
N ARG C 39 -56.68 38.38 -16.74
CA ARG C 39 -57.09 38.84 -18.06
C ARG C 39 -57.58 37.66 -18.87
N GLU C 40 -58.76 37.80 -19.46
CA GLU C 40 -59.37 36.76 -20.27
C GLU C 40 -59.64 37.31 -21.67
N CYS C 41 -59.51 36.45 -22.67
CA CYS C 41 -59.58 36.88 -24.07
C CYS C 41 -61.01 36.76 -24.58
N VAL C 42 -61.66 37.90 -24.79
CA VAL C 42 -62.86 37.99 -25.60
C VAL C 42 -62.70 39.21 -26.53
N HIS C 43 -62.99 39.00 -27.81
CA HIS C 43 -62.55 39.90 -28.87
C HIS C 43 -63.22 39.51 -30.18
N ILE C 44 -62.84 40.22 -31.26
CA ILE C 44 -63.55 40.18 -32.54
C ILE C 44 -63.11 38.97 -33.38
N ILE C 45 -62.10 38.23 -32.92
CA ILE C 45 -61.41 37.14 -33.60
C ILE C 45 -60.90 37.60 -34.97
N PRO C 46 -59.78 38.34 -35.03
CA PRO C 46 -59.13 38.54 -36.32
C PRO C 46 -58.58 37.23 -36.87
N SER C 47 -58.52 37.15 -38.20
CA SER C 47 -58.05 35.93 -38.83
C SER C 47 -56.53 35.95 -39.03
N THR C 48 -55.98 37.09 -39.47
CA THR C 48 -54.57 37.32 -39.78
C THR C 48 -54.02 36.29 -40.76
N LYS C 49 -53.13 35.41 -40.29
CA LYS C 49 -52.52 34.41 -41.18
C LYS C 49 -53.43 33.20 -41.37
N ASP C 50 -53.71 32.48 -40.28
CA ASP C 50 -54.57 31.31 -40.31
C ASP C 50 -55.86 31.61 -39.57
N PRO C 51 -57.04 31.34 -40.17
CA PRO C 51 -58.30 31.75 -39.55
C PRO C 51 -58.62 31.06 -38.22
N HIS C 52 -58.02 29.91 -37.94
CA HIS C 52 -58.22 29.28 -36.64
C HIS C 52 -57.47 30.02 -35.54
N ARG C 53 -56.28 30.51 -35.84
CA ARG C 53 -55.46 31.22 -34.85
C ARG C 53 -55.80 32.70 -34.86
N CYS C 54 -56.27 33.21 -33.72
CA CYS C 54 -56.69 34.60 -33.62
C CYS C 54 -55.47 35.48 -33.33
N CYS C 55 -55.72 36.75 -32.96
CA CYS C 55 -54.65 37.63 -32.54
C CYS C 55 -54.07 37.19 -31.20
N CYS C 56 -54.89 36.59 -30.34
CA CYS C 56 -54.42 36.03 -29.08
C CYS C 56 -53.72 34.68 -29.26
N GLY C 57 -53.80 34.07 -30.44
CA GLY C 57 -53.10 32.84 -30.72
C GLY C 57 -53.82 31.56 -30.37
N ARG C 58 -54.98 31.65 -29.72
CA ARG C 58 -55.73 30.45 -29.36
C ARG C 58 -56.65 30.03 -30.50
N LEU C 59 -57.41 28.96 -30.27
CA LEU C 59 -58.40 28.51 -31.24
C LEU C 59 -59.57 29.48 -31.30
N ILE C 60 -60.29 29.46 -32.43
CA ILE C 60 -61.38 30.40 -32.65
C ILE C 60 -62.56 30.13 -31.73
N GLY C 61 -62.86 28.87 -31.45
CA GLY C 61 -63.93 28.51 -30.56
C GLY C 61 -63.55 28.24 -29.12
N GLN C 62 -62.28 28.45 -28.76
CA GLN C 62 -61.79 28.15 -27.42
C GLN C 62 -61.94 29.31 -26.45
N HIS C 63 -62.37 30.49 -26.91
CA HIS C 63 -62.54 31.62 -26.02
C HIS C 63 -63.78 31.46 -25.15
N VAL C 64 -63.63 31.79 -23.86
CA VAL C 64 -64.68 31.75 -22.84
C VAL C 64 -65.34 30.37 -22.72
N TRP C 92 -53.92 43.35 -22.72
CA TRP C 92 -54.21 44.70 -23.17
C TRP C 92 -55.50 44.74 -23.98
N SER C 93 -56.20 45.88 -23.91
CA SER C 93 -57.45 46.05 -24.65
C SER C 93 -57.23 46.36 -26.12
N ILE C 94 -56.01 46.74 -26.52
CA ILE C 94 -55.70 47.05 -27.91
C ILE C 94 -55.65 45.74 -28.69
N SER C 95 -56.68 45.53 -29.53
CA SER C 95 -56.84 44.44 -30.51
C SER C 95 -57.15 43.10 -29.84
N LYS C 96 -57.10 43.05 -28.51
CA LYS C 96 -57.49 41.86 -27.76
C LYS C 96 -58.72 42.06 -26.89
N HIS C 97 -59.09 43.31 -26.61
CA HIS C 97 -60.38 43.70 -26.03
C HIS C 97 -60.67 43.02 -24.69
N THR C 98 -59.62 42.91 -23.86
CA THR C 98 -59.71 42.11 -22.65
C THR C 98 -60.58 42.78 -21.58
N GLN C 99 -61.17 41.96 -20.73
CA GLN C 99 -61.96 42.41 -19.60
C GLN C 99 -61.27 41.98 -18.32
N LEU C 100 -61.13 42.91 -17.38
CA LEU C 100 -60.32 42.70 -16.19
C LEU C 100 -61.14 41.95 -15.17
N SER C 101 -61.02 40.63 -15.16
CA SER C 101 -61.73 39.71 -14.30
C SER C 101 -60.93 39.42 -13.04
N PRO C 102 -61.55 38.92 -11.97
CA PRO C 102 -60.76 38.41 -10.85
C PRO C 102 -60.11 37.08 -11.19
N THR C 103 -59.13 36.70 -10.38
CA THR C 103 -58.34 35.50 -10.61
C THR C 103 -59.16 34.24 -10.38
N ASP C 104 -58.64 33.11 -10.88
CA ASP C 104 -59.35 31.84 -10.78
C ASP C 104 -58.48 30.65 -10.35
N ALA C 105 -57.16 30.70 -10.51
CA ALA C 105 -56.31 29.53 -10.29
C ALA C 105 -55.06 29.91 -9.52
N PHE C 106 -54.92 29.35 -8.31
CA PHE C 106 -53.68 29.39 -7.55
C PHE C 106 -53.65 28.17 -6.63
N GLY C 107 -52.44 27.78 -6.23
CA GLY C 107 -52.32 26.65 -5.33
C GLY C 107 -50.93 26.06 -5.23
N THR C 108 -50.85 24.73 -5.36
CA THR C 108 -49.60 24.00 -5.21
C THR C 108 -49.52 22.95 -6.32
N ILE C 109 -48.35 22.83 -6.93
CA ILE C 109 -48.10 21.87 -8.00
C ILE C 109 -47.30 20.71 -7.42
N GLU C 110 -47.82 19.49 -7.60
CA GLU C 110 -47.07 18.27 -7.29
C GLU C 110 -46.37 17.83 -8.57
N PHE C 111 -45.03 17.77 -8.53
CA PHE C 111 -44.23 17.44 -9.69
C PHE C 111 -43.92 15.95 -9.68
N GLN C 112 -44.76 15.15 -10.34
CA GLN C 112 -44.44 13.75 -10.60
C GLN C 112 -43.64 13.65 -11.88
N GLY C 113 -42.66 12.77 -11.89
CA GLY C 113 -41.77 12.62 -13.03
C GLY C 113 -40.57 13.54 -12.96
N GLY C 114 -39.56 13.19 -13.75
CA GLY C 114 -38.32 13.95 -13.76
C GLY C 114 -37.49 13.86 -12.49
N GLY C 115 -37.44 12.69 -11.89
CA GLY C 115 -36.64 12.49 -10.68
C GLY C 115 -37.47 12.63 -9.41
N HIS C 116 -36.98 13.46 -8.48
CA HIS C 116 -37.63 13.61 -7.19
C HIS C 116 -38.89 14.47 -7.30
N SER C 117 -39.82 14.24 -6.37
CA SER C 117 -41.05 15.02 -6.31
C SER C 117 -40.80 16.32 -5.54
N ASN C 118 -41.27 17.43 -6.10
CA ASN C 118 -41.05 18.75 -5.53
C ASN C 118 -42.38 19.51 -5.56
N LYS C 119 -42.72 20.12 -4.44
CA LYS C 119 -43.92 20.95 -4.34
C LYS C 119 -43.55 22.41 -4.61
N ALA C 120 -44.30 23.05 -5.50
CA ALA C 120 -44.02 24.43 -5.90
C ALA C 120 -45.33 25.21 -5.97
N MET C 121 -45.45 26.23 -5.13
CA MET C 121 -46.64 27.06 -5.10
C MET C 121 -46.68 27.98 -6.32
N TYR C 122 -47.89 28.19 -6.84
CA TYR C 122 -48.10 29.01 -8.02
C TYR C 122 -49.26 29.97 -7.79
N VAL C 123 -49.09 31.21 -8.26
CA VAL C 123 -50.14 32.23 -8.18
C VAL C 123 -50.18 32.95 -9.52
N ARG C 124 -51.35 32.98 -10.16
CA ARG C 124 -51.52 33.72 -11.40
C ARG C 124 -51.72 35.20 -11.09
N VAL C 125 -50.84 36.04 -11.65
CA VAL C 125 -50.85 37.49 -11.42
C VAL C 125 -50.98 38.18 -12.77
N SER C 126 -51.88 39.16 -12.86
CA SER C 126 -51.98 39.98 -14.05
C SER C 126 -50.71 40.81 -14.24
N PHE C 127 -50.41 41.10 -15.51
CA PHE C 127 -49.14 41.75 -15.85
C PHE C 127 -49.10 43.24 -15.50
N ASP C 128 -50.23 43.84 -15.13
CA ASP C 128 -50.30 45.26 -14.82
C ASP C 128 -50.71 45.52 -13.37
N THR C 129 -50.18 44.73 -12.44
CA THR C 129 -50.51 44.87 -11.03
C THR C 129 -49.44 45.68 -10.29
N LYS C 130 -49.82 46.22 -9.15
CA LYS C 130 -48.88 46.93 -8.28
C LYS C 130 -47.98 45.93 -7.57
N PRO C 131 -46.67 46.17 -7.53
CA PRO C 131 -45.74 45.15 -6.99
C PRO C 131 -45.79 45.00 -5.48
N ASP C 132 -46.41 45.95 -4.77
CA ASP C 132 -46.49 45.86 -3.31
C ASP C 132 -47.33 44.69 -2.85
N LEU C 133 -48.32 44.29 -3.65
CA LEU C 133 -49.21 43.23 -3.23
C LEU C 133 -48.62 41.86 -3.52
N LEU C 134 -47.84 41.72 -4.60
CA LEU C 134 -47.02 40.51 -4.76
C LEU C 134 -45.91 40.45 -3.73
N LEU C 135 -45.39 41.60 -3.30
CA LEU C 135 -44.41 41.62 -2.21
C LEU C 135 -45.04 41.14 -0.91
N HIS C 136 -46.28 41.58 -0.64
CA HIS C 136 -47.00 41.11 0.54
C HIS C 136 -47.33 39.62 0.44
N LEU C 137 -47.63 39.15 -0.78
CA LEU C 137 -47.78 37.71 -1.05
C LEU C 137 -46.52 36.94 -0.63
N MET C 138 -45.37 37.32 -1.22
CA MET C 138 -44.12 36.60 -1.00
C MET C 138 -43.60 36.74 0.42
N THR C 139 -44.01 37.77 1.16
CA THR C 139 -43.60 37.86 2.56
C THR C 139 -44.54 37.11 3.50
N LYS C 140 -45.85 37.42 3.47
CA LYS C 140 -46.76 36.87 4.45
C LYS C 140 -47.43 35.59 3.98
N GLU C 141 -48.00 35.59 2.77
CA GLU C 141 -48.82 34.46 2.35
C GLU C 141 -48.01 33.28 1.84
N TRP C 142 -46.70 33.44 1.69
CA TRP C 142 -45.84 32.41 1.14
C TRP C 142 -44.76 31.94 2.11
N GLN C 143 -44.62 32.61 3.26
CA GLN C 143 -43.68 32.26 4.34
C GLN C 143 -42.23 32.23 3.85
N LEU C 144 -41.87 33.17 2.99
CA LEU C 144 -40.52 33.30 2.45
C LEU C 144 -39.85 34.52 3.07
N GLU C 145 -38.70 34.31 3.70
CA GLU C 145 -37.98 35.42 4.32
C GLU C 145 -37.31 36.29 3.25
N LEU C 146 -37.06 37.54 3.62
CA LEU C 146 -36.44 38.49 2.70
C LEU C 146 -34.98 38.12 2.50
N PRO C 147 -34.53 37.90 1.27
CA PRO C 147 -33.18 37.40 1.03
C PRO C 147 -32.14 38.52 1.05
N LYS C 148 -30.89 38.12 0.87
CA LYS C 148 -29.76 39.03 0.79
C LYS C 148 -29.24 39.19 -0.64
N LEU C 149 -29.82 38.48 -1.60
CA LEU C 149 -29.38 38.51 -2.98
C LEU C 149 -30.52 38.10 -3.90
N LEU C 150 -30.58 38.73 -5.07
CA LEU C 150 -31.55 38.42 -6.12
C LEU C 150 -30.77 38.10 -7.38
N ILE C 151 -30.51 36.82 -7.61
CA ILE C 151 -29.73 36.39 -8.76
C ILE C 151 -30.71 36.18 -9.91
N SER C 152 -30.82 37.17 -10.78
CA SER C 152 -31.62 37.05 -11.98
C SER C 152 -30.94 36.13 -12.98
N VAL C 153 -31.74 35.43 -13.77
CA VAL C 153 -31.22 34.41 -14.68
C VAL C 153 -31.61 34.72 -16.12
N HIS C 154 -31.62 36.02 -16.46
CA HIS C 154 -31.94 36.45 -17.82
C HIS C 154 -30.96 35.90 -18.84
N GLY C 155 -31.47 35.40 -19.95
CA GLY C 155 -30.65 34.79 -20.95
C GLY C 155 -31.39 34.61 -22.26
N GLY C 156 -30.83 33.74 -23.11
CA GLY C 156 -31.45 33.46 -24.39
C GLY C 156 -32.70 32.62 -24.24
N LEU C 157 -33.73 32.99 -25.01
CA LEU C 157 -35.01 32.31 -24.91
C LEU C 157 -34.98 30.93 -25.57
N GLN C 158 -34.36 30.84 -26.74
CA GLN C 158 -34.31 29.57 -27.47
C GLN C 158 -33.29 28.63 -26.84
N ASN C 159 -33.47 27.33 -27.11
CA ASN C 159 -32.63 26.31 -26.50
C ASN C 159 -31.30 26.23 -27.21
N PHE C 160 -30.21 26.20 -26.44
CA PHE C 160 -28.86 26.14 -26.98
C PHE C 160 -28.08 25.05 -26.25
N GLU C 161 -26.76 25.01 -26.48
CA GLU C 161 -25.89 24.06 -25.84
C GLU C 161 -24.61 24.76 -25.38
N LEU C 162 -23.96 24.18 -24.38
CA LEU C 162 -22.74 24.71 -23.81
C LEU C 162 -21.71 23.60 -23.65
N GLN C 163 -20.50 24.00 -23.27
CA GLN C 163 -19.50 23.04 -22.83
C GLN C 163 -19.96 22.39 -21.53
N PRO C 164 -19.66 21.10 -21.30
CA PRO C 164 -20.22 20.39 -20.14
C PRO C 164 -19.72 20.90 -18.80
N LYS C 165 -18.40 20.99 -18.63
CA LYS C 165 -17.90 21.46 -17.35
C LYS C 165 -17.97 22.98 -17.22
N LEU C 166 -18.16 23.71 -18.33
CA LEU C 166 -18.54 25.12 -18.22
C LEU C 166 -19.90 25.25 -17.56
N LYS C 167 -20.85 24.39 -17.96
CA LYS C 167 -22.14 24.33 -17.28
C LYS C 167 -21.99 23.84 -15.84
N GLN C 168 -21.02 22.93 -15.59
CA GLN C 168 -20.82 22.43 -14.24
C GLN C 168 -20.26 23.50 -13.31
N VAL C 169 -19.28 24.29 -13.78
CA VAL C 169 -18.72 25.35 -12.95
C VAL C 169 -19.72 26.49 -12.79
N PHE C 170 -20.54 26.73 -13.83
CA PHE C 170 -21.64 27.68 -13.75
C PHE C 170 -22.65 27.27 -12.69
N GLY C 171 -23.05 26.00 -12.68
CA GLY C 171 -24.00 25.52 -11.70
C GLY C 171 -23.44 25.48 -10.29
N LYS C 172 -22.18 25.07 -10.15
CA LYS C 172 -21.55 25.01 -8.83
C LYS C 172 -21.40 26.39 -8.22
N GLY C 173 -20.94 27.37 -9.01
CA GLY C 173 -20.87 28.73 -8.52
C GLY C 173 -22.22 29.33 -8.22
N LEU C 174 -23.24 28.98 -9.02
CA LEU C 174 -24.59 29.47 -8.79
C LEU C 174 -25.16 28.95 -7.48
N ILE C 175 -25.05 27.64 -7.23
CA ILE C 175 -25.59 27.09 -6.00
C ILE C 175 -24.75 27.50 -4.80
N LYS C 176 -23.44 27.70 -4.98
CA LYS C 176 -22.59 28.15 -3.88
C LYS C 176 -22.94 29.58 -3.46
N ALA C 177 -23.15 30.47 -4.44
CA ALA C 177 -23.57 31.83 -4.12
C ALA C 177 -24.96 31.86 -3.52
N ALA C 178 -25.87 31.02 -4.04
CA ALA C 178 -27.24 30.98 -3.54
C ALA C 178 -27.30 30.44 -2.11
N MET C 179 -26.40 29.53 -1.74
CA MET C 179 -26.37 29.04 -0.38
C MET C 179 -25.58 29.93 0.57
N THR C 180 -24.60 30.69 0.08
CA THR C 180 -23.89 31.61 0.97
C THR C 180 -24.72 32.85 1.26
N THR C 181 -25.50 33.32 0.28
CA THR C 181 -26.27 34.55 0.48
C THR C 181 -27.73 34.30 0.81
N GLY C 182 -28.22 33.07 0.69
CA GLY C 182 -29.64 32.79 0.88
C GLY C 182 -30.51 33.43 -0.19
N ALA C 183 -30.10 33.33 -1.45
CA ALA C 183 -30.64 34.16 -2.51
C ALA C 183 -31.98 33.63 -3.04
N TRP C 184 -32.79 34.55 -3.56
CA TRP C 184 -33.88 34.23 -4.46
C TRP C 184 -33.35 34.28 -5.88
N ILE C 185 -33.64 33.25 -6.66
CA ILE C 185 -33.14 33.13 -8.02
C ILE C 185 -34.32 33.35 -8.97
N PHE C 186 -34.29 34.46 -9.71
CA PHE C 186 -35.38 34.83 -10.60
C PHE C 186 -35.14 34.24 -11.99
N THR C 187 -35.26 32.92 -12.05
CA THR C 187 -35.20 32.17 -13.30
C THR C 187 -36.53 32.34 -14.03
N GLY C 188 -36.49 32.31 -15.37
CA GLY C 188 -37.71 32.47 -16.16
C GLY C 188 -38.73 31.37 -15.94
N GLY C 189 -38.30 30.12 -16.04
CA GLY C 189 -39.18 29.03 -15.64
C GLY C 189 -39.60 28.05 -16.72
N VAL C 190 -39.94 28.53 -17.92
CA VAL C 190 -40.27 27.63 -19.01
C VAL C 190 -38.99 26.98 -19.52
N ASN C 191 -39.06 25.66 -19.75
CA ASN C 191 -37.87 24.81 -19.90
C ASN C 191 -37.34 24.84 -21.35
N THR C 192 -36.73 25.97 -21.70
CA THR C 192 -36.08 26.17 -22.98
C THR C 192 -34.99 27.22 -22.82
N GLY C 193 -33.76 26.87 -23.13
CA GLY C 193 -32.67 27.84 -23.14
C GLY C 193 -31.76 27.70 -21.93
N VAL C 194 -31.45 28.83 -21.30
CA VAL C 194 -30.61 28.85 -20.10
C VAL C 194 -31.39 28.36 -18.88
N ILE C 195 -32.71 28.20 -19.03
CA ILE C 195 -33.56 27.85 -17.90
C ILE C 195 -33.30 26.41 -17.48
N ARG C 196 -33.12 25.52 -18.46
CA ARG C 196 -32.78 24.13 -18.16
C ARG C 196 -31.34 23.99 -17.69
N HIS C 197 -30.48 24.97 -17.98
CA HIS C 197 -29.16 25.01 -17.34
C HIS C 197 -29.28 25.33 -15.85
N VAL C 198 -30.28 26.14 -15.47
CA VAL C 198 -30.54 26.39 -14.05
C VAL C 198 -31.12 25.15 -13.38
N GLY C 199 -32.01 24.43 -14.09
CA GLY C 199 -32.58 23.21 -13.54
C GLY C 199 -31.55 22.10 -13.37
N ASP C 200 -30.61 22.00 -14.31
CA ASP C 200 -29.52 21.05 -14.16
C ASP C 200 -28.51 21.52 -13.12
N ALA C 201 -28.44 22.84 -12.89
CA ALA C 201 -27.62 23.36 -11.80
C ALA C 201 -28.16 22.95 -10.44
N LEU C 202 -29.48 22.97 -10.29
CA LEU C 202 -30.10 22.53 -9.04
C LEU C 202 -30.00 21.02 -8.87
N LYS C 203 -29.92 20.26 -9.95
CA LYS C 203 -29.74 18.82 -9.86
C LYS C 203 -28.36 18.47 -9.33
N ASP C 204 -27.37 19.34 -9.54
CA ASP C 204 -26.07 19.17 -8.91
C ASP C 204 -26.15 19.40 -7.40
N HIS C 205 -27.03 20.32 -6.97
CA HIS C 205 -27.21 20.59 -5.55
C HIS C 205 -27.91 19.42 -4.86
N ALA C 206 -29.16 19.15 -5.26
CA ALA C 206 -29.94 17.96 -4.93
C ALA C 206 -30.13 17.73 -3.44
N SER C 207 -30.24 18.80 -2.65
CA SER C 207 -30.38 18.65 -1.20
C SER C 207 -31.35 19.70 -0.63
N LYS C 212 -33.59 27.99 3.07
CA LYS C 212 -33.05 27.18 1.98
C LYS C 212 -33.03 28.17 0.79
N ILE C 213 -32.76 27.70 -0.43
CA ILE C 213 -32.69 28.55 -1.61
C ILE C 213 -34.06 28.53 -2.27
N CYS C 214 -34.55 29.73 -2.63
CA CYS C 214 -35.86 29.89 -3.24
C CYS C 214 -35.70 30.28 -4.71
N THR C 215 -36.56 29.73 -5.56
CA THR C 215 -36.32 29.72 -7.01
C THR C 215 -37.63 30.15 -7.72
N ILE C 216 -38.10 31.36 -7.38
CA ILE C 216 -39.31 31.94 -7.97
C ILE C 216 -39.13 32.09 -9.48
N GLY C 217 -40.10 31.57 -10.23
CA GLY C 217 -40.12 31.71 -11.68
C GLY C 217 -41.01 32.86 -12.11
N ILE C 218 -40.63 33.51 -13.21
CA ILE C 218 -41.45 34.56 -13.85
C ILE C 218 -41.70 34.10 -15.28
N ALA C 219 -42.81 33.40 -15.50
CA ALA C 219 -43.13 32.84 -16.81
C ALA C 219 -44.55 33.22 -17.22
N PRO C 220 -44.81 33.37 -18.52
CA PRO C 220 -46.18 33.69 -18.95
C PRO C 220 -47.14 32.53 -18.80
N TRP C 221 -48.41 32.86 -18.53
CA TRP C 221 -49.46 31.85 -18.47
C TRP C 221 -49.79 31.29 -19.85
N GLY C 222 -49.66 32.10 -20.90
CA GLY C 222 -50.06 31.64 -22.21
C GLY C 222 -49.16 30.61 -22.85
N ILE C 223 -47.93 30.45 -22.35
CA ILE C 223 -46.95 29.59 -23.00
C ILE C 223 -46.82 28.24 -22.27
N VAL C 224 -47.31 28.12 -21.04
CA VAL C 224 -47.19 26.88 -20.28
C VAL C 224 -48.09 25.80 -20.89
N GLU C 225 -47.55 24.59 -21.00
CA GLU C 225 -48.30 23.45 -21.50
C GLU C 225 -49.15 22.87 -20.37
N ASN C 226 -50.32 22.34 -20.76
CA ASN C 226 -51.37 21.83 -19.86
C ASN C 226 -51.84 22.94 -18.90
N GLN C 227 -52.43 23.96 -19.53
CA GLN C 227 -53.02 25.07 -18.78
C GLN C 227 -54.23 24.64 -17.97
N GLU C 228 -54.99 23.66 -18.49
CA GLU C 228 -56.16 23.18 -17.76
C GLU C 228 -55.78 22.33 -16.56
N ASP C 229 -54.56 21.77 -16.56
CA ASP C 229 -54.10 21.00 -15.41
C ASP C 229 -53.84 21.90 -14.20
N LEU C 230 -53.40 23.14 -14.43
CA LEU C 230 -53.09 24.06 -13.35
C LEU C 230 -54.28 24.89 -12.90
N ILE C 231 -55.47 24.64 -13.44
CA ILE C 231 -56.66 25.32 -12.94
C ILE C 231 -57.16 24.62 -11.68
N GLY C 232 -57.42 25.41 -10.63
CA GLY C 232 -57.84 24.86 -9.37
C GLY C 232 -57.63 25.78 -8.17
N ARG C 233 -58.61 25.79 -7.28
CA ARG C 233 -58.55 26.60 -6.05
C ARG C 233 -58.01 25.76 -4.90
N ASP C 234 -56.78 26.08 -4.48
CA ASP C 234 -56.11 25.49 -3.31
C ASP C 234 -56.00 23.96 -3.41
N VAL C 235 -55.82 23.48 -4.64
CA VAL C 235 -55.79 22.06 -4.93
C VAL C 235 -54.38 21.68 -5.37
N VAL C 236 -53.89 20.56 -4.83
CA VAL C 236 -52.58 20.07 -5.22
C VAL C 236 -52.76 19.35 -6.56
N ARG C 237 -52.49 20.07 -7.65
CA ARG C 237 -52.76 19.56 -8.98
C ARG C 237 -51.58 18.74 -9.50
N PRO C 238 -51.85 17.64 -10.21
CA PRO C 238 -50.74 16.91 -10.85
C PRO C 238 -50.20 17.65 -12.05
N TYR C 239 -48.88 17.62 -12.22
CA TYR C 239 -48.22 18.23 -13.37
C TYR C 239 -47.05 17.34 -13.76
N GLN C 240 -47.21 16.62 -14.87
CA GLN C 240 -46.18 15.72 -15.35
C GLN C 240 -45.09 16.51 -16.09
N THR C 241 -44.12 15.80 -16.64
CA THR C 241 -43.07 16.38 -17.47
C THR C 241 -43.44 16.16 -18.97
N MET C 242 -44.74 16.29 -19.21
CA MET C 242 -45.37 16.15 -20.52
C MET C 242 -44.90 17.27 -21.43
N SER C 243 -43.99 16.96 -22.34
CA SER C 243 -43.39 17.94 -23.25
C SER C 243 -43.41 17.37 -24.66
N ASN C 244 -44.37 17.82 -25.46
CA ASN C 244 -44.45 17.37 -26.84
C ASN C 244 -43.38 18.08 -27.67
N PRO C 245 -42.64 17.35 -28.52
CA PRO C 245 -41.58 18.00 -29.31
C PRO C 245 -42.11 18.90 -30.42
N MET C 246 -43.37 18.76 -30.83
CA MET C 246 -43.94 19.57 -31.90
C MET C 246 -44.88 20.65 -31.38
N SER C 247 -45.17 20.67 -30.08
CA SER C 247 -46.06 21.67 -29.53
C SER C 247 -45.32 22.99 -29.30
N LYS C 248 -46.02 24.10 -29.54
CA LYS C 248 -45.43 25.41 -29.29
C LYS C 248 -45.35 25.70 -27.79
N LEU C 249 -46.23 25.10 -26.99
CA LEU C 249 -46.20 25.30 -25.55
C LEU C 249 -45.03 24.57 -24.92
N THR C 250 -44.49 25.17 -23.86
CA THR C 250 -43.32 24.65 -23.17
C THR C 250 -43.67 24.37 -21.71
N VAL C 251 -43.34 23.16 -21.25
CA VAL C 251 -43.60 22.79 -19.87
C VAL C 251 -42.58 23.48 -18.96
N LEU C 252 -42.97 23.74 -17.71
CA LEU C 252 -42.08 24.35 -16.74
C LEU C 252 -40.98 23.38 -16.30
N ASN C 253 -39.86 23.95 -15.86
CA ASN C 253 -38.82 23.16 -15.22
C ASN C 253 -39.34 22.63 -13.88
N SER C 254 -38.99 21.38 -13.56
CA SER C 254 -39.65 20.67 -12.48
C SER C 254 -39.16 21.07 -11.09
N MET C 255 -37.99 21.71 -10.97
CA MET C 255 -37.38 21.81 -9.65
C MET C 255 -37.25 23.29 -9.19
N HIS C 256 -38.03 24.18 -9.80
CA HIS C 256 -38.33 25.44 -9.13
C HIS C 256 -39.14 25.18 -7.86
N SER C 257 -38.82 25.95 -6.82
CA SER C 257 -39.57 25.87 -5.57
C SER C 257 -40.81 26.75 -5.55
N HIS C 258 -40.89 27.73 -6.45
CA HIS C 258 -42.03 28.63 -6.51
C HIS C 258 -42.25 29.06 -7.96
N PHE C 259 -43.41 29.68 -8.21
CA PHE C 259 -43.77 30.10 -9.55
C PHE C 259 -44.73 31.28 -9.50
N ILE C 260 -44.51 32.21 -10.42
CA ILE C 260 -45.42 33.33 -10.70
C ILE C 260 -45.76 33.27 -12.19
N LEU C 261 -47.05 33.26 -12.51
CA LEU C 261 -47.52 33.13 -13.88
C LEU C 261 -48.17 34.43 -14.32
N ALA C 262 -47.48 35.18 -15.19
CA ALA C 262 -47.96 36.47 -15.67
C ALA C 262 -48.99 36.27 -16.77
N ASP C 263 -50.22 36.68 -16.51
CA ASP C 263 -51.34 36.47 -17.43
C ASP C 263 -51.74 37.81 -18.03
N ASN C 264 -51.49 37.97 -19.33
CA ASN C 264 -51.96 39.13 -20.08
C ASN C 264 -53.21 38.83 -20.90
N GLY C 265 -53.71 37.59 -20.85
CA GLY C 265 -54.89 37.19 -21.57
C GLY C 265 -54.64 36.46 -22.87
N THR C 266 -53.43 36.49 -23.41
CA THR C 266 -53.13 35.85 -24.67
C THR C 266 -52.40 34.53 -24.44
N THR C 267 -52.27 33.75 -25.51
CA THR C 267 -51.63 32.44 -25.45
C THR C 267 -50.50 32.37 -26.46
N GLY C 268 -49.36 31.82 -26.04
CA GLY C 268 -48.26 31.56 -26.94
C GLY C 268 -47.47 32.77 -27.37
N LYS C 269 -47.54 33.87 -26.63
CA LYS C 269 -46.79 35.08 -26.96
C LYS C 269 -45.95 35.50 -25.77
N TYR C 270 -44.71 35.89 -26.05
CA TYR C 270 -43.80 36.38 -25.02
C TYR C 270 -44.07 37.86 -24.73
N GLY C 271 -43.27 38.43 -23.84
CA GLY C 271 -43.40 39.83 -23.47
C GLY C 271 -44.40 40.10 -22.37
N ALA C 272 -45.12 39.09 -21.88
CA ALA C 272 -46.10 39.27 -20.83
C ALA C 272 -45.49 39.33 -19.44
N GLU C 273 -44.22 38.97 -19.29
CA GLU C 273 -43.60 38.81 -17.98
C GLU C 273 -42.49 39.81 -17.70
N VAL C 274 -42.02 40.55 -18.71
CA VAL C 274 -40.81 41.36 -18.57
C VAL C 274 -41.05 42.56 -17.65
N LYS C 275 -42.14 43.30 -17.90
CA LYS C 275 -42.38 44.55 -17.16
C LYS C 275 -42.76 44.27 -15.71
N LEU C 276 -43.53 43.21 -15.47
CA LEU C 276 -43.87 42.82 -14.10
C LEU C 276 -42.63 42.38 -13.34
N ARG C 277 -41.72 41.66 -14.00
CA ARG C 277 -40.49 41.24 -13.36
C ARG C 277 -39.58 42.42 -13.05
N ARG C 278 -39.49 43.40 -13.96
CA ARG C 278 -38.74 44.61 -13.68
C ARG C 278 -39.31 45.42 -12.52
N GLN C 279 -40.63 45.63 -12.48
CA GLN C 279 -41.18 46.40 -11.37
C GLN C 279 -41.10 45.62 -10.05
N LEU C 280 -41.14 44.29 -10.11
CA LEU C 280 -40.92 43.47 -8.92
C LEU C 280 -39.49 43.60 -8.41
N GLU C 281 -38.50 43.53 -9.31
CA GLU C 281 -37.10 43.65 -8.89
C GLU C 281 -36.79 45.05 -8.35
N LYS C 282 -37.34 46.10 -8.98
CA LYS C 282 -37.17 47.45 -8.44
C LYS C 282 -37.82 47.63 -7.07
N HIS C 283 -39.02 47.06 -6.87
CA HIS C 283 -39.64 47.32 -5.57
C HIS C 283 -39.00 46.45 -4.49
N ILE C 284 -38.45 45.29 -4.86
CA ILE C 284 -37.64 44.52 -3.91
C ILE C 284 -36.37 45.27 -3.55
N SER C 285 -35.70 45.87 -4.54
CA SER C 285 -34.48 46.61 -4.26
C SER C 285 -34.73 47.93 -3.53
N LEU C 286 -35.96 48.45 -3.55
CA LEU C 286 -36.28 49.58 -2.68
C LEU C 286 -36.48 49.20 -1.22
N GLN C 287 -36.73 47.92 -0.92
CA GLN C 287 -36.90 47.49 0.46
C GLN C 287 -35.55 47.48 1.19
N LYS C 288 -35.52 48.11 2.35
CA LYS C 288 -34.31 48.13 3.16
C LYS C 288 -34.11 46.76 3.82
N ILE C 289 -32.90 46.23 3.74
CA ILE C 289 -32.57 44.94 4.32
C ILE C 289 -32.39 45.11 5.83
N ASN C 290 -32.36 43.98 6.55
CA ASN C 290 -32.16 44.03 7.99
C ASN C 290 -30.73 44.44 8.35
N THR C 291 -29.75 43.96 7.58
CA THR C 291 -28.36 44.34 7.84
C THR C 291 -28.07 45.77 7.39
N ARG C 292 -28.67 46.19 6.27
CA ARG C 292 -28.51 47.52 5.67
C ARG C 292 -27.03 47.85 5.40
N ILE C 293 -26.28 46.85 4.92
CA ILE C 293 -24.87 47.05 4.64
C ILE C 293 -24.69 47.96 3.43
N GLY C 294 -25.43 47.70 2.36
CA GLY C 294 -25.35 48.51 1.15
C GLY C 294 -26.50 49.48 1.02
N GLN C 295 -27.32 49.30 -0.02
CA GLN C 295 -28.49 50.13 -0.27
C GLN C 295 -29.69 49.20 -0.41
N GLY C 296 -30.30 48.84 0.72
CA GLY C 296 -31.43 47.95 0.72
C GLY C 296 -31.04 46.52 0.37
N VAL C 297 -31.97 45.81 -0.24
CA VAL C 297 -31.73 44.43 -0.67
C VAL C 297 -31.09 44.45 -2.05
N PRO C 298 -29.87 43.96 -2.21
CA PRO C 298 -29.16 44.10 -3.48
C PRO C 298 -29.54 43.03 -4.50
N VAL C 299 -29.41 43.41 -5.77
CA VAL C 299 -29.74 42.55 -6.91
C VAL C 299 -28.49 42.43 -7.77
N VAL C 300 -28.17 41.20 -8.18
CA VAL C 300 -27.10 40.92 -9.13
C VAL C 300 -27.69 40.11 -10.28
N ALA C 301 -27.57 40.63 -11.49
CA ALA C 301 -28.16 39.99 -12.67
C ALA C 301 -27.11 39.16 -13.40
N LEU C 302 -27.51 37.96 -13.80
CA LEU C 302 -26.61 37.01 -14.47
C LEU C 302 -27.10 36.78 -15.90
N ILE C 303 -26.23 37.05 -16.87
CA ILE C 303 -26.57 37.02 -18.29
C ILE C 303 -25.77 35.92 -18.97
N VAL C 304 -26.47 35.05 -19.70
CA VAL C 304 -25.83 34.07 -20.57
C VAL C 304 -26.48 34.18 -21.95
N GLU C 305 -25.68 34.55 -22.96
CA GLU C 305 -26.07 34.78 -24.36
C GLU C 305 -27.17 35.84 -24.41
N GLY C 306 -28.20 35.65 -25.22
CA GLY C 306 -29.26 36.61 -25.38
C GLY C 306 -29.23 37.28 -26.76
N GLY C 307 -30.33 37.95 -27.08
CA GLY C 307 -30.45 38.66 -28.34
C GLY C 307 -30.44 40.17 -28.16
N PRO C 308 -31.25 40.87 -28.95
CA PRO C 308 -31.44 42.32 -28.73
C PRO C 308 -32.06 42.64 -27.38
N ASN C 309 -32.92 41.76 -26.87
CA ASN C 309 -33.58 42.00 -25.59
C ASN C 309 -32.58 41.96 -24.45
N VAL C 310 -31.53 41.15 -24.57
CA VAL C 310 -30.49 41.12 -23.53
C VAL C 310 -29.72 42.43 -23.49
N ILE C 311 -29.38 42.97 -24.66
CA ILE C 311 -28.65 44.24 -24.72
C ILE C 311 -29.52 45.38 -24.20
N SER C 312 -30.80 45.38 -24.56
CA SER C 312 -31.71 46.42 -24.06
C SER C 312 -31.97 46.27 -22.57
N ILE C 313 -31.97 45.05 -22.03
CA ILE C 313 -32.25 44.92 -20.61
C ILE C 313 -30.98 45.21 -19.79
N VAL C 314 -29.79 44.99 -20.33
CA VAL C 314 -28.57 45.48 -19.68
C VAL C 314 -28.53 47.01 -19.71
N LEU C 315 -29.02 47.60 -20.81
CA LEU C 315 -29.18 49.06 -20.86
C LEU C 315 -30.16 49.56 -19.80
N GLU C 316 -31.24 48.80 -19.57
CA GLU C 316 -32.17 49.15 -18.49
C GLU C 316 -31.55 48.90 -17.11
N TYR C 317 -30.60 47.99 -17.01
CA TYR C 317 -29.91 47.71 -15.74
C TYR C 317 -28.91 48.79 -15.38
N LEU C 318 -28.17 49.33 -16.36
CA LEU C 318 -27.02 50.16 -16.04
C LEU C 318 -27.38 51.64 -15.84
N ARG C 319 -28.32 52.16 -16.64
CA ARG C 319 -28.79 53.53 -16.50
C ARG C 319 -29.93 53.68 -15.49
N ASP C 320 -29.95 52.82 -14.48
CA ASP C 320 -31.06 52.62 -13.56
C ASP C 320 -30.71 53.30 -12.23
N THR C 321 -31.75 53.76 -11.52
CA THR C 321 -31.60 54.21 -10.14
C THR C 321 -32.36 53.25 -9.23
N PRO C 322 -31.67 52.38 -8.47
CA PRO C 322 -30.20 52.22 -8.32
C PRO C 322 -29.53 51.47 -9.47
N PRO C 323 -28.24 51.73 -9.70
CA PRO C 323 -27.52 51.08 -10.81
C PRO C 323 -27.13 49.64 -10.51
N VAL C 324 -28.03 48.71 -10.82
CA VAL C 324 -27.84 47.26 -10.55
C VAL C 324 -26.66 46.73 -11.37
N PRO C 325 -25.70 46.06 -10.75
CA PRO C 325 -24.56 45.51 -11.51
C PRO C 325 -24.95 44.29 -12.33
N VAL C 326 -24.15 44.03 -13.36
CA VAL C 326 -24.41 42.97 -14.33
C VAL C 326 -23.18 42.07 -14.38
N VAL C 327 -23.37 40.77 -14.23
CA VAL C 327 -22.34 39.77 -14.49
C VAL C 327 -22.69 39.09 -15.82
N VAL C 328 -21.75 39.11 -16.76
CA VAL C 328 -21.92 38.48 -18.06
C VAL C 328 -20.95 37.30 -18.13
N CYS C 329 -21.38 36.22 -18.76
CA CYS C 329 -20.60 34.99 -18.85
C CYS C 329 -20.39 34.65 -20.33
N ASP C 330 -19.14 34.75 -20.78
CA ASP C 330 -18.81 34.46 -22.17
C ASP C 330 -18.45 32.99 -22.33
N GLY C 331 -17.80 32.66 -23.45
CA GLY C 331 -17.56 31.28 -23.81
C GLY C 331 -18.77 30.59 -24.40
N SER C 332 -19.84 31.32 -24.68
CA SER C 332 -21.09 30.74 -25.15
C SER C 332 -21.55 31.31 -26.49
N GLY C 333 -21.26 32.57 -26.78
CA GLY C 333 -21.72 33.20 -28.01
C GLY C 333 -22.84 34.20 -27.79
N ARG C 334 -23.44 34.60 -28.90
CA ARG C 334 -24.59 35.53 -29.01
C ARG C 334 -24.17 36.88 -28.42
N ALA C 335 -25.02 37.52 -27.60
CA ALA C 335 -24.73 38.85 -27.10
C ALA C 335 -23.71 38.86 -25.98
N SER C 336 -23.57 37.76 -25.24
CA SER C 336 -22.65 37.74 -24.10
C SER C 336 -21.20 37.76 -24.55
N ASP C 337 -20.86 37.01 -25.60
CA ASP C 337 -19.51 37.03 -26.14
C ASP C 337 -19.18 38.37 -26.77
N ILE C 338 -20.17 39.01 -27.41
CA ILE C 338 -19.98 40.33 -27.98
C ILE C 338 -19.75 41.36 -26.88
N LEU C 339 -20.50 41.26 -25.78
CA LEU C 339 -20.32 42.16 -24.64
C LEU C 339 -18.96 41.98 -24.00
N ALA C 340 -18.49 40.74 -23.86
CA ALA C 340 -17.19 40.49 -23.25
C ALA C 340 -16.06 40.94 -24.17
N PHE C 341 -16.20 40.72 -25.48
CA PHE C 341 -15.18 41.17 -26.43
C PHE C 341 -15.13 42.68 -26.52
N GLY C 342 -16.28 43.35 -26.38
CA GLY C 342 -16.27 44.80 -26.27
C GLY C 342 -15.62 45.28 -24.98
N HIS C 343 -15.94 44.62 -23.86
CA HIS C 343 -15.46 45.05 -22.55
C HIS C 343 -13.96 44.81 -22.39
N LYS C 344 -13.40 43.82 -23.10
CA LYS C 344 -11.96 43.58 -23.00
C LYS C 344 -11.17 44.66 -23.73
N TYR C 345 -11.74 45.25 -24.77
CA TYR C 345 -11.06 46.24 -25.61
C TYR C 345 -11.87 47.54 -25.68
N SER C 346 -12.30 48.05 -24.53
CA SER C 346 -13.04 49.31 -24.49
C SER C 346 -12.27 50.46 -23.85
N GLU C 347 -11.34 50.17 -22.94
CA GLU C 347 -10.61 51.13 -22.12
C GLU C 347 -11.56 52.06 -21.37
N GLU C 348 -11.67 53.31 -21.80
CA GLU C 348 -12.58 54.26 -21.16
C GLU C 348 -13.94 54.31 -21.85
N GLY C 349 -14.53 53.13 -22.08
CA GLY C 349 -15.85 53.03 -22.67
C GLY C 349 -15.86 53.16 -24.17
N GLY C 350 -15.74 54.39 -24.68
CA GLY C 350 -15.73 54.67 -26.09
C GLY C 350 -14.37 54.64 -26.73
N LEU C 351 -13.32 54.24 -26.00
CA LEU C 351 -11.96 54.19 -26.53
C LEU C 351 -11.73 52.83 -27.20
N ILE C 352 -12.39 52.65 -28.35
CA ILE C 352 -12.28 51.45 -29.15
C ILE C 352 -11.68 51.83 -30.50
N ASN C 353 -10.68 51.08 -30.94
CA ASN C 353 -10.02 51.37 -32.21
C ASN C 353 -10.93 50.97 -33.38
N GLU C 354 -10.54 51.43 -34.58
CA GLU C 354 -11.41 51.32 -35.74
C GLU C 354 -11.54 49.88 -36.22
N SER C 355 -10.44 49.11 -36.22
CA SER C 355 -10.47 47.75 -36.71
C SER C 355 -11.26 46.84 -35.78
N LEU C 356 -11.14 47.06 -34.45
CA LEU C 356 -11.92 46.28 -33.50
C LEU C 356 -13.40 46.63 -33.57
N ARG C 357 -13.73 47.90 -33.81
CA ARG C 357 -15.11 48.31 -33.98
C ARG C 357 -15.71 47.72 -35.24
N ASP C 358 -14.95 47.70 -36.35
CA ASP C 358 -15.42 47.07 -37.58
C ASP C 358 -15.57 45.56 -37.42
N GLN C 359 -14.66 44.93 -36.66
CA GLN C 359 -14.77 43.50 -36.38
C GLN C 359 -16.00 43.18 -35.55
N LEU C 360 -16.29 44.01 -34.54
CA LEU C 360 -17.50 43.83 -33.73
C LEU C 360 -18.76 44.03 -34.56
N LEU C 361 -18.76 45.05 -35.44
CA LEU C 361 -19.92 45.28 -36.30
C LEU C 361 -20.14 44.15 -37.29
N VAL C 362 -19.05 43.60 -37.85
CA VAL C 362 -19.23 42.53 -38.83
C VAL C 362 -19.57 41.21 -38.14
N THR C 363 -19.14 41.00 -36.89
CA THR C 363 -19.57 39.80 -36.18
C THR C 363 -21.03 39.92 -35.72
N ILE C 364 -21.49 41.14 -35.43
CA ILE C 364 -22.91 41.36 -35.20
C ILE C 364 -23.71 41.08 -36.47
N GLN C 365 -23.21 41.56 -37.61
CA GLN C 365 -23.96 41.44 -38.85
C GLN C 365 -23.96 40.02 -39.41
N LYS C 366 -22.89 39.24 -39.18
CA LYS C 366 -22.75 37.94 -39.82
C LYS C 366 -22.68 36.77 -38.86
N THR C 367 -21.94 36.90 -37.74
CA THR C 367 -21.75 35.78 -36.83
C THR C 367 -23.04 35.45 -36.09
N PHE C 368 -23.83 36.46 -35.75
CA PHE C 368 -25.11 36.26 -35.08
C PHE C 368 -26.29 36.73 -35.93
N THR C 369 -26.05 36.99 -37.23
CA THR C 369 -27.06 37.21 -38.28
C THR C 369 -28.03 38.36 -37.96
N TYR C 370 -27.51 39.43 -37.36
CA TYR C 370 -28.29 40.65 -37.26
C TYR C 370 -28.29 41.40 -38.59
N THR C 371 -29.23 42.32 -38.73
CA THR C 371 -29.27 43.18 -39.91
C THR C 371 -28.20 44.25 -39.82
N ARG C 372 -27.63 44.61 -40.98
CA ARG C 372 -26.58 45.61 -41.01
C ARG C 372 -27.10 47.03 -40.80
N THR C 373 -28.39 47.27 -41.07
CA THR C 373 -28.95 48.60 -40.87
C THR C 373 -29.15 48.90 -39.39
N GLN C 374 -29.53 47.89 -38.61
CA GLN C 374 -29.68 48.03 -37.17
C GLN C 374 -28.39 47.73 -36.41
N ALA C 375 -27.32 47.37 -37.12
CA ALA C 375 -26.04 47.08 -36.47
C ALA C 375 -25.45 48.33 -35.83
N GLN C 376 -25.56 49.49 -36.51
CA GLN C 376 -25.07 50.73 -35.95
C GLN C 376 -25.92 51.17 -34.76
N HIS C 377 -27.22 50.94 -34.82
CA HIS C 377 -28.10 51.24 -33.68
C HIS C 377 -27.77 50.37 -32.47
N LEU C 378 -27.52 49.08 -32.71
CA LEU C 378 -27.08 48.19 -31.64
C LEU C 378 -25.71 48.58 -31.12
N PHE C 379 -24.85 49.11 -31.99
CA PHE C 379 -23.53 49.57 -31.56
C PHE C 379 -23.62 50.79 -30.66
N ILE C 380 -24.51 51.75 -30.98
CA ILE C 380 -24.63 52.90 -30.10
C ILE C 380 -25.40 52.56 -28.81
N ILE C 381 -26.28 51.55 -28.85
CA ILE C 381 -26.89 51.05 -27.61
C ILE C 381 -25.84 50.36 -26.74
N LEU C 382 -24.93 49.62 -27.37
CA LEU C 382 -23.81 49.00 -26.65
C LEU C 382 -22.86 50.07 -26.11
N MET C 383 -22.71 51.19 -26.82
CA MET C 383 -21.90 52.29 -26.31
C MET C 383 -22.54 52.97 -25.10
N GLU C 384 -23.87 53.12 -25.13
CA GLU C 384 -24.59 53.64 -23.97
C GLU C 384 -24.49 52.70 -22.78
N CYS C 385 -24.47 51.38 -23.04
CA CYS C 385 -24.17 50.42 -21.98
C CYS C 385 -22.72 50.54 -21.52
N MET C 386 -21.80 50.75 -22.46
CA MET C 386 -20.37 50.66 -22.21
C MET C 386 -19.82 51.91 -21.53
N LYS C 387 -20.60 52.98 -21.49
CA LYS C 387 -20.19 54.19 -20.79
C LYS C 387 -20.10 54.02 -19.27
N LYS C 388 -20.60 52.93 -18.70
CA LYS C 388 -20.59 52.69 -17.26
C LYS C 388 -19.95 51.35 -16.89
N LYS C 389 -18.72 51.10 -17.37
CA LYS C 389 -18.01 49.82 -17.19
C LYS C 389 -17.72 49.44 -15.75
N GLU C 390 -17.93 50.33 -14.77
CA GLU C 390 -17.60 50.02 -13.39
C GLU C 390 -18.50 48.96 -12.76
N LEU C 391 -19.64 48.64 -13.39
CA LEU C 391 -20.53 47.60 -12.91
C LEU C 391 -20.55 46.36 -13.79
N ILE C 392 -20.06 46.45 -15.03
CA ILE C 392 -20.00 45.30 -15.92
C ILE C 392 -18.87 44.39 -15.45
N THR C 393 -19.20 43.14 -15.17
CA THR C 393 -18.27 42.16 -14.63
C THR C 393 -18.23 40.95 -15.55
N VAL C 394 -17.02 40.52 -15.90
CA VAL C 394 -16.83 39.40 -16.80
C VAL C 394 -16.29 38.21 -16.01
N PHE C 395 -16.50 37.02 -16.57
CA PHE C 395 -16.00 35.78 -15.99
C PHE C 395 -15.36 34.96 -17.11
N ARG C 396 -14.09 34.61 -16.95
CA ARG C 396 -13.35 33.85 -17.95
C ARG C 396 -12.85 32.57 -17.29
N MET C 397 -13.32 31.43 -17.78
CA MET C 397 -12.93 30.15 -17.21
C MET C 397 -11.50 29.80 -17.63
N GLY C 398 -10.68 29.41 -16.67
CA GLY C 398 -9.30 29.04 -16.95
C GLY C 398 -8.31 29.71 -16.01
N HIS C 402 -12.74 25.01 -9.54
CA HIS C 402 -11.70 26.04 -9.50
C HIS C 402 -12.11 27.25 -10.33
N GLN C 403 -11.99 28.44 -9.71
CA GLN C 403 -12.45 29.71 -10.26
C GLN C 403 -13.92 29.65 -10.68
N ASP C 404 -14.79 29.47 -9.68
CA ASP C 404 -16.22 29.41 -9.89
C ASP C 404 -16.77 30.78 -10.28
N ILE C 405 -18.03 30.82 -10.71
CA ILE C 405 -18.64 32.11 -11.04
C ILE C 405 -19.04 32.90 -9.81
N ASP C 406 -19.07 32.25 -8.63
CA ASP C 406 -19.47 32.96 -7.42
C ASP C 406 -18.46 34.01 -6.99
N LEU C 407 -17.21 33.91 -7.48
CA LEU C 407 -16.26 35.02 -7.36
C LEU C 407 -16.80 36.26 -8.05
N ALA C 408 -17.29 36.11 -9.28
CA ALA C 408 -17.88 37.23 -10.03
C ALA C 408 -19.15 37.74 -9.37
N ILE C 409 -20.01 36.83 -8.88
CA ILE C 409 -21.25 37.29 -8.23
C ILE C 409 -20.97 38.05 -6.94
N LEU C 410 -20.04 37.57 -6.10
CA LEU C 410 -19.74 38.28 -4.87
C LEU C 410 -18.96 39.57 -5.12
N THR C 411 -18.09 39.60 -6.13
CA THR C 411 -17.37 40.82 -6.48
C THR C 411 -18.31 41.89 -7.01
N ALA C 412 -19.26 41.49 -7.88
CA ALA C 412 -20.26 42.44 -8.35
C ALA C 412 -21.23 42.84 -7.24
N LEU C 413 -21.47 41.94 -6.27
CA LEU C 413 -22.24 42.30 -5.10
C LEU C 413 -21.58 43.39 -4.28
N LEU C 414 -20.26 43.30 -4.10
CA LEU C 414 -19.57 44.32 -3.33
C LEU C 414 -19.39 45.61 -4.13
N LYS C 415 -19.32 45.51 -5.46
CA LYS C 415 -19.22 46.74 -6.26
C LYS C 415 -20.56 47.45 -6.37
N GLY C 416 -21.66 46.70 -6.47
CA GLY C 416 -22.97 47.31 -6.61
C GLY C 416 -23.68 47.51 -5.30
N ALA C 417 -22.95 47.98 -4.29
CA ALA C 417 -23.54 48.29 -3.00
C ALA C 417 -23.13 49.69 -2.57
N ASN C 418 -21.96 50.13 -3.06
CA ASN C 418 -21.36 51.43 -2.76
C ASN C 418 -21.23 51.66 -1.25
N ALA C 419 -20.84 50.60 -0.55
CA ALA C 419 -20.75 50.61 0.90
C ALA C 419 -19.31 50.87 1.33
N SER C 420 -19.14 51.06 2.63
CA SER C 420 -17.82 51.26 3.21
C SER C 420 -17.05 49.95 3.24
N ALA C 421 -15.73 50.06 3.15
CA ALA C 421 -14.86 48.88 3.14
C ALA C 421 -14.84 48.08 4.46
N PRO C 422 -14.97 48.70 5.70
CA PRO C 422 -15.21 47.85 6.89
C PRO C 422 -16.44 46.95 6.80
N ASP C 423 -17.55 47.46 6.25
CA ASP C 423 -18.74 46.62 6.13
C ASP C 423 -18.57 45.55 5.06
N GLN C 424 -17.84 45.88 3.99
CA GLN C 424 -17.52 44.89 2.96
C GLN C 424 -16.66 43.76 3.54
N LEU C 425 -15.67 44.12 4.35
CA LEU C 425 -14.81 43.11 4.97
C LEU C 425 -15.56 42.33 6.04
N SER C 426 -16.54 42.97 6.70
CA SER C 426 -17.40 42.26 7.63
C SER C 426 -18.27 41.22 6.93
N LEU C 427 -18.80 41.57 5.76
CA LEU C 427 -19.54 40.59 4.95
C LEU C 427 -18.62 39.47 4.47
N ALA C 428 -17.37 39.80 4.16
CA ALA C 428 -16.39 38.78 3.77
C ALA C 428 -16.07 37.84 4.93
N LEU C 429 -15.98 38.38 6.15
CA LEU C 429 -15.84 37.54 7.35
C LEU C 429 -17.06 36.65 7.55
N ALA C 430 -18.24 37.19 7.27
CA ALA C 430 -19.48 36.41 7.39
C ALA C 430 -19.52 35.26 6.39
N TRP C 431 -19.05 35.50 5.16
CA TRP C 431 -19.13 34.48 4.13
C TRP C 431 -18.03 33.45 4.21
N ASN C 432 -16.97 33.71 5.00
CA ASN C 432 -15.75 32.89 5.08
C ASN C 432 -15.10 32.66 3.72
N ARG C 433 -14.95 33.74 2.94
CA ARG C 433 -14.38 33.68 1.60
C ARG C 433 -13.25 34.71 1.54
N VAL C 434 -12.01 34.24 1.76
CA VAL C 434 -10.87 35.15 1.82
C VAL C 434 -10.49 35.64 0.43
N ASP C 435 -10.83 34.85 -0.60
CA ASP C 435 -10.48 35.18 -1.98
C ASP C 435 -11.22 36.42 -2.48
N ILE C 436 -12.47 36.58 -2.04
CA ILE C 436 -13.29 37.73 -2.45
C ILE C 436 -12.69 39.02 -1.90
N ALA C 437 -12.31 39.00 -0.61
CA ALA C 437 -11.67 40.16 0.00
C ALA C 437 -10.31 40.42 -0.63
N ARG C 438 -9.54 39.35 -0.88
CA ARG C 438 -8.25 39.42 -1.54
C ARG C 438 -8.34 40.09 -2.90
N SER C 439 -9.36 39.74 -3.67
CA SER C 439 -9.49 40.26 -5.04
C SER C 439 -10.02 41.68 -5.04
N GLN C 440 -11.05 41.98 -4.24
CA GLN C 440 -11.79 43.23 -4.41
C GLN C 440 -11.59 44.17 -3.22
N ILE C 441 -11.76 43.70 -1.98
CA ILE C 441 -11.86 44.59 -0.83
C ILE C 441 -10.54 45.27 -0.52
N PHE C 442 -9.45 44.50 -0.50
CA PHE C 442 -8.12 45.07 -0.30
C PHE C 442 -7.52 45.38 -1.65
N ILE C 443 -7.92 46.52 -2.21
CA ILE C 443 -7.40 47.00 -3.49
C ILE C 443 -6.84 48.40 -3.26
N TYR C 444 -6.13 48.90 -4.28
CA TYR C 444 -5.51 50.20 -4.21
C TYR C 444 -6.56 51.31 -4.22
N GLY C 445 -6.36 52.30 -3.35
CA GLY C 445 -7.26 53.44 -3.24
C GLY C 445 -8.35 53.33 -2.20
N GLN C 446 -8.49 52.14 -1.60
CA GLN C 446 -9.53 51.89 -0.61
C GLN C 446 -9.25 52.65 0.68
N GLN C 447 -10.12 53.59 1.03
CA GLN C 447 -9.88 54.49 2.16
C GLN C 447 -10.35 53.83 3.45
N TRP C 448 -9.42 53.09 4.07
CA TRP C 448 -9.70 52.48 5.35
C TRP C 448 -9.69 53.53 6.46
N PRO C 449 -10.73 53.59 7.29
CA PRO C 449 -10.76 54.60 8.37
C PRO C 449 -9.84 54.26 9.53
N VAL C 450 -9.88 55.08 10.58
CA VAL C 450 -9.05 54.89 11.76
C VAL C 450 -9.66 53.77 12.61
N GLY C 451 -8.84 52.76 12.91
CA GLY C 451 -9.27 51.66 13.75
C GLY C 451 -10.11 50.60 13.05
N SER C 452 -10.26 50.67 11.72
CA SER C 452 -11.04 49.69 10.99
C SER C 452 -10.37 48.32 10.99
N LEU C 453 -9.07 48.29 10.68
CA LEU C 453 -8.36 47.02 10.60
C LEU C 453 -8.13 46.39 11.97
N GLU C 454 -8.00 47.19 13.02
CA GLU C 454 -7.85 46.64 14.37
C GLU C 454 -9.13 45.96 14.83
N GLN C 455 -10.27 46.62 14.62
CA GLN C 455 -11.56 46.03 14.98
C GLN C 455 -11.88 44.83 14.10
N ALA C 456 -11.50 44.90 12.82
CA ALA C 456 -11.68 43.75 11.93
C ALA C 456 -10.80 42.58 12.34
N MET C 457 -9.58 42.87 12.82
CA MET C 457 -8.70 41.83 13.33
C MET C 457 -9.27 41.19 14.59
N LEU C 458 -9.87 42.01 15.46
CA LEU C 458 -10.55 41.50 16.65
C LEU C 458 -11.70 40.56 16.25
N ASP C 459 -12.52 40.97 15.27
CA ASP C 459 -13.61 40.11 14.82
C ASP C 459 -13.10 38.85 14.15
N ALA C 460 -11.99 38.94 13.42
CA ALA C 460 -11.43 37.77 12.74
C ALA C 460 -10.85 36.78 13.75
N LEU C 461 -10.26 37.28 14.84
CA LEU C 461 -9.70 36.39 15.85
C LEU C 461 -10.80 35.73 16.68
N VAL C 462 -11.82 36.49 17.09
CA VAL C 462 -12.88 35.90 17.91
C VAL C 462 -13.73 34.93 17.10
N LEU C 463 -13.78 35.09 15.77
CA LEU C 463 -14.57 34.17 14.98
C LEU C 463 -13.78 32.97 14.45
N ASP C 464 -12.47 32.90 14.73
CA ASP C 464 -11.57 31.85 14.20
C ASP C 464 -11.60 31.78 12.67
N ARG C 465 -11.21 32.87 12.04
CA ARG C 465 -11.07 32.91 10.59
C ARG C 465 -9.61 33.20 10.32
N VAL C 466 -8.80 32.13 10.29
CA VAL C 466 -7.34 32.27 10.35
C VAL C 466 -6.79 32.82 9.04
N ASP C 467 -7.45 32.51 7.92
CA ASP C 467 -7.02 33.03 6.62
C ASP C 467 -7.28 34.54 6.50
N PHE C 468 -8.29 35.04 7.20
CA PHE C 468 -8.52 36.48 7.21
C PHE C 468 -7.52 37.18 8.11
N VAL C 469 -7.09 36.52 9.19
CA VAL C 469 -6.00 37.04 10.02
C VAL C 469 -4.70 37.09 9.22
N LYS C 470 -4.47 36.08 8.38
CA LYS C 470 -3.33 36.09 7.47
C LYS C 470 -3.41 37.24 6.47
N LEU C 471 -4.60 37.51 5.94
CA LEU C 471 -4.79 38.65 5.04
C LEU C 471 -4.53 39.97 5.74
N LEU C 472 -5.05 40.13 6.97
CA LEU C 472 -4.89 41.38 7.69
C LEU C 472 -3.48 41.61 8.23
N ILE C 473 -2.70 40.55 8.46
CA ILE C 473 -1.31 40.70 8.83
C ILE C 473 -0.42 40.87 7.60
N GLU C 474 -0.87 40.36 6.44
CA GLU C 474 -0.13 40.57 5.21
C GLU C 474 -0.29 42.00 4.71
N ASN C 475 -1.49 42.57 4.83
CA ASN C 475 -1.72 43.93 4.35
C ASN C 475 -1.25 44.99 5.35
N GLY C 476 -0.90 44.60 6.57
CA GLY C 476 -0.37 45.54 7.53
C GLY C 476 -1.37 45.95 8.59
N VAL C 477 -1.26 45.34 9.77
CA VAL C 477 -2.07 45.72 10.91
C VAL C 477 -1.22 46.09 12.12
N SER C 478 0.07 45.71 12.13
CA SER C 478 1.04 45.95 13.20
C SER C 478 0.52 45.30 14.47
N MET C 479 0.66 43.97 14.53
CA MET C 479 0.12 43.15 15.62
C MET C 479 0.64 43.59 17.00
N HIS C 480 1.86 44.15 17.05
CA HIS C 480 2.38 44.71 18.29
C HIS C 480 1.53 45.87 18.80
N ARG C 481 1.10 46.76 17.90
CA ARG C 481 0.24 47.86 18.29
C ARG C 481 -1.20 47.41 18.54
N PHE C 482 -1.63 46.33 17.88
CA PHE C 482 -3.01 45.86 18.05
C PHE C 482 -3.21 45.24 19.42
N LEU C 483 -2.32 44.34 19.83
CA LEU C 483 -2.57 43.51 21.00
C LEU C 483 -2.24 44.29 22.27
N THR C 484 -3.30 44.71 22.98
CA THR C 484 -3.16 45.41 24.25
C THR C 484 -3.75 44.56 25.36
N ILE C 485 -3.80 45.12 26.57
CA ILE C 485 -4.43 44.50 27.73
C ILE C 485 -5.91 44.24 27.47
N SER C 486 -6.63 45.29 27.07
CA SER C 486 -8.07 45.19 26.87
C SER C 486 -8.42 44.31 25.68
N ARG C 487 -7.57 44.36 24.64
CA ARG C 487 -7.83 43.58 23.43
C ARG C 487 -7.65 42.09 23.69
N LEU C 488 -6.59 41.70 24.41
CA LEU C 488 -6.40 40.30 24.77
C LEU C 488 -7.48 39.83 25.75
N GLU C 489 -7.90 40.73 26.66
CA GLU C 489 -8.99 40.39 27.56
C GLU C 489 -10.29 40.15 26.81
N GLU C 490 -10.58 40.97 25.80
CA GLU C 490 -11.75 40.77 24.96
C GLU C 490 -11.64 39.49 24.13
N LEU C 491 -10.40 39.12 23.76
CA LEU C 491 -10.19 37.81 23.14
C LEU C 491 -10.46 36.66 24.09
N TYR C 492 -10.23 36.83 25.38
CA TYR C 492 -10.52 35.78 26.35
C TYR C 492 -12.00 35.66 26.71
N ASN C 493 -12.77 36.75 26.72
CA ASN C 493 -14.18 36.65 27.09
C ASN C 493 -15.13 36.46 25.92
N THR C 494 -14.62 36.28 24.70
CA THR C 494 -15.53 36.13 23.56
C THR C 494 -16.19 34.75 23.56
N ARG C 495 -17.39 34.70 22.99
CA ARG C 495 -18.12 33.46 22.78
C ARG C 495 -18.58 33.29 21.34
N HIS C 496 -18.05 34.07 20.41
CA HIS C 496 -18.51 34.07 19.02
C HIS C 496 -17.62 33.16 18.19
N GLY C 497 -17.42 31.94 18.69
CA GLY C 497 -16.50 31.01 18.07
C GLY C 497 -16.64 29.61 18.59
N PRO C 498 -15.63 28.76 18.32
CA PRO C 498 -15.61 27.40 18.88
C PRO C 498 -15.63 27.35 20.40
N SER C 499 -16.25 26.30 20.95
CA SER C 499 -16.36 26.14 22.39
C SER C 499 -15.00 25.85 23.02
N ASN C 500 -14.88 26.16 24.30
CA ASN C 500 -13.65 25.98 25.04
C ASN C 500 -13.94 25.41 26.42
N THR C 501 -12.90 24.87 27.04
CA THR C 501 -12.94 24.43 28.43
C THR C 501 -12.36 25.48 29.37
N LEU C 502 -12.36 26.75 28.97
CA LEU C 502 -11.73 27.79 29.76
C LEU C 502 -12.53 28.11 31.02
N TYR C 503 -13.87 28.05 30.93
CA TYR C 503 -14.73 28.41 32.06
C TYR C 503 -14.54 27.47 33.24
N HIS C 504 -14.43 26.17 32.96
CA HIS C 504 -14.21 25.17 34.00
C HIS C 504 -12.85 25.38 34.67
N LEU C 505 -11.83 25.69 33.87
CA LEU C 505 -10.48 25.88 34.40
C LEU C 505 -10.41 27.13 35.28
N VAL C 506 -10.99 28.25 34.83
CA VAL C 506 -10.99 29.48 35.62
C VAL C 506 -11.79 29.29 36.90
N ARG C 507 -12.92 28.57 36.83
CA ARG C 507 -13.72 28.28 38.03
C ARG C 507 -12.93 27.45 39.03
N ASP C 508 -12.19 26.45 38.53
CA ASP C 508 -11.39 25.59 39.42
C ASP C 508 -10.25 26.35 40.08
N VAL C 509 -9.55 27.20 39.33
CA VAL C 509 -8.42 27.92 39.94
C VAL C 509 -8.90 29.04 40.86
N LYS C 510 -10.06 29.64 40.60
CA LYS C 510 -10.59 30.64 41.54
C LYS C 510 -11.19 29.98 42.77
N LYS C 511 -11.66 28.73 42.63
CA LYS C 511 -12.12 28.00 43.80
C LYS C 511 -10.95 27.53 44.66
N ARG C 512 -9.87 27.07 44.02
CA ARG C 512 -8.72 26.55 44.76
C ARG C 512 -7.90 27.69 45.37
N GLU C 513 -7.84 28.83 44.69
CA GLU C 513 -7.08 29.97 45.19
C GLU C 513 -7.75 30.59 46.40
N TYR C 514 -9.07 30.61 46.42
CA TYR C 514 -9.83 31.17 47.54
C TYR C 514 -9.87 30.19 48.71
N LEU C 526 -18.65 31.42 41.42
CA LEU C 526 -18.36 32.35 40.34
C LEU C 526 -19.66 32.77 39.63
N PRO C 527 -19.88 34.08 39.52
CA PRO C 527 -21.02 34.59 38.74
C PRO C 527 -20.93 34.19 37.28
N PRO C 528 -22.07 33.98 36.61
CA PRO C 528 -22.03 33.66 35.17
C PRO C 528 -21.59 34.80 34.28
N ASP C 529 -21.64 36.04 34.77
CA ASP C 529 -21.15 37.20 34.01
C ASP C 529 -19.74 37.59 34.41
N TYR C 530 -18.93 36.63 34.85
CA TYR C 530 -17.55 36.88 35.22
C TYR C 530 -16.71 37.28 34.02
N ARG C 531 -16.26 38.53 34.01
CA ARG C 531 -15.28 38.99 33.02
C ARG C 531 -13.91 38.50 33.48
N ILE C 532 -13.52 37.35 32.94
CA ILE C 532 -12.28 36.65 33.27
C ILE C 532 -11.08 37.54 32.96
N SER C 533 -10.25 37.76 33.98
CA SER C 533 -9.14 38.70 33.89
C SER C 533 -7.89 38.01 33.39
N LEU C 534 -6.89 38.83 33.02
CA LEU C 534 -5.60 38.30 32.60
C LEU C 534 -4.87 37.63 33.76
N ILE C 535 -5.11 38.12 34.98
CA ILE C 535 -4.52 37.54 36.19
C ILE C 535 -5.05 36.12 36.40
N ASP C 536 -6.36 35.94 36.20
CA ASP C 536 -6.98 34.63 36.36
C ASP C 536 -6.47 33.63 35.33
N ILE C 537 -6.30 34.09 34.08
CA ILE C 537 -5.71 33.25 33.03
C ILE C 537 -4.25 32.93 33.37
N GLY C 538 -3.54 33.86 33.99
CA GLY C 538 -2.21 33.57 34.50
C GLY C 538 -2.21 32.46 35.53
N LEU C 539 -3.20 32.47 36.43
CA LEU C 539 -3.36 31.38 37.39
C LEU C 539 -3.68 30.05 36.69
N VAL C 540 -4.44 30.13 35.59
CA VAL C 540 -4.73 28.92 34.79
C VAL C 540 -3.44 28.35 34.18
N ILE C 541 -2.55 29.23 33.70
CA ILE C 541 -1.27 28.76 33.15
C ILE C 541 -0.38 28.18 34.25
N GLU C 542 -0.40 28.79 35.45
CA GLU C 542 0.32 28.18 36.59
C GLU C 542 -0.24 26.81 36.95
N TYR C 543 -1.57 26.67 36.92
CA TYR C 543 -2.17 25.40 37.32
C TYR C 543 -1.91 24.31 36.29
N LEU C 544 -2.05 24.64 35.01
CA LEU C 544 -1.88 23.63 33.97
C LEU C 544 -0.41 23.30 33.75
N MET C 545 0.46 24.32 33.72
CA MET C 545 1.88 24.08 33.53
C MET C 545 2.49 23.33 34.72
N GLY C 546 2.11 23.71 35.93
CA GLY C 546 2.55 23.00 37.12
C GLY C 546 4.00 23.25 37.46
N GLY C 547 4.46 22.53 38.48
CA GLY C 547 5.83 22.67 38.95
C GLY C 547 6.06 24.04 39.56
N ALA C 548 7.02 24.76 39.00
CA ALA C 548 7.37 26.09 39.46
C ALA C 548 7.16 27.17 38.40
N TYR C 549 6.33 26.90 37.39
CA TYR C 549 6.06 27.90 36.36
C TYR C 549 5.23 29.02 36.98
N ARG C 550 5.77 30.23 36.97
CA ARG C 550 5.10 31.41 37.51
C ARG C 550 5.03 32.43 36.39
N CYS C 551 3.82 32.58 35.82
CA CYS C 551 3.62 33.31 34.57
C CYS C 551 3.82 34.81 34.79
N ASN C 552 4.16 35.52 33.70
CA ASN C 552 4.38 36.96 33.73
C ASN C 552 3.10 37.71 34.10
N TYR C 553 1.93 37.11 33.82
CA TYR C 553 0.65 37.68 34.25
C TYR C 553 0.56 37.77 35.77
N THR C 554 1.00 36.72 36.47
CA THR C 554 0.86 36.68 37.91
C THR C 554 1.95 37.45 38.64
N ARG C 555 3.00 37.87 37.92
CA ARG C 555 4.09 38.62 38.53
C ARG C 555 3.62 40.00 38.97
N LYS C 556 4.31 40.56 39.97
CA LYS C 556 3.85 41.74 40.69
C LYS C 556 3.74 42.97 39.82
N ARG C 557 4.70 43.17 38.90
CA ARG C 557 4.71 44.33 38.03
C ARG C 557 3.49 44.39 37.12
N PHE C 558 3.12 43.25 36.53
CA PHE C 558 1.92 43.20 35.69
C PHE C 558 0.66 43.31 36.55
N ARG C 559 0.74 42.89 37.82
CA ARG C 559 -0.38 43.09 38.73
C ARG C 559 -0.60 44.57 39.06
N THR C 560 0.47 45.35 39.21
CA THR C 560 0.30 46.79 39.41
C THR C 560 -0.09 47.49 38.11
N LEU C 561 0.29 46.93 36.96
CA LEU C 561 -0.23 47.45 35.69
C LEU C 561 -1.73 47.16 35.56
N TYR C 562 -2.17 46.01 36.04
CA TYR C 562 -3.60 45.68 35.99
C TYR C 562 -4.40 46.50 37.00
N HIS C 563 -3.78 46.82 38.14
CA HIS C 563 -4.44 47.58 39.18
C HIS C 563 -4.39 49.09 38.95
N ASN C 564 -3.67 49.54 37.92
CA ASN C 564 -3.62 50.96 37.58
C ASN C 564 -4.17 51.27 36.20
N LEU C 565 -4.67 50.26 35.47
CA LEU C 565 -5.27 50.49 34.16
C LEU C 565 -6.62 49.79 34.01
N PHE C 566 -7.18 49.27 35.11
CA PHE C 566 -8.46 48.59 35.07
C PHE C 566 -9.20 48.74 36.38
N GLU C 607 3.22 52.66 25.16
CA GLU C 607 3.63 51.29 24.89
C GLU C 607 3.60 50.46 26.18
N ILE C 608 3.06 51.05 27.25
CA ILE C 608 2.98 50.35 28.53
C ILE C 608 1.94 49.24 28.47
N ASN C 609 0.77 49.52 27.89
CA ASN C 609 -0.29 48.53 27.81
C ASN C 609 -0.12 47.55 26.66
N HIS C 610 0.87 47.75 25.80
CA HIS C 610 1.15 46.81 24.73
C HIS C 610 1.94 45.62 25.27
N PHE C 611 2.22 44.65 24.39
CA PHE C 611 2.94 43.47 24.78
C PHE C 611 4.22 43.34 23.95
N PRO C 612 5.37 43.15 24.60
CA PRO C 612 6.64 43.08 23.84
C PRO C 612 6.73 41.90 22.88
N PHE C 613 6.09 40.78 23.20
CA PHE C 613 6.14 39.57 22.36
C PHE C 613 4.72 39.10 22.08
N PRO C 614 3.98 39.77 21.18
CA PRO C 614 2.52 39.52 21.06
C PRO C 614 2.13 38.11 20.62
N PHE C 615 2.97 37.47 19.81
CA PHE C 615 2.65 36.16 19.26
C PHE C 615 2.67 35.10 20.35
N HIS C 616 3.47 35.33 21.40
CA HIS C 616 3.49 34.45 22.57
C HIS C 616 2.12 34.41 23.25
N GLU C 617 1.61 35.60 23.57
CA GLU C 617 0.32 35.71 24.26
C GLU C 617 -0.82 35.24 23.37
N LEU C 618 -0.74 35.51 22.07
CA LEU C 618 -1.78 35.05 21.16
C LEU C 618 -1.76 33.54 20.97
N MET C 619 -0.59 32.91 21.03
CA MET C 619 -0.55 31.46 20.94
C MET C 619 -1.05 30.82 22.24
N VAL C 620 -0.77 31.44 23.38
CA VAL C 620 -1.36 30.96 24.65
C VAL C 620 -2.88 31.10 24.62
N TRP C 621 -3.38 32.19 24.04
CA TRP C 621 -4.81 32.36 23.76
C TRP C 621 -5.40 31.26 22.89
N ALA C 622 -4.74 30.94 21.78
CA ALA C 622 -5.29 29.97 20.83
C ALA C 622 -5.22 28.55 21.39
N VAL C 623 -4.14 28.23 22.12
CA VAL C 623 -4.03 26.93 22.76
C VAL C 623 -5.05 26.77 23.88
N LEU C 624 -5.22 27.83 24.68
CA LEU C 624 -6.07 27.73 25.86
C LEU C 624 -7.56 27.67 25.49
N MET C 625 -7.92 28.16 24.32
CA MET C 625 -9.31 28.15 23.90
C MET C 625 -9.57 27.26 22.68
N LYS C 626 -8.77 26.19 22.51
CA LYS C 626 -9.06 25.02 21.64
C LYS C 626 -8.86 25.34 20.14
N ARG C 627 -8.57 26.60 19.82
CA ARG C 627 -8.39 27.05 18.44
C ARG C 627 -7.03 26.57 17.94
N GLN C 628 -7.06 25.52 17.12
CA GLN C 628 -5.84 24.80 16.78
C GLN C 628 -5.14 25.40 15.56
N LYS C 629 -5.88 25.65 14.48
CA LYS C 629 -5.27 26.21 13.26
C LYS C 629 -4.73 27.61 13.51
N MET C 630 -5.43 28.38 14.34
CA MET C 630 -4.94 29.67 14.79
C MET C 630 -3.67 29.51 15.62
N ALA C 631 -3.57 28.43 16.40
CA ALA C 631 -2.38 28.17 17.20
C ALA C 631 -1.18 27.80 16.34
N LEU C 632 -1.39 26.98 15.30
CA LEU C 632 -0.34 26.72 14.30
C LEU C 632 0.14 27.98 13.60
N PHE C 633 -0.81 28.84 13.20
CA PHE C 633 -0.46 30.09 12.54
C PHE C 633 0.32 31.01 13.47
N PHE C 634 -0.09 31.07 14.74
CA PHE C 634 0.61 31.92 15.70
C PHE C 634 1.93 31.30 16.14
N TRP C 635 2.07 29.97 15.99
CA TRP C 635 3.34 29.30 16.21
C TRP C 635 4.34 29.69 15.13
N GLN C 636 3.88 29.75 13.88
CA GLN C 636 4.76 30.04 12.75
C GLN C 636 5.38 31.44 12.83
N HIS C 637 4.55 32.45 13.08
CA HIS C 637 5.04 33.81 13.14
C HIS C 637 5.49 34.16 14.55
N GLY C 638 6.70 34.68 14.67
CA GLY C 638 7.31 35.01 15.94
C GLY C 638 8.60 34.25 16.16
N GLU C 639 9.12 34.42 17.36
CA GLU C 639 10.38 33.83 17.80
C GLU C 639 10.14 33.09 19.11
N GLU C 640 11.19 32.38 19.57
CA GLU C 640 11.15 31.44 20.71
C GLU C 640 10.06 30.39 20.51
N ALA C 641 10.00 29.89 19.27
CA ALA C 641 8.91 29.03 18.81
C ALA C 641 8.97 27.61 19.38
N MET C 642 10.16 27.04 19.59
CA MET C 642 10.23 25.70 20.13
C MET C 642 9.81 25.65 21.59
N ALA C 643 10.18 26.68 22.36
CA ALA C 643 9.67 26.82 23.72
C ALA C 643 8.16 27.01 23.72
N LYS C 644 7.65 27.77 22.74
CA LYS C 644 6.21 27.94 22.56
C LYS C 644 5.53 26.61 22.29
N ALA C 645 6.16 25.76 21.48
CA ALA C 645 5.60 24.46 21.15
C ALA C 645 5.58 23.53 22.36
N LEU C 646 6.63 23.56 23.18
CA LEU C 646 6.65 22.71 24.37
C LEU C 646 5.66 23.19 25.42
N VAL C 647 5.52 24.51 25.59
CA VAL C 647 4.48 25.05 26.48
C VAL C 647 3.09 24.69 25.98
N ALA C 648 2.89 24.76 24.67
CA ALA C 648 1.60 24.37 24.09
C ALA C 648 1.32 22.90 24.28
N CYS C 649 2.35 22.05 24.15
CA CYS C 649 2.22 20.63 24.43
C CYS C 649 1.81 20.36 25.86
N LYS C 650 2.45 21.05 26.82
CA LYS C 650 2.12 20.84 28.22
C LYS C 650 0.71 21.33 28.54
N LEU C 651 0.33 22.49 27.98
CA LEU C 651 -1.02 23.02 28.22
C LEU C 651 -2.11 22.14 27.62
N CYS C 652 -1.88 21.63 26.40
CA CYS C 652 -2.88 20.74 25.78
C CYS C 652 -2.99 19.41 26.54
N LYS C 653 -1.85 18.84 26.96
CA LYS C 653 -1.90 17.61 27.75
C LYS C 653 -2.61 17.83 29.08
N ALA C 654 -2.33 18.96 29.73
CA ALA C 654 -2.91 19.23 31.05
C ALA C 654 -4.41 19.53 30.95
N MET C 655 -4.83 20.23 29.89
CA MET C 655 -6.26 20.42 29.67
C MET C 655 -6.94 19.10 29.33
N ALA C 656 -6.26 18.22 28.60
CA ALA C 656 -6.78 16.88 28.33
C ALA C 656 -6.94 16.08 29.62
N HIS C 657 -5.95 16.18 30.51
CA HIS C 657 -5.99 15.45 31.77
C HIS C 657 -7.06 16.02 32.70
N GLU C 658 -7.28 17.33 32.66
CA GLU C 658 -8.33 17.94 33.48
C GLU C 658 -9.71 17.60 32.94
N ALA C 659 -9.83 17.49 31.61
CA ALA C 659 -11.09 17.10 31.00
C ALA C 659 -11.40 15.63 31.23
N SER C 660 -10.37 14.78 31.21
CA SER C 660 -10.58 13.35 31.46
C SER C 660 -10.70 13.04 32.95
N GLU C 661 -10.17 13.89 33.82
CA GLU C 661 -10.43 13.75 35.25
C GLU C 661 -11.86 14.16 35.57
N ASN C 662 -12.41 15.06 34.76
CA ASN C 662 -13.84 15.37 34.84
C ASN C 662 -14.66 14.46 33.94
N ASP C 663 -14.03 13.44 33.35
CA ASP C 663 -14.52 12.34 32.48
C ASP C 663 -15.69 12.75 31.58
N MET C 664 -15.46 13.76 30.77
CA MET C 664 -16.41 14.26 29.79
C MET C 664 -16.36 13.38 28.53
N VAL C 665 -16.90 13.93 27.45
CA VAL C 665 -16.91 13.29 26.14
C VAL C 665 -15.49 12.97 25.67
N ASP C 666 -15.34 11.87 24.94
CA ASP C 666 -14.07 11.43 24.40
C ASP C 666 -13.48 12.42 23.40
N ASP C 667 -14.35 13.22 22.76
CA ASP C 667 -13.93 14.18 21.74
C ASP C 667 -12.97 15.23 22.30
N ILE C 668 -13.31 15.83 23.46
CA ILE C 668 -12.48 16.90 24.00
C ILE C 668 -11.13 16.36 24.51
N SER C 669 -11.13 15.21 25.18
CA SER C 669 -9.90 14.67 25.73
C SER C 669 -9.00 14.12 24.62
N GLN C 670 -9.60 13.39 23.68
CA GLN C 670 -8.85 12.83 22.56
C GLN C 670 -8.31 13.94 21.65
N GLU C 671 -9.09 15.01 21.47
CA GLU C 671 -8.65 16.10 20.61
C GLU C 671 -7.54 16.91 21.27
N LEU C 672 -7.62 17.16 22.58
CA LEU C 672 -6.55 17.87 23.26
C LEU C 672 -5.28 17.03 23.34
N ASN C 673 -5.42 15.71 23.51
CA ASN C 673 -4.26 14.81 23.44
C ASN C 673 -3.65 14.82 22.04
N HIS C 674 -4.50 14.85 21.00
CA HIS C 674 -3.99 14.92 19.64
C HIS C 674 -3.28 16.25 19.38
N ASN C 675 -3.80 17.33 19.95
CA ASN C 675 -3.17 18.65 19.87
C ASN C 675 -1.79 18.65 20.51
N SER C 676 -1.67 18.04 21.69
CA SER C 676 -0.38 18.00 22.37
C SER C 676 0.62 17.12 21.61
N ARG C 677 0.14 16.01 21.03
CA ARG C 677 1.01 15.16 20.22
C ARG C 677 1.50 15.88 18.96
N ASP C 678 0.62 16.62 18.28
CA ASP C 678 1.04 17.36 17.09
C ASP C 678 2.04 18.46 17.43
N PHE C 679 1.79 19.22 18.50
CA PHE C 679 2.68 20.34 18.84
C PHE C 679 4.04 19.83 19.33
N GLY C 680 4.05 18.72 20.07
CA GLY C 680 5.30 18.09 20.42
C GLY C 680 6.05 17.53 19.22
N GLN C 681 5.29 17.05 18.22
CA GLN C 681 5.94 16.57 17.00
C GLN C 681 6.55 17.72 16.20
N LEU C 682 5.90 18.89 16.25
CA LEU C 682 6.51 20.11 15.70
C LEU C 682 7.81 20.44 16.42
N ALA C 683 7.82 20.31 17.74
CA ALA C 683 9.02 20.57 18.53
C ALA C 683 10.15 19.60 18.15
N VAL C 684 9.82 18.33 17.97
CA VAL C 684 10.81 17.32 17.58
C VAL C 684 11.36 17.59 16.19
N GLU C 685 10.50 17.92 15.23
CA GLU C 685 10.97 18.13 13.87
C GLU C 685 11.77 19.43 13.75
N LEU C 686 11.42 20.45 14.55
CA LEU C 686 12.26 21.64 14.64
C LEU C 686 13.62 21.33 15.27
N LEU C 687 13.63 20.43 16.27
CA LEU C 687 14.89 19.96 16.84
C LEU C 687 15.75 19.26 15.79
N ASP C 688 15.14 18.39 14.97
CA ASP C 688 15.87 17.69 13.93
C ASP C 688 16.45 18.65 12.89
N GLN C 689 15.66 19.65 12.47
CA GLN C 689 16.16 20.63 11.51
C GLN C 689 17.29 21.48 12.10
N SER C 690 17.14 21.90 13.35
CA SER C 690 18.17 22.69 14.02
C SER C 690 19.44 21.87 14.24
N TYR C 691 19.30 20.55 14.42
CA TYR C 691 20.47 19.71 14.57
C TYR C 691 21.16 19.48 13.22
N LYS C 692 20.38 19.41 12.14
CA LYS C 692 20.97 19.25 10.81
C LYS C 692 21.73 20.50 10.37
N GLN C 693 21.21 21.69 10.68
CA GLN C 693 21.91 22.90 10.25
C GLN C 693 23.21 23.13 11.03
N ASP C 694 23.10 23.35 12.35
CA ASP C 694 24.28 23.71 13.15
C ASP C 694 24.08 23.14 14.55
N GLU C 695 25.00 22.28 14.95
CA GLU C 695 24.91 21.58 16.23
C GLU C 695 25.10 22.49 17.42
N GLN C 696 26.08 23.40 17.35
CA GLN C 696 26.42 24.26 18.50
C GLN C 696 25.30 25.24 18.81
N LEU C 697 24.74 25.88 17.77
CA LEU C 697 23.58 26.72 17.96
C LEU C 697 22.33 25.93 18.36
N ALA C 698 22.27 24.64 18.02
CA ALA C 698 21.19 23.80 18.52
C ALA C 698 21.31 23.58 20.02
N MET C 699 22.53 23.33 20.51
CA MET C 699 22.76 23.25 21.95
C MET C 699 22.43 24.57 22.64
N LYS C 700 22.79 25.69 22.00
CA LYS C 700 22.43 27.00 22.53
C LYS C 700 20.92 27.20 22.56
N LEU C 701 20.21 26.68 21.55
CA LEU C 701 18.74 26.75 21.52
C LEU C 701 18.12 25.97 22.66
N LEU C 702 18.58 24.74 22.90
CA LEU C 702 18.00 23.95 23.99
C LEU C 702 18.44 24.44 25.37
N THR C 703 19.55 25.19 25.47
CA THR C 703 19.91 25.79 26.77
C THR C 703 20.14 27.29 26.61
N TYR C 704 19.08 28.07 26.81
CA TYR C 704 19.22 29.47 27.16
C TYR C 704 18.05 29.83 28.06
N GLU C 705 18.20 30.90 28.84
CA GLU C 705 17.17 31.26 29.81
C GLU C 705 16.03 31.97 29.10
N LEU C 706 14.89 31.30 29.00
CA LEU C 706 13.66 31.85 28.43
C LEU C 706 13.06 32.82 29.43
N LYS C 707 13.31 34.11 29.22
CA LYS C 707 12.79 35.14 30.12
C LYS C 707 11.27 35.22 30.06
N ASN C 708 10.67 34.83 28.94
CA ASN C 708 9.23 34.93 28.75
C ASN C 708 8.48 33.68 29.18
N TRP C 709 9.19 32.62 29.58
CA TRP C 709 8.56 31.33 29.85
C TRP C 709 8.95 30.83 31.23
N SER C 710 8.97 31.77 32.18
CA SER C 710 9.22 31.56 33.61
C SER C 710 10.61 30.94 33.82
N ASN C 711 11.59 31.65 33.24
CA ASN C 711 13.02 31.53 33.51
C ASN C 711 13.57 30.10 33.43
N ALA C 712 13.14 29.33 32.44
CA ALA C 712 13.52 27.94 32.31
C ALA C 712 14.21 27.72 30.96
N THR C 713 14.48 26.46 30.64
CA THR C 713 15.01 26.09 29.34
C THR C 713 14.00 25.19 28.65
N CYS C 714 14.28 24.89 27.38
CA CYS C 714 13.38 24.02 26.62
C CYS C 714 13.43 22.59 27.15
N LEU C 715 14.59 22.16 27.67
CA LEU C 715 14.69 20.85 28.29
C LEU C 715 13.79 20.72 29.51
N GLN C 716 13.77 21.76 30.36
CA GLN C 716 12.92 21.74 31.55
C GLN C 716 11.45 21.73 31.18
N LEU C 717 11.08 22.48 30.13
CA LEU C 717 9.69 22.53 29.70
C LEU C 717 9.25 21.21 29.09
N ALA C 718 10.15 20.53 28.39
CA ALA C 718 9.80 19.25 27.76
C ALA C 718 9.74 18.13 28.78
N VAL C 719 10.64 18.15 29.76
CA VAL C 719 10.61 17.15 30.85
C VAL C 719 9.40 17.40 31.74
N ALA C 720 9.00 18.66 31.88
CA ALA C 720 7.70 18.96 32.49
C ALA C 720 6.56 18.36 31.69
N ALA C 721 6.68 18.34 30.36
CA ALA C 721 5.66 17.81 29.46
C ALA C 721 5.73 16.31 29.29
N LYS C 722 6.67 15.64 29.99
CA LYS C 722 6.88 14.18 29.95
C LYS C 722 7.11 13.68 28.53
N HIS C 723 7.77 14.50 27.72
CA HIS C 723 7.71 14.34 26.27
C HIS C 723 8.94 13.55 25.83
N ARG C 724 8.66 12.31 25.43
CA ARG C 724 9.68 11.26 25.42
C ARG C 724 10.68 11.42 24.29
N ASP C 725 10.20 11.70 23.08
CA ASP C 725 11.10 11.70 21.93
C ASP C 725 11.71 13.07 21.67
N PHE C 726 11.45 14.06 22.53
CA PHE C 726 12.30 15.25 22.52
C PHE C 726 13.64 14.95 23.17
N ILE C 727 13.63 14.48 24.42
CA ILE C 727 14.87 14.01 25.04
C ILE C 727 14.92 12.53 24.72
N ALA C 728 15.22 12.22 23.46
CA ALA C 728 15.64 10.91 22.99
C ALA C 728 16.64 11.16 21.88
N HIS C 729 16.65 12.40 21.40
CA HIS C 729 17.33 12.77 20.17
C HIS C 729 18.81 12.99 20.46
N THR C 730 19.65 12.84 19.43
CA THR C 730 21.12 12.94 19.52
C THR C 730 21.60 14.25 20.13
N CYS C 731 20.92 15.36 19.81
CA CYS C 731 21.28 16.66 20.38
C CYS C 731 21.11 16.69 21.90
N SER C 732 19.94 16.29 22.38
CA SER C 732 19.65 16.34 23.82
C SER C 732 20.49 15.31 24.59
N GLN C 733 20.66 14.11 24.03
CA GLN C 733 21.48 13.09 24.68
C GLN C 733 22.96 13.48 24.69
N MET C 734 23.44 14.11 23.61
CA MET C 734 24.82 14.57 23.58
C MET C 734 25.04 15.68 24.59
N LEU C 735 24.06 16.57 24.75
CA LEU C 735 24.15 17.63 25.73
C LEU C 735 24.12 17.09 27.16
N LEU C 736 23.26 16.08 27.41
CA LEU C 736 23.20 15.47 28.74
C LEU C 736 24.46 14.66 29.04
N THR C 737 25.03 14.01 28.03
CA THR C 737 26.28 13.29 28.20
C THR C 737 27.44 14.24 28.49
N ASP C 738 27.46 15.39 27.81
CA ASP C 738 28.47 16.41 28.08
C ASP C 738 28.30 17.00 29.48
N MET C 739 27.05 17.16 29.93
CA MET C 739 26.80 17.61 31.29
C MET C 739 27.14 16.53 32.31
N TRP C 740 27.05 15.25 31.90
CA TRP C 740 27.11 14.13 32.84
C TRP C 740 28.50 13.93 33.39
N MET C 741 29.52 14.25 32.61
CA MET C 741 30.89 13.92 32.96
C MET C 741 31.73 15.16 33.26
N GLY C 742 31.14 16.35 33.18
CA GLY C 742 31.84 17.56 33.63
C GLY C 742 32.91 17.99 32.65
N ARG C 743 34.07 18.36 33.20
CA ARG C 743 35.23 18.76 32.42
C ARG C 743 36.24 17.62 32.30
N LEU C 744 35.75 16.39 32.14
CA LEU C 744 36.59 15.20 32.09
C LEU C 744 36.51 14.59 30.71
N ARG C 745 37.67 14.46 30.05
CA ARG C 745 37.74 13.88 28.71
C ARG C 745 38.22 12.44 28.71
N MET C 746 38.50 11.85 29.87
CA MET C 746 38.84 10.43 29.98
C MET C 746 37.54 9.64 30.07
N ARG C 747 36.79 9.67 28.97
CA ARG C 747 35.37 9.36 28.99
C ARG C 747 35.00 8.27 27.98
N LYS C 748 35.93 7.36 27.73
CA LYS C 748 35.73 6.18 26.91
C LYS C 748 35.86 4.96 27.80
N ASN C 749 34.83 4.10 27.80
CA ASN C 749 34.68 2.94 28.68
C ASN C 749 34.84 3.36 30.14
N SER C 750 34.00 4.31 30.53
CA SER C 750 34.06 4.90 31.86
C SER C 750 33.31 4.02 32.86
N GLY C 751 33.09 4.54 34.07
CA GLY C 751 32.50 3.77 35.13
C GLY C 751 33.55 3.07 35.97
N LEU C 752 34.27 2.12 35.35
CA LEU C 752 35.38 1.45 36.03
C LEU C 752 36.51 2.43 36.33
N LYS C 753 36.80 3.34 35.38
CA LYS C 753 37.80 4.37 35.61
C LYS C 753 37.35 5.36 36.68
N VAL C 754 36.05 5.65 36.74
CA VAL C 754 35.50 6.53 37.76
C VAL C 754 35.63 5.89 39.15
N ILE C 755 35.33 4.59 39.25
CA ILE C 755 35.48 3.88 40.52
C ILE C 755 36.95 3.78 40.93
N LEU C 756 37.84 3.53 39.97
CA LEU C 756 39.26 3.48 40.27
C LEU C 756 39.82 4.85 40.66
N GLY C 757 39.26 5.93 40.13
CA GLY C 757 39.65 7.25 40.57
C GLY C 757 39.09 7.61 41.93
N ILE C 758 37.91 7.09 42.27
CA ILE C 758 37.34 7.30 43.60
C ILE C 758 38.17 6.57 44.65
N LEU C 759 38.51 5.31 44.39
CA LEU C 759 39.21 4.50 45.38
C LEU C 759 40.68 4.90 45.49
N LEU C 760 41.30 5.30 44.38
CA LEU C 760 42.70 5.70 44.37
C LEU C 760 42.82 7.18 44.09
N PRO C 761 43.19 8.00 45.08
CA PRO C 761 43.45 9.43 44.82
C PRO C 761 44.61 9.72 43.86
N PRO C 762 45.65 8.85 43.72
CA PRO C 762 46.58 9.07 42.59
C PRO C 762 45.99 8.80 41.20
N SER C 763 44.83 8.14 41.09
CA SER C 763 44.34 7.72 39.78
C SER C 763 43.79 8.88 38.95
N ILE C 764 43.49 10.02 39.58
CA ILE C 764 42.95 11.17 38.86
C ILE C 764 43.99 11.76 37.91
N LEU C 765 45.26 11.76 38.33
CA LEU C 765 46.34 12.38 37.55
C LEU C 765 46.64 11.66 36.25
N SER C 766 46.18 10.42 36.08
CA SER C 766 46.34 9.68 34.83
C SER C 766 45.09 9.73 33.95
N LEU C 767 44.28 10.77 34.12
CA LEU C 767 43.02 10.90 33.38
C LEU C 767 43.04 12.17 32.55
N GLU C 768 42.51 12.11 31.34
CA GLU C 768 42.42 13.27 30.47
C GLU C 768 41.31 14.21 30.94
N PHE C 769 41.56 15.50 30.84
CA PHE C 769 40.61 16.52 31.26
C PHE C 769 40.41 17.54 30.15
N LYS C 770 39.16 17.97 29.97
CA LYS C 770 38.85 18.99 28.98
C LYS C 770 39.35 20.36 29.42
N ASN C 771 39.87 21.12 28.46
CA ASN C 771 40.35 22.46 28.72
C ASN C 771 39.18 23.45 28.82
N LYS C 772 39.47 24.62 29.36
CA LYS C 772 38.47 25.67 29.52
C LYS C 772 38.17 26.34 28.17
N LEU C 834 51.20 22.84 42.01
CA LEU C 834 50.21 22.22 42.89
C LEU C 834 48.81 22.73 42.60
N ILE C 835 48.74 23.95 42.05
CA ILE C 835 47.43 24.52 41.69
C ILE C 835 46.77 23.81 40.51
N PRO C 836 47.48 23.39 39.44
CA PRO C 836 46.82 22.49 38.46
C PRO C 836 46.37 21.16 39.05
N LEU C 837 47.11 20.60 40.02
CA LEU C 837 46.68 19.36 40.65
C LEU C 837 45.38 19.55 41.43
N GLY C 838 45.30 20.67 42.18
CA GLY C 838 44.06 20.99 42.87
C GLY C 838 42.91 21.27 41.92
N ARG C 839 43.23 21.87 40.76
CA ARG C 839 42.22 22.08 39.72
C ARG C 839 41.70 20.76 39.17
N LYS C 840 42.59 19.79 38.93
CA LYS C 840 42.14 18.49 38.43
C LYS C 840 41.33 17.72 39.46
N ILE C 841 41.71 17.81 40.75
CA ILE C 841 40.92 17.15 41.80
C ILE C 841 39.55 17.82 41.93
N TYR C 842 39.50 19.15 41.92
CA TYR C 842 38.24 19.87 42.06
C TYR C 842 37.36 19.72 40.83
N GLU C 843 37.94 19.44 39.66
CA GLU C 843 37.16 19.16 38.47
C GLU C 843 36.66 17.72 38.44
N PHE C 844 37.47 16.78 38.96
CA PHE C 844 37.05 15.38 38.99
C PHE C 844 35.95 15.15 40.01
N TYR C 845 36.11 15.67 41.22
CA TYR C 845 35.18 15.36 42.30
C TYR C 845 33.92 16.19 42.26
N ASN C 846 33.85 17.19 41.37
CA ASN C 846 32.63 17.96 41.18
C ASN C 846 32.04 17.58 39.83
N ALA C 847 32.09 16.29 39.48
CA ALA C 847 31.50 15.77 38.25
C ALA C 847 30.30 14.90 38.61
N PRO C 848 29.18 14.98 37.87
CA PRO C 848 27.98 14.19 38.23
C PRO C 848 28.17 12.68 38.26
N ILE C 849 28.94 12.09 37.35
CA ILE C 849 29.17 10.65 37.33
C ILE C 849 29.99 10.22 38.54
N VAL C 850 30.93 11.07 38.95
CA VAL C 850 31.77 10.79 40.10
C VAL C 850 30.94 10.85 41.37
N LYS C 851 30.06 11.86 41.46
CA LYS C 851 29.13 11.99 42.57
C LYS C 851 28.16 10.82 42.63
N PHE C 852 27.69 10.36 41.47
CA PHE C 852 26.87 9.15 41.35
C PHE C 852 27.53 7.91 41.95
N TRP C 853 28.69 7.52 41.41
CA TRP C 853 29.35 6.30 41.87
C TRP C 853 29.84 6.44 43.31
N PHE C 854 30.12 7.66 43.74
CA PHE C 854 30.70 7.91 45.04
C PHE C 854 29.61 7.87 46.13
N TYR C 855 28.43 8.41 45.81
CA TYR C 855 27.25 8.19 46.64
C TYR C 855 26.80 6.73 46.63
N THR C 856 26.94 6.03 45.50
CA THR C 856 26.53 4.62 45.45
C THR C 856 27.42 3.75 46.33
N LEU C 857 28.74 4.03 46.33
CA LEU C 857 29.64 3.34 47.25
C LEU C 857 29.31 3.65 48.70
N ALA C 858 28.96 4.91 48.99
CA ALA C 858 28.52 5.27 50.34
C ALA C 858 27.23 4.55 50.72
N TYR C 859 26.34 4.33 49.76
CA TYR C 859 25.06 3.67 50.05
C TYR C 859 25.25 2.17 50.27
N ILE C 860 26.16 1.56 49.50
CA ILE C 860 26.52 0.16 49.70
C ILE C 860 27.14 -0.02 51.08
N GLY C 861 28.01 0.92 51.48
CA GLY C 861 28.54 0.96 52.83
C GLY C 861 27.48 1.07 53.91
N TYR C 862 26.48 1.95 53.68
CA TYR C 862 25.31 2.03 54.57
C TYR C 862 24.61 0.70 54.75
N LEU C 863 24.33 0.00 53.64
CA LEU C 863 23.56 -1.23 53.73
C LEU C 863 24.34 -2.32 54.46
N MET C 864 25.64 -2.44 54.16
CA MET C 864 26.49 -3.43 54.82
C MET C 864 26.65 -3.12 56.31
N LEU C 865 26.83 -1.84 56.66
CA LEU C 865 26.95 -1.49 58.08
C LEU C 865 25.65 -1.68 58.86
N PHE C 866 24.48 -1.50 58.22
CA PHE C 866 23.26 -1.64 59.00
C PHE C 866 22.99 -3.13 59.22
N ASN C 867 23.29 -3.95 58.21
CA ASN C 867 23.24 -5.40 58.37
C ASN C 867 24.20 -5.85 59.47
N TYR C 868 25.36 -5.20 59.55
CA TYR C 868 26.25 -5.49 60.67
C TYR C 868 25.71 -5.02 62.02
N ILE C 869 24.83 -4.02 62.12
CA ILE C 869 24.38 -3.61 63.44
C ILE C 869 23.10 -4.31 63.88
N VAL C 870 22.38 -5.01 63.00
CA VAL C 870 21.17 -5.73 63.41
C VAL C 870 21.32 -7.24 63.28
N LEU C 871 22.29 -7.73 62.50
CA LEU C 871 22.63 -9.14 62.60
C LEU C 871 23.47 -9.41 63.85
N VAL C 872 24.34 -8.47 64.21
CA VAL C 872 24.95 -8.40 65.53
C VAL C 872 23.95 -7.66 66.42
N LYS C 873 23.99 -7.87 67.74
CA LYS C 873 22.91 -7.42 68.60
C LYS C 873 23.16 -6.00 69.11
N MET C 874 22.24 -5.54 69.96
CA MET C 874 22.26 -4.21 70.53
C MET C 874 22.44 -4.29 72.05
N GLU C 875 22.56 -3.13 72.67
CA GLU C 875 22.82 -2.97 74.11
C GLU C 875 21.93 -1.83 74.60
N ARG C 876 22.27 -1.25 75.75
CA ARG C 876 21.63 -0.02 76.16
C ARG C 876 22.04 1.13 75.23
N TRP C 877 23.33 1.40 75.15
CA TRP C 877 23.83 2.45 74.26
C TRP C 877 24.22 1.85 72.91
N PRO C 878 24.05 2.60 71.81
CA PRO C 878 24.36 2.05 70.50
C PRO C 878 25.86 1.85 70.28
N SER C 879 26.17 0.91 69.40
CA SER C 879 27.54 0.68 68.97
C SER C 879 27.99 1.78 68.01
N THR C 880 29.30 1.81 67.74
CA THR C 880 29.90 2.85 66.91
C THR C 880 29.36 2.82 65.49
N GLN C 881 29.19 1.62 64.93
CA GLN C 881 28.65 1.47 63.59
C GLN C 881 27.20 1.92 63.52
N GLU C 882 26.45 1.75 64.62
CA GLU C 882 25.08 2.26 64.65
C GLU C 882 25.07 3.79 64.73
N TRP C 883 26.07 4.37 65.40
CA TRP C 883 26.20 5.82 65.40
C TRP C 883 26.52 6.33 64.00
N ILE C 884 27.27 5.55 63.21
CA ILE C 884 27.49 5.88 61.81
C ILE C 884 26.17 5.84 61.03
N VAL C 885 25.33 4.83 61.29
CA VAL C 885 24.02 4.74 60.63
C VAL C 885 23.11 5.93 60.99
N ILE C 886 23.14 6.33 62.26
CA ILE C 886 22.34 7.47 62.73
C ILE C 886 22.82 8.77 62.08
N SER C 887 24.13 8.95 61.96
CA SER C 887 24.66 10.14 61.29
C SER C 887 24.32 10.17 59.81
N TYR C 888 24.38 9.00 59.14
CA TYR C 888 23.85 8.84 57.78
C TYR C 888 22.43 9.37 57.63
N ILE C 889 21.53 8.90 58.51
CA ILE C 889 20.11 9.29 58.39
C ILE C 889 19.91 10.77 58.68
N PHE C 890 20.54 11.27 59.74
CA PHE C 890 20.31 12.67 60.15
C PHE C 890 20.84 13.66 59.13
N THR C 891 22.05 13.45 58.62
CA THR C 891 22.54 14.37 57.60
C THR C 891 21.89 14.12 56.24
N LEU C 892 21.31 12.93 56.01
CA LEU C 892 20.38 12.78 54.89
C LEU C 892 19.17 13.69 55.04
N GLY C 893 18.65 13.79 56.27
CA GLY C 893 17.55 14.71 56.54
C GLY C 893 17.94 16.16 56.31
N ILE C 894 19.18 16.51 56.68
CA ILE C 894 19.69 17.86 56.43
C ILE C 894 19.79 18.13 54.93
N GLU C 895 20.23 17.13 54.16
CA GLU C 895 20.23 17.26 52.70
C GLU C 895 18.83 17.43 52.12
N LYS C 896 17.85 16.68 52.63
CA LYS C 896 16.47 16.83 52.15
C LYS C 896 15.91 18.21 52.48
N MET C 897 16.28 18.74 53.66
CA MET C 897 15.92 20.12 54.00
C MET C 897 16.57 21.12 53.04
N ARG C 898 17.83 20.88 52.64
CA ARG C 898 18.47 21.84 51.74
C ARG C 898 17.81 21.76 50.36
N GLU C 899 17.36 20.57 49.97
CA GLU C 899 16.56 20.40 48.76
C GLU C 899 15.24 21.17 48.81
N ILE C 900 14.56 21.15 49.96
CA ILE C 900 13.32 21.93 50.10
C ILE C 900 13.57 23.43 50.03
N LEU C 901 14.53 23.94 50.81
CA LEU C 901 14.74 25.40 50.87
C LEU C 901 15.38 25.95 49.59
N MET C 902 16.33 25.24 49.01
CA MET C 902 16.96 25.71 47.77
C MET C 902 16.25 25.21 46.52
N SER C 903 14.93 25.36 46.43
CA SER C 903 14.21 24.99 45.22
C SER C 903 13.77 26.23 44.43
N GLU C 904 13.06 26.00 43.33
CA GLU C 904 12.67 27.03 42.38
C GLU C 904 11.51 27.95 42.80
N PRO C 905 10.42 27.50 43.46
CA PRO C 905 9.39 28.48 43.87
C PRO C 905 9.86 29.42 44.97
N GLY C 906 8.96 30.31 45.37
CA GLY C 906 9.32 31.37 46.30
C GLY C 906 8.69 31.27 47.68
N LYS C 907 7.48 30.71 47.76
CA LYS C 907 6.81 30.52 49.04
C LYS C 907 7.27 29.20 49.63
N LEU C 908 7.39 29.15 50.97
CA LEU C 908 7.90 27.96 51.65
C LEU C 908 6.95 26.78 51.49
N LEU C 909 5.64 27.02 51.59
CA LEU C 909 4.66 25.97 51.39
C LEU C 909 4.67 25.49 49.94
N GLN C 910 4.94 26.40 49.00
CA GLN C 910 5.10 26.02 47.60
C GLN C 910 6.31 25.12 47.42
N LYS C 911 7.43 25.45 48.09
CA LYS C 911 8.62 24.61 48.09
C LYS C 911 8.33 23.22 48.62
N VAL C 912 7.59 23.15 49.74
CA VAL C 912 7.24 21.88 50.37
C VAL C 912 6.35 21.06 49.44
N LYS C 913 5.35 21.70 48.82
CA LYS C 913 4.42 20.99 47.95
C LYS C 913 5.08 20.47 46.69
N VAL C 914 5.93 21.31 46.05
CA VAL C 914 6.66 20.88 44.86
C VAL C 914 7.65 19.77 45.19
N TRP C 915 8.28 19.82 46.37
CA TRP C 915 9.20 18.76 46.73
C TRP C 915 8.45 17.47 47.10
N LEU C 916 7.23 17.60 47.61
CA LEU C 916 6.39 16.44 47.88
C LEU C 916 5.61 15.96 46.66
N GLN C 917 5.74 16.62 45.51
CA GLN C 917 5.17 16.06 44.29
C GLN C 917 5.82 14.73 43.91
N GLU C 918 7.13 14.60 44.13
CA GLU C 918 7.82 13.36 43.85
C GLU C 918 7.45 12.31 44.88
N TYR C 919 7.15 11.10 44.42
CA TYR C 919 6.76 10.01 45.32
C TYR C 919 7.94 9.56 46.18
N TRP C 920 9.12 9.49 45.56
CA TRP C 920 10.30 8.99 46.27
C TRP C 920 10.75 9.96 47.35
N ASN C 921 10.55 11.26 47.15
CA ASN C 921 10.87 12.24 48.20
C ASN C 921 9.96 12.06 49.41
N VAL C 922 8.66 11.80 49.17
CA VAL C 922 7.71 11.55 50.25
C VAL C 922 8.11 10.30 51.03
N THR C 923 8.45 9.24 50.31
CA THR C 923 8.82 7.99 50.98
C THR C 923 10.18 8.07 51.68
N ASP C 924 11.10 8.91 51.17
CA ASP C 924 12.32 9.25 51.92
C ASP C 924 11.99 9.95 53.24
N LEU C 925 11.06 10.91 53.19
CA LEU C 925 10.67 11.63 54.41
C LEU C 925 10.04 10.68 55.43
N ILE C 926 9.18 9.76 54.94
CA ILE C 926 8.57 8.75 55.81
C ILE C 926 9.63 7.85 56.43
N ALA C 927 10.64 7.45 55.63
CA ALA C 927 11.72 6.62 56.13
C ALA C 927 12.54 7.32 57.21
N ILE C 928 12.83 8.61 57.02
CA ILE C 928 13.59 9.36 58.02
C ILE C 928 12.81 9.53 59.32
N LEU C 929 11.49 9.81 59.24
CA LEU C 929 10.71 9.94 60.48
C LEU C 929 10.55 8.62 61.22
N LEU C 930 10.32 7.51 60.50
CA LEU C 930 10.26 6.22 61.19
C LEU C 930 11.62 5.76 61.74
N PHE C 931 12.73 6.11 61.09
CA PHE C 931 14.00 5.72 61.69
C PHE C 931 14.30 6.61 62.91
N SER C 932 13.85 7.86 62.87
CA SER C 932 14.06 8.75 64.01
C SER C 932 13.27 8.31 65.22
N VAL C 933 12.01 7.90 65.02
CA VAL C 933 11.21 7.41 66.15
C VAL C 933 11.72 6.03 66.57
N GLY C 934 12.32 5.30 65.63
CA GLY C 934 13.05 4.08 65.93
C GLY C 934 14.23 4.28 66.84
N MET C 935 14.97 5.37 66.61
CA MET C 935 16.14 5.65 67.46
C MET C 935 15.68 6.14 68.83
N ILE C 936 14.55 6.86 68.89
CA ILE C 936 13.96 7.24 70.17
C ILE C 936 13.53 6.00 70.96
N LEU C 937 12.86 5.05 70.30
CA LEU C 937 12.43 3.84 71.00
C LEU C 937 13.62 2.93 71.31
N ARG C 938 14.70 3.03 70.53
CA ARG C 938 15.91 2.26 70.78
C ARG C 938 16.70 2.79 71.97
N LEU C 939 16.82 4.11 72.12
CA LEU C 939 17.52 4.66 73.28
C LEU C 939 16.74 4.50 74.58
N GLN C 940 15.44 4.28 74.50
CA GLN C 940 14.64 3.86 75.64
C GLN C 940 14.87 2.37 75.84
N ASP C 941 15.11 1.96 77.08
CA ASP C 941 15.27 0.54 77.39
C ASP C 941 13.93 -0.19 77.29
N GLN C 942 14.01 -1.54 77.38
CA GLN C 942 12.95 -2.54 77.19
C GLN C 942 11.64 -2.18 77.88
N PRO C 943 10.47 -2.44 77.25
CA PRO C 943 10.25 -3.19 76.00
C PRO C 943 10.31 -2.39 74.69
N PHE C 944 10.73 -1.12 74.67
CA PHE C 944 10.62 -0.33 73.44
C PHE C 944 11.79 -0.59 72.49
N ARG C 945 12.89 -1.15 73.01
CA ARG C 945 14.07 -1.41 72.19
C ARG C 945 13.81 -2.46 71.10
N SER C 946 13.02 -3.48 71.45
CA SER C 946 12.63 -4.49 70.46
C SER C 946 11.79 -3.89 69.34
N ASP C 947 10.85 -3.00 69.68
CA ASP C 947 10.02 -2.35 68.66
C ASP C 947 10.84 -1.42 67.79
N GLY C 948 11.85 -0.77 68.37
CA GLY C 948 12.82 -0.01 67.60
C GLY C 948 13.58 -0.86 66.59
N ARG C 949 14.00 -2.06 67.02
CA ARG C 949 14.61 -3.03 66.12
C ARG C 949 13.67 -3.42 64.98
N VAL C 950 12.39 -3.63 65.30
CA VAL C 950 11.39 -4.01 64.29
C VAL C 950 11.19 -2.92 63.23
N ILE C 951 11.05 -1.67 63.66
CA ILE C 951 10.73 -0.65 62.66
C ILE C 951 11.99 -0.23 61.90
N TYR C 952 13.17 -0.40 62.52
CA TYR C 952 14.43 -0.41 61.77
C TYR C 952 14.42 -1.45 60.66
N CYS C 953 14.06 -2.69 61.01
CA CYS C 953 13.97 -3.83 60.12
C CYS C 953 13.00 -3.64 58.95
N VAL C 954 11.90 -2.92 59.16
CA VAL C 954 10.96 -2.61 58.08
C VAL C 954 11.49 -1.47 57.20
N ASN C 955 12.17 -0.50 57.84
CA ASN C 955 12.79 0.60 57.11
C ASN C 955 13.88 0.12 56.16
N ILE C 956 14.45 -1.06 56.41
CA ILE C 956 15.48 -1.57 55.51
C ILE C 956 14.90 -2.35 54.33
N ILE C 957 13.71 -2.94 54.48
CA ILE C 957 12.93 -3.31 53.30
C ILE C 957 12.71 -2.10 52.40
N TYR C 958 12.35 -0.97 53.01
CA TYR C 958 12.24 0.26 52.24
C TYR C 958 13.60 0.68 51.63
N TRP C 959 14.67 0.65 52.42
CA TRP C 959 15.95 1.18 51.94
C TRP C 959 16.61 0.26 50.92
N TYR C 960 16.21 -1.00 50.82
CA TYR C 960 16.64 -1.79 49.68
C TYR C 960 15.79 -1.51 48.45
N ILE C 961 14.49 -1.26 48.61
CA ILE C 961 13.68 -0.93 47.43
C ILE C 961 13.97 0.50 46.95
N ARG C 962 14.63 1.30 47.78
CA ARG C 962 15.08 2.63 47.37
C ARG C 962 16.13 2.56 46.24
N LEU C 963 16.84 1.43 46.13
CA LEU C 963 17.88 1.27 45.11
C LEU C 963 17.32 1.14 43.69
N LEU C 964 16.00 1.00 43.53
CA LEU C 964 15.42 0.79 42.20
C LEU C 964 15.51 2.05 41.35
N ASP C 965 15.30 3.17 42.04
CA ASP C 965 15.47 4.48 41.40
C ASP C 965 16.78 4.43 40.64
N ILE C 966 17.87 4.29 41.37
CA ILE C 966 19.20 4.28 40.73
C ILE C 966 19.20 3.17 39.69
N PHE C 967 18.66 1.99 40.01
CA PHE C 967 18.72 0.86 39.06
C PHE C 967 18.10 1.30 37.76
N GLY C 968 17.47 2.46 37.77
CA GLY C 968 16.93 3.02 36.54
C GLY C 968 17.94 3.65 35.60
N VAL C 969 19.20 3.83 36.01
CA VAL C 969 20.27 4.27 35.12
C VAL C 969 20.55 3.26 34.03
N ASN C 970 20.68 1.98 34.41
CA ASN C 970 21.16 0.95 33.51
C ASN C 970 20.16 0.67 32.39
N LYS C 971 20.69 0.41 31.18
CA LYS C 971 19.86 0.18 30.01
C LYS C 971 19.04 -1.11 30.09
N TYR C 972 19.43 -2.03 30.97
CA TYR C 972 18.78 -3.33 31.10
C TYR C 972 18.00 -3.48 32.39
N LEU C 973 18.28 -2.66 33.40
CA LEU C 973 17.60 -2.77 34.69
C LEU C 973 16.35 -1.90 34.76
N GLY C 974 16.44 -0.68 34.21
CA GLY C 974 15.37 0.29 34.24
C GLY C 974 14.03 -0.12 33.64
N PRO C 975 14.04 -0.72 32.44
CA PRO C 975 12.81 -1.36 31.94
C PRO C 975 12.21 -2.40 32.87
N TYR C 976 13.05 -3.20 33.54
CA TYR C 976 12.56 -4.19 34.50
C TYR C 976 11.94 -3.51 35.72
N VAL C 977 12.52 -2.39 36.16
CA VAL C 977 11.95 -1.62 37.27
C VAL C 977 10.59 -1.05 36.88
N MET C 978 10.46 -0.58 35.62
CA MET C 978 9.18 -0.07 35.14
C MET C 978 8.16 -1.20 35.01
N MET C 979 8.63 -2.41 34.69
CA MET C 979 7.79 -3.61 34.76
C MET C 979 7.28 -3.87 36.17
N ILE C 980 8.15 -3.73 37.18
CA ILE C 980 7.76 -3.91 38.58
C ILE C 980 6.67 -2.90 38.94
N GLY C 981 6.85 -1.65 38.49
CA GLY C 981 5.84 -0.62 38.66
C GLY C 981 4.46 -0.93 38.09
N LYS C 982 4.39 -1.10 36.75
CA LYS C 982 3.13 -1.39 36.09
C LYS C 982 2.52 -2.72 36.57
N MET C 983 3.39 -3.68 36.91
CA MET C 983 2.94 -4.94 37.47
C MET C 983 2.32 -4.75 38.85
N MET C 984 2.79 -3.76 39.62
CA MET C 984 2.18 -3.46 40.91
C MET C 984 0.79 -2.85 40.75
N ILE C 985 0.62 -1.90 39.82
CA ILE C 985 -0.74 -1.37 39.55
C ILE C 985 -1.69 -2.46 39.07
N ASP C 986 -1.24 -3.35 38.18
CA ASP C 986 -2.11 -4.45 37.76
C ASP C 986 -2.32 -5.48 38.87
N MET C 987 -1.31 -5.65 39.73
CA MET C 987 -1.35 -6.64 40.78
C MET C 987 -2.33 -6.24 41.88
N MET C 988 -2.54 -4.94 42.09
CA MET C 988 -3.56 -4.49 43.05
C MET C 988 -4.96 -4.98 42.66
N TYR C 989 -5.30 -4.82 41.38
CA TYR C 989 -6.60 -5.27 40.88
C TYR C 989 -6.69 -6.79 40.94
N PHE C 990 -5.55 -7.45 40.71
CA PHE C 990 -5.54 -8.91 40.85
C PHE C 990 -5.70 -9.35 42.31
N VAL C 991 -5.15 -8.60 43.26
CA VAL C 991 -5.37 -8.93 44.69
C VAL C 991 -6.83 -8.79 45.05
N ILE C 992 -7.52 -7.84 44.42
CA ILE C 992 -8.98 -7.74 44.58
C ILE C 992 -9.67 -9.01 44.06
N ILE C 993 -9.25 -9.51 42.89
CA ILE C 993 -9.84 -10.74 42.33
C ILE C 993 -9.52 -11.97 43.22
N MET C 994 -8.25 -12.08 43.64
CA MET C 994 -7.85 -13.18 44.53
C MET C 994 -8.59 -13.14 45.85
N LEU C 995 -8.84 -11.93 46.36
CA LEU C 995 -9.61 -11.80 47.59
C LEU C 995 -11.04 -12.31 47.40
N VAL C 996 -11.71 -11.86 46.33
CA VAL C 996 -13.14 -12.16 46.19
C VAL C 996 -13.34 -13.64 45.82
N VAL C 997 -12.28 -14.34 45.39
CA VAL C 997 -12.46 -15.79 45.24
C VAL C 997 -11.96 -16.57 46.48
N LEU C 998 -10.68 -16.39 46.82
CA LEU C 998 -10.03 -17.22 47.83
C LEU C 998 -10.57 -16.94 49.23
N MET C 999 -11.05 -15.71 49.48
CA MET C 999 -11.62 -15.40 50.78
C MET C 999 -12.93 -16.13 51.01
N SER C 1000 -13.75 -16.27 49.97
CA SER C 1000 -14.98 -17.07 50.11
C SER C 1000 -14.63 -18.53 50.33
N PHE C 1001 -13.59 -19.03 49.63
CA PHE C 1001 -13.11 -20.38 49.89
C PHE C 1001 -12.64 -20.55 51.35
N GLY C 1002 -11.88 -19.59 51.85
CA GLY C 1002 -11.37 -19.64 53.21
C GLY C 1002 -12.45 -19.58 54.28
N VAL C 1003 -13.44 -18.71 54.07
CA VAL C 1003 -14.59 -18.61 54.96
C VAL C 1003 -15.38 -19.91 54.99
N ALA C 1004 -15.68 -20.47 53.81
CA ALA C 1004 -16.50 -21.67 53.78
C ALA C 1004 -15.74 -22.90 54.26
N ARG C 1005 -14.40 -22.91 54.10
CA ARG C 1005 -13.64 -24.06 54.58
C ARG C 1005 -13.40 -23.99 56.08
N GLN C 1006 -13.19 -22.80 56.63
CA GLN C 1006 -13.08 -22.72 58.09
C GLN C 1006 -14.45 -22.77 58.75
N ALA C 1007 -15.50 -22.72 57.95
CA ALA C 1007 -16.82 -23.12 58.44
C ALA C 1007 -17.04 -24.63 58.41
N ILE C 1008 -16.88 -25.29 57.25
CA ILE C 1008 -17.11 -26.73 57.17
C ILE C 1008 -16.07 -27.51 57.95
N LEU C 1009 -14.80 -27.41 57.57
CA LEU C 1009 -13.75 -27.92 58.43
C LEU C 1009 -13.65 -26.99 59.63
N PHE C 1010 -13.11 -27.48 60.73
CA PHE C 1010 -13.32 -26.95 62.08
C PHE C 1010 -14.78 -26.58 62.36
N PRO C 1011 -15.69 -27.54 62.62
CA PRO C 1011 -17.06 -27.20 63.01
C PRO C 1011 -17.16 -26.43 64.32
N ASN C 1012 -18.34 -25.85 64.55
CA ASN C 1012 -18.89 -25.19 65.76
C ASN C 1012 -17.86 -24.39 66.55
N GLU C 1013 -17.17 -23.47 65.86
CA GLU C 1013 -16.21 -22.60 66.51
C GLU C 1013 -16.91 -21.43 67.18
N GLU C 1014 -16.15 -20.62 67.91
CA GLU C 1014 -16.76 -19.49 68.67
C GLU C 1014 -16.23 -18.16 68.13
N PRO C 1015 -16.99 -17.05 68.22
CA PRO C 1015 -16.57 -15.72 67.66
C PRO C 1015 -15.24 -15.30 68.25
N SER C 1016 -14.24 -15.08 67.39
CA SER C 1016 -12.90 -14.65 67.86
C SER C 1016 -12.09 -14.10 66.67
N TRP C 1017 -11.09 -13.25 66.94
CA TRP C 1017 -10.22 -12.74 65.86
C TRP C 1017 -9.48 -13.92 65.24
N LYS C 1018 -9.15 -14.93 66.04
CA LYS C 1018 -8.45 -16.13 65.54
C LYS C 1018 -9.12 -16.60 64.25
N LEU C 1019 -10.45 -16.43 64.14
CA LEU C 1019 -11.14 -16.94 62.95
C LEU C 1019 -10.70 -16.17 61.70
N ALA C 1020 -10.49 -14.86 61.82
CA ALA C 1020 -9.93 -14.07 60.74
C ALA C 1020 -8.49 -14.50 60.44
N LYS C 1021 -7.70 -14.72 61.49
CA LYS C 1021 -6.32 -15.17 61.36
C LYS C 1021 -6.24 -16.55 60.73
N ASN C 1022 -7.31 -17.34 60.84
CA ASN C 1022 -7.44 -18.52 60.01
C ASN C 1022 -7.71 -18.12 58.56
N ILE C 1023 -8.85 -17.45 58.31
CA ILE C 1023 -9.41 -17.37 56.96
C ILE C 1023 -8.58 -16.58 55.95
N PHE C 1024 -7.90 -15.49 56.34
CA PHE C 1024 -7.14 -14.86 55.25
C PHE C 1024 -5.70 -15.38 55.15
N TYR C 1025 -5.33 -16.42 55.88
CA TYR C 1025 -4.02 -17.04 55.69
C TYR C 1025 -4.06 -18.56 55.56
N MET C 1026 -5.23 -19.18 55.56
CA MET C 1026 -5.31 -20.64 55.54
C MET C 1026 -5.00 -21.27 54.17
N PRO C 1027 -5.43 -20.72 53.01
CA PRO C 1027 -4.88 -21.27 51.76
C PRO C 1027 -3.39 -21.01 51.57
N TYR C 1028 -2.84 -20.01 52.25
CA TYR C 1028 -1.38 -19.85 52.27
C TYR C 1028 -0.71 -20.86 53.20
N TRP C 1029 -1.46 -21.44 54.14
CA TRP C 1029 -0.96 -22.47 55.04
C TRP C 1029 -1.59 -23.83 54.77
N MET C 1030 -2.14 -24.01 53.56
CA MET C 1030 -2.91 -25.20 53.20
C MET C 1030 -2.24 -25.99 52.08
N ILE C 1031 -0.92 -26.21 52.17
CA ILE C 1031 -0.22 -27.04 51.19
C ILE C 1031 -0.72 -28.48 51.26
N TYR C 1032 -1.03 -28.95 52.47
CA TYR C 1032 -1.61 -30.26 52.67
C TYR C 1032 -3.02 -30.16 53.27
N GLY C 1033 -3.73 -29.09 52.96
CA GLY C 1033 -5.06 -28.87 53.48
C GLY C 1033 -6.12 -29.77 52.87
N GLU C 1034 -6.67 -30.67 53.68
CA GLU C 1034 -7.70 -31.59 53.20
C GLU C 1034 -8.70 -31.90 54.31
N THR C 1063 -23.59 -41.48 53.37
CA THR C 1063 -24.64 -41.09 52.44
C THR C 1063 -24.19 -39.95 51.54
N GLY C 1064 -23.87 -38.81 52.16
CA GLY C 1064 -23.41 -37.65 51.43
C GLY C 1064 -22.27 -36.94 52.12
N ALA C 1065 -21.52 -37.66 52.96
CA ALA C 1065 -20.44 -37.08 53.75
C ALA C 1065 -19.22 -36.71 52.93
N TRP C 1066 -19.07 -37.24 51.72
CA TRP C 1066 -17.93 -36.93 50.88
C TRP C 1066 -18.21 -35.84 49.87
N ILE C 1067 -19.48 -35.40 49.76
CA ILE C 1067 -19.97 -34.58 48.65
C ILE C 1067 -19.29 -33.22 48.61
N VAL C 1068 -19.53 -32.39 49.63
CA VAL C 1068 -18.96 -31.05 49.64
C VAL C 1068 -17.45 -31.02 49.86
N PRO C 1069 -16.80 -32.01 50.54
CA PRO C 1069 -15.32 -32.08 50.40
C PRO C 1069 -14.81 -32.28 48.99
N ALA C 1070 -15.49 -33.06 48.15
CA ALA C 1070 -15.00 -33.29 46.79
C ALA C 1070 -15.27 -32.10 45.89
N ILE C 1071 -16.51 -31.59 45.91
CA ILE C 1071 -16.93 -30.47 45.07
C ILE C 1071 -16.15 -29.21 45.43
N MET C 1072 -15.96 -28.97 46.72
CA MET C 1072 -15.33 -27.73 47.14
C MET C 1072 -13.82 -27.77 46.89
N ALA C 1073 -13.20 -28.95 47.02
CA ALA C 1073 -11.77 -29.07 46.72
C ALA C 1073 -11.50 -28.96 45.23
N CYS C 1074 -12.38 -29.53 44.38
CA CYS C 1074 -12.14 -29.38 42.95
C CYS C 1074 -12.44 -27.95 42.49
N TYR C 1075 -13.38 -27.27 43.16
CA TYR C 1075 -13.57 -25.84 42.92
C TYR C 1075 -12.33 -25.04 43.34
N LEU C 1076 -11.69 -25.44 44.44
CA LEU C 1076 -10.44 -24.81 44.87
C LEU C 1076 -9.36 -24.97 43.82
N LEU C 1077 -9.24 -26.19 43.26
CA LEU C 1077 -8.22 -26.47 42.25
C LEU C 1077 -8.45 -25.63 41.00
N VAL C 1078 -9.66 -25.66 40.45
CA VAL C 1078 -9.97 -24.93 39.22
C VAL C 1078 -9.86 -23.42 39.43
N ALA C 1079 -10.34 -22.92 40.58
CA ALA C 1079 -10.27 -21.50 40.88
C ALA C 1079 -8.82 -21.03 41.03
N ASN C 1080 -7.99 -21.84 41.69
CA ASN C 1080 -6.56 -21.51 41.85
C ASN C 1080 -5.84 -21.46 40.51
N ILE C 1081 -6.17 -22.40 39.61
CA ILE C 1081 -5.50 -22.43 38.31
C ILE C 1081 -5.92 -21.23 37.44
N LEU C 1082 -7.23 -20.97 37.40
CA LEU C 1082 -7.74 -19.82 36.60
C LEU C 1082 -7.10 -18.53 37.13
N LEU C 1083 -6.99 -18.39 38.46
CA LEU C 1083 -6.41 -17.17 39.07
C LEU C 1083 -4.93 -17.05 38.65
N VAL C 1084 -4.11 -18.04 39.01
CA VAL C 1084 -2.68 -17.99 38.67
C VAL C 1084 -2.48 -17.64 37.21
N ASN C 1085 -3.37 -18.16 36.36
CA ASN C 1085 -3.23 -17.97 34.93
C ASN C 1085 -3.76 -16.62 34.46
N LEU C 1086 -4.80 -16.10 35.11
CA LEU C 1086 -5.20 -14.70 34.97
C LEU C 1086 -4.02 -13.77 35.24
N LEU C 1087 -3.28 -14.07 36.30
CA LEU C 1087 -2.14 -13.25 36.68
C LEU C 1087 -1.00 -13.36 35.66
N ILE C 1088 -0.73 -14.57 35.16
CA ILE C 1088 0.34 -14.76 34.19
C ILE C 1088 0.00 -14.07 32.86
N ALA C 1089 -1.28 -14.13 32.45
CA ALA C 1089 -1.72 -13.43 31.25
C ALA C 1089 -1.57 -11.92 31.39
N VAL C 1090 -1.97 -11.38 32.55
CA VAL C 1090 -1.88 -9.94 32.79
C VAL C 1090 -0.42 -9.49 32.80
N PHE C 1091 0.46 -10.24 33.47
CA PHE C 1091 1.87 -9.84 33.53
C PHE C 1091 2.57 -10.04 32.20
N ASN C 1092 2.11 -11.00 31.39
CA ASN C 1092 2.71 -11.22 30.08
C ASN C 1092 2.32 -10.12 29.10
N ASN C 1093 1.09 -9.60 29.20
CA ASN C 1093 0.67 -8.55 28.27
C ASN C 1093 1.36 -7.22 28.57
N THR C 1094 1.53 -6.91 29.86
CA THR C 1094 2.06 -5.61 30.31
C THR C 1094 3.49 -5.39 29.81
N PHE C 1095 4.24 -6.46 29.66
CA PHE C 1095 5.63 -6.39 29.23
C PHE C 1095 5.73 -5.90 27.77
N PHE C 1096 4.69 -6.17 26.98
CA PHE C 1096 4.73 -5.89 25.55
C PHE C 1096 4.72 -4.38 25.27
N GLU C 1097 3.96 -3.61 26.06
CA GLU C 1097 3.98 -2.15 25.89
C GLU C 1097 5.31 -1.56 26.33
N VAL C 1098 5.85 -2.03 27.46
CA VAL C 1098 6.99 -1.37 28.06
C VAL C 1098 8.28 -1.70 27.30
N LYS C 1099 8.35 -2.88 26.67
CA LYS C 1099 9.48 -3.19 25.78
C LYS C 1099 9.52 -2.27 24.57
N SER C 1100 8.35 -1.84 24.11
CA SER C 1100 8.29 -0.94 22.95
C SER C 1100 8.83 0.45 23.29
N ILE C 1101 8.81 0.83 24.58
CA ILE C 1101 9.14 2.20 24.95
C ILE C 1101 10.43 2.29 25.77
N SER C 1102 11.01 1.14 26.15
CA SER C 1102 12.22 0.98 26.98
C SER C 1102 13.34 2.01 26.85
N ASN C 1103 13.86 2.15 25.63
CA ASN C 1103 14.93 3.08 25.30
C ASN C 1103 14.54 4.53 25.55
N GLN C 1104 13.29 4.88 25.20
CA GLN C 1104 12.82 6.25 25.41
C GLN C 1104 12.65 6.55 26.90
N VAL C 1105 12.19 5.56 27.68
CA VAL C 1105 12.07 5.72 29.12
C VAL C 1105 13.44 5.91 29.76
N TRP C 1106 14.42 5.13 29.30
CA TRP C 1106 15.79 5.28 29.80
C TRP C 1106 16.34 6.67 29.49
N LYS C 1107 16.19 7.12 28.24
CA LYS C 1107 16.75 8.41 27.86
C LYS C 1107 15.94 9.57 28.43
N PHE C 1108 14.73 9.29 28.94
CA PHE C 1108 14.00 10.32 29.69
C PHE C 1108 14.55 10.41 31.12
N GLN C 1109 14.67 9.26 31.80
CA GLN C 1109 15.10 9.24 33.19
C GLN C 1109 16.56 9.66 33.36
N ARG C 1110 17.34 9.62 32.27
CA ARG C 1110 18.70 10.15 32.33
C ARG C 1110 18.71 11.63 32.73
N TYR C 1111 17.81 12.46 32.17
CA TYR C 1111 17.77 13.88 32.52
C TYR C 1111 17.52 14.09 34.01
N GLN C 1112 16.58 13.33 34.56
CA GLN C 1112 16.25 13.42 35.98
C GLN C 1112 17.47 13.10 36.85
N LEU C 1113 18.15 12.00 36.56
CA LEU C 1113 19.22 11.60 37.46
C LEU C 1113 20.50 12.43 37.26
N ILE C 1114 20.79 12.86 36.03
CA ILE C 1114 21.89 13.80 35.79
C ILE C 1114 21.66 15.15 36.47
N MET C 1115 20.44 15.69 36.39
CA MET C 1115 20.17 16.95 37.09
C MET C 1115 20.20 16.81 38.60
N THR C 1116 19.67 15.68 39.12
CA THR C 1116 19.73 15.39 40.55
C THR C 1116 21.17 15.30 41.06
N PHE C 1117 22.00 14.49 40.40
CA PHE C 1117 23.36 14.31 40.90
C PHE C 1117 24.27 15.49 40.56
N HIS C 1118 23.84 16.38 39.67
CA HIS C 1118 24.49 17.69 39.60
C HIS C 1118 24.11 18.59 40.77
N GLU C 1119 22.86 18.50 41.24
CA GLU C 1119 22.42 19.30 42.38
C GLU C 1119 23.03 18.85 43.72
N ARG C 1120 23.59 17.65 43.79
CA ARG C 1120 24.03 17.13 45.08
C ARG C 1120 25.44 17.63 45.40
N PRO C 1121 25.83 17.66 46.68
CA PRO C 1121 27.17 18.18 47.03
C PRO C 1121 28.30 17.24 46.61
N VAL C 1122 29.52 17.69 46.95
CA VAL C 1122 30.74 17.01 46.51
C VAL C 1122 31.02 15.78 47.38
N LEU C 1123 30.54 15.77 48.62
CA LEU C 1123 30.92 14.79 49.61
C LEU C 1123 29.79 13.76 49.80
N PRO C 1124 30.08 12.53 50.25
CA PRO C 1124 29.01 11.51 50.35
C PRO C 1124 28.07 11.85 51.48
N PRO C 1125 26.89 11.23 51.54
CA PRO C 1125 25.96 11.45 52.69
C PRO C 1125 26.57 11.18 54.07
N PRO C 1126 27.47 10.20 54.29
CA PRO C 1126 28.10 10.16 55.64
C PRO C 1126 29.02 11.33 55.94
N LEU C 1127 29.57 11.99 54.93
CA LEU C 1127 30.47 13.12 55.14
C LEU C 1127 29.91 14.45 54.63
N ILE C 1128 28.58 14.59 54.52
CA ILE C 1128 28.02 15.70 53.77
C ILE C 1128 27.91 16.92 54.66
N ILE C 1129 28.10 16.73 55.97
CA ILE C 1129 28.08 17.83 56.93
C ILE C 1129 29.26 18.78 56.67
N PHE C 1130 30.38 18.25 56.18
CA PHE C 1130 31.54 19.08 55.86
C PHE C 1130 31.24 20.00 54.68
N SER C 1131 30.68 19.43 53.60
CA SER C 1131 30.31 20.22 52.43
C SER C 1131 29.19 21.20 52.77
N HIS C 1132 28.28 20.80 53.68
CA HIS C 1132 27.24 21.71 54.15
C HIS C 1132 27.83 22.90 54.88
N MET C 1133 28.82 22.67 55.76
CA MET C 1133 29.45 23.78 56.46
C MET C 1133 30.29 24.66 55.52
N THR C 1134 30.84 24.09 54.45
CA THR C 1134 31.56 24.94 53.50
C THR C 1134 30.59 25.79 52.66
N MET C 1135 29.41 25.27 52.33
CA MET C 1135 28.39 26.10 51.70
C MET C 1135 27.88 27.21 52.64
N ILE C 1136 27.69 26.88 53.92
CA ILE C 1136 27.29 27.91 54.89
C ILE C 1136 28.39 28.95 55.06
N PHE C 1137 29.66 28.53 55.07
CA PHE C 1137 30.77 29.48 55.18
C PHE C 1137 30.86 30.39 53.96
N GLN C 1138 30.70 29.82 52.76
CA GLN C 1138 30.74 30.60 51.53
C GLN C 1138 29.57 31.58 51.46
N HIS C 1139 28.37 31.13 51.82
CA HIS C 1139 27.19 31.98 51.73
C HIS C 1139 27.23 33.08 52.79
N LEU C 1140 27.73 32.78 53.99
CA LEU C 1140 27.80 33.77 55.04
C LEU C 1140 29.05 34.64 54.97
N CYS C 1141 29.99 34.37 54.06
CA CYS C 1141 30.99 35.38 53.74
C CYS C 1141 30.67 36.15 52.47
N CYS C 1142 29.76 35.67 51.63
CA CYS C 1142 29.39 36.36 50.40
C CYS C 1142 28.04 37.07 50.51
N ARG C 1143 27.36 36.92 51.66
CA ARG C 1143 26.08 37.59 51.84
C ARG C 1143 26.09 38.52 53.04
N TRP C 1144 26.61 38.04 54.17
CA TRP C 1144 26.64 38.84 55.39
C TRP C 1144 27.76 39.86 55.42
N ARG C 1145 28.65 39.89 54.44
CA ARG C 1145 29.71 40.88 54.39
C ARG C 1145 29.42 41.95 53.34
N GLY C 1157 23.20 24.33 35.86
CA GLY C 1157 24.32 23.76 35.12
C GLY C 1157 24.03 23.63 33.64
N LEU C 1158 22.75 23.48 33.30
CA LEU C 1158 22.32 23.45 31.90
C LEU C 1158 21.44 24.66 31.62
N LYS C 1159 21.88 25.84 32.06
CA LYS C 1159 21.17 27.08 31.83
C LYS C 1159 22.20 28.11 31.39
N LEU C 1160 22.45 28.17 30.08
CA LEU C 1160 23.45 29.06 29.50
C LEU C 1160 22.87 30.46 29.37
N PHE C 1161 23.27 31.33 30.31
CA PHE C 1161 22.83 32.71 30.30
C PHE C 1161 23.48 33.45 29.13
N ILE C 1162 22.66 33.87 28.15
CA ILE C 1162 23.16 34.42 26.91
C ILE C 1162 22.95 35.92 26.88
N THR C 1163 23.89 36.63 26.26
CA THR C 1163 23.76 38.06 26.02
C THR C 1163 22.75 38.29 24.89
N ASP C 1164 22.31 39.54 24.76
CA ASP C 1164 21.20 39.89 23.87
C ASP C 1164 21.53 39.67 22.40
N ASP C 1165 22.75 40.03 21.99
CA ASP C 1165 23.14 39.92 20.59
C ASP C 1165 23.26 38.46 20.15
N GLU C 1166 23.93 37.64 20.97
CA GLU C 1166 24.01 36.21 20.71
C GLU C 1166 22.64 35.57 20.72
N LEU C 1167 21.75 36.03 21.60
CA LEU C 1167 20.35 35.61 21.61
C LEU C 1167 19.67 35.95 20.29
N LYS C 1168 19.98 37.12 19.73
CA LYS C 1168 19.41 37.52 18.44
C LYS C 1168 19.89 36.61 17.31
N LYS C 1169 21.17 36.19 17.35
CA LYS C 1169 21.60 35.16 16.39
C LYS C 1169 20.86 33.83 16.59
N VAL C 1170 20.57 33.46 17.85
CA VAL C 1170 19.76 32.26 18.09
C VAL C 1170 18.34 32.42 17.50
N HIS C 1171 17.75 33.61 17.64
CA HIS C 1171 16.43 33.85 17.05
C HIS C 1171 16.46 33.76 15.53
N ASP C 1172 17.47 34.33 14.89
CA ASP C 1172 17.56 34.28 13.42
C ASP C 1172 17.79 32.86 12.92
N PHE C 1173 18.65 32.10 13.63
CA PHE C 1173 18.84 30.69 13.35
C PHE C 1173 17.56 29.90 13.48
N GLU C 1174 16.78 30.19 14.53
CA GLU C 1174 15.56 29.43 14.78
C GLU C 1174 14.52 29.73 13.71
N GLU C 1175 14.42 31.00 13.29
CA GLU C 1175 13.49 31.38 12.22
C GLU C 1175 13.83 30.71 10.90
N GLN C 1176 15.14 30.64 10.55
CA GLN C 1176 15.45 29.96 9.29
C GLN C 1176 15.25 28.45 9.42
N CYS C 1177 15.34 27.90 10.64
CA CYS C 1177 14.94 26.50 10.83
C CYS C 1177 13.44 26.29 10.61
N ILE C 1178 12.58 27.22 11.06
CA ILE C 1178 11.14 27.11 10.78
C ILE C 1178 10.88 27.21 9.28
N GLU C 1179 11.59 28.11 8.59
CA GLU C 1179 11.40 28.25 7.14
C GLU C 1179 11.80 26.99 6.39
N GLU C 1180 12.94 26.39 6.77
CA GLU C 1180 13.38 25.15 6.13
C GLU C 1180 12.45 23.98 6.47
N TYR C 1181 11.92 23.95 7.69
CA TYR C 1181 10.93 22.95 8.08
C TYR C 1181 9.67 23.02 7.22
N PHE C 1182 9.12 24.23 7.04
CA PHE C 1182 7.87 24.34 6.30
C PHE C 1182 8.08 24.12 4.80
N ARG C 1183 9.23 24.53 4.25
CA ARG C 1183 9.46 24.25 2.83
C ARG C 1183 9.75 22.76 2.61
N GLU C 1184 10.36 22.09 3.59
CA GLU C 1184 10.60 20.66 3.46
C GLU C 1184 9.28 19.88 3.56
N LYS C 1185 8.38 20.31 4.45
CA LYS C 1185 7.06 19.70 4.54
C LYS C 1185 6.25 19.93 3.27
N ASP C 1186 6.34 21.13 2.70
CA ASP C 1186 5.63 21.44 1.45
C ASP C 1186 6.17 20.61 0.29
N ASP C 1187 7.50 20.45 0.21
CA ASP C 1187 8.09 19.63 -0.84
C ASP C 1187 7.74 18.16 -0.67
N ARG C 1188 7.70 17.68 0.59
CA ARG C 1188 7.33 16.29 0.83
C ARG C 1188 5.85 16.01 0.56
N PHE C 1189 4.96 16.96 0.85
CA PHE C 1189 3.56 16.84 0.50
C PHE C 1189 3.34 16.91 -1.01
N ASN C 1190 4.04 17.80 -1.70
CA ASN C 1190 3.87 17.90 -3.15
C ASN C 1190 4.66 16.82 -3.92
N SER C 1191 5.40 15.92 -3.26
CA SER C 1191 6.10 14.85 -3.95
C SER C 1191 5.58 13.48 -3.52
N SER C 1192 4.57 13.44 -2.66
CA SER C 1192 3.91 12.20 -2.31
C SER C 1192 3.01 11.78 -3.47
N ASN C 1193 2.75 10.47 -3.57
CA ASN C 1193 1.99 9.89 -4.67
C ASN C 1193 0.55 10.39 -4.74
N ASP C 1194 -0.07 10.64 -3.57
CA ASP C 1194 -1.48 11.03 -3.53
C ASP C 1194 -1.71 12.38 -4.20
N GLU C 1195 -0.89 13.39 -3.84
CA GLU C 1195 -1.04 14.71 -4.43
C GLU C 1195 -0.67 14.71 -5.90
N ARG C 1196 0.34 13.92 -6.29
CA ARG C 1196 0.72 13.81 -7.70
C ARG C 1196 -0.40 13.20 -8.53
N ILE C 1197 -1.03 12.13 -8.04
CA ILE C 1197 -2.13 11.50 -8.77
C ILE C 1197 -3.33 12.44 -8.84
N ARG C 1198 -3.56 13.21 -7.77
CA ARG C 1198 -4.61 14.22 -7.74
C ARG C 1198 -4.42 15.29 -8.83
N VAL C 1199 -3.21 15.89 -8.87
CA VAL C 1199 -2.98 17.00 -9.79
C VAL C 1199 -2.93 16.49 -11.22
N THR C 1200 -2.40 15.27 -11.43
CA THR C 1200 -2.40 14.65 -12.75
C THR C 1200 -3.82 14.40 -13.24
N SER C 1201 -4.71 13.95 -12.36
CA SER C 1201 -6.12 13.77 -12.73
C SER C 1201 -6.77 15.09 -13.14
N GLU C 1202 -6.48 16.15 -12.39
CA GLU C 1202 -7.02 17.47 -12.72
C GLU C 1202 -6.55 17.97 -14.08
N ARG C 1203 -5.24 17.87 -14.36
CA ARG C 1203 -4.80 18.32 -15.68
C ARG C 1203 -5.28 17.41 -16.80
N VAL C 1204 -5.41 16.10 -16.57
CA VAL C 1204 -5.90 15.22 -17.65
C VAL C 1204 -7.35 15.54 -18.00
N GLU C 1205 -8.17 15.90 -17.01
CA GLU C 1205 -9.53 16.37 -17.30
C GLU C 1205 -9.52 17.68 -18.10
N ASN C 1206 -8.63 18.61 -17.70
CA ASN C 1206 -8.50 19.87 -18.43
C ASN C 1206 -8.01 19.65 -19.87
N MET C 1207 -7.07 18.72 -20.04
CA MET C 1207 -6.57 18.32 -21.36
C MET C 1207 -7.66 17.72 -22.23
N SER C 1208 -8.51 16.86 -21.66
CA SER C 1208 -9.52 16.20 -22.48
C SER C 1208 -10.55 17.19 -22.99
N MET C 1209 -10.95 18.14 -22.13
CA MET C 1209 -11.82 19.22 -22.58
C MET C 1209 -11.13 20.09 -23.63
N ARG C 1210 -9.85 20.40 -23.39
CA ARG C 1210 -9.12 21.30 -24.29
C ARG C 1210 -8.91 20.64 -25.64
N LEU C 1211 -8.63 19.33 -25.65
CA LEU C 1211 -8.42 18.59 -26.89
C LEU C 1211 -9.71 18.44 -27.68
N GLU C 1212 -10.85 18.30 -26.98
CA GLU C 1212 -12.15 18.32 -27.65
C GLU C 1212 -12.39 19.68 -28.33
N GLU C 1213 -12.02 20.76 -27.64
CA GLU C 1213 -12.16 22.10 -28.21
C GLU C 1213 -11.27 22.29 -29.44
N VAL C 1214 -10.01 21.84 -29.35
CA VAL C 1214 -9.08 21.88 -30.48
C VAL C 1214 -9.59 21.04 -31.65
N ASN C 1215 -10.22 19.90 -31.33
CA ASN C 1215 -10.75 19.00 -32.35
C ASN C 1215 -11.91 19.64 -33.11
N GLU C 1216 -12.82 20.30 -32.39
CA GLU C 1216 -13.91 21.02 -33.04
C GLU C 1216 -13.40 22.19 -33.87
N ARG C 1217 -12.41 22.91 -33.35
CA ARG C 1217 -11.83 24.02 -34.11
C ARG C 1217 -11.08 23.53 -35.34
N GLU C 1218 -10.50 22.32 -35.27
CA GLU C 1218 -9.89 21.70 -36.43
C GLU C 1218 -10.93 21.32 -37.45
N HIS C 1219 -12.12 20.90 -37.00
CA HIS C 1219 -13.22 20.64 -37.93
C HIS C 1219 -13.63 21.91 -38.67
N SER C 1220 -13.72 23.03 -37.93
CA SER C 1220 -14.04 24.32 -38.55
C SER C 1220 -12.96 24.76 -39.53
N MET C 1221 -11.68 24.58 -39.16
CA MET C 1221 -10.58 25.00 -40.01
C MET C 1221 -10.48 24.14 -41.26
N LYS C 1222 -10.77 22.83 -41.14
CA LYS C 1222 -10.75 21.94 -42.30
C LYS C 1222 -11.87 22.28 -43.27
N ALA C 1223 -13.06 22.58 -42.74
CA ALA C 1223 -14.17 23.01 -43.60
C ALA C 1223 -13.85 24.33 -44.30
N SER C 1224 -13.23 25.26 -43.58
CA SER C 1224 -12.82 26.54 -44.17
C SER C 1224 -11.76 26.34 -45.24
N LEU C 1225 -10.82 25.42 -45.01
CA LEU C 1225 -9.77 25.14 -45.98
C LEU C 1225 -10.35 24.50 -47.25
N GLN C 1226 -11.33 23.61 -47.09
CA GLN C 1226 -12.00 23.01 -48.24
C GLN C 1226 -12.77 24.06 -49.02
N THR C 1227 -13.44 24.99 -48.32
CA THR C 1227 -14.15 26.07 -49.00
C THR C 1227 -13.19 27.02 -49.71
N VAL C 1228 -12.02 27.26 -49.11
CA VAL C 1228 -11.02 28.14 -49.74
C VAL C 1228 -10.42 27.47 -50.98
N ASP C 1229 -10.22 26.16 -50.92
CA ASP C 1229 -9.74 25.42 -52.09
C ASP C 1229 -10.82 25.38 -53.18
N ILE C 1230 -12.09 25.36 -52.79
CA ILE C 1230 -13.18 25.47 -53.76
C ILE C 1230 -13.19 26.87 -54.37
N ARG C 1231 -12.84 27.90 -53.59
CA ARG C 1231 -12.84 29.27 -54.06
C ARG C 1231 -11.51 29.68 -54.69
N LEU C 1232 -10.61 28.74 -54.92
CA LEU C 1232 -9.34 29.04 -55.56
C LEU C 1232 -8.89 27.89 -56.45
N TRP D 31 -33.52 -41.14 -32.19
CA TRP D 31 -34.80 -40.63 -32.68
C TRP D 31 -34.56 -39.63 -33.80
N ILE D 32 -33.41 -38.95 -33.73
CA ILE D 32 -33.14 -37.83 -34.63
C ILE D 32 -32.89 -38.33 -36.05
N GLU D 33 -32.20 -39.46 -36.20
CA GLU D 33 -31.96 -40.04 -37.52
C GLU D 33 -33.26 -40.61 -38.11
N ARG D 34 -34.15 -41.11 -37.26
CA ARG D 34 -35.42 -41.65 -37.73
C ARG D 34 -36.48 -40.58 -37.98
N ALA D 35 -36.22 -39.33 -37.59
CA ALA D 35 -37.17 -38.25 -37.79
C ALA D 35 -36.79 -37.29 -38.90
N PHE D 36 -35.50 -37.07 -39.13
CA PHE D 36 -35.02 -36.16 -40.16
C PHE D 36 -34.32 -36.97 -41.25
N TYR D 37 -34.69 -36.70 -42.49
CA TYR D 37 -34.25 -37.49 -43.64
C TYR D 37 -33.42 -36.62 -44.59
N LYS D 38 -32.39 -37.22 -45.16
CA LYS D 38 -31.55 -36.57 -46.16
C LYS D 38 -32.01 -36.98 -47.56
N ARG D 39 -31.33 -36.43 -48.57
CA ARG D 39 -31.59 -36.80 -49.96
C ARG D 39 -30.32 -36.60 -50.76
N GLU D 40 -30.24 -37.28 -51.91
CA GLU D 40 -29.05 -37.15 -52.79
C GLU D 40 -29.44 -37.63 -54.20
N CYS D 41 -29.38 -36.72 -55.18
CA CYS D 41 -29.72 -37.04 -56.59
C CYS D 41 -28.78 -38.14 -57.10
N VAL D 42 -29.32 -39.32 -57.44
CA VAL D 42 -28.41 -40.44 -57.85
C VAL D 42 -28.81 -40.90 -59.26
N HIS D 43 -29.68 -40.15 -59.93
CA HIS D 43 -30.11 -40.52 -61.27
C HIS D 43 -29.97 -39.32 -62.20
N ILE D 44 -30.46 -39.51 -63.43
CA ILE D 44 -30.51 -38.57 -64.57
C ILE D 44 -29.11 -38.30 -65.10
N ILE D 45 -28.30 -37.55 -64.35
CA ILE D 45 -26.92 -37.17 -64.65
C ILE D 45 -26.79 -36.41 -65.97
N PRO D 46 -27.24 -35.14 -66.04
CA PRO D 46 -27.08 -34.38 -67.29
C PRO D 46 -25.67 -33.83 -67.44
N SER D 47 -25.45 -33.03 -68.49
CA SER D 47 -24.19 -32.34 -68.71
C SER D 47 -24.45 -30.85 -68.86
N THR D 48 -23.68 -30.03 -68.13
CA THR D 48 -23.77 -28.58 -68.19
C THR D 48 -22.40 -28.04 -68.58
N LYS D 49 -22.18 -27.93 -69.89
CA LYS D 49 -20.95 -27.48 -70.54
C LYS D 49 -19.73 -28.35 -70.25
N ASP D 50 -19.94 -29.56 -69.69
CA ASP D 50 -18.91 -30.54 -69.35
C ASP D 50 -19.60 -31.86 -69.03
N PRO D 51 -19.05 -32.99 -69.46
CA PRO D 51 -19.69 -34.29 -69.13
C PRO D 51 -19.57 -34.64 -67.65
N HIS D 52 -18.46 -34.30 -67.00
CA HIS D 52 -18.29 -34.61 -65.59
C HIS D 52 -19.11 -33.67 -64.70
N ARG D 53 -19.35 -32.44 -65.15
CA ARG D 53 -20.09 -31.45 -64.37
C ARG D 53 -21.58 -31.78 -64.46
N CYS D 54 -22.09 -32.45 -63.43
CA CYS D 54 -23.52 -32.74 -63.35
C CYS D 54 -24.29 -31.47 -62.97
N CYS D 55 -25.61 -31.50 -63.20
CA CYS D 55 -26.45 -30.36 -62.78
C CYS D 55 -26.61 -30.43 -61.25
N CYS D 56 -26.32 -31.60 -60.66
CA CYS D 56 -26.40 -31.77 -59.18
C CYS D 56 -25.09 -31.31 -58.55
N GLY D 57 -24.05 -31.05 -59.35
CA GLY D 57 -22.79 -30.52 -58.81
C GLY D 57 -21.70 -31.57 -58.74
N ARG D 58 -22.02 -32.78 -58.25
CA ARG D 58 -20.97 -33.77 -58.09
C ARG D 58 -20.46 -34.26 -59.44
N LEU D 59 -19.35 -34.99 -59.39
CA LEU D 59 -18.77 -35.53 -60.61
C LEU D 59 -19.60 -36.71 -61.12
N ILE D 60 -19.33 -37.09 -62.37
CA ILE D 60 -20.03 -38.23 -62.98
C ILE D 60 -19.64 -39.53 -62.29
N GLY D 61 -18.35 -39.72 -62.01
CA GLY D 61 -17.93 -40.88 -61.26
C GLY D 61 -18.25 -40.80 -59.78
N GLN D 62 -18.40 -39.58 -59.26
CA GLN D 62 -18.72 -39.41 -57.85
C GLN D 62 -20.19 -39.71 -57.55
N HIS D 63 -21.07 -39.58 -58.55
CA HIS D 63 -22.48 -39.86 -58.34
C HIS D 63 -22.72 -41.36 -58.22
N VAL D 64 -23.66 -41.72 -57.35
CA VAL D 64 -23.99 -43.12 -57.12
C VAL D 64 -25.51 -43.31 -57.15
N TRP D 92 -33.62 -30.54 -55.39
CA TRP D 92 -34.97 -31.10 -55.55
C TRP D 92 -34.97 -32.23 -56.56
N SER D 93 -36.16 -32.73 -56.87
CA SER D 93 -36.34 -33.82 -57.82
C SER D 93 -36.50 -33.34 -59.25
N ILE D 94 -36.47 -32.03 -59.50
CA ILE D 94 -36.62 -31.48 -60.83
C ILE D 94 -35.32 -31.70 -61.58
N SER D 95 -35.36 -32.58 -62.60
CA SER D 95 -34.23 -32.95 -63.47
C SER D 95 -33.01 -33.45 -62.69
N LYS D 96 -33.23 -34.02 -61.50
CA LYS D 96 -32.16 -34.59 -60.71
C LYS D 96 -32.51 -36.00 -60.27
N HIS D 97 -33.80 -36.23 -59.99
CA HIS D 97 -34.36 -37.49 -59.50
C HIS D 97 -33.68 -37.93 -58.20
N THR D 98 -33.73 -37.05 -57.21
CA THR D 98 -33.14 -37.35 -55.91
C THR D 98 -34.00 -38.36 -55.15
N GLN D 99 -33.34 -39.14 -54.29
CA GLN D 99 -33.98 -40.21 -53.54
C GLN D 99 -33.92 -39.89 -52.06
N LEU D 100 -35.07 -39.97 -51.39
CA LEU D 100 -35.12 -39.75 -49.95
C LEU D 100 -34.58 -40.97 -49.21
N SER D 101 -33.84 -40.71 -48.14
CA SER D 101 -33.09 -41.73 -47.43
C SER D 101 -32.85 -41.23 -45.99
N PRO D 102 -32.66 -42.13 -45.02
CA PRO D 102 -32.34 -41.66 -43.67
C PRO D 102 -30.95 -41.04 -43.58
N THR D 103 -30.83 -40.06 -42.68
CA THR D 103 -29.62 -39.26 -42.57
C THR D 103 -28.51 -40.02 -41.85
N ASP D 104 -27.31 -39.99 -42.41
CA ASP D 104 -26.13 -40.63 -41.82
C ASP D 104 -25.17 -39.64 -41.18
N ALA D 105 -25.47 -38.34 -41.18
CA ALA D 105 -24.52 -37.31 -40.77
C ALA D 105 -25.00 -36.67 -39.46
N PHE D 106 -24.35 -37.06 -38.35
CA PHE D 106 -24.64 -36.49 -37.04
C PHE D 106 -23.33 -36.37 -36.26
N GLY D 107 -23.44 -35.95 -35.00
CA GLY D 107 -22.27 -35.90 -34.14
C GLY D 107 -21.84 -34.50 -33.74
N THR D 108 -20.56 -34.36 -33.41
CA THR D 108 -19.99 -33.10 -32.96
C THR D 108 -18.74 -32.81 -33.79
N ILE D 109 -18.61 -31.56 -34.24
CA ILE D 109 -17.54 -31.13 -35.14
C ILE D 109 -16.70 -30.11 -34.36
N GLU D 110 -16.47 -30.39 -33.08
CA GLU D 110 -15.57 -29.60 -32.23
C GLU D 110 -14.20 -29.42 -32.89
N PHE D 111 -13.78 -28.17 -33.03
CA PHE D 111 -12.75 -27.78 -33.97
C PHE D 111 -11.38 -27.76 -33.30
N GLN D 112 -10.35 -27.66 -34.14
CA GLN D 112 -8.97 -27.47 -33.70
C GLN D 112 -8.34 -26.37 -34.53
N GLY D 113 -7.37 -25.67 -33.94
CA GLY D 113 -6.68 -24.61 -34.64
C GLY D 113 -7.35 -23.26 -34.50
N GLY D 114 -6.58 -22.24 -34.16
CA GLY D 114 -7.11 -20.92 -33.94
C GLY D 114 -7.95 -20.80 -32.69
N GLY D 115 -7.71 -21.66 -31.70
CA GLY D 115 -8.60 -21.75 -30.56
C GLY D 115 -9.95 -22.32 -30.98
N HIS D 116 -11.00 -21.85 -30.30
CA HIS D 116 -12.41 -22.14 -30.62
C HIS D 116 -12.71 -23.64 -30.57
N SER D 117 -12.19 -24.32 -29.56
CA SER D 117 -12.44 -25.75 -29.36
C SER D 117 -13.69 -25.96 -28.50
N ASN D 118 -14.81 -25.46 -29.03
CA ASN D 118 -16.10 -25.51 -28.35
C ASN D 118 -16.96 -26.64 -28.91
N LYS D 119 -18.09 -26.88 -28.26
CA LYS D 119 -19.04 -27.89 -28.71
C LYS D 119 -19.73 -27.41 -29.99
N ALA D 120 -19.70 -28.24 -31.02
CA ALA D 120 -20.16 -27.87 -32.36
C ALA D 120 -21.05 -28.96 -32.94
N MET D 121 -22.02 -29.42 -32.15
CA MET D 121 -22.96 -30.42 -32.61
C MET D 121 -23.88 -29.83 -33.68
N TYR D 122 -24.37 -30.70 -34.57
CA TYR D 122 -25.06 -30.26 -35.77
C TYR D 122 -26.12 -31.29 -36.15
N VAL D 123 -26.87 -30.98 -37.21
CA VAL D 123 -27.89 -31.88 -37.73
C VAL D 123 -28.04 -31.59 -39.22
N ARG D 124 -28.32 -32.63 -40.00
CA ARG D 124 -28.50 -32.53 -41.44
C ARG D 124 -29.94 -32.90 -41.79
N VAL D 125 -30.69 -31.92 -42.31
CA VAL D 125 -32.11 -32.08 -42.61
C VAL D 125 -32.33 -31.81 -44.08
N SER D 126 -33.56 -32.07 -44.53
CA SER D 126 -33.94 -31.89 -45.92
C SER D 126 -34.40 -30.45 -46.16
N PHE D 127 -34.43 -30.07 -47.44
CA PHE D 127 -35.06 -28.81 -47.85
C PHE D 127 -36.55 -28.81 -47.54
N ASP D 128 -37.26 -29.87 -47.92
CA ASP D 128 -38.68 -30.02 -47.64
C ASP D 128 -38.83 -30.75 -46.31
N THR D 129 -38.58 -30.02 -45.23
CA THR D 129 -38.67 -30.56 -43.89
C THR D 129 -39.64 -29.72 -43.06
N LYS D 130 -40.10 -30.30 -41.97
CA LYS D 130 -41.07 -29.62 -41.12
C LYS D 130 -40.38 -28.61 -40.21
N PRO D 131 -40.78 -27.34 -40.23
CA PRO D 131 -40.23 -26.39 -39.25
C PRO D 131 -40.62 -26.72 -37.82
N ASP D 132 -41.78 -27.33 -37.61
CA ASP D 132 -42.20 -27.73 -36.25
C ASP D 132 -41.36 -28.88 -35.73
N LEU D 133 -40.92 -29.78 -36.60
CA LEU D 133 -40.06 -30.88 -36.16
C LEU D 133 -38.67 -30.39 -35.79
N LEU D 134 -38.19 -29.34 -36.45
CA LEU D 134 -36.95 -28.69 -36.03
C LEU D 134 -37.15 -27.90 -34.74
N LEU D 135 -38.37 -27.43 -34.46
CA LEU D 135 -38.62 -26.67 -33.25
C LEU D 135 -38.54 -27.55 -32.01
N HIS D 136 -39.07 -28.78 -32.09
CA HIS D 136 -38.96 -29.71 -30.98
C HIS D 136 -37.55 -30.27 -30.87
N LEU D 137 -36.81 -30.29 -31.99
CA LEU D 137 -35.41 -30.72 -31.97
C LEU D 137 -34.54 -29.76 -31.16
N MET D 138 -34.64 -28.46 -31.48
CA MET D 138 -33.71 -27.48 -30.93
C MET D 138 -34.02 -27.10 -29.48
N THR D 139 -35.16 -27.54 -28.95
CA THR D 139 -35.52 -27.20 -27.58
C THR D 139 -35.31 -28.36 -26.61
N LYS D 140 -35.43 -29.61 -27.07
CA LYS D 140 -35.40 -30.77 -26.18
C LYS D 140 -34.02 -31.39 -26.05
N GLU D 141 -33.44 -31.87 -27.15
CA GLU D 141 -32.17 -32.56 -27.11
C GLU D 141 -30.99 -31.70 -27.59
N TRP D 142 -31.22 -30.41 -27.82
CA TRP D 142 -30.13 -29.47 -28.07
C TRP D 142 -29.78 -28.64 -26.84
N GLN D 143 -30.55 -28.80 -25.76
CA GLN D 143 -30.35 -28.10 -24.47
C GLN D 143 -30.35 -26.58 -24.64
N LEU D 144 -31.26 -26.08 -25.47
CA LEU D 144 -31.40 -24.65 -25.73
C LEU D 144 -32.81 -24.22 -25.37
N GLU D 145 -32.92 -23.33 -24.38
CA GLU D 145 -34.21 -22.72 -24.06
C GLU D 145 -34.58 -21.69 -25.11
N LEU D 146 -35.85 -21.34 -25.15
CA LEU D 146 -36.35 -20.40 -26.16
C LEU D 146 -35.83 -19.00 -25.88
N PRO D 147 -35.32 -18.29 -26.88
CA PRO D 147 -34.74 -16.96 -26.63
C PRO D 147 -35.82 -15.90 -26.51
N LYS D 148 -35.40 -14.74 -26.01
CA LYS D 148 -36.27 -13.57 -25.89
C LYS D 148 -36.13 -12.62 -27.08
N LEU D 149 -35.30 -12.94 -28.05
CA LEU D 149 -35.16 -12.16 -29.28
C LEU D 149 -34.64 -13.06 -30.38
N LEU D 150 -34.56 -12.49 -31.59
CA LEU D 150 -34.13 -13.24 -32.77
C LEU D 150 -33.49 -12.27 -33.75
N ILE D 151 -32.28 -12.58 -34.21
CA ILE D 151 -31.61 -11.77 -35.23
C ILE D 151 -31.18 -12.67 -36.39
N SER D 152 -30.91 -12.05 -37.54
CA SER D 152 -30.42 -12.74 -38.72
C SER D 152 -29.29 -11.94 -39.34
N VAL D 153 -28.37 -12.64 -40.01
CA VAL D 153 -27.09 -12.08 -40.45
C VAL D 153 -27.14 -12.24 -41.98
N HIS D 154 -28.31 -12.00 -42.57
CA HIS D 154 -28.41 -11.90 -44.02
C HIS D 154 -27.54 -10.77 -44.56
N GLY D 155 -26.77 -11.05 -45.59
CA GLY D 155 -25.87 -10.05 -46.13
C GLY D 155 -25.15 -10.52 -47.36
N GLY D 156 -23.95 -9.97 -47.57
CA GLY D 156 -23.18 -10.28 -48.75
C GLY D 156 -22.58 -11.67 -48.66
N LEU D 157 -22.89 -12.53 -49.64
CA LEU D 157 -22.35 -13.88 -49.63
C LEU D 157 -20.87 -13.87 -50.05
N GLN D 158 -20.49 -12.95 -50.94
CA GLN D 158 -19.10 -12.85 -51.37
C GLN D 158 -18.25 -12.20 -50.28
N ASN D 159 -16.94 -12.43 -50.37
CA ASN D 159 -16.00 -11.91 -49.38
C ASN D 159 -15.74 -10.44 -49.61
N PHE D 160 -15.72 -9.67 -48.52
CA PHE D 160 -15.40 -8.25 -48.57
C PHE D 160 -14.59 -7.88 -47.33
N GLU D 161 -14.27 -6.59 -47.23
CA GLU D 161 -13.57 -6.05 -46.07
C GLU D 161 -14.15 -4.69 -45.73
N LEU D 162 -13.97 -4.28 -44.49
CA LEU D 162 -14.54 -3.04 -43.98
C LEU D 162 -13.46 -2.21 -43.29
N GLN D 163 -13.83 -0.97 -42.96
CA GLN D 163 -12.96 -0.12 -42.16
C GLN D 163 -12.85 -0.68 -40.74
N PRO D 164 -11.67 -0.54 -40.11
CA PRO D 164 -11.50 -1.09 -38.75
C PRO D 164 -12.37 -0.42 -37.70
N LYS D 165 -12.68 0.87 -37.85
CA LYS D 165 -13.52 1.54 -36.87
C LYS D 165 -14.97 1.12 -36.98
N LEU D 166 -15.48 0.97 -38.21
CA LEU D 166 -16.87 0.59 -38.41
C LEU D 166 -17.08 -0.89 -38.08
N LYS D 167 -16.06 -1.72 -38.31
CA LYS D 167 -16.15 -3.13 -37.97
C LYS D 167 -16.15 -3.33 -36.46
N GLN D 168 -15.37 -2.53 -35.73
CA GLN D 168 -15.28 -2.70 -34.28
C GLN D 168 -16.52 -2.18 -33.57
N VAL D 169 -17.07 -1.05 -34.03
CA VAL D 169 -18.22 -0.45 -33.35
C VAL D 169 -19.48 -1.27 -33.59
N PHE D 170 -19.75 -1.62 -34.85
CA PHE D 170 -20.93 -2.41 -35.18
C PHE D 170 -20.80 -3.85 -34.71
N GLY D 171 -19.57 -4.36 -34.64
CA GLY D 171 -19.37 -5.71 -34.13
C GLY D 171 -19.58 -5.81 -32.63
N LYS D 172 -19.11 -4.80 -31.88
CA LYS D 172 -19.27 -4.83 -30.43
C LYS D 172 -20.71 -4.54 -30.01
N GLY D 173 -21.40 -3.68 -30.77
CA GLY D 173 -22.79 -3.40 -30.47
C GLY D 173 -23.71 -4.55 -30.79
N LEU D 174 -23.33 -5.38 -31.76
CA LEU D 174 -24.14 -6.56 -32.09
C LEU D 174 -24.00 -7.64 -31.02
N ILE D 175 -22.79 -7.90 -30.55
CA ILE D 175 -22.58 -8.99 -29.62
C ILE D 175 -23.10 -8.63 -28.23
N LYS D 176 -23.13 -7.36 -27.87
CA LYS D 176 -23.67 -6.98 -26.57
C LYS D 176 -25.19 -6.89 -26.60
N ALA D 177 -25.78 -6.86 -27.80
CA ALA D 177 -27.21 -7.14 -27.92
C ALA D 177 -27.51 -8.59 -27.59
N ALA D 178 -26.61 -9.50 -27.99
CA ALA D 178 -26.77 -10.91 -27.67
C ALA D 178 -26.46 -11.23 -26.21
N MET D 179 -25.76 -10.33 -25.51
CA MET D 179 -25.50 -10.54 -24.09
C MET D 179 -26.79 -10.43 -23.28
N THR D 180 -27.56 -9.37 -23.54
CA THR D 180 -28.72 -9.08 -22.69
C THR D 180 -29.95 -9.85 -23.12
N THR D 181 -30.25 -9.89 -24.42
CA THR D 181 -31.48 -10.53 -24.88
C THR D 181 -31.39 -12.05 -24.91
N GLY D 182 -30.17 -12.60 -24.94
CA GLY D 182 -29.99 -14.04 -25.04
C GLY D 182 -30.51 -14.62 -26.33
N ALA D 183 -30.39 -13.89 -27.43
CA ALA D 183 -31.06 -14.24 -28.67
C ALA D 183 -30.33 -15.37 -29.40
N TRP D 184 -31.02 -15.94 -30.38
CA TRP D 184 -30.43 -16.86 -31.34
C TRP D 184 -30.04 -16.09 -32.59
N ILE D 185 -28.88 -16.42 -33.13
CA ILE D 185 -28.25 -15.62 -34.19
C ILE D 185 -28.21 -16.51 -35.41
N PHE D 186 -29.18 -16.35 -36.32
CA PHE D 186 -29.15 -17.06 -37.59
C PHE D 186 -28.08 -16.44 -38.48
N THR D 187 -27.24 -17.29 -39.06
CA THR D 187 -26.05 -16.85 -39.78
C THR D 187 -25.87 -17.81 -40.95
N GLY D 188 -25.17 -17.34 -42.00
CA GLY D 188 -24.90 -18.21 -43.14
C GLY D 188 -23.99 -19.39 -42.81
N GLY D 189 -23.06 -19.20 -41.88
CA GLY D 189 -22.29 -20.32 -41.36
C GLY D 189 -20.89 -20.49 -41.93
N VAL D 190 -20.74 -20.32 -43.24
CA VAL D 190 -19.46 -20.53 -43.91
C VAL D 190 -18.67 -19.22 -43.92
N ASN D 191 -17.35 -19.32 -43.74
CA ASN D 191 -16.50 -18.16 -43.42
C ASN D 191 -16.13 -17.43 -44.71
N THR D 192 -17.06 -16.61 -45.21
CA THR D 192 -16.82 -15.78 -46.39
C THR D 192 -17.76 -14.59 -46.30
N GLY D 193 -17.21 -13.38 -46.22
CA GLY D 193 -18.02 -12.17 -46.25
C GLY D 193 -18.59 -11.72 -44.93
N VAL D 194 -19.92 -11.60 -44.87
CA VAL D 194 -20.58 -11.08 -43.68
C VAL D 194 -20.52 -12.08 -42.53
N ILE D 195 -20.49 -13.38 -42.84
CA ILE D 195 -20.35 -14.40 -41.81
C ILE D 195 -18.93 -14.40 -41.25
N ARG D 196 -17.93 -14.19 -42.11
CA ARG D 196 -16.56 -14.08 -41.66
C ARG D 196 -16.33 -12.81 -40.83
N HIS D 197 -17.10 -11.76 -41.09
CA HIS D 197 -16.98 -10.53 -40.30
C HIS D 197 -17.62 -10.69 -38.93
N VAL D 198 -18.77 -11.37 -38.85
CA VAL D 198 -19.41 -11.52 -37.55
C VAL D 198 -18.77 -12.62 -36.72
N GLY D 199 -18.05 -13.55 -37.35
CA GLY D 199 -17.27 -14.51 -36.60
C GLY D 199 -16.10 -13.87 -35.88
N ASP D 200 -15.44 -12.90 -36.53
CA ASP D 200 -14.42 -12.11 -35.87
C ASP D 200 -15.01 -11.08 -34.93
N ALA D 201 -16.29 -10.72 -35.12
CA ALA D 201 -16.93 -9.76 -34.22
C ALA D 201 -17.23 -10.40 -32.87
N LEU D 202 -17.70 -11.65 -32.87
CA LEU D 202 -17.95 -12.35 -31.62
C LEU D 202 -16.70 -13.04 -31.09
N LYS D 203 -15.59 -13.00 -31.82
CA LYS D 203 -14.28 -13.31 -31.28
C LYS D 203 -13.55 -12.06 -30.79
N ASP D 204 -14.18 -10.89 -30.91
CA ASP D 204 -13.53 -9.63 -30.52
C ASP D 204 -13.79 -9.32 -29.05
N HIS D 205 -15.06 -9.23 -28.66
CA HIS D 205 -15.42 -9.01 -27.26
C HIS D 205 -16.44 -10.00 -26.70
N ALA D 206 -17.11 -10.80 -27.54
CA ALA D 206 -18.00 -11.81 -27.00
C ALA D 206 -17.24 -13.04 -26.52
N SER D 207 -15.99 -13.21 -26.97
CA SER D 207 -15.15 -14.29 -26.45
C SER D 207 -14.57 -13.97 -25.08
N LYS D 208 -14.51 -12.69 -24.71
CA LYS D 208 -14.04 -12.28 -23.40
C LYS D 208 -15.17 -11.96 -22.43
N SER D 209 -16.41 -12.29 -22.79
CA SER D 209 -17.57 -12.07 -21.91
C SER D 209 -18.63 -13.10 -22.27
N ARG D 210 -18.72 -14.17 -21.45
CA ARG D 210 -19.72 -15.24 -21.49
C ARG D 210 -19.96 -15.83 -22.89
N GLY D 211 -18.96 -16.57 -23.40
CA GLY D 211 -19.01 -17.14 -24.73
C GLY D 211 -19.86 -18.39 -24.94
N LYS D 212 -21.09 -18.38 -24.43
CA LYS D 212 -22.14 -19.32 -24.81
C LYS D 212 -23.12 -18.48 -25.61
N ILE D 213 -22.83 -18.34 -26.90
CA ILE D 213 -23.44 -17.27 -27.69
C ILE D 213 -24.74 -17.75 -28.35
N CYS D 214 -24.82 -19.04 -28.66
CA CYS D 214 -25.95 -19.71 -29.32
C CYS D 214 -26.21 -19.11 -30.70
N THR D 215 -25.18 -19.19 -31.53
CA THR D 215 -25.29 -18.89 -32.96
C THR D 215 -25.58 -20.17 -33.73
N ILE D 216 -26.40 -20.03 -34.77
CA ILE D 216 -26.86 -21.15 -35.58
C ILE D 216 -26.53 -20.84 -37.03
N GLY D 217 -25.73 -21.69 -37.66
CA GLY D 217 -25.32 -21.46 -39.04
C GLY D 217 -26.00 -22.35 -40.05
N ILE D 218 -26.95 -21.80 -40.80
CA ILE D 218 -27.70 -22.54 -41.80
C ILE D 218 -26.89 -22.46 -43.10
N ALA D 219 -26.26 -23.57 -43.47
CA ALA D 219 -25.42 -23.67 -44.64
C ALA D 219 -25.78 -24.89 -45.46
N PRO D 220 -25.61 -24.85 -46.79
CA PRO D 220 -25.91 -26.04 -47.60
C PRO D 220 -24.89 -27.15 -47.39
N TRP D 221 -25.31 -28.37 -47.78
CA TRP D 221 -24.45 -29.54 -47.68
C TRP D 221 -23.25 -29.44 -48.60
N GLY D 222 -23.45 -29.02 -49.84
CA GLY D 222 -22.37 -28.99 -50.79
C GLY D 222 -21.50 -27.76 -50.72
N ILE D 223 -22.00 -26.72 -50.03
CA ILE D 223 -21.22 -25.49 -49.90
C ILE D 223 -20.04 -25.69 -48.96
N VAL D 224 -20.22 -26.45 -47.88
CA VAL D 224 -19.16 -26.63 -46.89
C VAL D 224 -18.10 -27.58 -47.45
N GLU D 225 -16.90 -27.49 -46.89
CA GLU D 225 -15.77 -28.27 -47.37
C GLU D 225 -15.68 -29.59 -46.61
N ASN D 226 -15.12 -30.61 -47.29
CA ASN D 226 -14.86 -31.95 -46.76
C ASN D 226 -16.16 -32.63 -46.30
N GLN D 227 -17.02 -32.91 -47.29
CA GLN D 227 -18.26 -33.60 -47.04
C GLN D 227 -18.04 -35.04 -46.58
N GLU D 228 -16.93 -35.66 -46.99
CA GLU D 228 -16.60 -37.00 -46.52
C GLU D 228 -16.11 -36.99 -45.08
N ASP D 229 -15.70 -35.83 -44.57
CA ASP D 229 -15.30 -35.71 -43.18
C ASP D 229 -16.51 -35.42 -42.29
N LEU D 230 -17.71 -35.36 -42.85
CA LEU D 230 -18.92 -35.09 -42.10
C LEU D 230 -19.89 -36.28 -42.09
N ILE D 231 -19.42 -37.47 -42.48
CA ILE D 231 -20.27 -38.66 -42.53
C ILE D 231 -19.99 -39.53 -41.32
N GLY D 232 -21.05 -39.87 -40.58
CA GLY D 232 -20.92 -40.70 -39.39
C GLY D 232 -22.00 -40.38 -38.37
N ARG D 233 -22.60 -41.42 -37.79
CA ARG D 233 -23.74 -41.25 -36.88
C ARG D 233 -23.22 -41.14 -35.45
N ASP D 234 -23.47 -39.97 -34.83
CA ASP D 234 -23.05 -39.66 -33.45
C ASP D 234 -21.55 -39.82 -33.25
N VAL D 235 -20.77 -39.42 -34.24
CA VAL D 235 -19.32 -39.55 -34.22
C VAL D 235 -18.70 -38.17 -34.09
N VAL D 236 -17.82 -37.99 -33.10
CA VAL D 236 -17.11 -36.74 -32.91
C VAL D 236 -15.99 -36.70 -33.95
N ARG D 237 -16.23 -35.99 -35.04
CA ARG D 237 -15.31 -35.96 -36.17
C ARG D 237 -14.66 -34.59 -36.28
N PRO D 238 -13.34 -34.50 -36.13
CA PRO D 238 -12.68 -33.19 -36.20
C PRO D 238 -12.59 -32.66 -37.62
N TYR D 239 -12.46 -31.34 -37.73
CA TYR D 239 -12.27 -30.66 -39.00
C TYR D 239 -11.22 -29.57 -38.80
N GLN D 240 -10.17 -29.60 -39.60
CA GLN D 240 -9.10 -28.61 -39.51
C GLN D 240 -9.48 -27.36 -40.28
N THR D 241 -8.96 -26.22 -39.82
CA THR D 241 -9.25 -24.92 -40.42
C THR D 241 -8.28 -24.54 -41.53
N MET D 242 -7.67 -25.53 -42.19
CA MET D 242 -6.78 -25.26 -43.32
C MET D 242 -7.62 -24.84 -44.52
N SER D 243 -7.54 -23.57 -44.89
CA SER D 243 -8.36 -23.01 -45.96
C SER D 243 -7.66 -23.22 -47.30
N ASN D 244 -8.35 -23.90 -48.22
CA ASN D 244 -7.84 -24.06 -49.58
C ASN D 244 -8.25 -22.86 -50.42
N PRO D 245 -7.30 -22.12 -51.00
CA PRO D 245 -7.67 -20.91 -51.77
C PRO D 245 -8.31 -21.21 -53.12
N MET D 246 -8.17 -22.43 -53.64
CA MET D 246 -8.70 -22.75 -54.96
C MET D 246 -9.94 -23.64 -54.92
N SER D 247 -10.31 -24.15 -53.75
CA SER D 247 -11.47 -25.03 -53.65
C SER D 247 -12.76 -24.24 -53.73
N LYS D 248 -13.68 -24.70 -54.57
CA LYS D 248 -15.01 -24.10 -54.63
C LYS D 248 -15.83 -24.41 -53.37
N LEU D 249 -15.53 -25.51 -52.70
CA LEU D 249 -16.16 -25.82 -51.41
C LEU D 249 -15.58 -24.88 -50.35
N THR D 250 -16.35 -23.86 -49.98
CA THR D 250 -15.87 -22.83 -49.07
C THR D 250 -15.76 -23.38 -47.64
N VAL D 251 -14.88 -22.74 -46.86
CA VAL D 251 -14.56 -23.24 -45.54
C VAL D 251 -15.67 -22.92 -44.55
N LEU D 252 -15.67 -23.63 -43.43
CA LEU D 252 -16.65 -23.43 -42.37
C LEU D 252 -16.05 -22.60 -41.25
N ASN D 253 -16.84 -21.63 -40.77
CA ASN D 253 -16.39 -20.72 -39.73
C ASN D 253 -16.47 -21.47 -38.40
N SER D 254 -15.40 -21.41 -37.61
CA SER D 254 -15.21 -22.38 -36.54
C SER D 254 -15.94 -22.02 -35.25
N MET D 255 -15.93 -20.74 -34.85
CA MET D 255 -16.36 -20.40 -33.50
C MET D 255 -17.86 -20.12 -33.37
N HIS D 256 -18.68 -20.58 -34.32
CA HIS D 256 -20.07 -20.80 -34.00
C HIS D 256 -20.25 -22.10 -33.22
N SER D 257 -21.39 -22.21 -32.54
CA SER D 257 -21.67 -23.34 -31.66
C SER D 257 -22.70 -24.31 -32.21
N HIS D 258 -23.63 -23.84 -33.05
CA HIS D 258 -24.67 -24.70 -33.61
C HIS D 258 -24.69 -24.53 -35.12
N PHE D 259 -25.11 -25.60 -35.80
CA PHE D 259 -25.12 -25.62 -37.26
C PHE D 259 -26.34 -26.38 -37.77
N ILE D 260 -26.97 -25.83 -38.80
CA ILE D 260 -28.01 -26.51 -39.58
C ILE D 260 -27.46 -26.74 -40.97
N LEU D 261 -27.52 -27.98 -41.46
CA LEU D 261 -27.01 -28.34 -42.77
C LEU D 261 -28.20 -28.65 -43.67
N ALA D 262 -28.65 -27.62 -44.41
CA ALA D 262 -29.77 -27.77 -45.33
C ALA D 262 -29.33 -28.55 -46.55
N ASP D 263 -29.87 -29.75 -46.70
CA ASP D 263 -29.47 -30.68 -47.75
C ASP D 263 -30.59 -30.76 -48.79
N ASN D 264 -30.30 -30.29 -50.00
CA ASN D 264 -31.23 -30.38 -51.12
C ASN D 264 -30.88 -31.49 -52.11
N GLY D 265 -29.84 -32.28 -51.83
CA GLY D 265 -29.41 -33.33 -52.71
C GLY D 265 -28.37 -32.94 -53.73
N THR D 266 -28.11 -31.66 -53.90
CA THR D 266 -27.09 -31.17 -54.82
C THR D 266 -25.93 -30.55 -54.04
N THR D 267 -24.87 -30.23 -54.76
CA THR D 267 -23.65 -29.70 -54.17
C THR D 267 -23.20 -28.45 -54.90
N GLY D 268 -22.63 -27.52 -54.15
CA GLY D 268 -22.04 -26.32 -54.74
C GLY D 268 -23.04 -25.32 -55.27
N LYS D 269 -24.30 -25.39 -54.84
CA LYS D 269 -25.32 -24.46 -55.27
C LYS D 269 -25.94 -23.77 -54.07
N TYR D 270 -26.27 -22.50 -54.24
CA TYR D 270 -26.84 -21.68 -53.18
C TYR D 270 -28.33 -21.46 -53.43
N GLY D 271 -28.98 -20.82 -52.45
CA GLY D 271 -30.41 -20.61 -52.48
C GLY D 271 -31.23 -21.71 -51.86
N ALA D 272 -30.61 -22.86 -51.58
CA ALA D 272 -31.33 -23.93 -50.89
C ALA D 272 -31.49 -23.63 -49.41
N GLU D 273 -30.52 -22.92 -48.81
CA GLU D 273 -30.62 -22.58 -47.40
C GLU D 273 -31.55 -21.40 -47.14
N VAL D 274 -31.94 -20.67 -48.19
CA VAL D 274 -32.69 -19.43 -48.01
C VAL D 274 -34.14 -19.72 -47.64
N LYS D 275 -34.81 -20.59 -48.43
CA LYS D 275 -36.22 -20.87 -48.21
C LYS D 275 -36.46 -21.67 -46.94
N LEU D 276 -35.52 -22.56 -46.57
CA LEU D 276 -35.63 -23.27 -45.31
C LEU D 276 -35.39 -22.34 -44.12
N ARG D 277 -34.61 -21.28 -44.32
CA ARG D 277 -34.40 -20.30 -43.25
C ARG D 277 -35.63 -19.44 -43.03
N ARG D 278 -36.40 -19.17 -44.10
CA ARG D 278 -37.62 -18.38 -43.98
C ARG D 278 -38.68 -19.12 -43.17
N GLN D 279 -38.83 -20.42 -43.38
CA GLN D 279 -39.90 -21.15 -42.70
C GLN D 279 -39.58 -21.43 -41.23
N LEU D 280 -38.29 -21.50 -40.87
CA LEU D 280 -37.96 -21.70 -39.46
C LEU D 280 -38.09 -20.42 -38.64
N GLU D 281 -37.79 -19.26 -39.24
CA GLU D 281 -37.91 -18.01 -38.51
C GLU D 281 -39.36 -17.55 -38.40
N LYS D 282 -40.22 -17.95 -39.34
CA LYS D 282 -41.63 -17.65 -39.20
C LYS D 282 -42.30 -18.59 -38.21
N HIS D 283 -41.84 -19.84 -38.14
CA HIS D 283 -42.39 -20.77 -37.16
C HIS D 283 -41.95 -20.41 -35.74
N ILE D 284 -40.74 -19.87 -35.59
CA ILE D 284 -40.24 -19.46 -34.28
C ILE D 284 -41.04 -18.28 -33.75
N SER D 285 -41.48 -17.37 -34.62
CA SER D 285 -42.33 -16.27 -34.19
C SER D 285 -43.77 -16.72 -33.95
N LEU D 286 -44.18 -17.87 -34.48
CA LEU D 286 -45.48 -18.43 -34.10
C LEU D 286 -45.43 -19.07 -32.72
N GLN D 287 -44.25 -19.51 -32.27
CA GLN D 287 -44.10 -20.04 -30.92
C GLN D 287 -44.20 -18.90 -29.92
N LYS D 288 -45.29 -18.89 -29.15
CA LYS D 288 -45.55 -17.80 -28.22
C LYS D 288 -44.59 -17.86 -27.04
N ILE D 289 -44.06 -16.69 -26.67
CA ILE D 289 -43.21 -16.59 -25.49
C ILE D 289 -44.07 -16.70 -24.24
N ASN D 290 -43.42 -17.02 -23.11
CA ASN D 290 -44.14 -17.26 -21.86
C ASN D 290 -44.80 -16.01 -21.31
N THR D 291 -44.19 -14.84 -21.52
CA THR D 291 -44.78 -13.60 -21.05
C THR D 291 -45.93 -13.13 -21.93
N ARG D 292 -46.02 -13.64 -23.17
CA ARG D 292 -47.04 -13.29 -24.16
C ARG D 292 -47.08 -11.79 -24.44
N ILE D 293 -45.91 -11.22 -24.73
CA ILE D 293 -45.81 -9.78 -24.96
C ILE D 293 -46.35 -9.43 -26.34
N GLY D 294 -45.76 -10.01 -27.39
CA GLY D 294 -46.18 -9.73 -28.74
C GLY D 294 -46.55 -10.98 -29.52
N GLN D 295 -46.23 -11.00 -30.82
CA GLN D 295 -46.50 -12.15 -31.67
C GLN D 295 -45.33 -13.13 -31.54
N GLY D 296 -45.34 -13.88 -30.45
CA GLY D 296 -44.30 -14.85 -30.19
C GLY D 296 -42.98 -14.20 -29.84
N VAL D 297 -41.90 -14.89 -30.19
CA VAL D 297 -40.54 -14.36 -30.02
C VAL D 297 -40.34 -13.28 -31.07
N PRO D 298 -40.02 -12.05 -30.66
CA PRO D 298 -39.82 -10.97 -31.65
C PRO D 298 -38.54 -11.16 -32.44
N VAL D 299 -38.56 -10.68 -33.69
CA VAL D 299 -37.47 -10.90 -34.62
C VAL D 299 -37.07 -9.59 -35.27
N VAL D 300 -35.83 -9.56 -35.77
CA VAL D 300 -35.26 -8.41 -36.47
C VAL D 300 -34.17 -8.96 -37.38
N ALA D 301 -33.91 -8.26 -38.48
CA ALA D 301 -32.99 -8.75 -39.51
C ALA D 301 -31.93 -7.69 -39.81
N LEU D 302 -30.66 -8.11 -39.83
CA LEU D 302 -29.57 -7.23 -40.23
C LEU D 302 -29.36 -7.32 -41.73
N ILE D 303 -29.00 -6.18 -42.34
CA ILE D 303 -28.50 -6.13 -43.71
C ILE D 303 -27.14 -5.44 -43.68
N VAL D 304 -26.09 -6.19 -44.02
CA VAL D 304 -24.74 -5.65 -44.15
C VAL D 304 -24.25 -6.04 -45.53
N GLU D 305 -23.97 -5.03 -46.36
CA GLU D 305 -23.63 -5.14 -47.80
C GLU D 305 -24.77 -5.89 -48.47
N GLY D 306 -24.52 -6.95 -49.22
CA GLY D 306 -25.57 -7.70 -49.89
C GLY D 306 -25.65 -7.39 -51.37
N GLY D 307 -26.55 -8.12 -52.04
CA GLY D 307 -26.78 -7.94 -53.45
C GLY D 307 -28.23 -7.62 -53.73
N PRO D 308 -28.69 -7.98 -54.94
CA PRO D 308 -30.13 -7.83 -55.25
C PRO D 308 -31.01 -8.80 -54.47
N ASN D 309 -30.45 -9.91 -53.98
CA ASN D 309 -31.20 -10.80 -53.09
C ASN D 309 -31.46 -10.14 -51.74
N VAL D 310 -30.56 -9.26 -51.30
CA VAL D 310 -30.75 -8.55 -50.04
C VAL D 310 -31.93 -7.59 -50.12
N ILE D 311 -32.13 -6.96 -51.28
CA ILE D 311 -33.27 -6.07 -51.47
C ILE D 311 -34.57 -6.85 -51.49
N SER D 312 -34.57 -8.03 -52.13
CA SER D 312 -35.79 -8.80 -52.28
C SER D 312 -36.25 -9.40 -50.95
N ILE D 313 -35.30 -9.80 -50.09
CA ILE D 313 -35.70 -10.30 -48.79
C ILE D 313 -36.02 -9.17 -47.81
N VAL D 314 -35.52 -7.96 -48.06
CA VAL D 314 -35.87 -6.83 -47.20
C VAL D 314 -37.33 -6.43 -47.42
N LEU D 315 -37.76 -6.36 -48.68
CA LEU D 315 -39.16 -6.09 -48.98
C LEU D 315 -40.05 -7.27 -48.59
N GLU D 316 -39.48 -8.48 -48.54
CA GLU D 316 -40.23 -9.63 -48.03
C GLU D 316 -40.49 -9.49 -46.54
N TYR D 317 -39.52 -8.96 -45.79
CA TYR D 317 -39.69 -8.78 -44.35
C TYR D 317 -40.68 -7.67 -44.03
N LEU D 318 -40.69 -6.60 -44.83
CA LEU D 318 -41.53 -5.45 -44.52
C LEU D 318 -43.01 -5.74 -44.77
N ARG D 319 -43.31 -6.57 -45.76
CA ARG D 319 -44.69 -6.91 -46.10
C ARG D 319 -45.13 -8.23 -45.46
N ASP D 320 -44.36 -8.78 -44.54
CA ASP D 320 -44.65 -10.07 -43.94
C ASP D 320 -45.58 -9.90 -42.73
N THR D 321 -46.28 -10.99 -42.42
CA THR D 321 -47.06 -11.07 -41.20
C THR D 321 -46.42 -12.10 -40.26
N PRO D 322 -45.91 -11.69 -39.09
CA PRO D 322 -45.87 -10.34 -38.49
C PRO D 322 -44.82 -9.42 -39.13
N PRO D 323 -44.98 -8.09 -39.01
CA PRO D 323 -44.02 -7.17 -39.64
C PRO D 323 -42.69 -7.06 -38.92
N VAL D 324 -41.76 -7.95 -39.26
CA VAL D 324 -40.42 -7.98 -38.68
C VAL D 324 -39.63 -6.76 -39.15
N PRO D 325 -39.12 -5.93 -38.25
CA PRO D 325 -38.33 -4.78 -38.67
C PRO D 325 -36.95 -5.18 -39.16
N VAL D 326 -36.35 -4.30 -39.97
CA VAL D 326 -35.03 -4.51 -40.54
C VAL D 326 -34.11 -3.40 -40.10
N VAL D 327 -32.99 -3.77 -39.47
CA VAL D 327 -31.91 -2.84 -39.17
C VAL D 327 -30.87 -2.94 -40.28
N VAL D 328 -30.57 -1.80 -40.91
CA VAL D 328 -29.54 -1.73 -41.93
C VAL D 328 -28.40 -0.87 -41.41
N CYS D 329 -27.19 -1.15 -41.90
CA CYS D 329 -25.99 -0.44 -41.48
C CYS D 329 -25.30 0.14 -42.71
N ASP D 330 -25.23 1.46 -42.78
CA ASP D 330 -24.58 2.11 -43.91
C ASP D 330 -23.07 2.18 -43.69
N GLY D 331 -22.36 2.76 -44.66
CA GLY D 331 -20.92 2.82 -44.62
C GLY D 331 -20.21 1.57 -45.05
N SER D 332 -20.94 0.54 -45.50
CA SER D 332 -20.34 -0.70 -45.95
C SER D 332 -20.49 -0.95 -47.44
N GLY D 333 -21.45 -0.30 -48.10
CA GLY D 333 -21.58 -0.38 -49.54
C GLY D 333 -22.60 -1.40 -49.99
N ARG D 334 -22.77 -1.44 -51.32
CA ARG D 334 -23.61 -2.39 -52.06
C ARG D 334 -25.07 -2.21 -51.63
N ALA D 335 -25.75 -3.26 -51.18
CA ALA D 335 -27.20 -3.19 -50.97
C ALA D 335 -27.57 -2.41 -49.70
N SER D 336 -26.65 -2.32 -48.75
CA SER D 336 -26.96 -1.60 -47.51
C SER D 336 -26.95 -0.09 -47.73
N ASP D 337 -26.04 0.41 -48.56
CA ASP D 337 -25.96 1.84 -48.80
C ASP D 337 -27.07 2.35 -49.72
N ILE D 338 -27.67 1.48 -50.54
CA ILE D 338 -28.79 1.91 -51.37
C ILE D 338 -30.13 1.81 -50.65
N LEU D 339 -30.23 0.99 -49.61
CA LEU D 339 -31.40 1.04 -48.74
C LEU D 339 -31.33 2.23 -47.80
N ALA D 340 -30.12 2.59 -47.36
CA ALA D 340 -29.95 3.77 -46.53
C ALA D 340 -30.19 5.06 -47.32
N PHE D 341 -29.71 5.10 -48.57
CA PHE D 341 -29.97 6.26 -49.42
C PHE D 341 -31.43 6.34 -49.83
N GLY D 342 -32.11 5.19 -49.91
CA GLY D 342 -33.53 5.15 -50.13
C GLY D 342 -34.38 5.39 -48.90
N HIS D 343 -33.75 5.63 -47.75
CA HIS D 343 -34.45 5.91 -46.50
C HIS D 343 -34.22 7.32 -45.99
N LYS D 344 -33.05 7.91 -46.24
CA LYS D 344 -32.69 9.17 -45.60
C LYS D 344 -33.43 10.36 -46.21
N TYR D 345 -33.59 10.40 -47.53
CA TYR D 345 -34.21 11.56 -48.18
C TYR D 345 -35.47 11.19 -48.96
N SER D 346 -36.18 10.15 -48.53
CA SER D 346 -37.36 9.68 -49.26
C SER D 346 -38.68 9.93 -48.55
N GLU D 347 -38.65 10.15 -47.22
CA GLU D 347 -39.80 10.56 -46.40
C GLU D 347 -40.96 9.58 -46.44
N GLU D 348 -42.06 9.95 -47.08
CA GLU D 348 -43.27 9.13 -47.07
C GLU D 348 -43.36 8.22 -48.30
N GLY D 349 -42.29 7.47 -48.57
CA GLY D 349 -42.29 6.49 -49.63
C GLY D 349 -42.04 7.07 -51.02
N GLY D 350 -43.04 7.73 -51.59
CA GLY D 350 -42.94 8.36 -52.88
C GLY D 350 -42.47 9.79 -52.86
N LEU D 351 -42.04 10.30 -51.71
CA LEU D 351 -41.58 11.68 -51.60
C LEU D 351 -40.09 11.79 -51.91
N ILE D 352 -39.75 11.45 -53.14
CA ILE D 352 -38.39 11.53 -53.66
C ILE D 352 -38.39 12.44 -54.88
N ASN D 353 -37.38 13.29 -54.99
CA ASN D 353 -37.28 14.18 -56.14
C ASN D 353 -36.54 13.49 -57.29
N GLU D 354 -36.63 14.10 -58.47
CA GLU D 354 -36.09 13.48 -59.67
C GLU D 354 -34.56 13.55 -59.72
N SER D 355 -33.95 14.46 -58.97
CA SER D 355 -32.50 14.58 -58.96
C SER D 355 -31.85 13.42 -58.21
N LEU D 356 -32.39 13.05 -57.05
CA LEU D 356 -31.83 11.95 -56.28
C LEU D 356 -32.37 10.60 -56.71
N ARG D 357 -33.51 10.56 -57.39
CA ARG D 357 -33.96 9.31 -58.01
C ARG D 357 -33.03 8.90 -59.15
N ASP D 358 -32.63 9.86 -59.98
CA ASP D 358 -31.68 9.58 -61.06
C ASP D 358 -30.29 9.32 -60.52
N GLN D 359 -29.94 9.95 -59.39
CA GLN D 359 -28.66 9.70 -58.75
C GLN D 359 -28.58 8.29 -58.17
N LEU D 360 -29.72 7.77 -57.67
CA LEU D 360 -29.75 6.39 -57.20
C LEU D 360 -29.78 5.41 -58.36
N LEU D 361 -30.32 5.83 -59.51
CA LEU D 361 -30.38 4.94 -60.67
C LEU D 361 -29.01 4.76 -61.31
N VAL D 362 -28.19 5.82 -61.34
CA VAL D 362 -26.90 5.74 -61.99
C VAL D 362 -25.90 4.99 -61.11
N THR D 363 -26.11 5.00 -59.78
CA THR D 363 -25.25 4.22 -58.91
C THR D 363 -25.59 2.74 -58.95
N ILE D 364 -26.85 2.41 -59.26
CA ILE D 364 -27.20 1.01 -59.48
C ILE D 364 -26.60 0.50 -60.79
N GLN D 365 -26.67 1.32 -61.85
CA GLN D 365 -26.19 0.89 -63.16
C GLN D 365 -24.67 0.84 -63.25
N LYS D 366 -23.96 1.62 -62.44
CA LYS D 366 -22.51 1.71 -62.56
C LYS D 366 -21.77 1.14 -61.36
N THR D 367 -22.05 1.64 -60.15
CA THR D 367 -21.31 1.17 -58.97
C THR D 367 -21.73 -0.23 -58.56
N PHE D 368 -23.02 -0.55 -58.70
CA PHE D 368 -23.53 -1.88 -58.43
C PHE D 368 -23.39 -2.81 -59.63
N THR D 369 -22.94 -2.28 -60.78
CA THR D 369 -22.69 -3.02 -62.03
C THR D 369 -23.92 -3.79 -62.52
N TYR D 370 -25.09 -3.22 -62.27
CA TYR D 370 -26.36 -3.84 -62.64
C TYR D 370 -26.85 -3.29 -63.98
N THR D 371 -27.73 -4.05 -64.62
CA THR D 371 -28.28 -3.65 -65.90
C THR D 371 -29.25 -2.49 -65.73
N ARG D 372 -29.21 -1.55 -66.68
CA ARG D 372 -30.06 -0.36 -66.61
C ARG D 372 -31.52 -0.66 -66.98
N THR D 373 -31.78 -1.75 -67.69
CA THR D 373 -33.16 -2.08 -68.05
C THR D 373 -33.95 -2.56 -66.84
N GLN D 374 -33.29 -3.30 -65.93
CA GLN D 374 -33.92 -3.75 -64.71
C GLN D 374 -33.57 -2.87 -63.51
N ALA D 375 -32.81 -1.79 -63.73
CA ALA D 375 -32.53 -0.84 -62.65
C ALA D 375 -33.78 -0.05 -62.26
N GLN D 376 -34.68 0.19 -63.21
CA GLN D 376 -35.95 0.81 -62.89
C GLN D 376 -36.84 -0.16 -62.11
N HIS D 377 -36.71 -1.46 -62.38
CA HIS D 377 -37.46 -2.47 -61.62
C HIS D 377 -37.01 -2.53 -60.17
N LEU D 378 -35.70 -2.43 -59.93
CA LEU D 378 -35.19 -2.42 -58.56
C LEU D 378 -35.43 -1.10 -57.86
N PHE D 379 -35.75 -0.04 -58.60
CA PHE D 379 -36.19 1.21 -57.97
C PHE D 379 -37.64 1.10 -57.49
N ILE D 380 -38.45 0.27 -58.16
CA ILE D 380 -39.79 -0.01 -57.67
C ILE D 380 -39.73 -0.84 -56.39
N ILE D 381 -38.79 -1.80 -56.33
CA ILE D 381 -38.62 -2.62 -55.14
C ILE D 381 -38.07 -1.79 -53.99
N LEU D 382 -37.14 -0.87 -54.28
CA LEU D 382 -36.59 0.01 -53.25
C LEU D 382 -37.63 1.01 -52.76
N MET D 383 -38.54 1.45 -53.63
CA MET D 383 -39.63 2.31 -53.19
C MET D 383 -40.67 1.53 -52.38
N GLU D 384 -40.79 0.22 -52.62
CA GLU D 384 -41.63 -0.62 -51.79
C GLU D 384 -41.04 -0.75 -50.38
N CYS D 385 -39.72 -0.79 -50.28
CA CYS D 385 -39.07 -0.73 -48.97
C CYS D 385 -39.22 0.64 -48.33
N MET D 386 -39.40 1.69 -49.15
CA MET D 386 -39.61 3.04 -48.65
C MET D 386 -41.04 3.26 -48.16
N LYS D 387 -41.97 2.39 -48.53
CA LYS D 387 -43.36 2.55 -48.10
C LYS D 387 -43.60 2.11 -46.66
N LYS D 388 -42.65 1.41 -46.05
CA LYS D 388 -42.77 0.88 -44.69
C LYS D 388 -41.54 1.26 -43.87
N LYS D 389 -41.22 2.56 -43.87
CA LYS D 389 -40.04 3.09 -43.19
C LYS D 389 -40.09 2.99 -41.67
N GLU D 390 -41.25 2.68 -41.08
CA GLU D 390 -41.33 2.49 -39.64
C GLU D 390 -40.60 1.23 -39.21
N LEU D 391 -40.48 0.25 -40.12
CA LEU D 391 -39.71 -0.96 -39.83
C LEU D 391 -38.23 -0.78 -40.16
N ILE D 392 -37.92 -0.02 -41.21
CA ILE D 392 -36.54 0.16 -41.64
C ILE D 392 -35.87 1.19 -40.74
N THR D 393 -34.85 0.77 -39.99
CA THR D 393 -34.09 1.64 -39.12
C THR D 393 -32.63 1.65 -39.55
N VAL D 394 -31.97 2.77 -39.31
CA VAL D 394 -30.62 3.02 -39.79
C VAL D 394 -29.69 3.24 -38.61
N PHE D 395 -28.39 3.04 -38.87
CA PHE D 395 -27.33 3.19 -37.86
C PHE D 395 -26.18 3.97 -38.50
N ARG D 396 -26.15 5.28 -38.23
CA ARG D 396 -25.11 6.17 -38.75
C ARG D 396 -24.25 6.62 -37.57
N MET D 397 -23.17 5.89 -37.32
CA MET D 397 -22.25 6.22 -36.24
C MET D 397 -21.42 7.45 -36.58
N GLY D 398 -20.91 8.10 -35.55
CA GLY D 398 -20.11 9.30 -35.72
C GLY D 398 -20.95 10.55 -35.96
N HIS D 402 -18.76 1.40 -24.78
CA HIS D 402 -19.73 2.44 -24.44
C HIS D 402 -20.24 3.14 -25.69
N GLN D 403 -21.54 3.42 -25.70
CA GLN D 403 -22.28 4.02 -26.81
C GLN D 403 -22.10 3.19 -28.09
N ASP D 404 -22.49 1.93 -27.97
CA ASP D 404 -22.39 0.96 -29.05
C ASP D 404 -23.71 0.93 -29.83
N ILE D 405 -23.92 -0.14 -30.61
CA ILE D 405 -25.12 -0.26 -31.43
C ILE D 405 -26.20 -1.05 -30.71
N ASP D 406 -26.05 -1.22 -29.40
CA ASP D 406 -27.02 -2.00 -28.62
C ASP D 406 -28.35 -1.25 -28.50
N LEU D 407 -28.30 0.05 -28.19
CA LEU D 407 -29.54 0.80 -28.00
C LEU D 407 -30.26 1.05 -29.32
N ALA D 408 -29.53 1.00 -30.45
CA ALA D 408 -30.16 1.18 -31.75
C ALA D 408 -31.01 -0.04 -32.12
N ILE D 409 -30.46 -1.25 -31.92
CA ILE D 409 -31.20 -2.45 -32.26
C ILE D 409 -32.28 -2.74 -31.22
N LEU D 410 -32.11 -2.22 -29.99
CA LEU D 410 -33.10 -2.44 -28.95
C LEU D 410 -34.37 -1.64 -29.22
N THR D 411 -34.24 -0.37 -29.61
CA THR D 411 -35.43 0.42 -29.90
C THR D 411 -36.02 0.07 -31.26
N ALA D 412 -35.23 -0.52 -32.16
CA ALA D 412 -35.77 -0.91 -33.46
C ALA D 412 -36.62 -2.16 -33.36
N LEU D 413 -36.25 -3.08 -32.46
CA LEU D 413 -37.02 -4.30 -32.28
C LEU D 413 -38.34 -4.03 -31.58
N LEU D 414 -38.36 -3.06 -30.65
CA LEU D 414 -39.57 -2.73 -29.92
C LEU D 414 -40.46 -1.72 -30.63
N LYS D 415 -39.97 -1.07 -31.69
CA LYS D 415 -40.78 -0.11 -32.43
C LYS D 415 -41.78 -0.82 -33.33
N GLY D 416 -41.27 -1.57 -34.31
CA GLY D 416 -42.12 -2.30 -35.22
C GLY D 416 -42.42 -3.70 -34.77
N ALA D 417 -43.03 -3.83 -33.59
CA ALA D 417 -43.42 -5.13 -33.05
C ALA D 417 -44.92 -5.25 -32.81
N ASN D 418 -45.69 -4.18 -33.01
CA ASN D 418 -47.14 -4.10 -32.79
C ASN D 418 -47.50 -4.48 -31.35
N ALA D 419 -46.67 -4.02 -30.41
CA ALA D 419 -46.84 -4.33 -29.00
C ALA D 419 -47.11 -3.05 -28.22
N SER D 420 -48.01 -3.15 -27.24
CA SER D 420 -48.31 -2.02 -26.37
C SER D 420 -47.16 -1.76 -25.41
N ALA D 421 -47.11 -0.54 -24.89
CA ALA D 421 -46.04 -0.12 -23.98
C ALA D 421 -45.98 -0.89 -22.66
N PRO D 422 -47.11 -1.33 -22.00
CA PRO D 422 -46.97 -2.28 -20.89
C PRO D 422 -46.29 -3.59 -21.28
N ASP D 423 -46.52 -4.08 -22.50
CA ASP D 423 -45.86 -5.30 -22.94
C ASP D 423 -44.39 -5.06 -23.27
N GLN D 424 -44.06 -3.86 -23.76
CA GLN D 424 -42.68 -3.54 -24.11
C GLN D 424 -41.84 -3.32 -22.87
N LEU D 425 -42.47 -2.84 -21.79
CA LEU D 425 -41.76 -2.71 -20.51
C LEU D 425 -41.39 -4.08 -19.96
N SER D 426 -42.28 -5.06 -20.10
CA SER D 426 -42.04 -6.42 -19.65
C SER D 426 -40.88 -7.08 -20.39
N LEU D 427 -40.68 -6.69 -21.65
CA LEU D 427 -39.52 -7.15 -22.39
C LEU D 427 -38.23 -6.57 -21.81
N ALA D 428 -38.30 -5.32 -21.32
CA ALA D 428 -37.13 -4.67 -20.74
C ALA D 428 -36.72 -5.30 -19.41
N LEU D 429 -37.71 -5.75 -18.62
CA LEU D 429 -37.41 -6.50 -17.41
C LEU D 429 -36.77 -7.84 -17.73
N ALA D 430 -37.21 -8.47 -18.81
CA ALA D 430 -36.63 -9.74 -19.24
C ALA D 430 -35.17 -9.58 -19.67
N TRP D 431 -34.86 -8.51 -20.40
CA TRP D 431 -33.50 -8.25 -20.84
C TRP D 431 -32.61 -7.69 -19.74
N ASN D 432 -33.20 -7.12 -18.68
CA ASN D 432 -32.51 -6.37 -17.63
C ASN D 432 -31.62 -5.29 -18.23
N ARG D 433 -32.22 -4.44 -19.06
CA ARG D 433 -31.52 -3.38 -19.76
C ARG D 433 -32.28 -2.08 -19.49
N VAL D 434 -31.94 -1.39 -18.40
CA VAL D 434 -32.86 -0.42 -17.82
C VAL D 434 -32.81 0.92 -18.56
N ASP D 435 -31.66 1.23 -19.17
CA ASP D 435 -31.54 2.53 -19.86
C ASP D 435 -32.24 2.51 -21.21
N ILE D 436 -32.52 1.31 -21.74
CA ILE D 436 -33.36 1.21 -22.93
C ILE D 436 -34.80 1.60 -22.59
N ALA D 437 -35.22 1.35 -21.35
CA ALA D 437 -36.58 1.66 -20.94
C ALA D 437 -36.79 3.16 -20.78
N ARG D 438 -35.79 3.86 -20.23
CA ARG D 438 -35.94 5.30 -19.99
C ARG D 438 -35.81 6.10 -21.29
N SER D 439 -35.24 5.50 -22.33
CA SER D 439 -35.00 6.23 -23.56
C SER D 439 -36.21 6.19 -24.49
N GLN D 440 -36.88 5.04 -24.57
CA GLN D 440 -37.94 4.86 -25.56
C GLN D 440 -39.30 4.58 -24.93
N ILE D 441 -39.35 3.63 -23.99
CA ILE D 441 -40.60 3.15 -23.40
C ILE D 441 -41.27 4.26 -22.60
N PHE D 442 -40.50 4.94 -21.74
CA PHE D 442 -40.99 6.11 -21.02
C PHE D 442 -40.65 7.36 -21.81
N ILE D 443 -41.54 7.70 -22.74
CA ILE D 443 -41.40 8.89 -23.58
C ILE D 443 -42.58 9.80 -23.31
N TYR D 444 -42.48 11.04 -23.79
CA TYR D 444 -43.55 12.01 -23.63
C TYR D 444 -44.78 11.60 -24.43
N GLY D 445 -45.94 11.76 -23.81
CA GLY D 445 -47.20 11.40 -24.44
C GLY D 445 -47.55 9.94 -24.37
N GLN D 446 -46.89 9.16 -23.52
CA GLN D 446 -47.13 7.74 -23.43
C GLN D 446 -48.43 7.46 -22.68
N GLN D 447 -49.27 6.61 -23.27
CA GLN D 447 -50.58 6.29 -22.72
C GLN D 447 -50.53 5.00 -21.90
N TRP D 448 -49.95 5.07 -20.70
CA TRP D 448 -49.94 3.96 -19.75
C TRP D 448 -51.36 3.64 -19.29
N PRO D 449 -51.78 2.38 -19.38
CA PRO D 449 -53.07 1.99 -18.81
C PRO D 449 -53.07 2.03 -17.29
N VAL D 450 -54.27 2.08 -16.72
CA VAL D 450 -54.42 2.16 -15.27
C VAL D 450 -54.22 0.76 -14.68
N GLY D 451 -53.18 0.63 -13.86
CA GLY D 451 -52.85 -0.63 -13.22
C GLY D 451 -51.72 -1.40 -13.87
N SER D 452 -51.38 -1.08 -15.12
CA SER D 452 -50.25 -1.73 -15.78
C SER D 452 -48.93 -1.28 -15.18
N LEU D 453 -48.84 0.01 -14.82
CA LEU D 453 -47.63 0.52 -14.18
C LEU D 453 -47.50 0.01 -12.75
N GLU D 454 -48.64 -0.24 -12.10
CA GLU D 454 -48.64 -0.83 -10.76
C GLU D 454 -48.18 -2.28 -10.81
N GLN D 455 -48.63 -3.02 -11.83
CA GLN D 455 -48.26 -4.43 -11.98
C GLN D 455 -46.80 -4.57 -12.37
N ALA D 456 -46.28 -3.62 -13.15
CA ALA D 456 -44.88 -3.67 -13.57
C ALA D 456 -43.94 -3.43 -12.38
N MET D 457 -44.41 -2.68 -11.38
CA MET D 457 -43.64 -2.51 -10.15
C MET D 457 -43.61 -3.82 -9.35
N LEU D 458 -44.72 -4.56 -9.36
CA LEU D 458 -44.79 -5.86 -8.70
C LEU D 458 -43.83 -6.86 -9.35
N ASP D 459 -43.75 -6.85 -10.68
CA ASP D 459 -42.87 -7.78 -11.38
C ASP D 459 -41.41 -7.39 -11.21
N ALA D 460 -41.12 -6.08 -11.15
CA ALA D 460 -39.75 -5.63 -11.00
C ALA D 460 -39.21 -5.94 -9.60
N LEU D 461 -40.08 -5.95 -8.60
CA LEU D 461 -39.65 -6.25 -7.24
C LEU D 461 -39.33 -7.74 -7.07
N VAL D 462 -40.19 -8.62 -7.59
CA VAL D 462 -40.05 -10.05 -7.30
C VAL D 462 -38.89 -10.66 -8.10
N LEU D 463 -38.57 -10.09 -9.27
CA LEU D 463 -37.43 -10.56 -10.06
C LEU D 463 -36.11 -9.95 -9.61
N ASP D 464 -36.13 -9.08 -8.58
CA ASP D 464 -34.96 -8.38 -8.05
C ASP D 464 -34.27 -7.54 -9.13
N ARG D 465 -34.99 -6.49 -9.54
CA ARG D 465 -34.50 -5.50 -10.49
C ARG D 465 -34.47 -4.17 -9.76
N VAL D 466 -33.33 -3.88 -9.10
CA VAL D 466 -33.23 -2.69 -8.25
C VAL D 466 -33.12 -1.43 -9.09
N ASP D 467 -32.59 -1.55 -10.30
CA ASP D 467 -32.52 -0.39 -11.19
C ASP D 467 -33.89 -0.07 -11.79
N PHE D 468 -34.74 -1.09 -11.97
CA PHE D 468 -36.05 -0.84 -12.55
C PHE D 468 -37.01 -0.23 -11.56
N VAL D 469 -36.93 -0.61 -10.29
CA VAL D 469 -37.84 -0.04 -9.29
C VAL D 469 -37.46 1.40 -8.97
N LYS D 470 -36.20 1.76 -9.22
CA LYS D 470 -35.79 3.16 -9.14
C LYS D 470 -36.43 3.96 -10.27
N LEU D 471 -36.52 3.36 -11.47
CA LEU D 471 -37.07 4.05 -12.62
C LEU D 471 -38.59 4.24 -12.50
N LEU D 472 -39.27 3.23 -11.96
CA LEU D 472 -40.73 3.29 -11.90
C LEU D 472 -41.23 4.29 -10.86
N ILE D 473 -40.47 4.51 -9.78
CA ILE D 473 -40.88 5.48 -8.78
C ILE D 473 -40.44 6.89 -9.21
N GLU D 474 -39.41 6.97 -10.05
CA GLU D 474 -39.00 8.26 -10.59
C GLU D 474 -40.03 8.77 -11.60
N ASN D 475 -40.65 7.85 -12.35
CA ASN D 475 -41.71 8.21 -13.28
C ASN D 475 -43.07 8.33 -12.59
N GLY D 476 -43.15 7.98 -11.31
CA GLY D 476 -44.37 8.12 -10.54
C GLY D 476 -45.11 6.81 -10.38
N VAL D 477 -44.91 6.15 -9.24
CA VAL D 477 -45.59 4.91 -8.92
C VAL D 477 -46.31 4.96 -7.58
N SER D 478 -45.90 5.88 -6.68
CA SER D 478 -46.56 6.19 -5.41
C SER D 478 -46.62 4.95 -4.51
N MET D 479 -45.48 4.59 -3.90
CA MET D 479 -45.38 3.37 -3.10
C MET D 479 -46.37 3.31 -1.94
N HIS D 480 -46.86 4.46 -1.46
CA HIS D 480 -47.93 4.48 -0.47
C HIS D 480 -49.22 3.87 -1.01
N ARG D 481 -49.57 4.18 -2.26
CA ARG D 481 -50.75 3.62 -2.91
C ARG D 481 -50.51 2.24 -3.49
N PHE D 482 -49.25 1.91 -3.82
CA PHE D 482 -48.94 0.60 -4.37
C PHE D 482 -49.04 -0.49 -3.31
N LEU D 483 -48.53 -0.22 -2.13
CA LEU D 483 -48.38 -1.25 -1.11
C LEU D 483 -49.73 -1.55 -0.46
N THR D 484 -50.31 -2.68 -0.83
CA THR D 484 -51.50 -3.21 -0.18
C THR D 484 -51.11 -4.51 0.51
N ILE D 485 -52.01 -5.02 1.34
CA ILE D 485 -51.78 -6.27 2.05
C ILE D 485 -51.77 -7.43 1.06
N SER D 486 -52.69 -7.40 0.09
CA SER D 486 -52.81 -8.49 -0.87
C SER D 486 -51.62 -8.52 -1.83
N ARG D 487 -51.13 -7.35 -2.24
CA ARG D 487 -49.97 -7.31 -3.12
C ARG D 487 -48.69 -7.71 -2.39
N LEU D 488 -48.53 -7.26 -1.14
CA LEU D 488 -47.34 -7.60 -0.37
C LEU D 488 -47.30 -9.07 -0.01
N GLU D 489 -48.48 -9.70 0.03
CA GLU D 489 -48.59 -11.15 0.17
C GLU D 489 -47.92 -11.85 -1.01
N GLU D 490 -48.05 -11.28 -2.20
CA GLU D 490 -47.44 -11.87 -3.40
C GLU D 490 -45.93 -11.67 -3.42
N LEU D 491 -45.45 -10.61 -2.76
CA LEU D 491 -44.00 -10.42 -2.60
C LEU D 491 -43.37 -11.51 -1.75
N TYR D 492 -44.14 -12.13 -0.86
CA TYR D 492 -43.64 -13.06 0.15
C TYR D 492 -43.68 -14.51 -0.29
N ASN D 493 -44.57 -14.87 -1.21
CA ASN D 493 -44.65 -16.21 -1.76
C ASN D 493 -44.01 -16.32 -3.14
N THR D 494 -43.37 -15.26 -3.63
CA THR D 494 -42.80 -15.27 -4.97
C THR D 494 -41.51 -16.10 -5.02
N ARG D 495 -41.47 -17.03 -5.98
CA ARG D 495 -40.30 -17.87 -6.20
C ARG D 495 -39.52 -17.49 -7.44
N HIS D 496 -39.92 -16.43 -8.15
CA HIS D 496 -39.28 -16.05 -9.41
C HIS D 496 -38.14 -15.08 -9.12
N GLY D 497 -37.08 -15.59 -8.50
CA GLY D 497 -35.95 -14.77 -8.13
C GLY D 497 -34.90 -15.54 -7.37
N PRO D 498 -33.98 -14.82 -6.73
CA PRO D 498 -33.00 -15.45 -5.83
C PRO D 498 -33.69 -16.12 -4.64
N SER D 499 -33.03 -17.15 -4.11
CA SER D 499 -33.59 -18.02 -3.09
C SER D 499 -33.80 -17.27 -1.77
N ASN D 500 -34.66 -17.85 -0.92
CA ASN D 500 -34.96 -17.30 0.39
C ASN D 500 -34.85 -18.39 1.45
N THR D 501 -34.40 -17.98 2.63
CA THR D 501 -34.29 -18.85 3.80
C THR D 501 -35.61 -18.89 4.58
N LEU D 502 -36.55 -18.01 4.24
CA LEU D 502 -37.82 -17.78 4.93
C LEU D 502 -38.72 -19.01 4.97
N TYR D 503 -38.54 -19.94 4.03
CA TYR D 503 -39.33 -21.17 4.02
C TYR D 503 -39.02 -22.05 5.23
N HIS D 504 -37.76 -22.06 5.65
CA HIS D 504 -37.37 -22.80 6.85
C HIS D 504 -37.85 -22.10 8.11
N LEU D 505 -37.85 -20.76 8.10
CA LEU D 505 -38.20 -20.00 9.29
C LEU D 505 -39.69 -20.08 9.60
N VAL D 506 -40.53 -20.08 8.55
CA VAL D 506 -41.98 -20.11 8.77
C VAL D 506 -42.42 -21.49 9.25
N ARG D 507 -41.69 -22.53 8.87
CA ARG D 507 -42.01 -23.88 9.34
C ARG D 507 -41.69 -24.04 10.82
N ASP D 508 -40.62 -23.39 11.27
CA ASP D 508 -40.18 -23.54 12.65
C ASP D 508 -41.07 -22.79 13.63
N VAL D 509 -41.65 -21.66 13.19
CA VAL D 509 -42.46 -20.87 14.11
C VAL D 509 -43.88 -21.41 14.19
N LYS D 510 -44.34 -22.11 13.14
CA LYS D 510 -45.62 -22.79 13.24
C LYS D 510 -45.49 -24.10 14.02
N LYS D 511 -44.29 -24.68 14.03
CA LYS D 511 -44.03 -25.87 14.84
C LYS D 511 -44.11 -25.54 16.34
N ARG D 512 -43.56 -24.39 16.73
CA ARG D 512 -43.64 -23.98 18.13
C ARG D 512 -45.03 -23.49 18.50
N GLU D 513 -45.75 -22.91 17.54
CA GLU D 513 -47.09 -22.41 17.82
C GLU D 513 -48.09 -23.55 17.94
N TYR D 514 -47.81 -24.68 17.29
CA TYR D 514 -48.68 -25.84 17.35
C TYR D 514 -48.49 -26.59 18.67
N LEU D 526 -45.13 -29.06 7.55
CA LEU D 526 -45.51 -27.98 6.64
C LEU D 526 -46.00 -28.52 5.29
N PRO D 527 -47.26 -28.27 4.96
CA PRO D 527 -47.76 -28.53 3.60
C PRO D 527 -46.98 -27.74 2.57
N PRO D 528 -46.69 -28.33 1.40
CA PRO D 528 -45.93 -27.59 0.38
C PRO D 528 -46.80 -26.72 -0.53
N ASP D 529 -47.90 -26.21 0.01
CA ASP D 529 -48.70 -25.22 -0.71
C ASP D 529 -49.13 -24.07 0.17
N TYR D 530 -48.42 -23.82 1.27
CA TYR D 530 -48.84 -22.85 2.28
C TYR D 530 -48.67 -21.44 1.71
N ARG D 531 -49.68 -20.61 1.94
CA ARG D 531 -49.66 -19.22 1.51
C ARG D 531 -49.19 -18.41 2.72
N ILE D 532 -47.89 -18.12 2.79
CA ILE D 532 -47.29 -17.54 3.98
C ILE D 532 -47.78 -16.11 4.19
N SER D 533 -48.58 -15.92 5.23
CA SER D 533 -49.35 -14.70 5.44
C SER D 533 -48.53 -13.64 6.16
N LEU D 534 -49.15 -12.45 6.29
CA LEU D 534 -48.54 -11.36 7.04
C LEU D 534 -48.46 -11.72 8.53
N ILE D 535 -49.43 -12.47 9.02
CA ILE D 535 -49.38 -13.00 10.39
C ILE D 535 -48.25 -14.02 10.50
N ASP D 536 -48.05 -14.81 9.44
CA ASP D 536 -47.07 -15.89 9.47
C ASP D 536 -45.64 -15.38 9.56
N ILE D 537 -45.33 -14.26 8.89
CA ILE D 537 -43.99 -13.69 9.04
C ILE D 537 -43.89 -12.89 10.34
N GLY D 538 -45.03 -12.58 10.94
CA GLY D 538 -45.03 -11.80 12.17
C GLY D 538 -44.35 -12.54 13.30
N LEU D 539 -44.66 -13.82 13.45
CA LEU D 539 -44.01 -14.65 14.47
C LEU D 539 -42.54 -14.89 14.13
N VAL D 540 -42.19 -14.80 12.84
CA VAL D 540 -40.80 -14.91 12.42
C VAL D 540 -39.99 -13.72 12.93
N ILE D 541 -40.58 -12.52 12.85
CA ILE D 541 -39.87 -11.30 13.25
C ILE D 541 -39.67 -11.26 14.77
N GLU D 542 -40.69 -11.70 15.52
CA GLU D 542 -40.55 -11.81 16.97
C GLU D 542 -39.49 -12.84 17.37
N TYR D 543 -39.42 -13.94 16.63
CA TYR D 543 -38.46 -14.99 16.94
C TYR D 543 -37.03 -14.53 16.65
N LEU D 544 -36.85 -13.76 15.58
CA LEU D 544 -35.50 -13.35 15.19
C LEU D 544 -35.01 -12.20 16.05
N MET D 545 -35.80 -11.13 16.14
CA MET D 545 -35.40 -9.95 16.93
C MET D 545 -35.35 -10.28 18.41
N GLY D 546 -36.23 -11.16 18.86
CA GLY D 546 -36.16 -11.70 20.21
C GLY D 546 -36.60 -10.73 21.27
N GLY D 547 -36.45 -11.18 22.52
CA GLY D 547 -36.82 -10.41 23.69
C GLY D 547 -38.30 -10.13 23.78
N ALA D 548 -38.68 -8.86 23.63
CA ALA D 548 -40.07 -8.44 23.74
C ALA D 548 -40.55 -7.63 22.55
N TYR D 549 -39.94 -7.81 21.38
CA TYR D 549 -40.37 -7.08 20.19
C TYR D 549 -41.71 -7.66 19.75
N ARG D 550 -42.78 -6.88 19.88
CA ARG D 550 -44.12 -7.30 19.49
C ARG D 550 -44.46 -6.59 18.18
N CYS D 551 -44.30 -7.33 17.07
CA CYS D 551 -44.47 -6.77 15.72
C CYS D 551 -45.90 -6.33 15.49
N ASN D 552 -46.05 -5.28 14.66
CA ASN D 552 -47.34 -4.66 14.39
C ASN D 552 -48.29 -5.63 13.70
N TYR D 553 -47.74 -6.60 12.95
CA TYR D 553 -48.56 -7.62 12.31
C TYR D 553 -49.27 -8.50 13.34
N THR D 554 -48.58 -8.86 14.41
CA THR D 554 -49.16 -9.72 15.43
C THR D 554 -50.00 -8.97 16.45
N ARG D 555 -50.06 -7.64 16.37
CA ARG D 555 -50.95 -6.89 17.25
C ARG D 555 -52.41 -7.16 16.87
N LYS D 556 -53.30 -7.02 17.85
CA LYS D 556 -54.69 -7.45 17.69
C LYS D 556 -55.45 -6.59 16.70
N ARG D 557 -54.99 -5.35 16.47
CA ARG D 557 -55.59 -4.49 15.46
C ARG D 557 -55.40 -5.03 14.04
N PHE D 558 -54.21 -5.56 13.75
CA PHE D 558 -53.94 -6.03 12.40
C PHE D 558 -54.55 -7.42 12.17
N ARG D 559 -54.67 -8.22 13.24
CA ARG D 559 -55.24 -9.57 13.11
C ARG D 559 -56.71 -9.53 12.72
N THR D 560 -57.48 -8.61 13.31
CA THR D 560 -58.90 -8.52 12.99
C THR D 560 -59.13 -7.97 11.59
N LEU D 561 -58.26 -7.06 11.15
CA LEU D 561 -58.41 -6.49 9.81
C LEU D 561 -57.96 -7.49 8.75
N TYR D 562 -57.03 -8.39 9.10
CA TYR D 562 -56.58 -9.42 8.17
C TYR D 562 -57.66 -10.47 7.96
N HIS D 563 -58.36 -10.84 9.04
CA HIS D 563 -59.44 -11.82 8.92
C HIS D 563 -60.65 -11.23 8.22
N ASN D 564 -60.88 -9.92 8.38
CA ASN D 564 -62.02 -9.27 7.75
C ASN D 564 -61.82 -9.09 6.26
N LEU D 565 -60.61 -8.70 5.85
CA LEU D 565 -60.30 -8.40 4.45
C LEU D 565 -59.75 -9.61 3.70
N PHE D 566 -59.57 -10.73 4.40
CA PHE D 566 -59.07 -11.95 3.77
C PHE D 566 -59.53 -13.18 4.55
N GLU D 607 -57.61 4.14 2.21
CA GLU D 607 -56.36 3.41 2.32
C GLU D 607 -56.29 2.61 3.62
N ILE D 608 -57.37 1.86 3.91
CA ILE D 608 -57.42 1.06 5.13
C ILE D 608 -56.53 -0.16 5.07
N ASN D 609 -56.19 -0.64 3.89
CA ASN D 609 -55.25 -1.75 3.72
C ASN D 609 -53.94 -1.30 3.11
N HIS D 610 -53.65 -0.01 3.13
CA HIS D 610 -52.36 0.54 2.73
C HIS D 610 -51.59 0.90 3.99
N PHE D 611 -50.35 0.47 4.08
CA PHE D 611 -49.56 0.71 5.28
C PHE D 611 -49.08 2.15 5.32
N PRO D 612 -49.08 2.80 6.49
CA PRO D 612 -48.76 4.24 6.55
C PRO D 612 -47.32 4.58 6.17
N PHE D 613 -46.37 3.74 6.54
CA PHE D 613 -44.98 3.96 6.18
C PHE D 613 -44.52 2.80 5.31
N PRO D 614 -44.71 2.88 3.98
CA PRO D 614 -44.46 1.71 3.11
C PRO D 614 -43.02 1.21 3.08
N PHE D 615 -42.05 2.11 3.21
CA PHE D 615 -40.65 1.73 3.05
C PHE D 615 -40.14 0.93 4.23
N HIS D 616 -40.86 0.99 5.35
CA HIS D 616 -40.57 0.12 6.50
C HIS D 616 -40.81 -1.34 6.16
N GLU D 617 -41.90 -1.63 5.45
CA GLU D 617 -42.28 -3.01 5.18
C GLU D 617 -41.58 -3.57 3.95
N LEU D 618 -41.24 -2.70 2.99
CA LEU D 618 -40.45 -3.16 1.85
C LEU D 618 -39.01 -3.45 2.26
N MET D 619 -38.54 -2.86 3.36
CA MET D 619 -37.23 -3.25 3.88
C MET D 619 -37.25 -4.66 4.43
N VAL D 620 -38.24 -4.97 5.28
CA VAL D 620 -38.24 -6.25 5.98
C VAL D 620 -38.63 -7.39 5.03
N TRP D 621 -39.21 -7.04 3.87
CA TRP D 621 -39.33 -7.98 2.79
C TRP D 621 -37.97 -8.42 2.27
N ALA D 622 -37.09 -7.46 2.00
CA ALA D 622 -35.79 -7.77 1.41
C ALA D 622 -34.83 -8.36 2.43
N VAL D 623 -34.95 -7.96 3.69
CA VAL D 623 -34.09 -8.49 4.75
C VAL D 623 -34.38 -9.97 4.99
N LEU D 624 -35.68 -10.33 5.01
CA LEU D 624 -36.05 -11.71 5.25
C LEU D 624 -35.75 -12.60 4.04
N MET D 625 -35.92 -12.06 2.84
CA MET D 625 -35.75 -12.86 1.62
C MET D 625 -34.41 -12.63 0.93
N LYS D 626 -33.41 -12.09 1.65
CA LYS D 626 -32.00 -12.01 1.24
C LYS D 626 -31.77 -11.16 0.00
N ARG D 627 -32.69 -10.25 -0.33
CA ARG D 627 -32.61 -9.44 -1.54
C ARG D 627 -31.88 -8.15 -1.19
N GLN D 628 -30.58 -8.27 -1.01
CA GLN D 628 -29.75 -7.29 -0.31
C GLN D 628 -29.47 -6.03 -1.11
N LYS D 629 -29.33 -6.15 -2.44
CA LYS D 629 -29.19 -5.00 -3.31
C LYS D 629 -30.44 -4.14 -3.29
N MET D 630 -31.60 -4.79 -3.14
CA MET D 630 -32.85 -4.07 -3.00
C MET D 630 -32.97 -3.44 -1.61
N ALA D 631 -32.29 -4.01 -0.62
CA ALA D 631 -32.46 -3.58 0.77
C ALA D 631 -31.84 -2.21 1.01
N LEU D 632 -30.72 -1.91 0.37
CA LEU D 632 -30.11 -0.59 0.52
C LEU D 632 -30.94 0.49 -0.17
N PHE D 633 -31.60 0.13 -1.28
CA PHE D 633 -32.46 1.07 -1.98
C PHE D 633 -33.67 1.44 -1.13
N PHE D 634 -34.26 0.45 -0.47
CA PHE D 634 -35.42 0.72 0.36
C PHE D 634 -35.05 1.36 1.70
N TRP D 635 -33.78 1.24 2.11
CA TRP D 635 -33.35 1.85 3.36
C TRP D 635 -33.28 3.37 3.23
N GLN D 636 -32.72 3.84 2.12
CA GLN D 636 -32.53 5.27 1.88
C GLN D 636 -33.85 6.02 1.79
N HIS D 637 -34.75 5.56 0.92
CA HIS D 637 -36.04 6.21 0.73
C HIS D 637 -36.93 5.84 1.90
N GLY D 638 -37.48 6.84 2.57
CA GLY D 638 -38.36 6.61 3.70
C GLY D 638 -37.87 7.37 4.91
N GLU D 639 -38.42 7.02 6.06
CA GLU D 639 -38.10 7.67 7.32
C GLU D 639 -37.63 6.62 8.32
N GLU D 640 -37.08 7.12 9.44
CA GLU D 640 -36.65 6.34 10.60
C GLU D 640 -35.57 5.32 10.22
N ALA D 641 -34.61 5.81 9.45
CA ALA D 641 -33.50 5.00 8.93
C ALA D 641 -32.57 4.50 10.04
N MET D 642 -32.43 5.27 11.13
CA MET D 642 -31.63 4.82 12.26
C MET D 642 -32.27 3.63 12.95
N ALA D 643 -33.61 3.61 13.01
CA ALA D 643 -34.33 2.43 13.48
C ALA D 643 -34.12 1.28 12.51
N LYS D 644 -34.27 1.54 11.21
CA LYS D 644 -34.25 0.54 10.16
C LYS D 644 -32.94 -0.23 10.02
N ALA D 645 -31.81 0.47 10.15
CA ALA D 645 -30.51 -0.19 10.04
C ALA D 645 -30.24 -1.11 11.24
N LEU D 646 -30.69 -0.70 12.42
CA LEU D 646 -30.47 -1.52 13.62
C LEU D 646 -31.41 -2.71 13.68
N VAL D 647 -32.63 -2.56 13.17
CA VAL D 647 -33.55 -3.70 13.06
C VAL D 647 -33.02 -4.72 12.06
N ALA D 648 -32.54 -4.24 10.90
CA ALA D 648 -32.02 -5.13 9.87
C ALA D 648 -30.72 -5.80 10.34
N CYS D 649 -29.97 -5.15 11.21
CA CYS D 649 -28.80 -5.78 11.82
C CYS D 649 -29.20 -6.93 12.73
N LYS D 650 -30.35 -6.80 13.41
CA LYS D 650 -30.80 -7.84 14.33
C LYS D 650 -31.31 -9.08 13.57
N LEU D 651 -32.12 -8.87 12.54
CA LEU D 651 -32.71 -10.01 11.84
C LEU D 651 -31.71 -10.74 10.94
N CYS D 652 -30.68 -10.04 10.46
CA CYS D 652 -29.68 -10.73 9.65
C CYS D 652 -28.73 -11.57 10.49
N LYS D 653 -28.40 -11.12 11.71
CA LYS D 653 -27.61 -11.98 12.59
C LYS D 653 -28.41 -13.19 13.04
N ALA D 654 -29.68 -13.00 13.33
CA ALA D 654 -30.50 -14.08 13.89
C ALA D 654 -30.86 -15.10 12.83
N MET D 655 -31.07 -14.65 11.58
CA MET D 655 -31.28 -15.59 10.48
C MET D 655 -29.99 -16.33 10.16
N ALA D 656 -28.84 -15.70 10.37
CA ALA D 656 -27.55 -16.35 10.21
C ALA D 656 -27.36 -17.46 11.24
N HIS D 657 -27.71 -17.18 12.49
CA HIS D 657 -27.52 -18.16 13.56
C HIS D 657 -28.53 -19.29 13.45
N GLU D 658 -29.74 -18.98 12.95
CA GLU D 658 -30.76 -20.01 12.80
C GLU D 658 -30.45 -20.91 11.61
N ALA D 659 -29.94 -20.34 10.52
CA ALA D 659 -29.56 -21.14 9.37
C ALA D 659 -28.33 -21.99 9.67
N SER D 660 -27.41 -21.46 10.48
CA SER D 660 -26.25 -22.24 10.90
C SER D 660 -26.64 -23.30 11.93
N GLU D 661 -27.75 -23.08 12.65
CA GLU D 661 -28.27 -24.10 13.56
C GLU D 661 -28.74 -25.32 12.77
N ASN D 662 -29.43 -25.09 11.66
CA ASN D 662 -29.81 -26.15 10.71
C ASN D 662 -28.69 -26.43 9.69
N ASP D 663 -27.50 -25.86 9.93
CA ASP D 663 -26.26 -25.86 9.12
C ASP D 663 -26.53 -25.94 7.62
N MET D 664 -27.38 -25.04 7.15
CA MET D 664 -27.51 -24.77 5.73
C MET D 664 -26.23 -24.13 5.22
N VAL D 665 -26.12 -24.08 3.88
CA VAL D 665 -24.89 -23.89 3.11
C VAL D 665 -24.06 -22.70 3.59
N ASP D 666 -22.75 -22.89 3.63
CA ASP D 666 -21.85 -21.94 4.29
C ASP D 666 -21.73 -20.63 3.52
N ASP D 667 -22.16 -20.62 2.26
CA ASP D 667 -22.32 -19.37 1.53
C ASP D 667 -23.36 -18.48 2.21
N ILE D 668 -24.56 -19.03 2.46
CA ILE D 668 -25.67 -18.27 3.02
C ILE D 668 -25.37 -17.83 4.45
N SER D 669 -24.75 -18.71 5.24
CA SER D 669 -24.42 -18.38 6.62
C SER D 669 -23.37 -17.28 6.71
N GLN D 670 -22.43 -17.27 5.77
CA GLN D 670 -21.41 -16.22 5.76
C GLN D 670 -21.97 -14.89 5.27
N GLU D 671 -22.81 -14.91 4.23
CA GLU D 671 -23.28 -13.65 3.66
C GLU D 671 -24.34 -13.01 4.55
N LEU D 672 -25.01 -13.80 5.39
CA LEU D 672 -25.96 -13.23 6.33
C LEU D 672 -25.25 -12.51 7.46
N ASN D 673 -24.07 -13.00 7.84
CA ASN D 673 -23.22 -12.25 8.77
C ASN D 673 -22.58 -11.04 8.09
N HIS D 674 -22.41 -11.11 6.77
CA HIS D 674 -21.86 -9.97 6.04
C HIS D 674 -22.90 -8.87 5.88
N ASN D 675 -24.14 -9.25 5.60
CA ASN D 675 -25.24 -8.30 5.42
C ASN D 675 -25.61 -7.64 6.74
N SER D 676 -25.39 -8.34 7.85
CA SER D 676 -25.63 -7.75 9.16
C SER D 676 -24.56 -6.73 9.51
N ARG D 677 -23.31 -6.98 9.12
CA ARG D 677 -22.27 -6.00 9.41
C ARG D 677 -22.27 -4.87 8.37
N ASP D 678 -22.98 -5.02 7.25
CA ASP D 678 -23.23 -3.87 6.39
C ASP D 678 -24.26 -2.93 6.99
N PHE D 679 -25.49 -3.43 7.23
CA PHE D 679 -26.54 -2.62 7.84
C PHE D 679 -26.16 -2.07 9.20
N GLY D 680 -25.27 -2.76 9.90
CA GLY D 680 -24.64 -2.21 11.07
C GLY D 680 -23.79 -0.97 10.83
N GLN D 681 -22.84 -1.03 9.90
CA GLN D 681 -21.96 0.12 9.65
C GLN D 681 -22.72 1.30 9.07
N LEU D 682 -23.78 1.04 8.30
CA LEU D 682 -24.64 2.12 7.80
C LEU D 682 -25.36 2.85 8.94
N ALA D 683 -25.55 2.17 10.07
CA ALA D 683 -26.07 2.84 11.26
C ALA D 683 -24.99 3.66 11.97
N VAL D 684 -23.75 3.18 11.96
CA VAL D 684 -22.67 3.83 12.71
C VAL D 684 -22.31 5.18 12.10
N GLU D 685 -22.12 5.22 10.78
CA GLU D 685 -21.78 6.48 10.12
C GLU D 685 -22.97 7.45 10.12
N LEU D 686 -24.18 6.92 10.23
CA LEU D 686 -25.35 7.78 10.41
C LEU D 686 -25.31 8.47 11.77
N LEU D 687 -24.82 7.76 12.80
CA LEU D 687 -24.71 8.36 14.12
C LEU D 687 -23.57 9.38 14.17
N ASP D 688 -22.47 9.07 13.48
CA ASP D 688 -21.35 10.02 13.37
C ASP D 688 -21.76 11.29 12.63
N GLN D 689 -22.54 11.13 11.55
CA GLN D 689 -22.99 12.28 10.77
C GLN D 689 -23.97 13.13 11.56
N SER D 690 -24.86 12.49 12.32
CA SER D 690 -25.82 13.24 13.13
C SER D 690 -25.13 13.93 14.29
N TYR D 691 -23.99 13.40 14.73
CA TYR D 691 -23.28 14.02 15.86
C TYR D 691 -22.60 15.32 15.45
N LYS D 692 -22.03 15.36 14.24
CA LYS D 692 -21.27 16.54 13.84
C LYS D 692 -22.16 17.69 13.38
N GLN D 693 -23.41 17.39 12.98
CA GLN D 693 -24.32 18.47 12.59
C GLN D 693 -24.75 19.28 13.80
N ASP D 694 -25.43 18.65 14.74
CA ASP D 694 -25.80 19.23 16.03
C ASP D 694 -26.02 18.08 17.01
N GLU D 695 -25.48 18.23 18.22
CA GLU D 695 -25.52 17.20 19.24
C GLU D 695 -26.92 16.99 19.79
N GLN D 696 -27.68 18.07 19.96
CA GLN D 696 -28.95 18.03 20.68
C GLN D 696 -30.01 17.17 19.99
N LEU D 697 -30.13 17.26 18.67
CA LEU D 697 -31.05 16.41 17.95
C LEU D 697 -30.51 14.98 17.81
N ALA D 698 -29.21 14.79 18.03
CA ALA D 698 -28.62 13.46 17.91
C ALA D 698 -28.97 12.57 19.09
N MET D 699 -29.05 13.13 20.30
CA MET D 699 -29.60 12.35 21.42
C MET D 699 -31.09 12.12 21.23
N LYS D 700 -31.78 13.04 20.54
CA LYS D 700 -33.20 12.87 20.27
C LYS D 700 -33.45 11.71 19.31
N LEU D 701 -32.52 11.47 18.39
CA LEU D 701 -32.65 10.36 17.45
C LEU D 701 -32.47 9.01 18.15
N LEU D 702 -31.65 8.97 19.19
CA LEU D 702 -31.34 7.70 19.85
C LEU D 702 -32.39 7.28 20.87
N THR D 703 -33.40 8.11 21.15
CA THR D 703 -34.14 7.97 22.39
C THR D 703 -35.66 8.11 22.19
N TYR D 704 -36.12 8.55 21.02
CA TYR D 704 -37.56 8.72 20.85
C TYR D 704 -38.24 7.37 20.68
N GLU D 705 -39.54 7.34 20.98
CA GLU D 705 -40.30 6.09 21.03
C GLU D 705 -40.67 5.68 19.61
N LEU D 706 -40.11 4.55 19.18
CA LEU D 706 -40.27 3.99 17.84
C LEU D 706 -41.58 3.23 17.81
N LYS D 707 -42.66 3.93 17.47
CA LYS D 707 -43.99 3.33 17.54
C LYS D 707 -44.17 2.25 16.46
N ASN D 708 -43.49 2.39 15.34
CA ASN D 708 -43.57 1.37 14.29
C ASN D 708 -42.65 0.19 14.54
N TRP D 709 -41.76 0.26 15.52
CA TRP D 709 -40.79 -0.80 15.79
C TRP D 709 -40.94 -1.29 17.22
N SER D 710 -42.20 -1.39 17.66
CA SER D 710 -42.64 -1.94 18.95
C SER D 710 -42.01 -1.16 20.12
N ASN D 711 -42.43 0.11 20.17
CA ASN D 711 -42.28 1.08 21.27
C ASN D 711 -40.94 1.04 22.01
N ALA D 712 -39.84 0.99 21.26
CA ALA D 712 -38.52 0.93 21.88
C ALA D 712 -37.69 2.11 21.40
N THR D 713 -36.41 2.15 21.76
CA THR D 713 -35.55 3.21 21.28
C THR D 713 -34.48 2.60 20.39
N CYS D 714 -33.75 3.46 19.68
CA CYS D 714 -32.65 2.98 18.85
C CYS D 714 -31.52 2.42 19.70
N LEU D 715 -31.42 2.87 20.95
CA LEU D 715 -30.45 2.30 21.89
C LEU D 715 -30.86 0.89 22.30
N GLN D 716 -32.17 0.63 22.42
CA GLN D 716 -32.63 -0.71 22.79
C GLN D 716 -32.54 -1.68 21.61
N LEU D 717 -32.65 -1.18 20.38
CA LEU D 717 -32.40 -2.04 19.23
C LEU D 717 -30.91 -2.29 19.03
N ALA D 718 -30.06 -1.43 19.61
CA ALA D 718 -28.63 -1.66 19.56
C ALA D 718 -28.22 -2.83 20.45
N VAL D 719 -28.88 -2.98 21.60
CA VAL D 719 -28.47 -4.02 22.55
C VAL D 719 -29.11 -5.36 22.21
N ALA D 720 -30.27 -5.34 21.55
CA ALA D 720 -30.88 -6.58 21.09
C ALA D 720 -30.09 -7.19 19.95
N ALA D 721 -29.52 -6.36 19.09
CA ALA D 721 -28.72 -6.83 17.98
C ALA D 721 -27.27 -7.09 18.35
N LYS D 722 -26.83 -6.61 19.54
CA LYS D 722 -25.44 -6.65 20.01
C LYS D 722 -24.48 -6.08 18.96
N HIS D 723 -24.82 -4.89 18.45
CA HIS D 723 -24.00 -4.26 17.42
C HIS D 723 -22.64 -3.82 17.94
N ARG D 724 -22.52 -3.60 19.25
CA ARG D 724 -21.32 -3.25 20.01
C ARG D 724 -20.85 -1.81 19.73
N ASP D 725 -20.28 -1.57 18.53
CA ASP D 725 -19.62 -0.29 18.25
C ASP D 725 -20.59 0.89 18.14
N PHE D 726 -21.89 0.61 18.00
CA PHE D 726 -22.88 1.68 18.04
C PHE D 726 -22.94 2.33 19.41
N ILE D 727 -22.63 1.54 20.44
CA ILE D 727 -22.69 2.00 21.82
C ILE D 727 -21.35 2.59 22.28
N ALA D 728 -20.25 2.19 21.64
CA ALA D 728 -18.96 2.80 21.93
C ALA D 728 -18.83 4.22 21.37
N HIS D 729 -19.78 4.66 20.55
CA HIS D 729 -19.76 5.99 19.98
C HIS D 729 -20.06 7.04 21.05
N THR D 730 -19.52 8.24 20.86
CA THR D 730 -19.49 9.26 21.91
C THR D 730 -20.87 9.83 22.21
N CYS D 731 -21.78 9.82 21.23
CA CYS D 731 -23.14 10.30 21.44
C CYS D 731 -23.90 9.44 22.45
N SER D 732 -23.78 8.12 22.33
CA SER D 732 -24.51 7.24 23.24
C SER D 732 -23.83 7.16 24.60
N GLN D 733 -22.50 7.24 24.64
CA GLN D 733 -21.80 7.27 25.93
C GLN D 733 -22.09 8.55 26.71
N MET D 734 -22.44 9.60 25.98
CA MET D 734 -22.86 10.85 26.66
C MET D 734 -24.35 10.71 27.03
N LEU D 735 -25.04 9.74 26.41
CA LEU D 735 -26.48 9.51 26.67
C LEU D 735 -26.64 8.59 27.89
N LEU D 736 -25.63 7.80 28.20
CA LEU D 736 -25.67 6.93 29.38
C LEU D 736 -25.06 7.59 30.60
N THR D 737 -24.03 8.42 30.41
CA THR D 737 -23.38 9.08 31.56
C THR D 737 -24.30 10.09 32.22
N ASP D 738 -25.07 10.84 31.43
CA ASP D 738 -25.93 11.86 32.02
C ASP D 738 -27.13 11.26 32.75
N MET D 739 -27.45 9.99 32.47
CA MET D 739 -28.43 9.27 33.27
C MET D 739 -27.78 8.64 34.48
N TRP D 740 -26.52 8.20 34.35
CA TRP D 740 -25.81 7.47 35.39
C TRP D 740 -25.52 8.42 36.55
N MET D 741 -25.06 9.62 36.25
CA MET D 741 -24.99 10.68 37.25
C MET D 741 -26.36 11.14 37.70
N GLY D 742 -27.39 10.98 36.87
CA GLY D 742 -28.72 11.44 37.24
C GLY D 742 -28.84 12.95 37.17
N ARG D 743 -29.49 13.53 38.19
CA ARG D 743 -29.57 14.97 38.29
C ARG D 743 -28.35 15.57 38.96
N LEU D 744 -27.44 14.74 39.48
CA LEU D 744 -26.20 15.20 40.11
C LEU D 744 -25.27 15.72 39.03
N ARG D 745 -25.04 17.04 39.04
CA ARG D 745 -24.21 17.68 38.03
C ARG D 745 -22.73 17.38 38.29
N MET D 746 -22.41 17.02 39.54
CA MET D 746 -21.03 16.74 39.94
C MET D 746 -20.51 15.50 39.24
N ARG D 747 -19.35 15.67 38.59
CA ARG D 747 -18.87 14.71 37.62
C ARG D 747 -17.36 14.50 37.79
N LYS D 748 -16.71 15.42 38.49
CA LYS D 748 -15.26 15.39 38.66
C LYS D 748 -14.92 14.70 39.98
N ASN D 749 -14.15 13.61 39.88
CA ASN D 749 -13.74 12.77 41.01
C ASN D 749 -14.94 12.28 41.80
N SER D 750 -15.97 11.85 41.08
CA SER D 750 -17.15 11.28 41.72
C SER D 750 -16.87 9.82 42.11
N GLY D 751 -17.84 9.17 42.73
CA GLY D 751 -17.57 7.87 43.31
C GLY D 751 -17.19 7.98 44.78
N LEU D 752 -16.16 8.76 45.08
CA LEU D 752 -15.85 9.08 46.47
C LEU D 752 -16.88 10.02 47.07
N LYS D 753 -17.35 10.99 46.28
CA LYS D 753 -18.28 12.01 46.79
C LYS D 753 -19.65 11.43 47.08
N VAL D 754 -20.01 10.33 46.40
CA VAL D 754 -21.34 9.77 46.60
C VAL D 754 -21.37 8.86 47.83
N ILE D 755 -20.26 8.20 48.15
CA ILE D 755 -20.23 7.30 49.31
C ILE D 755 -20.33 8.08 50.62
N LEU D 756 -19.68 9.25 50.68
CA LEU D 756 -19.88 10.15 51.81
C LEU D 756 -21.27 10.77 51.80
N GLY D 757 -21.96 10.72 50.66
CA GLY D 757 -23.37 11.11 50.64
C GLY D 757 -24.25 10.22 51.49
N ILE D 758 -24.07 8.89 51.34
CA ILE D 758 -24.80 7.96 52.20
C ILE D 758 -24.28 7.98 53.63
N LEU D 759 -22.96 7.85 53.80
CA LEU D 759 -22.39 7.68 55.14
C LEU D 759 -22.53 8.95 55.98
N LEU D 760 -22.59 10.10 55.31
CA LEU D 760 -22.95 11.37 55.93
C LEU D 760 -24.15 11.95 55.18
N PRO D 761 -25.37 11.74 55.67
CA PRO D 761 -26.57 12.37 55.06
C PRO D 761 -26.54 13.90 55.04
N PRO D 762 -25.90 14.64 56.02
CA PRO D 762 -25.79 16.10 55.82
C PRO D 762 -24.99 16.60 54.61
N SER D 763 -24.10 15.79 54.02
CA SER D 763 -23.25 16.34 52.95
C SER D 763 -23.90 16.23 51.58
N ILE D 764 -25.19 15.88 51.51
CA ILE D 764 -25.97 15.94 50.27
C ILE D 764 -26.14 17.40 49.88
N LEU D 765 -26.30 18.27 50.88
CA LEU D 765 -26.56 19.68 50.63
C LEU D 765 -25.37 20.39 49.98
N SER D 766 -24.15 19.91 50.26
CA SER D 766 -22.96 20.46 49.63
C SER D 766 -22.61 19.70 48.34
N LEU D 767 -23.59 19.63 47.45
CA LEU D 767 -23.44 18.99 46.16
C LEU D 767 -24.13 19.83 45.09
N GLU D 768 -23.79 19.57 43.84
CA GLU D 768 -24.31 20.31 42.70
C GLU D 768 -25.42 19.50 42.04
N PHE D 769 -26.58 20.11 41.90
CA PHE D 769 -27.70 19.53 41.15
C PHE D 769 -28.05 20.46 40.01
N LYS D 770 -28.30 19.89 38.83
CA LYS D 770 -28.65 20.67 37.65
C LYS D 770 -29.99 21.36 37.84
N ASN D 771 -30.08 22.59 37.33
CA ASN D 771 -31.29 23.39 37.46
C ASN D 771 -32.38 22.90 36.53
N LYS D 772 -33.64 23.19 36.86
CA LYS D 772 -34.77 22.78 36.04
C LYS D 772 -34.98 23.75 34.89
N LEU D 834 -36.16 23.45 53.39
CA LEU D 834 -37.55 23.04 53.42
C LEU D 834 -37.93 22.25 52.17
N ILE D 835 -38.81 22.82 51.35
CA ILE D 835 -39.24 22.20 50.10
C ILE D 835 -38.14 22.16 49.04
N PRO D 836 -37.22 23.14 48.92
CA PRO D 836 -35.99 22.87 48.13
C PRO D 836 -35.15 21.73 48.68
N LEU D 837 -35.09 21.58 50.01
CA LEU D 837 -34.26 20.54 50.62
C LEU D 837 -34.84 19.15 50.34
N GLY D 838 -36.16 19.04 50.27
CA GLY D 838 -36.79 17.77 49.95
C GLY D 838 -36.49 17.32 48.53
N ARG D 839 -36.40 18.27 47.60
CA ARG D 839 -36.03 17.95 46.23
C ARG D 839 -34.56 17.52 46.14
N LYS D 840 -33.73 18.05 47.03
CA LYS D 840 -32.31 17.69 47.02
C LYS D 840 -32.10 16.26 47.50
N ILE D 841 -32.91 15.82 48.46
CA ILE D 841 -32.83 14.44 48.94
C ILE D 841 -33.35 13.48 47.88
N TYR D 842 -34.46 13.84 47.24
CA TYR D 842 -35.12 12.94 46.29
C TYR D 842 -34.30 12.78 45.01
N GLU D 843 -33.76 13.88 44.48
CA GLU D 843 -33.02 13.82 43.22
C GLU D 843 -31.66 13.15 43.42
N PHE D 844 -31.14 13.17 44.65
CA PHE D 844 -29.85 12.53 44.89
C PHE D 844 -29.99 11.01 44.96
N TYR D 845 -30.82 10.49 45.87
CA TYR D 845 -30.96 9.06 46.07
C TYR D 845 -31.64 8.34 44.91
N ASN D 846 -32.34 9.04 44.03
CA ASN D 846 -32.96 8.41 42.86
C ASN D 846 -32.06 8.49 41.64
N ALA D 847 -30.80 8.88 41.82
CA ALA D 847 -29.82 8.82 40.76
C ALA D 847 -29.17 7.44 40.79
N PRO D 848 -28.93 6.82 39.62
CA PRO D 848 -28.25 5.52 39.59
C PRO D 848 -26.83 5.52 40.15
N ILE D 849 -26.16 6.66 40.22
CA ILE D 849 -24.86 6.75 40.89
C ILE D 849 -25.02 6.42 42.38
N VAL D 850 -26.14 6.81 42.97
CA VAL D 850 -26.41 6.47 44.36
C VAL D 850 -26.97 5.06 44.47
N LYS D 851 -27.92 4.70 43.60
CA LYS D 851 -28.55 3.39 43.63
C LYS D 851 -27.61 2.24 43.27
N PHE D 852 -26.40 2.56 42.80
CA PHE D 852 -25.31 1.60 42.72
C PHE D 852 -24.51 1.57 44.02
N TRP D 853 -24.05 2.72 44.52
CA TRP D 853 -23.15 2.77 45.67
C TRP D 853 -23.87 2.72 47.02
N PHE D 854 -25.15 2.34 47.00
CA PHE D 854 -26.02 2.16 48.16
C PHE D 854 -26.77 0.85 48.10
N TYR D 855 -26.71 0.15 46.97
CA TYR D 855 -26.94 -1.28 46.91
C TYR D 855 -25.68 -2.09 47.13
N THR D 856 -24.51 -1.53 46.79
CA THR D 856 -23.25 -2.25 46.93
C THR D 856 -22.75 -2.23 48.38
N LEU D 857 -22.88 -1.09 49.06
CA LEU D 857 -22.47 -1.00 50.45
C LEU D 857 -23.32 -1.89 51.35
N ALA D 858 -24.59 -2.04 50.99
CA ALA D 858 -25.44 -2.99 51.72
C ALA D 858 -25.10 -4.43 51.36
N TYR D 859 -24.50 -4.65 50.19
CA TYR D 859 -24.06 -5.99 49.81
C TYR D 859 -22.78 -6.39 50.53
N ILE D 860 -21.92 -5.43 50.83
CA ILE D 860 -20.74 -5.63 51.66
C ILE D 860 -21.25 -5.97 53.06
N GLY D 861 -22.33 -5.32 53.46
CA GLY D 861 -23.09 -5.68 54.64
C GLY D 861 -23.61 -7.11 54.63
N TYR D 862 -24.05 -7.61 53.46
CA TYR D 862 -24.51 -8.99 53.36
C TYR D 862 -23.36 -9.95 53.58
N LEU D 863 -22.20 -9.63 53.00
CA LEU D 863 -21.06 -10.55 53.02
C LEU D 863 -20.47 -10.68 54.42
N MET D 864 -20.34 -9.55 55.13
CA MET D 864 -19.73 -9.59 56.46
C MET D 864 -20.66 -10.21 57.49
N LEU D 865 -21.96 -9.92 57.40
CA LEU D 865 -22.89 -10.47 58.38
C LEU D 865 -23.23 -11.92 58.14
N PHE D 866 -23.01 -12.44 56.92
CA PHE D 866 -23.21 -13.87 56.72
C PHE D 866 -21.95 -14.65 57.08
N ASN D 867 -20.79 -14.02 56.95
CA ASN D 867 -19.55 -14.61 57.46
C ASN D 867 -19.57 -14.67 58.98
N TYR D 868 -20.25 -13.74 59.63
CA TYR D 868 -20.31 -13.78 61.08
C TYR D 868 -21.34 -14.83 61.60
N ILE D 869 -22.15 -15.50 60.77
CA ILE D 869 -23.10 -16.49 61.26
C ILE D 869 -22.77 -17.91 60.80
N VAL D 870 -21.69 -18.12 60.04
CA VAL D 870 -21.25 -19.46 59.69
C VAL D 870 -19.95 -19.84 60.38
N LEU D 871 -19.25 -18.89 61.00
CA LEU D 871 -18.07 -19.16 61.80
C LEU D 871 -18.35 -19.11 63.29
N VAL D 872 -19.41 -18.41 63.69
CA VAL D 872 -19.92 -18.39 65.06
C VAL D 872 -20.95 -19.52 65.14
N LYS D 873 -21.19 -20.06 66.35
CA LYS D 873 -22.13 -21.16 66.59
C LYS D 873 -23.54 -20.83 66.13
N MET D 874 -24.20 -21.84 65.58
CA MET D 874 -25.64 -21.63 65.29
C MET D 874 -26.37 -22.22 66.50
N GLU D 875 -27.67 -21.99 66.62
CA GLU D 875 -28.42 -22.48 67.80
C GLU D 875 -29.82 -22.91 67.37
N ARG D 876 -30.55 -23.54 68.27
CA ARG D 876 -31.88 -24.04 67.95
C ARG D 876 -32.72 -22.98 67.23
N TRP D 877 -32.62 -21.74 67.69
CA TRP D 877 -33.29 -20.62 67.05
C TRP D 877 -32.24 -19.67 66.48
N PRO D 878 -32.56 -18.90 65.44
CA PRO D 878 -31.55 -18.02 64.83
C PRO D 878 -31.03 -16.94 65.77
N SER D 879 -29.74 -16.65 65.63
CA SER D 879 -29.12 -15.54 66.32
C SER D 879 -29.61 -14.22 65.73
N THR D 880 -29.39 -13.13 66.47
CA THR D 880 -29.87 -11.82 66.05
C THR D 880 -29.21 -11.37 64.76
N GLN D 881 -27.90 -11.59 64.63
CA GLN D 881 -27.15 -11.22 63.43
C GLN D 881 -27.51 -12.10 62.22
N GLU D 882 -28.23 -13.20 62.45
CA GLU D 882 -28.73 -14.04 61.38
C GLU D 882 -30.11 -13.58 60.89
N TRP D 883 -30.93 -12.96 61.75
CA TRP D 883 -32.23 -12.47 61.30
C TRP D 883 -32.15 -11.32 60.31
N ILE D 884 -31.07 -10.54 60.33
CA ILE D 884 -30.91 -9.51 59.30
C ILE D 884 -30.45 -10.17 57.99
N VAL D 885 -29.69 -11.27 58.09
CA VAL D 885 -29.24 -11.97 56.90
C VAL D 885 -30.40 -12.71 56.21
N ILE D 886 -31.32 -13.28 56.99
CA ILE D 886 -32.40 -14.04 56.38
C ILE D 886 -33.45 -13.13 55.75
N SER D 887 -33.54 -11.88 56.21
CA SER D 887 -34.45 -10.90 55.61
C SER D 887 -33.89 -10.35 54.29
N TYR D 888 -32.56 -10.35 54.16
CA TYR D 888 -31.89 -10.05 52.90
C TYR D 888 -32.36 -10.95 51.76
N ILE D 889 -32.56 -12.24 52.05
CA ILE D 889 -32.83 -13.22 51.00
C ILE D 889 -34.29 -13.18 50.58
N PHE D 890 -35.21 -13.10 51.55
CA PHE D 890 -36.64 -13.05 51.23
C PHE D 890 -37.02 -11.77 50.48
N THR D 891 -36.51 -10.62 50.91
CA THR D 891 -36.85 -9.38 50.20
C THR D 891 -36.03 -9.22 48.94
N LEU D 892 -34.97 -10.01 48.77
CA LEU D 892 -34.40 -10.21 47.44
C LEU D 892 -35.41 -10.91 46.53
N GLY D 893 -36.08 -11.94 47.07
CA GLY D 893 -37.03 -12.70 46.27
C GLY D 893 -38.26 -11.90 45.89
N ILE D 894 -38.70 -11.00 46.78
CA ILE D 894 -39.78 -10.08 46.46
C ILE D 894 -39.34 -9.12 45.38
N GLU D 895 -38.07 -8.72 45.41
CA GLU D 895 -37.54 -7.77 44.44
C GLU D 895 -37.41 -8.40 43.05
N LYS D 896 -37.13 -9.70 42.99
CA LYS D 896 -37.06 -10.37 41.70
C LYS D 896 -38.46 -10.57 41.11
N MET D 897 -39.49 -10.67 41.95
CA MET D 897 -40.85 -10.82 41.46
C MET D 897 -41.39 -9.57 40.77
N ARG D 898 -40.97 -8.38 41.21
CA ARG D 898 -41.41 -7.18 40.50
C ARG D 898 -40.59 -6.96 39.23
N GLU D 899 -39.47 -7.68 39.09
CA GLU D 899 -38.70 -7.65 37.87
C GLU D 899 -39.44 -8.44 36.79
N ILE D 900 -40.05 -9.55 37.19
CA ILE D 900 -40.89 -10.35 36.31
C ILE D 900 -42.16 -9.59 35.96
N LEU D 901 -42.84 -9.06 36.98
CA LEU D 901 -44.20 -8.55 36.81
C LEU D 901 -44.22 -7.22 36.08
N MET D 902 -43.20 -6.39 36.28
CA MET D 902 -43.16 -5.08 35.62
C MET D 902 -42.25 -5.12 34.40
N SER D 903 -42.15 -6.28 33.74
CA SER D 903 -41.33 -6.42 32.55
C SER D 903 -42.11 -6.03 31.29
N GLU D 904 -41.46 -6.14 30.14
CA GLU D 904 -42.02 -5.71 28.86
C GLU D 904 -43.02 -6.67 28.19
N PRO D 905 -42.83 -8.01 28.15
CA PRO D 905 -43.88 -8.85 27.57
C PRO D 905 -45.14 -8.88 28.42
N GLY D 906 -46.26 -9.20 27.77
CA GLY D 906 -47.57 -9.13 28.41
C GLY D 906 -48.18 -10.44 28.87
N LYS D 907 -47.64 -11.58 28.44
CA LYS D 907 -48.15 -12.88 28.85
C LYS D 907 -47.36 -13.36 30.06
N LEU D 908 -48.01 -14.14 30.92
CA LEU D 908 -47.37 -14.61 32.15
C LEU D 908 -46.21 -15.55 31.87
N LEU D 909 -46.37 -16.42 30.88
CA LEU D 909 -45.28 -17.30 30.47
C LEU D 909 -44.20 -16.53 29.72
N GLN D 910 -44.56 -15.40 29.09
CA GLN D 910 -43.58 -14.63 28.33
C GLN D 910 -42.71 -13.78 29.25
N LYS D 911 -43.27 -13.31 30.36
CA LYS D 911 -42.49 -12.59 31.37
C LYS D 911 -41.39 -13.45 31.97
N VAL D 912 -41.71 -14.71 32.31
CA VAL D 912 -40.72 -15.58 32.93
C VAL D 912 -39.74 -16.12 31.89
N LYS D 913 -40.15 -16.14 30.62
CA LYS D 913 -39.29 -16.69 29.56
C LYS D 913 -38.07 -15.81 29.33
N VAL D 914 -38.28 -14.49 29.23
CA VAL D 914 -37.17 -13.58 29.04
C VAL D 914 -36.43 -13.33 30.35
N TRP D 915 -37.04 -13.70 31.48
CA TRP D 915 -36.43 -13.44 32.78
C TRP D 915 -35.35 -14.51 32.98
N LEU D 916 -35.56 -15.71 32.42
CA LEU D 916 -34.55 -16.76 32.46
C LEU D 916 -33.55 -16.69 31.31
N GLN D 917 -33.60 -15.66 30.47
CA GLN D 917 -32.61 -15.59 29.39
C GLN D 917 -31.26 -15.03 29.82
N GLU D 918 -31.17 -14.43 31.00
CA GLU D 918 -29.90 -13.92 31.51
C GLU D 918 -29.32 -14.95 32.48
N TYR D 919 -28.07 -15.34 32.25
CA TYR D 919 -27.47 -16.48 32.95
C TYR D 919 -27.29 -16.20 34.44
N TRP D 920 -26.86 -14.99 34.78
CA TRP D 920 -26.68 -14.63 36.18
C TRP D 920 -28.03 -14.47 36.88
N ASN D 921 -29.08 -14.22 36.09
CA ASN D 921 -30.42 -14.17 36.66
C ASN D 921 -30.96 -15.60 36.88
N VAL D 922 -30.50 -16.56 36.08
CA VAL D 922 -30.87 -17.97 36.29
C VAL D 922 -30.23 -18.49 37.57
N THR D 923 -28.92 -18.25 37.73
CA THR D 923 -28.22 -18.68 38.93
C THR D 923 -28.60 -17.83 40.14
N ASP D 924 -29.22 -16.67 39.92
CA ASP D 924 -29.88 -15.96 41.00
C ASP D 924 -31.05 -16.75 41.55
N LEU D 925 -31.92 -17.24 40.67
CA LEU D 925 -33.20 -17.84 41.06
C LEU D 925 -32.98 -19.10 41.90
N ILE D 926 -32.01 -19.93 41.53
CA ILE D 926 -31.71 -21.11 42.31
C ILE D 926 -31.10 -20.75 43.66
N ALA D 927 -30.39 -19.62 43.73
CA ALA D 927 -29.61 -19.29 44.92
C ALA D 927 -30.49 -18.93 46.11
N ILE D 928 -31.63 -18.27 45.88
CA ILE D 928 -32.61 -18.08 46.95
C ILE D 928 -33.21 -19.42 47.37
N LEU D 929 -33.46 -20.33 46.42
CA LEU D 929 -34.12 -21.58 46.79
C LEU D 929 -33.22 -22.53 47.58
N LEU D 930 -31.90 -22.50 47.35
CA LEU D 930 -31.02 -23.27 48.24
C LEU D 930 -30.91 -22.64 49.63
N PHE D 931 -31.00 -21.31 49.74
CA PHE D 931 -30.97 -20.76 51.09
C PHE D 931 -32.31 -20.94 51.78
N SER D 932 -33.40 -21.03 51.02
CA SER D 932 -34.73 -21.20 51.58
C SER D 932 -34.95 -22.62 52.11
N VAL D 933 -34.35 -23.61 51.44
CA VAL D 933 -34.35 -24.94 52.02
C VAL D 933 -33.32 -25.03 53.14
N GLY D 934 -32.31 -24.15 53.10
CA GLY D 934 -31.32 -24.05 54.13
C GLY D 934 -31.87 -23.67 55.49
N MET D 935 -32.89 -22.81 55.51
CA MET D 935 -33.43 -22.33 56.78
C MET D 935 -34.39 -23.35 57.40
N ILE D 936 -35.02 -24.20 56.58
CA ILE D 936 -35.91 -25.22 57.13
C ILE D 936 -35.13 -26.33 57.81
N LEU D 937 -34.09 -26.82 57.13
CA LEU D 937 -33.25 -27.90 57.71
C LEU D 937 -32.58 -27.36 58.98
N ARG D 938 -32.14 -26.09 58.94
CA ARG D 938 -31.50 -25.47 60.13
C ARG D 938 -32.57 -25.30 61.23
N LEU D 939 -33.86 -25.32 60.87
CA LEU D 939 -34.91 -25.06 61.88
C LEU D 939 -35.49 -26.45 62.22
N GLN D 940 -35.13 -27.46 61.43
CA GLN D 940 -35.75 -28.80 61.62
C GLN D 940 -35.40 -29.36 63.00
N ASP D 941 -34.30 -30.11 63.07
CA ASP D 941 -33.87 -30.70 64.35
C ASP D 941 -32.34 -30.82 64.30
N GLN D 942 -31.71 -31.06 65.45
CA GLN D 942 -30.23 -31.26 65.45
C GLN D 942 -29.83 -32.11 64.24
N PRO D 943 -30.46 -33.28 63.95
CA PRO D 943 -29.98 -34.16 62.86
C PRO D 943 -29.91 -33.55 61.47
N PHE D 944 -30.57 -32.40 61.26
CA PHE D 944 -30.43 -31.69 60.00
C PHE D 944 -29.89 -30.27 60.14
N ARG D 945 -29.61 -29.78 61.35
CA ARG D 945 -29.06 -28.44 61.51
C ARG D 945 -27.62 -28.39 61.00
N SER D 946 -26.87 -29.47 61.19
CA SER D 946 -25.54 -29.57 60.59
C SER D 946 -25.60 -29.62 59.08
N ASP D 947 -26.66 -30.21 58.52
CA ASP D 947 -26.80 -30.29 57.08
C ASP D 947 -27.17 -28.94 56.49
N GLY D 948 -28.11 -28.23 57.12
CA GLY D 948 -28.53 -26.91 56.66
C GLY D 948 -27.45 -25.86 56.83
N ARG D 949 -26.55 -26.09 57.79
CA ARG D 949 -25.35 -25.26 57.91
C ARG D 949 -24.45 -25.42 56.70
N VAL D 950 -24.31 -26.65 56.20
CA VAL D 950 -23.56 -26.90 54.97
C VAL D 950 -24.23 -26.25 53.77
N ILE D 951 -25.57 -26.24 53.77
CA ILE D 951 -26.34 -25.66 52.67
C ILE D 951 -26.19 -24.14 52.67
N TYR D 952 -26.01 -23.55 53.86
CA TYR D 952 -25.61 -22.15 53.95
C TYR D 952 -24.22 -21.93 53.38
N CYS D 953 -23.31 -22.90 53.57
CA CYS D 953 -21.91 -22.68 53.25
C CYS D 953 -21.65 -22.76 51.75
N VAL D 954 -22.55 -23.38 50.98
CA VAL D 954 -22.37 -23.38 49.53
C VAL D 954 -22.95 -22.11 48.94
N ASN D 955 -23.73 -21.35 49.72
CA ASN D 955 -24.25 -20.07 49.24
C ASN D 955 -23.17 -19.01 49.19
N ILE D 956 -22.27 -18.99 50.18
CA ILE D 956 -21.25 -17.94 50.25
C ILE D 956 -20.21 -18.12 49.16
N ILE D 957 -20.11 -19.34 48.62
CA ILE D 957 -19.33 -19.57 47.40
C ILE D 957 -19.94 -18.80 46.24
N TYR D 958 -21.26 -18.84 46.10
CA TYR D 958 -21.94 -18.17 44.99
C TYR D 958 -21.90 -16.65 45.12
N TRP D 959 -22.20 -16.13 46.32
CA TRP D 959 -22.50 -14.71 46.45
C TRP D 959 -21.26 -13.83 46.34
N TYR D 960 -20.08 -14.40 46.57
CA TYR D 960 -18.84 -13.69 46.24
C TYR D 960 -18.63 -13.64 44.73
N ILE D 961 -19.04 -14.70 44.01
CA ILE D 961 -18.90 -14.75 42.56
C ILE D 961 -19.93 -13.83 41.89
N ARG D 962 -20.97 -13.42 42.62
CA ARG D 962 -21.88 -12.39 42.13
C ARG D 962 -21.16 -11.06 41.91
N LEU D 963 -20.12 -10.79 42.72
CA LEU D 963 -19.36 -9.55 42.63
C LEU D 963 -18.66 -9.38 41.28
N LEU D 964 -18.63 -10.49 40.56
CA LEU D 964 -18.01 -10.42 39.23
C LEU D 964 -18.96 -9.62 38.34
N ASP D 965 -20.27 -9.89 38.42
CA ASP D 965 -21.25 -9.10 37.63
C ASP D 965 -21.06 -7.61 37.93
N ILE D 966 -20.50 -7.25 39.06
CA ILE D 966 -20.41 -5.79 39.31
C ILE D 966 -19.00 -5.34 38.92
N PHE D 967 -18.02 -6.24 39.00
CA PHE D 967 -16.61 -5.82 38.74
C PHE D 967 -16.42 -5.42 37.28
N GLY D 968 -17.45 -5.64 36.45
CA GLY D 968 -17.31 -5.37 35.01
C GLY D 968 -17.72 -3.96 34.63
N VAL D 969 -17.66 -3.00 35.57
CA VAL D 969 -17.96 -1.62 35.20
C VAL D 969 -16.80 -0.74 35.63
N ASN D 970 -15.78 -1.35 36.23
CA ASN D 970 -14.67 -0.58 36.79
C ASN D 970 -13.70 -0.06 35.73
N LYS D 971 -13.71 -0.68 34.53
CA LYS D 971 -12.85 -0.49 33.35
C LYS D 971 -11.48 -1.14 33.55
N TYR D 972 -11.17 -1.56 34.79
CA TYR D 972 -9.91 -2.26 35.04
C TYR D 972 -10.15 -3.72 35.40
N LEU D 973 -11.08 -4.00 36.32
CA LEU D 973 -11.46 -5.39 36.59
C LEU D 973 -12.38 -5.92 35.49
N GLY D 974 -12.98 -5.03 34.72
CA GLY D 974 -13.85 -5.37 33.62
C GLY D 974 -13.26 -6.27 32.56
N PRO D 975 -12.07 -5.91 32.03
CA PRO D 975 -11.31 -6.84 31.18
C PRO D 975 -10.96 -8.17 31.83
N TYR D 976 -10.75 -8.18 33.15
CA TYR D 976 -10.33 -9.42 33.81
C TYR D 976 -11.49 -10.40 33.94
N VAL D 977 -12.69 -9.93 34.30
CA VAL D 977 -13.81 -10.83 34.45
C VAL D 977 -14.36 -11.26 33.09
N MET D 978 -13.97 -10.57 32.01
CA MET D 978 -14.26 -11.07 30.68
C MET D 978 -13.45 -12.32 30.39
N MET D 979 -12.21 -12.37 30.89
CA MET D 979 -11.39 -13.57 30.73
C MET D 979 -11.98 -14.75 31.50
N ILE D 980 -12.57 -14.49 32.67
CA ILE D 980 -13.03 -15.56 33.55
C ILE D 980 -14.14 -16.38 32.88
N GLY D 981 -15.02 -15.70 32.14
CA GLY D 981 -16.00 -16.38 31.33
C GLY D 981 -15.42 -17.17 30.18
N LYS D 982 -14.45 -16.59 29.46
CA LYS D 982 -13.90 -17.24 28.27
C LYS D 982 -13.05 -18.45 28.63
N MET D 983 -12.41 -18.42 29.80
CA MET D 983 -11.54 -19.52 30.21
C MET D 983 -12.32 -20.70 30.76
N MET D 984 -13.62 -20.52 31.03
CA MET D 984 -14.44 -21.67 31.43
C MET D 984 -14.59 -22.68 30.30
N ILE D 985 -14.72 -22.19 29.07
CA ILE D 985 -14.82 -23.09 27.91
C ILE D 985 -13.50 -23.80 27.68
N ASP D 986 -12.38 -23.06 27.76
CA ASP D 986 -11.08 -23.63 27.46
C ASP D 986 -10.64 -24.62 28.53
N MET D 987 -11.02 -24.37 29.79
CA MET D 987 -10.66 -25.29 30.86
C MET D 987 -11.57 -26.51 30.88
N MET D 988 -12.83 -26.35 30.46
CA MET D 988 -13.74 -27.49 30.36
C MET D 988 -13.23 -28.50 29.34
N TYR D 989 -12.72 -28.01 28.21
CA TYR D 989 -12.12 -28.90 27.22
C TYR D 989 -10.75 -29.37 27.67
N PHE D 990 -10.09 -28.63 28.57
CA PHE D 990 -8.77 -29.07 29.03
C PHE D 990 -8.91 -30.25 29.98
N VAL D 991 -9.88 -30.20 30.90
CA VAL D 991 -9.96 -31.21 31.96
C VAL D 991 -10.53 -32.51 31.40
N ILE D 992 -11.05 -32.49 30.18
CA ILE D 992 -11.32 -33.74 29.47
C ILE D 992 -10.00 -34.43 29.14
N ILE D 993 -9.03 -33.69 28.61
CA ILE D 993 -7.73 -34.25 28.25
C ILE D 993 -6.95 -34.62 29.52
N MET D 994 -7.05 -33.80 30.56
CA MET D 994 -6.35 -34.07 31.81
C MET D 994 -6.97 -35.25 32.55
N LEU D 995 -8.24 -35.55 32.28
CA LEU D 995 -8.84 -36.77 32.82
C LEU D 995 -8.34 -37.99 32.07
N VAL D 996 -8.01 -37.81 30.79
CA VAL D 996 -7.42 -38.90 30.01
C VAL D 996 -6.00 -39.20 30.47
N VAL D 997 -5.22 -38.15 30.73
CA VAL D 997 -3.78 -38.27 30.90
C VAL D 997 -3.41 -38.49 32.36
N LEU D 998 -4.11 -37.85 33.29
CA LEU D 998 -3.76 -37.99 34.69
C LEU D 998 -4.69 -38.99 35.41
N MET D 999 -5.27 -39.92 34.65
CA MET D 999 -5.99 -41.02 35.27
C MET D 999 -5.57 -42.31 34.57
N SER D 1000 -4.88 -42.19 33.45
CA SER D 1000 -4.13 -43.33 32.93
C SER D 1000 -3.02 -43.73 33.88
N PHE D 1001 -2.30 -42.73 34.39
CA PHE D 1001 -1.35 -43.00 35.47
C PHE D 1001 -2.10 -43.25 36.78
N GLY D 1002 -3.22 -42.56 36.98
CA GLY D 1002 -3.95 -42.60 38.24
C GLY D 1002 -4.55 -43.92 38.64
N VAL D 1003 -5.22 -44.59 37.69
CA VAL D 1003 -5.74 -45.94 37.92
C VAL D 1003 -4.59 -46.92 38.07
N ALA D 1004 -3.59 -46.80 37.18
CA ALA D 1004 -2.53 -47.79 37.07
C ALA D 1004 -1.54 -47.75 38.24
N ARG D 1005 -1.45 -46.59 38.91
CA ARG D 1005 -0.63 -46.45 40.10
C ARG D 1005 -1.16 -47.34 41.22
N GLN D 1006 -2.48 -47.29 41.42
CA GLN D 1006 -3.16 -47.91 42.55
C GLN D 1006 -3.51 -49.34 42.14
N ALA D 1007 -3.07 -49.73 40.93
CA ALA D 1007 -2.99 -51.13 40.53
C ALA D 1007 -1.66 -51.76 40.93
N ILE D 1008 -0.52 -51.20 40.48
CA ILE D 1008 0.81 -51.70 40.80
C ILE D 1008 1.07 -51.70 42.31
N LEU D 1009 1.12 -50.52 42.91
CA LEU D 1009 1.00 -50.45 44.35
C LEU D 1009 -0.45 -50.76 44.73
N PHE D 1010 -0.64 -51.40 45.89
CA PHE D 1010 -1.94 -51.87 46.40
C PHE D 1010 -2.58 -52.81 45.39
N PRO D 1011 -2.07 -54.03 45.24
CA PRO D 1011 -2.48 -54.83 44.08
C PRO D 1011 -3.80 -55.56 44.19
N ASN D 1012 -4.43 -55.54 45.37
CA ASN D 1012 -5.74 -56.14 45.56
C ASN D 1012 -6.59 -55.43 46.63
N GLU D 1013 -7.78 -54.99 46.20
CA GLU D 1013 -8.75 -54.33 47.11
C GLU D 1013 -10.14 -54.82 46.68
N GLU D 1014 -10.96 -55.31 47.61
CA GLU D 1014 -12.27 -55.92 47.24
C GLU D 1014 -13.19 -54.88 46.59
N PRO D 1015 -14.13 -55.27 45.70
CA PRO D 1015 -15.11 -54.33 45.11
C PRO D 1015 -15.55 -53.33 46.17
N SER D 1016 -15.22 -52.05 45.98
CA SER D 1016 -15.50 -51.05 47.02
C SER D 1016 -15.51 -49.69 46.37
N TRP D 1017 -16.30 -48.76 46.91
CA TRP D 1017 -16.34 -47.41 46.37
C TRP D 1017 -15.23 -46.52 46.92
N LYS D 1018 -14.43 -47.04 47.85
CA LYS D 1018 -13.25 -46.31 48.29
C LYS D 1018 -12.12 -46.40 47.27
N LEU D 1019 -12.25 -47.31 46.30
CA LEU D 1019 -11.30 -47.41 45.20
C LEU D 1019 -11.28 -46.14 44.34
N ALA D 1020 -12.46 -45.59 44.06
CA ALA D 1020 -12.57 -44.39 43.25
C ALA D 1020 -11.97 -43.18 43.98
N LYS D 1021 -12.12 -43.14 45.30
CA LYS D 1021 -11.46 -42.11 46.10
C LYS D 1021 -9.94 -42.26 46.05
N ASN D 1022 -9.45 -43.48 45.87
CA ASN D 1022 -8.02 -43.73 45.73
C ASN D 1022 -7.49 -43.49 44.31
N ILE D 1023 -8.23 -42.87 43.39
CA ILE D 1023 -7.73 -42.53 42.05
C ILE D 1023 -7.66 -41.02 41.86
N PHE D 1024 -8.64 -40.29 42.37
CA PHE D 1024 -8.80 -38.89 41.98
C PHE D 1024 -7.86 -37.97 42.76
N TYR D 1025 -7.90 -38.02 44.09
CA TYR D 1025 -7.16 -37.09 44.93
C TYR D 1025 -5.72 -37.53 45.20
N MET D 1026 -5.41 -38.80 44.97
CA MET D 1026 -4.11 -39.41 45.19
C MET D 1026 -2.93 -38.97 44.31
N PRO D 1027 -3.10 -38.43 43.08
CA PRO D 1027 -1.96 -37.73 42.45
C PRO D 1027 -1.46 -36.52 43.23
N TYR D 1028 -2.28 -35.93 44.11
CA TYR D 1028 -1.76 -34.90 45.02
C TYR D 1028 -0.95 -35.54 46.16
N TRP D 1029 -1.02 -36.86 46.30
CA TRP D 1029 -0.17 -37.55 47.27
C TRP D 1029 1.10 -38.08 46.61
N MET D 1030 1.07 -38.23 45.28
CA MET D 1030 2.22 -38.75 44.54
C MET D 1030 3.31 -37.68 44.43
N ILE D 1031 2.92 -36.41 44.53
CA ILE D 1031 3.86 -35.29 44.38
C ILE D 1031 4.87 -35.23 45.53
N TYR D 1032 4.58 -35.91 46.63
CA TYR D 1032 5.55 -36.02 47.73
C TYR D 1032 6.07 -37.45 47.87
N GLY D 1033 5.17 -38.42 47.92
CA GLY D 1033 5.56 -39.79 48.21
C GLY D 1033 5.96 -40.62 47.01
N GLU D 1034 7.06 -41.38 47.16
CA GLU D 1034 7.59 -42.38 46.23
C GLU D 1034 7.99 -41.78 44.89
N THR D 1063 13.85 -59.89 36.69
CA THR D 1063 13.98 -58.53 36.20
C THR D 1063 13.96 -57.53 37.35
N GLY D 1064 13.61 -56.29 37.04
CA GLY D 1064 13.53 -55.25 38.04
C GLY D 1064 12.10 -54.85 38.37
N ALA D 1065 11.71 -55.02 39.64
CA ALA D 1065 10.39 -54.61 40.08
C ALA D 1065 10.30 -53.10 40.23
N TRP D 1066 11.45 -52.41 40.26
CA TRP D 1066 11.46 -50.96 40.38
C TRP D 1066 11.06 -50.31 39.06
N ILE D 1067 11.21 -51.04 37.95
CA ILE D 1067 11.12 -50.51 36.59
C ILE D 1067 9.73 -49.96 36.27
N VAL D 1068 8.70 -50.75 36.55
CA VAL D 1068 7.31 -50.39 36.20
C VAL D 1068 6.85 -49.18 37.01
N PRO D 1069 7.10 -49.05 38.34
CA PRO D 1069 6.87 -47.73 38.96
C PRO D 1069 7.73 -46.58 38.43
N ALA D 1070 8.94 -46.87 37.94
CA ALA D 1070 9.84 -45.80 37.52
C ALA D 1070 9.42 -45.21 36.18
N ILE D 1071 8.96 -46.05 35.26
CA ILE D 1071 8.47 -45.57 33.97
C ILE D 1071 7.18 -44.77 34.15
N MET D 1072 6.34 -45.19 35.09
CA MET D 1072 5.12 -44.45 35.40
C MET D 1072 5.42 -43.12 36.08
N ALA D 1073 6.46 -43.08 36.92
CA ALA D 1073 6.82 -41.83 37.60
C ALA D 1073 7.41 -40.83 36.61
N CYS D 1074 8.23 -41.32 35.68
CA CYS D 1074 8.80 -40.46 34.64
C CYS D 1074 7.73 -40.00 33.66
N TYR D 1075 6.75 -40.88 33.37
CA TYR D 1075 5.70 -40.51 32.44
C TYR D 1075 4.72 -39.55 33.07
N LEU D 1076 4.53 -39.63 34.39
CA LEU D 1076 3.79 -38.62 35.13
C LEU D 1076 4.45 -37.26 35.03
N LEU D 1077 5.78 -37.24 35.17
CA LEU D 1077 6.52 -35.98 35.16
C LEU D 1077 6.42 -35.29 33.80
N VAL D 1078 6.60 -36.05 32.71
CA VAL D 1078 6.52 -35.45 31.39
C VAL D 1078 5.08 -35.15 31.01
N ALA D 1079 4.12 -35.78 31.69
CA ALA D 1079 2.72 -35.41 31.50
C ALA D 1079 2.38 -34.09 32.18
N ASN D 1080 2.97 -33.86 33.35
CA ASN D 1080 2.76 -32.60 34.04
C ASN D 1080 3.49 -31.46 33.33
N ILE D 1081 4.63 -31.76 32.70
CA ILE D 1081 5.28 -30.79 31.83
C ILE D 1081 4.43 -30.50 30.60
N LEU D 1082 3.95 -31.55 29.94
CA LEU D 1082 3.27 -31.37 28.65
C LEU D 1082 1.91 -30.70 28.82
N LEU D 1083 1.09 -31.19 29.74
CA LEU D 1083 -0.29 -30.72 29.84
C LEU D 1083 -0.37 -29.33 30.45
N VAL D 1084 0.38 -29.08 31.54
CA VAL D 1084 0.27 -27.80 32.24
C VAL D 1084 0.87 -26.69 31.39
N ASN D 1085 2.03 -26.94 30.76
CA ASN D 1085 2.66 -25.88 29.97
C ASN D 1085 1.97 -25.69 28.62
N LEU D 1086 1.20 -26.68 28.17
CA LEU D 1086 0.26 -26.43 27.07
C LEU D 1086 -0.82 -25.47 27.53
N LEU D 1087 -1.18 -25.55 28.81
CA LEU D 1087 -2.23 -24.70 29.33
C LEU D 1087 -1.71 -23.27 29.56
N ILE D 1088 -0.41 -23.10 29.87
CA ILE D 1088 0.16 -21.74 29.78
C ILE D 1088 0.01 -21.17 28.38
N ALA D 1089 0.17 -22.00 27.36
CA ALA D 1089 0.02 -21.52 25.99
C ALA D 1089 -1.42 -21.14 25.64
N VAL D 1090 -2.42 -21.78 26.27
CA VAL D 1090 -3.78 -21.64 25.73
C VAL D 1090 -4.47 -20.41 26.31
N PHE D 1091 -4.08 -19.95 27.50
CA PHE D 1091 -4.71 -18.69 27.92
C PHE D 1091 -4.01 -17.47 27.35
N ASN D 1092 -2.89 -17.65 26.63
CA ASN D 1092 -2.23 -16.48 26.05
C ASN D 1092 -3.06 -15.86 24.93
N ASN D 1093 -3.89 -16.66 24.26
CA ASN D 1093 -4.75 -16.03 23.25
C ASN D 1093 -5.99 -15.40 23.89
N THR D 1094 -6.35 -15.84 25.10
CA THR D 1094 -7.57 -15.30 25.73
C THR D 1094 -7.35 -13.88 26.20
N PHE D 1095 -6.09 -13.49 26.45
CA PHE D 1095 -5.82 -12.09 26.70
C PHE D 1095 -5.20 -11.40 25.49
N PHE D 1096 -5.16 -12.09 24.34
CA PHE D 1096 -4.93 -11.39 23.07
C PHE D 1096 -6.19 -10.68 22.58
N GLU D 1097 -7.23 -11.44 22.18
CA GLU D 1097 -8.46 -10.81 21.68
C GLU D 1097 -9.29 -10.06 22.72
N VAL D 1098 -9.21 -10.41 24.00
CA VAL D 1098 -9.89 -9.60 25.01
C VAL D 1098 -9.22 -8.23 25.11
N LYS D 1099 -7.89 -8.18 25.09
CA LYS D 1099 -7.21 -6.88 25.08
C LYS D 1099 -7.36 -6.18 23.71
N SER D 1100 -7.68 -6.92 22.66
CA SER D 1100 -7.93 -6.33 21.34
C SER D 1100 -9.15 -5.41 21.34
N ILE D 1101 -10.29 -5.88 21.85
CA ILE D 1101 -11.49 -5.05 21.91
C ILE D 1101 -11.49 -4.21 23.18
N SER D 1102 -11.46 -4.87 24.34
CA SER D 1102 -11.19 -4.32 25.69
C SER D 1102 -12.14 -3.17 26.02
N ASN D 1103 -11.70 -1.91 25.95
CA ASN D 1103 -12.45 -0.71 26.34
C ASN D 1103 -13.83 -0.55 25.70
N GLN D 1104 -14.07 -1.22 24.58
CA GLN D 1104 -15.41 -1.20 23.99
C GLN D 1104 -16.41 -2.02 24.81
N VAL D 1105 -16.01 -3.23 25.24
CA VAL D 1105 -16.96 -4.12 25.94
C VAL D 1105 -17.33 -3.53 27.30
N TRP D 1106 -16.42 -2.75 27.90
CA TRP D 1106 -16.75 -1.97 29.08
C TRP D 1106 -17.90 -1.01 28.79
N LYS D 1107 -17.86 -0.33 27.64
CA LYS D 1107 -18.88 0.64 27.27
C LYS D 1107 -20.21 -0.06 26.97
N PHE D 1108 -20.17 -1.30 26.50
CA PHE D 1108 -21.40 -2.03 26.19
C PHE D 1108 -22.10 -2.42 27.48
N GLN D 1109 -21.33 -2.91 28.47
CA GLN D 1109 -21.91 -3.37 29.72
C GLN D 1109 -22.32 -2.21 30.63
N ARG D 1110 -21.96 -0.97 30.28
CA ARG D 1110 -22.49 0.16 31.01
C ARG D 1110 -23.98 0.33 30.77
N TYR D 1111 -24.51 -0.09 29.62
CA TYR D 1111 -25.96 0.00 29.40
C TYR D 1111 -26.69 -0.97 30.32
N GLN D 1112 -26.14 -2.17 30.50
CA GLN D 1112 -26.75 -3.16 31.38
C GLN D 1112 -26.72 -2.71 32.84
N LEU D 1113 -25.63 -2.05 33.25
CA LEU D 1113 -25.51 -1.61 34.64
C LEU D 1113 -26.45 -0.44 34.94
N ILE D 1114 -26.47 0.56 34.06
CA ILE D 1114 -27.26 1.78 34.27
C ILE D 1114 -28.76 1.51 34.18
N MET D 1115 -29.18 0.69 33.20
CA MET D 1115 -30.60 0.46 33.01
C MET D 1115 -31.21 -0.41 34.10
N THR D 1116 -30.43 -1.32 34.70
CA THR D 1116 -30.95 -2.08 35.83
C THR D 1116 -31.13 -1.18 37.04
N PHE D 1117 -30.08 -0.42 37.40
CA PHE D 1117 -30.10 0.34 38.64
C PHE D 1117 -31.00 1.57 38.54
N HIS D 1118 -31.34 1.99 37.32
CA HIS D 1118 -32.37 3.02 37.15
C HIS D 1118 -33.75 2.51 37.56
N GLU D 1119 -34.03 1.23 37.32
CA GLU D 1119 -35.32 0.63 37.65
C GLU D 1119 -35.35 0.00 39.04
N ARG D 1120 -34.22 -0.03 39.74
CA ARG D 1120 -34.22 -0.59 41.09
C ARG D 1120 -34.86 0.40 42.05
N PRO D 1121 -35.43 -0.09 43.15
CA PRO D 1121 -35.97 0.82 44.17
C PRO D 1121 -34.86 1.58 44.89
N VAL D 1122 -35.29 2.61 45.62
CA VAL D 1122 -34.36 3.62 46.11
C VAL D 1122 -33.71 3.19 47.43
N LEU D 1123 -34.43 2.38 48.24
CA LEU D 1123 -33.85 1.83 49.46
C LEU D 1123 -33.06 0.55 49.16
N PRO D 1124 -32.06 0.19 49.97
CA PRO D 1124 -31.18 -0.94 49.62
C PRO D 1124 -31.90 -2.26 49.85
N PRO D 1125 -31.37 -3.41 49.41
CA PRO D 1125 -32.05 -4.72 49.66
C PRO D 1125 -32.33 -5.07 51.13
N PRO D 1126 -31.61 -4.55 52.15
CA PRO D 1126 -32.23 -4.61 53.49
C PRO D 1126 -33.50 -3.79 53.66
N LEU D 1127 -33.49 -2.51 53.31
CA LEU D 1127 -34.60 -1.62 53.59
C LEU D 1127 -35.64 -1.58 52.47
N ILE D 1128 -35.61 -2.54 51.55
CA ILE D 1128 -36.35 -2.46 50.29
C ILE D 1128 -37.82 -2.76 50.56
N ILE D 1129 -38.11 -3.37 51.71
CA ILE D 1129 -39.48 -3.72 52.12
C ILE D 1129 -40.34 -2.48 52.27
N PHE D 1130 -39.72 -1.35 52.64
CA PHE D 1130 -40.44 -0.09 52.68
C PHE D 1130 -40.67 0.47 51.28
N SER D 1131 -39.75 0.21 50.35
CA SER D 1131 -39.92 0.66 48.97
C SER D 1131 -40.99 -0.13 48.23
N HIS D 1132 -41.11 -1.43 48.51
CA HIS D 1132 -42.22 -2.20 47.99
C HIS D 1132 -43.54 -1.67 48.53
N MET D 1133 -43.56 -1.29 49.81
CA MET D 1133 -44.79 -0.82 50.44
C MET D 1133 -45.23 0.53 49.88
N THR D 1134 -44.28 1.40 49.55
CA THR D 1134 -44.67 2.71 49.02
C THR D 1134 -45.02 2.64 47.54
N MET D 1135 -44.55 1.61 46.82
CA MET D 1135 -44.99 1.42 45.45
C MET D 1135 -46.40 0.83 45.39
N ILE D 1136 -46.73 -0.05 46.34
CA ILE D 1136 -48.12 -0.51 46.47
C ILE D 1136 -49.01 0.64 46.91
N PHE D 1137 -48.47 1.55 47.71
CA PHE D 1137 -49.24 2.70 48.20
C PHE D 1137 -49.60 3.65 47.05
N GLN D 1138 -48.65 3.91 46.13
CA GLN D 1138 -48.95 4.81 45.03
C GLN D 1138 -49.76 4.11 43.94
N HIS D 1139 -49.56 2.81 43.75
CA HIS D 1139 -50.31 2.08 42.74
C HIS D 1139 -51.76 1.83 43.16
N LEU D 1140 -52.04 1.77 44.46
CA LEU D 1140 -53.41 1.75 44.96
C LEU D 1140 -53.95 3.14 45.21
N CYS D 1141 -53.14 4.18 44.99
CA CYS D 1141 -53.63 5.55 44.96
C CYS D 1141 -54.22 5.90 43.59
N CYS D 1142 -53.87 5.14 42.56
CA CYS D 1142 -54.38 5.37 41.21
C CYS D 1142 -55.33 4.27 40.79
N ARG D 1143 -54.90 3.01 40.89
CA ARG D 1143 -55.71 1.89 40.43
C ARG D 1143 -56.55 1.28 41.54
N TRP D 1144 -57.21 2.12 42.34
CA TRP D 1144 -58.24 1.67 43.27
C TRP D 1144 -59.37 2.68 43.31
N ARG D 1145 -59.25 3.71 42.49
CA ARG D 1145 -60.23 4.79 42.43
C ARG D 1145 -60.17 5.49 41.09
N GLY D 1157 -37.30 7.01 31.86
CA GLY D 1157 -35.86 7.17 31.77
C GLY D 1157 -35.39 7.64 30.41
N LEU D 1158 -34.69 6.78 29.70
CA LEU D 1158 -34.21 7.08 28.35
C LEU D 1158 -35.24 6.73 27.30
N LYS D 1159 -36.45 7.31 27.43
CA LYS D 1159 -37.50 7.16 26.43
C LYS D 1159 -38.30 8.47 26.41
N LEU D 1160 -37.88 9.39 25.53
CA LEU D 1160 -38.60 10.64 25.39
C LEU D 1160 -39.76 10.51 24.43
N PHE D 1161 -40.98 10.39 24.94
CA PHE D 1161 -42.18 10.43 24.11
C PHE D 1161 -42.29 11.80 23.44
N ILE D 1162 -42.20 11.82 22.12
CA ILE D 1162 -42.15 13.06 21.37
C ILE D 1162 -43.38 13.20 20.48
N THR D 1163 -44.03 14.35 20.57
CA THR D 1163 -45.27 14.64 19.84
C THR D 1163 -44.98 15.14 18.43
N ASP D 1164 -46.07 15.34 17.68
CA ASP D 1164 -46.06 15.55 16.23
C ASP D 1164 -45.19 16.68 15.68
N ASP D 1165 -45.00 17.77 16.43
CA ASP D 1165 -44.20 18.86 15.90
C ASP D 1165 -42.71 18.52 15.97
N GLU D 1166 -42.24 18.04 17.14
CA GLU D 1166 -40.82 17.84 17.32
C GLU D 1166 -40.33 16.55 16.66
N LEU D 1167 -41.23 15.58 16.45
CA LEU D 1167 -40.82 14.38 15.73
C LEU D 1167 -40.64 14.68 14.25
N LYS D 1168 -41.34 15.70 13.75
CA LYS D 1168 -41.11 16.16 12.39
C LYS D 1168 -39.74 16.83 12.28
N LYS D 1169 -39.31 17.52 13.34
CA LYS D 1169 -37.99 18.12 13.33
C LYS D 1169 -36.89 17.07 13.41
N VAL D 1170 -37.12 16.00 14.18
CA VAL D 1170 -36.16 14.90 14.25
C VAL D 1170 -36.13 14.13 12.93
N HIS D 1171 -37.30 13.96 12.31
CA HIS D 1171 -37.39 13.26 11.03
C HIS D 1171 -36.69 14.03 9.92
N ASP D 1172 -36.94 15.34 9.82
CA ASP D 1172 -36.32 16.13 8.75
C ASP D 1172 -34.85 16.43 9.04
N PHE D 1173 -34.42 16.23 10.29
CA PHE D 1173 -33.00 16.22 10.60
C PHE D 1173 -32.35 14.99 9.96
N GLU D 1174 -33.13 13.93 9.75
CA GLU D 1174 -32.53 12.62 9.51
C GLU D 1174 -32.26 12.36 8.03
N GLU D 1175 -33.14 12.83 7.12
CA GLU D 1175 -32.85 12.62 5.70
C GLU D 1175 -31.69 13.48 5.23
N GLN D 1176 -31.44 14.61 5.89
CA GLN D 1176 -30.32 15.42 5.45
C GLN D 1176 -29.00 14.78 5.85
N CYS D 1177 -28.99 13.98 6.92
CA CYS D 1177 -27.82 13.16 7.19
C CYS D 1177 -27.71 11.97 6.23
N ILE D 1178 -28.84 11.54 5.65
CA ILE D 1178 -28.77 10.55 4.58
C ILE D 1178 -28.12 11.15 3.34
N GLU D 1179 -28.48 12.40 3.02
CA GLU D 1179 -27.95 13.07 1.84
C GLU D 1179 -26.50 13.48 2.04
N GLU D 1180 -26.13 13.88 3.26
CA GLU D 1180 -24.73 14.17 3.55
C GLU D 1180 -23.87 12.92 3.48
N TYR D 1181 -24.26 11.83 4.16
CA TYR D 1181 -23.40 10.65 4.26
C TYR D 1181 -23.19 10.01 2.89
N PHE D 1182 -24.24 9.97 2.07
CA PHE D 1182 -24.08 9.42 0.73
C PHE D 1182 -23.37 10.41 -0.20
N ARG D 1183 -23.17 11.66 0.26
CA ARG D 1183 -22.35 12.60 -0.51
C ARG D 1183 -20.86 12.39 -0.26
N GLU D 1184 -20.40 12.35 1.01
CA GLU D 1184 -18.97 12.04 1.22
C GLU D 1184 -18.67 10.57 0.97
N LYS D 1185 -19.68 9.70 0.83
CA LYS D 1185 -19.39 8.37 0.33
C LYS D 1185 -18.96 8.44 -1.14
N ASP D 1186 -19.63 9.30 -1.91
CA ASP D 1186 -19.26 9.46 -3.33
C ASP D 1186 -17.98 10.28 -3.48
N ASP D 1187 -17.78 11.27 -2.60
CA ASP D 1187 -16.60 12.11 -2.67
C ASP D 1187 -15.34 11.36 -2.25
N ARG D 1188 -15.43 10.52 -1.21
CA ARG D 1188 -14.26 9.76 -0.78
C ARG D 1188 -13.95 8.65 -1.76
N PHE D 1189 -14.97 8.11 -2.42
CA PHE D 1189 -14.74 7.13 -3.49
C PHE D 1189 -14.02 7.78 -4.67
N ASN D 1190 -14.43 8.98 -5.06
CA ASN D 1190 -13.84 9.65 -6.21
C ASN D 1190 -12.64 10.50 -5.83
N SER D 1191 -12.19 10.39 -4.57
CA SER D 1191 -10.92 10.98 -4.18
C SER D 1191 -9.93 9.92 -3.73
N SER D 1192 -10.32 8.65 -3.70
CA SER D 1192 -9.40 7.57 -3.41
C SER D 1192 -8.46 7.39 -4.59
N ASN D 1193 -7.28 6.83 -4.32
CA ASN D 1193 -6.26 6.62 -5.35
C ASN D 1193 -6.70 5.59 -6.37
N ASP D 1194 -7.55 4.64 -5.97
CA ASP D 1194 -8.01 3.59 -6.88
C ASP D 1194 -8.88 4.16 -7.99
N GLU D 1195 -9.80 5.06 -7.65
CA GLU D 1195 -10.64 5.67 -8.67
C GLU D 1195 -9.90 6.75 -9.44
N ARG D 1196 -9.00 7.50 -8.79
CA ARG D 1196 -8.17 8.49 -9.48
C ARG D 1196 -7.11 7.88 -10.38
N ILE D 1197 -6.90 6.57 -10.34
CA ILE D 1197 -6.09 5.87 -11.31
C ILE D 1197 -6.95 5.31 -12.44
N ARG D 1198 -8.19 4.92 -12.13
CA ARG D 1198 -9.11 4.41 -13.15
C ARG D 1198 -9.55 5.50 -14.11
N VAL D 1199 -9.91 6.68 -13.58
CA VAL D 1199 -10.49 7.73 -14.41
C VAL D 1199 -9.41 8.35 -15.31
N THR D 1200 -8.16 8.34 -14.85
CA THR D 1200 -7.06 8.83 -15.69
C THR D 1200 -6.76 7.84 -16.81
N SER D 1201 -6.79 6.54 -16.52
CA SER D 1201 -6.50 5.53 -17.52
C SER D 1201 -7.59 5.49 -18.60
N GLU D 1202 -8.85 5.68 -18.19
CA GLU D 1202 -9.95 5.71 -19.15
C GLU D 1202 -9.92 6.98 -19.99
N ARG D 1203 -9.53 8.11 -19.37
CA ARG D 1203 -9.44 9.37 -20.10
C ARG D 1203 -8.35 9.32 -21.16
N VAL D 1204 -7.21 8.70 -20.84
CA VAL D 1204 -6.08 8.63 -21.77
C VAL D 1204 -6.38 7.68 -22.92
N GLU D 1205 -7.26 6.70 -22.69
CA GLU D 1205 -7.81 5.90 -23.79
C GLU D 1205 -8.59 6.77 -24.78
N ASN D 1206 -9.33 7.75 -24.27
CA ASN D 1206 -10.02 8.67 -25.16
C ASN D 1206 -9.06 9.69 -25.76
N MET D 1207 -7.86 9.82 -25.21
CA MET D 1207 -6.89 10.79 -25.73
C MET D 1207 -6.24 10.24 -26.99
N SER D 1208 -6.17 8.92 -27.10
CA SER D 1208 -5.55 8.25 -28.24
C SER D 1208 -6.42 8.39 -29.47
N MET D 1209 -7.73 8.26 -29.28
CA MET D 1209 -8.70 8.40 -30.36
C MET D 1209 -8.74 9.83 -30.89
N ARG D 1210 -8.66 10.81 -29.99
CA ARG D 1210 -8.74 12.21 -30.41
C ARG D 1210 -7.44 12.72 -31.02
N LEU D 1211 -6.33 12.56 -30.31
CA LEU D 1211 -5.10 13.27 -30.68
C LEU D 1211 -4.45 12.65 -31.91
N GLU D 1212 -4.57 11.33 -32.07
CA GLU D 1212 -4.06 10.69 -33.28
C GLU D 1212 -4.96 11.00 -34.48
N GLU D 1213 -6.23 11.29 -34.23
CA GLU D 1213 -7.09 11.81 -35.29
C GLU D 1213 -6.63 13.20 -35.73
N VAL D 1214 -6.20 14.03 -34.77
CA VAL D 1214 -5.73 15.39 -35.06
C VAL D 1214 -4.49 15.35 -35.94
N ASN D 1215 -3.68 14.29 -35.80
CA ASN D 1215 -2.51 14.11 -36.64
C ASN D 1215 -2.87 13.93 -38.13
N GLU D 1216 -3.79 13.02 -38.41
CA GLU D 1216 -4.15 12.74 -39.80
C GLU D 1216 -4.99 13.87 -40.39
N ARG D 1217 -5.75 14.57 -39.55
CA ARG D 1217 -6.56 15.69 -40.02
C ARG D 1217 -5.67 16.92 -40.23
N GLU D 1218 -4.49 16.95 -39.60
CA GLU D 1218 -3.48 17.95 -39.93
C GLU D 1218 -2.66 17.52 -41.14
N HIS D 1219 -2.73 16.24 -41.51
CA HIS D 1219 -2.13 15.81 -42.77
C HIS D 1219 -2.96 16.28 -43.95
N SER D 1220 -4.28 16.29 -43.79
CA SER D 1220 -5.15 16.89 -44.80
C SER D 1220 -5.01 18.41 -44.82
N MET D 1221 -4.76 19.00 -43.66
CA MET D 1221 -4.64 20.46 -43.56
C MET D 1221 -3.32 20.95 -44.16
N LYS D 1222 -2.24 20.19 -43.96
CA LYS D 1222 -0.94 20.57 -44.51
C LYS D 1222 -0.91 20.38 -46.02
N ALA D 1223 -1.59 19.34 -46.52
CA ALA D 1223 -1.64 19.12 -47.96
C ALA D 1223 -2.53 20.16 -48.65
N SER D 1224 -3.61 20.57 -47.99
CA SER D 1224 -4.50 21.58 -48.57
C SER D 1224 -3.86 22.96 -48.55
N LEU D 1225 -3.08 23.26 -47.51
CA LEU D 1225 -2.39 24.54 -47.45
C LEU D 1225 -1.26 24.63 -48.47
N GLN D 1226 -0.58 23.51 -48.72
CA GLN D 1226 0.48 23.49 -49.72
C GLN D 1226 -0.08 23.58 -51.13
N THR D 1227 -1.24 22.95 -51.36
CA THR D 1227 -1.87 23.01 -52.67
C THR D 1227 -2.44 24.40 -52.95
N VAL D 1228 -2.95 25.07 -51.92
CA VAL D 1228 -3.50 26.41 -52.09
C VAL D 1228 -2.39 27.45 -52.24
N ASP D 1229 -1.17 27.13 -51.77
CA ASP D 1229 -0.04 28.03 -51.98
C ASP D 1229 0.37 28.07 -53.44
N ILE D 1230 0.38 26.91 -54.11
CA ILE D 1230 0.71 26.85 -55.52
C ILE D 1230 -0.42 27.45 -56.36
N ARG D 1231 -1.67 27.18 -55.96
CA ARG D 1231 -2.85 27.64 -56.71
C ARG D 1231 -3.17 29.11 -56.46
N LEU D 1232 -2.52 29.79 -55.52
CA LEU D 1232 -2.80 31.20 -55.25
C LEU D 1232 -1.54 31.94 -54.85
C22 A1AIB E . -10.49 -48.39 13.38
C01 A1AIB E . -10.69 -53.44 22.08
C02 A1AIB E . -11.26 -52.19 21.50
C03 A1AIB E . -10.74 -51.18 20.80
C04 A1AIB E . -11.84 -50.32 20.56
C08 A1AIB E . -10.84 -48.69 19.03
C10 A1AIB E . -11.23 -47.61 18.02
C11 A1AIB E . -12.14 -46.54 18.58
C12 A1AIB E . -13.45 -46.41 18.14
C13 A1AIB E . -14.26 -45.39 18.63
C14 A1AIB E . -13.78 -44.51 19.56
C15 A1AIB E . -12.48 -44.63 20.00
C16 A1AIB E . -11.67 -45.64 19.52
C18 A1AIB E . -12.69 -49.33 16.93
C19 A1AIB E . -12.78 -50.18 15.67
C20 A1AIB E . -11.52 -50.19 14.85
C21 A1AIB E . -11.07 -48.77 14.57
C23 A1AIB E . -10.11 -47.07 13.18
C24 A1AIB E . -10.32 -46.13 14.17
C25 A1AIB E . -10.90 -46.49 15.37
C26 A1AIB E . -11.27 -47.83 15.57
N05 A1AIB E . -12.94 -50.77 21.09
N07 A1AIB E . -11.84 -49.13 19.84
N17 A1AIB E . -11.74 -48.22 16.80
O06 A1AIB E . -12.57 -52.00 21.70
O09 A1AIB E . -9.70 -49.12 19.09
C22 A1AIB F . 39.05 -28.74 18.80
C01 A1AIB F . 39.63 -35.00 26.74
C02 A1AIB F . 38.80 -34.74 25.53
C03 A1AIB F . 38.03 -33.73 25.13
C04 A1AIB F . 37.56 -34.12 23.87
C08 A1AIB F . 36.74 -32.04 22.88
C10 A1AIB F . 36.26 -31.48 21.54
C11 A1AIB F . 35.04 -32.22 21.00
C12 A1AIB F . 35.15 -33.11 19.94
C13 A1AIB F . 34.03 -33.77 19.46
C14 A1AIB F . 32.80 -33.54 20.02
C15 A1AIB F . 32.68 -32.66 21.06
C16 A1AIB F . 33.79 -32.00 21.56
C18 A1AIB F . 38.30 -32.55 20.56
C19 A1AIB F . 39.61 -32.22 19.87
C20 A1AIB F . 40.01 -30.76 19.98
C21 A1AIB F . 38.86 -29.91 19.52
C23 A1AIB F . 37.96 -27.99 18.39
C24 A1AIB F . 36.69 -28.40 18.68
C25 A1AIB F . 36.47 -29.57 19.39
C26 A1AIB F . 37.56 -30.33 19.81
N05 A1AIB F . 37.99 -35.29 23.52
N07 A1AIB F . 36.75 -33.40 23.00
N17 A1AIB F . 37.37 -31.43 20.59
O06 A1AIB F . 38.81 -35.72 24.60
O09 A1AIB F . 37.08 -31.28 23.79
C22 A1AIB G . 18.71 12.77 46.35
C01 A1AIB G . 21.18 7.34 54.75
C02 A1AIB G . 21.47 7.46 53.30
C03 A1AIB G . 20.71 7.38 52.20
C04 A1AIB G . 21.62 7.59 51.14
C08 A1AIB G . 20.14 8.06 49.26
C10 A1AIB G . 20.16 8.47 47.78
C11 A1AIB G . 21.03 7.56 46.93
C12 A1AIB G . 22.26 7.99 46.44
C13 A1AIB G . 23.02 7.17 45.63
C14 A1AIB G . 22.57 5.92 45.29
C15 A1AIB G . 21.36 5.48 45.76
C16 A1AIB G . 20.59 6.30 46.58
C18 A1AIB G . 21.56 10.43 48.51
C19 A1AIB G . 21.49 11.94 48.65
C20 A1AIB G . 20.11 12.52 48.46
C21 A1AIB G . 19.52 11.99 47.17
C23 A1AIB G . 18.22 12.24 45.17
C24 A1AIB G . 18.50 10.95 44.81
C25 A1AIB G . 19.30 10.16 45.62
C26 A1AIB G . 19.81 10.68 46.80
N05 A1AIB G . 22.83 7.79 51.56
N07 A1AIB G . 21.32 7.65 49.78
N17 A1AIB G . 20.51 9.89 47.65
O06 A1AIB G . 22.74 7.70 52.97
O09 A1AIB G . 19.10 8.14 49.91
C22 A1AIB H . -30.53 -6.36 40.05
C01 A1AIB H . -29.45 -10.89 49.55
C02 A1AIB H . -28.90 -9.84 48.66
C03 A1AIB H . -28.46 -9.82 47.39
C04 A1AIB H . -28.10 -8.49 47.15
C08 A1AIB H . -27.78 -8.48 44.73
C10 A1AIB H . -27.49 -7.54 43.55
C11 A1AIB H . -26.32 -6.61 43.81
C12 A1AIB H . -26.51 -5.32 44.26
C13 A1AIB H . -25.43 -4.47 44.47
C14 A1AIB H . -24.15 -4.91 44.22
C15 A1AIB H . -23.94 -6.19 43.77
C16 A1AIB H . -25.02 -7.04 43.56
C18 A1AIB H . -29.66 -6.46 44.23
C19 A1AIB H . -31.05 -6.14 43.70
C20 A1AIB H . -31.37 -6.84 42.40
C21 A1AIB H . -30.28 -6.58 41.40
C23 A1AIB H . -29.48 -6.11 39.18
C24 A1AIB H . -28.19 -6.07 39.64
C25 A1AIB H . -27.92 -6.29 40.97
C26 A1AIB H . -28.97 -6.54 41.86
N05 A1AIB H . -28.30 -7.73 48.19
N07 A1AIB H . -27.61 -7.95 45.97
N17 A1AIB H . -28.71 -6.81 43.17
O06 A1AIB H . -28.83 -8.59 49.18
O09 A1AIB H . -28.14 -9.63 44.53
#